data_7LN6
#
_entry.id   7LN6
#
_cell.length_a   1.00
_cell.length_b   1.00
_cell.length_c   1.00
_cell.angle_alpha   90.00
_cell.angle_beta   90.00
_cell.angle_gamma   90.00
#
_symmetry.space_group_name_H-M   'P 1'
#
loop_
_entity.id
_entity.type
_entity.pdbx_description
1 polymer 'Transitional endoplasmic reticulum ATPase'
2 polymer 'polyubiquitinated Ub-Eos'
3 non-polymer "ADENOSINE-5'-DIPHOSPHATE"
4 non-polymer "ADENOSINE-5'-TRIPHOSPHATE"
5 non-polymer 'MAGNESIUM ION'
#
loop_
_entity_poly.entity_id
_entity_poly.type
_entity_poly.pdbx_seq_one_letter_code
_entity_poly.pdbx_strand_id
1 'polypeptide(L)'
;MASGADSKGDDLSTAILKQKNRPNRLIVDEAINEDNSVVSLSQPKMDELQLFRGDTVLLKGKKRREAVCIVLSDDTCSDE
KIRMNRVVRNNLRVRLGDVISIQPCPDVKYGKRIHVLPIDDTVEGITGNLFEVYLKPYFLEAYRPIRKGDIFLVRGGMRA
VEFKVVETDPSPYCIVAPDTVIHCEGEPIKREDEEESLNEVGYDDIGGCRKQLAQIKEMVELPLRHPALFKEIGVKPPRG
ILLYGPPGTGKTLIARAVANETGAFFFLINGPEIMSKLAGESESNLRKAFEEAEKNAPAIIFIDELDAIAPKREKTHGEV
ERRIVSQLLTLMDGLKQRAHVIVMAATNRPNSIDPALRRFGRFDREVDIGIPDATGRLEILQIHTKNMKLADDVDLEQVA
NETHGHVGADLAALCSEAALQAIRKKMDLIDLEDETIDAEVMNSLAVTMDDFRWALSQSNPSALRETVVEVPQVTWEDIG
GLEDVKRELQELVQYPVEHPDKFLKFGMTPSKGVLFYGPPGCGKTLLAKAIANECQANFISIKGPELLTMWFGESEANVR
EIFDKARQAAPCVLFFDQLDSIAKARGGNIGDGGGAADRVINQILTEMDGMSTKKNVFIIGATNRPDIIDPAILRPGRLD
QLIYIPLPDEKSRVAILKANLRKSPVAKDVDLEFLAKMTNGFSGADLTEICQRACKLAIRESIESEIRRERERQTNPSAM
EVEEDDPVPEIRRDHFEEAMRFARRSVSDNDIRKYEMFAQTLQQSRGFGSFRFPSGNQGGAGPSQGSGGGTGGSVYTEDN
DDDLYG
;
A,B,C,D,E,F
2 'polypeptide(L)'
;(UNK)(UNK)(UNK)(UNK)(UNK)(UNK)(UNK)(UNK)(UNK)(UNK)(UNK)(UNK)(UNK)(UNK)(UNK)(UNK)
(UNK)(UNK)(UNK)(UNK)(UNK)(UNK)(UNK)
;
G
#
loop_
_chem_comp.id
_chem_comp.type
_chem_comp.name
_chem_comp.formula
ADP non-polymer ADENOSINE-5'-DIPHOSPHATE 'C10 H15 N5 O10 P2'
ATP non-polymer ADENOSINE-5'-TRIPHOSPHATE 'C10 H16 N5 O13 P3'
MG non-polymer 'MAGNESIUM ION' 'Mg 2'
#
# COMPACT_ATOMS: atom_id res chain seq x y z
N PRO A 23 65.67 10.34 -7.98
CA PRO A 23 66.77 11.28 -8.23
C PRO A 23 66.25 12.67 -8.59
N ASN A 24 65.20 12.71 -9.42
CA ASN A 24 64.62 13.98 -9.81
C ASN A 24 63.93 14.67 -8.63
N ARG A 25 63.53 13.89 -7.62
CA ARG A 25 62.84 14.45 -6.47
C ARG A 25 63.78 15.30 -5.64
N LEU A 26 63.29 16.45 -5.18
CA LEU A 26 64.08 17.39 -4.39
C LEU A 26 63.15 18.12 -3.42
N ILE A 27 63.69 18.50 -2.27
CA ILE A 27 62.88 19.18 -1.24
C ILE A 27 62.88 20.68 -1.51
N VAL A 28 61.68 21.28 -1.50
CA VAL A 28 61.57 22.73 -1.68
C VAL A 28 62.19 23.44 -0.49
N ASP A 29 63.11 24.35 -0.76
CA ASP A 29 63.88 25.02 0.28
C ASP A 29 64.04 26.50 -0.08
N GLU A 30 64.37 27.29 0.93
CA GLU A 30 64.44 28.74 0.78
C GLU A 30 65.67 29.15 -0.03
N ALA A 31 65.59 30.33 -0.64
CA ALA A 31 66.67 30.86 -1.45
C ALA A 31 67.47 31.90 -0.68
N ILE A 32 68.60 32.32 -1.27
CA ILE A 32 69.43 33.36 -0.69
C ILE A 32 69.54 34.54 -1.66
N ASN A 33 70.04 34.29 -2.87
CA ASN A 33 70.13 35.31 -3.91
C ASN A 33 69.44 34.91 -5.19
N GLU A 34 68.72 33.79 -5.21
CA GLU A 34 68.09 33.34 -6.45
C GLU A 34 66.98 34.29 -6.87
N ASP A 35 66.92 34.57 -8.17
CA ASP A 35 65.88 35.39 -8.77
C ASP A 35 64.76 34.48 -9.26
N ASN A 36 63.85 35.04 -10.07
CA ASN A 36 62.70 34.30 -10.56
C ASN A 36 63.06 33.20 -11.56
N SER A 37 64.18 33.32 -12.26
CA SER A 37 64.52 32.38 -13.33
C SER A 37 65.73 31.51 -13.03
N VAL A 38 66.25 31.52 -11.80
CA VAL A 38 67.39 30.69 -11.44
C VAL A 38 67.06 29.88 -10.20
N VAL A 39 67.48 28.61 -10.22
CA VAL A 39 67.32 27.69 -9.09
C VAL A 39 68.67 27.04 -8.82
N SER A 40 68.85 26.55 -7.60
CA SER A 40 70.14 26.05 -7.14
C SER A 40 70.04 24.58 -6.75
N LEU A 41 71.09 23.83 -7.07
CA LEU A 41 71.20 22.43 -6.69
C LEU A 41 72.57 22.17 -6.08
N SER A 42 72.64 21.12 -5.27
CA SER A 42 73.91 20.69 -4.70
C SER A 42 74.78 20.06 -5.79
N GLN A 43 76.09 20.24 -5.65
CA GLN A 43 77.02 19.72 -6.65
C GLN A 43 77.00 18.20 -6.78
N PRO A 44 76.99 17.41 -5.68
CA PRO A 44 76.91 15.95 -5.86
C PRO A 44 75.68 15.49 -6.62
N LYS A 45 74.55 16.19 -6.44
CA LYS A 45 73.36 15.84 -7.21
C LYS A 45 73.57 16.08 -8.70
N MET A 46 74.19 17.20 -9.07
CA MET A 46 74.52 17.44 -10.48
C MET A 46 75.46 16.37 -11.00
N ASP A 47 76.40 15.92 -10.17
CA ASP A 47 77.27 14.81 -10.56
C ASP A 47 76.46 13.54 -10.80
N GLU A 48 75.43 13.31 -9.98
CA GLU A 48 74.52 12.20 -10.23
C GLU A 48 73.56 12.50 -11.39
N LEU A 49 73.00 13.70 -11.41
CA LEU A 49 71.92 14.04 -12.35
C LEU A 49 72.43 14.47 -13.71
N GLN A 50 73.76 14.57 -13.90
CA GLN A 50 74.34 15.03 -15.15
C GLN A 50 73.83 16.42 -15.54
N LEU A 51 73.69 17.29 -14.55
CA LEU A 51 73.22 18.65 -14.77
C LEU A 51 74.37 19.63 -14.68
N PHE A 52 74.49 20.48 -15.70
CA PHE A 52 75.52 21.50 -15.77
C PHE A 52 74.95 22.85 -15.36
N ARG A 53 75.79 23.67 -14.75
CA ARG A 53 75.41 25.04 -14.44
C ARG A 53 75.13 25.79 -15.73
N GLY A 54 74.05 26.57 -15.72
CA GLY A 54 73.60 27.28 -16.90
C GLY A 54 72.56 26.54 -17.71
N ASP A 55 72.32 25.26 -17.41
CA ASP A 55 71.30 24.50 -18.12
C ASP A 55 69.90 24.92 -17.69
N THR A 56 68.96 24.83 -18.62
CA THR A 56 67.55 24.95 -18.29
C THR A 56 66.99 23.57 -17.94
N VAL A 57 66.14 23.53 -16.91
CA VAL A 57 65.53 22.29 -16.47
C VAL A 57 64.01 22.51 -16.37
N LEU A 58 63.28 21.42 -16.48
CA LEU A 58 61.82 21.45 -16.43
C LEU A 58 61.37 21.11 -15.02
N LEU A 59 60.91 22.12 -14.28
CA LEU A 59 60.45 21.96 -12.91
C LEU A 59 58.94 21.80 -12.88
N LYS A 60 58.48 20.72 -12.26
CA LYS A 60 57.06 20.37 -12.22
C LYS A 60 56.55 20.55 -10.79
N GLY A 61 55.45 21.27 -10.64
CA GLY A 61 54.88 21.56 -9.34
C GLY A 61 53.52 20.92 -9.17
N LYS A 62 52.92 21.17 -8.01
CA LYS A 62 51.60 20.63 -7.72
C LYS A 62 50.56 21.23 -8.64
N LYS A 63 49.46 20.50 -8.82
CA LYS A 63 48.38 20.90 -9.73
C LYS A 63 48.90 21.07 -11.15
N ARG A 64 49.90 20.25 -11.51
CA ARG A 64 50.49 20.25 -12.84
C ARG A 64 51.01 21.63 -13.23
N ARG A 65 51.75 22.26 -12.32
CA ARG A 65 52.39 23.54 -12.56
C ARG A 65 53.82 23.30 -13.02
N GLU A 66 54.21 23.89 -14.14
CA GLU A 66 55.52 23.69 -14.70
C GLU A 66 56.32 24.99 -14.68
N ALA A 67 57.57 24.88 -14.27
CA ALA A 67 58.49 26.02 -14.21
C ALA A 67 59.76 25.66 -14.96
N VAL A 68 60.26 26.62 -15.74
CA VAL A 68 61.53 26.48 -16.44
C VAL A 68 62.48 27.55 -15.92
N CYS A 69 63.64 27.10 -15.43
CA CYS A 69 64.61 28.01 -14.83
C CYS A 69 66.01 27.47 -15.11
N ILE A 70 66.98 28.37 -15.02
CA ILE A 70 68.38 28.02 -15.19
C ILE A 70 68.93 27.49 -13.87
N VAL A 71 69.53 26.31 -13.93
CA VAL A 71 70.04 25.63 -12.74
C VAL A 71 71.41 26.23 -12.39
N LEU A 72 71.64 26.45 -11.10
CA LEU A 72 72.88 27.02 -10.60
C LEU A 72 73.37 26.18 -9.42
N SER A 73 74.63 26.35 -9.06
CA SER A 73 75.24 25.62 -7.97
C SER A 73 75.37 26.51 -6.74
N ASP A 74 75.13 25.91 -5.57
CA ASP A 74 75.32 26.59 -4.30
C ASP A 74 75.78 25.55 -3.30
N ASP A 75 77.00 25.72 -2.78
CA ASP A 75 77.61 24.73 -1.90
C ASP A 75 76.93 24.63 -0.54
N THR A 76 76.07 25.58 -0.19
CA THR A 76 75.33 25.54 1.06
C THR A 76 74.08 24.67 0.97
N CYS A 77 73.71 24.22 -0.23
CA CYS A 77 72.50 23.45 -0.44
C CYS A 77 72.72 21.98 -0.12
N SER A 78 71.75 21.38 0.57
CA SER A 78 71.78 19.94 0.81
C SER A 78 71.40 19.19 -0.45
N ASP A 79 71.84 17.92 -0.53
CA ASP A 79 71.62 17.13 -1.72
C ASP A 79 70.13 16.91 -1.99
N GLU A 80 69.36 16.60 -0.95
CA GLU A 80 67.95 16.27 -1.10
C GLU A 80 67.07 17.51 -1.26
N LYS A 81 67.65 18.71 -1.19
CA LYS A 81 66.88 19.95 -1.20
C LYS A 81 67.24 20.79 -2.42
N ILE A 82 66.34 21.72 -2.76
CA ILE A 82 66.47 22.60 -3.91
C ILE A 82 66.09 24.02 -3.50
N ARG A 83 66.86 24.99 -3.97
CA ARG A 83 66.66 26.40 -3.62
C ARG A 83 65.88 27.13 -4.69
N MET A 84 64.88 27.91 -4.28
CA MET A 84 64.21 28.86 -5.16
C MET A 84 63.54 29.93 -4.30
N ASN A 85 63.16 31.04 -4.93
CA ASN A 85 62.50 32.12 -4.25
C ASN A 85 60.99 31.88 -4.16
N ARG A 86 60.29 32.84 -3.54
CA ARG A 86 58.85 32.72 -3.37
C ARG A 86 58.11 32.69 -4.71
N VAL A 87 58.62 33.44 -5.69
CA VAL A 87 57.96 33.50 -6.99
C VAL A 87 57.95 32.12 -7.65
N VAL A 88 59.08 31.42 -7.60
CA VAL A 88 59.14 30.09 -8.21
C VAL A 88 58.21 29.12 -7.50
N ARG A 89 58.19 29.14 -6.17
CA ARG A 89 57.31 28.25 -5.42
C ARG A 89 55.85 28.53 -5.75
N ASN A 90 55.48 29.80 -5.85
CA ASN A 90 54.11 30.15 -6.19
C ASN A 90 53.78 29.74 -7.61
N ASN A 91 54.77 29.79 -8.51
CA ASN A 91 54.59 29.26 -9.86
C ASN A 91 54.33 27.77 -9.83
N LEU A 92 55.02 27.04 -8.95
CA LEU A 92 54.85 25.60 -8.81
C LEU A 92 53.71 25.22 -7.88
N ARG A 93 53.04 26.21 -7.28
CA ARG A 93 51.97 25.97 -6.31
C ARG A 93 52.46 25.05 -5.18
N VAL A 94 53.65 25.34 -4.67
CA VAL A 94 54.29 24.55 -3.64
C VAL A 94 54.64 25.45 -2.47
N ARG A 95 55.01 24.81 -1.36
CA ARG A 95 55.47 25.50 -0.15
C ARG A 95 56.68 24.78 0.42
N LEU A 96 57.13 25.25 1.57
CA LEU A 96 58.35 24.71 2.18
C LEU A 96 58.21 23.24 2.50
N GLY A 97 59.28 22.47 2.23
CA GLY A 97 59.33 21.06 2.50
C GLY A 97 58.74 20.20 1.40
N ASP A 98 58.16 20.79 0.37
CA ASP A 98 57.47 20.04 -0.66
C ASP A 98 58.45 19.29 -1.55
N VAL A 99 57.96 18.23 -2.19
CA VAL A 99 58.74 17.40 -3.08
C VAL A 99 58.32 17.71 -4.52
N ILE A 100 59.29 18.11 -5.33
CA ILE A 100 59.06 18.45 -6.73
C ILE A 100 59.95 17.55 -7.58
N SER A 101 59.87 17.75 -8.90
CA SER A 101 60.67 17.01 -9.86
C SER A 101 61.45 17.98 -10.74
N ILE A 102 62.71 17.63 -11.01
CA ILE A 102 63.58 18.38 -11.89
C ILE A 102 64.10 17.46 -12.98
N GLN A 103 63.92 17.87 -14.23
CA GLN A 103 64.41 17.13 -15.38
C GLN A 103 64.82 18.12 -16.46
N PRO A 104 65.77 17.74 -17.32
CA PRO A 104 66.26 18.67 -18.34
C PRO A 104 65.18 19.02 -19.35
N CYS A 105 65.27 20.23 -19.89
CA CYS A 105 64.37 20.72 -20.93
C CYS A 105 65.23 21.17 -22.11
N PRO A 106 65.58 20.25 -23.00
CA PRO A 106 66.51 20.58 -24.09
C PRO A 106 65.81 21.23 -25.28
N ASP A 107 66.64 21.65 -26.24
CA ASP A 107 66.18 22.20 -27.52
C ASP A 107 65.28 23.42 -27.33
N VAL A 108 65.70 24.37 -26.49
CA VAL A 108 64.92 25.58 -26.30
C VAL A 108 65.34 26.63 -27.33
N LYS A 109 64.36 27.18 -28.04
CA LYS A 109 64.60 28.17 -29.08
C LYS A 109 64.44 29.59 -28.52
N TYR A 110 65.10 30.52 -29.20
CA TYR A 110 64.95 31.93 -28.85
C TYR A 110 63.54 32.40 -29.15
N GLY A 111 62.91 33.03 -28.16
CA GLY A 111 61.56 33.51 -28.35
C GLY A 111 61.47 34.56 -29.44
N LYS A 112 60.38 34.51 -30.20
CA LYS A 112 60.12 35.52 -31.20
C LYS A 112 59.26 36.65 -30.65
N ARG A 113 58.08 36.32 -30.14
CA ARG A 113 57.22 37.30 -29.49
C ARG A 113 56.60 36.63 -28.27
N ILE A 114 56.71 37.31 -27.12
CA ILE A 114 56.12 36.83 -25.89
C ILE A 114 55.21 37.91 -25.32
N HIS A 115 54.02 37.50 -24.90
CA HIS A 115 53.01 38.40 -24.37
C HIS A 115 52.92 38.20 -22.87
N VAL A 116 53.03 39.30 -22.11
CA VAL A 116 52.87 39.28 -20.67
C VAL A 116 51.84 40.32 -20.28
N LEU A 117 50.91 39.92 -19.41
CA LEU A 117 49.84 40.80 -18.99
C LEU A 117 49.83 40.93 -17.47
N PRO A 118 49.72 42.15 -16.96
CA PRO A 118 49.87 42.35 -15.52
C PRO A 118 48.62 41.99 -14.73
N ILE A 119 48.79 41.92 -13.42
CA ILE A 119 47.71 41.56 -12.50
C ILE A 119 47.06 42.84 -11.97
N ASP A 120 45.74 42.82 -11.84
CA ASP A 120 44.98 44.02 -11.49
C ASP A 120 45.35 44.56 -10.11
N ASP A 121 45.51 43.68 -9.13
CA ASP A 121 45.74 44.14 -7.76
C ASP A 121 47.13 44.71 -7.55
N THR A 122 48.03 44.58 -8.53
CA THR A 122 49.35 45.20 -8.44
C THR A 122 49.50 46.43 -9.33
N VAL A 123 48.54 46.70 -10.22
CA VAL A 123 48.66 47.79 -11.18
C VAL A 123 47.70 48.93 -10.91
N GLU A 124 46.88 48.82 -9.87
CA GLU A 124 45.97 49.92 -9.52
C GLU A 124 46.79 51.13 -9.09
N GLY A 125 46.65 52.22 -9.84
CA GLY A 125 47.49 53.39 -9.66
C GLY A 125 48.76 53.39 -10.47
N ILE A 126 49.02 52.35 -11.27
CA ILE A 126 50.19 52.26 -12.12
C ILE A 126 49.78 52.71 -13.52
N THR A 127 50.38 53.79 -14.01
CA THR A 127 50.01 54.39 -15.28
C THR A 127 51.18 54.56 -16.23
N GLY A 128 52.41 54.27 -15.80
CA GLY A 128 53.57 54.44 -16.63
C GLY A 128 53.70 53.35 -17.68
N ASN A 129 54.67 53.55 -18.57
CA ASN A 129 54.95 52.58 -19.62
C ASN A 129 55.45 51.29 -18.97
N LEU A 130 54.62 50.25 -19.03
CA LEU A 130 54.95 49.01 -18.33
C LEU A 130 56.24 48.38 -18.83
N PHE A 131 56.43 48.36 -20.16
CA PHE A 131 57.62 47.75 -20.73
C PHE A 131 58.89 48.40 -20.19
N GLU A 132 59.06 49.70 -20.44
CA GLU A 132 60.33 50.36 -20.13
C GLU A 132 60.65 50.26 -18.64
N VAL A 133 59.65 50.44 -17.78
CA VAL A 133 59.91 50.47 -16.34
C VAL A 133 60.17 49.07 -15.81
N TYR A 134 59.38 48.08 -16.19
CA TYR A 134 59.46 46.77 -15.57
C TYR A 134 60.13 45.69 -16.40
N LEU A 135 59.75 45.53 -17.67
CA LEU A 135 60.09 44.31 -18.38
C LEU A 135 61.49 44.35 -19.00
N LYS A 136 61.85 45.46 -19.65
CA LYS A 136 63.11 45.52 -20.37
C LYS A 136 64.31 45.33 -19.45
N PRO A 137 64.42 46.02 -18.31
CA PRO A 137 65.51 45.70 -17.39
C PRO A 137 65.48 44.26 -16.89
N TYR A 138 64.29 43.71 -16.66
CA TYR A 138 64.19 42.36 -16.11
C TYR A 138 64.74 41.32 -17.07
N PHE A 139 64.45 41.47 -18.36
CA PHE A 139 64.90 40.51 -19.38
C PHE A 139 66.21 40.92 -20.02
N LEU A 140 66.84 41.99 -19.55
CA LEU A 140 68.03 42.55 -20.18
C LEU A 140 69.23 41.63 -20.07
N GLU A 141 69.65 41.05 -21.19
CA GLU A 141 70.85 40.22 -21.28
C GLU A 141 70.83 39.06 -20.29
N ALA A 142 69.66 38.47 -20.05
CA ALA A 142 69.50 37.47 -19.00
C ALA A 142 69.21 36.06 -19.50
N TYR A 143 68.63 35.92 -20.69
CA TYR A 143 68.27 34.62 -21.26
C TYR A 143 67.37 33.82 -20.30
N ARG A 144 66.36 34.50 -19.76
CA ARG A 144 65.46 33.85 -18.81
C ARG A 144 64.54 32.89 -19.54
N PRO A 145 64.51 31.61 -19.16
CA PRO A 145 63.57 30.68 -19.79
C PRO A 145 62.17 30.84 -19.20
N ILE A 146 61.18 30.91 -20.08
CA ILE A 146 59.79 31.16 -19.69
C ILE A 146 58.89 30.13 -20.34
N ARG A 147 57.75 29.89 -19.70
CA ARG A 147 56.74 28.93 -20.16
C ARG A 147 55.36 29.56 -20.07
N LYS A 148 54.41 29.01 -20.81
CA LYS A 148 53.02 29.47 -20.77
C LYS A 148 52.49 29.47 -19.35
N GLY A 149 51.85 30.57 -18.96
CA GLY A 149 51.17 30.66 -17.68
C GLY A 149 52.06 31.00 -16.50
N ASP A 150 53.35 31.18 -16.70
CA ASP A 150 54.24 31.53 -15.60
C ASP A 150 53.87 32.88 -15.02
N ILE A 151 53.83 32.95 -13.68
CA ILE A 151 53.49 34.17 -12.96
C ILE A 151 54.75 34.71 -12.30
N PHE A 152 55.34 35.73 -12.91
CA PHE A 152 56.58 36.30 -12.39
C PHE A 152 56.33 37.73 -11.91
N LEU A 153 56.96 38.07 -10.78
CA LEU A 153 56.85 39.38 -10.16
C LEU A 153 58.07 40.21 -10.52
N VAL A 154 57.84 41.47 -10.87
CA VAL A 154 58.90 42.37 -11.30
C VAL A 154 58.96 43.56 -10.34
N ARG A 155 60.14 43.84 -9.81
CA ARG A 155 60.33 45.04 -9.02
C ARG A 155 60.62 46.23 -9.93
N GLY A 156 60.34 47.42 -9.40
CA GLY A 156 60.57 48.64 -10.14
C GLY A 156 59.48 49.65 -9.89
N GLY A 157 59.74 50.88 -10.33
CA GLY A 157 58.78 51.94 -10.15
C GLY A 157 58.51 52.21 -8.69
N MET A 158 57.23 52.46 -8.36
CA MET A 158 56.82 52.73 -6.99
C MET A 158 56.22 51.52 -6.29
N ARG A 159 55.86 50.48 -7.04
CA ARG A 159 55.31 49.26 -6.48
C ARG A 159 55.49 48.14 -7.49
N ALA A 160 55.79 46.94 -7.00
CA ALA A 160 56.05 45.81 -7.89
C ALA A 160 54.77 45.38 -8.62
N VAL A 161 54.95 44.80 -9.80
CA VAL A 161 53.84 44.40 -10.66
C VAL A 161 54.08 42.99 -11.17
N GLU A 162 53.07 42.14 -11.05
CA GLU A 162 53.11 40.76 -11.53
C GLU A 162 52.68 40.69 -12.99
N PHE A 163 53.02 39.58 -13.64
CA PHE A 163 52.65 39.34 -15.03
C PHE A 163 52.36 37.86 -15.25
N LYS A 164 51.56 37.60 -16.29
CA LYS A 164 51.25 36.23 -16.72
C LYS A 164 51.77 36.02 -18.13
N VAL A 165 52.46 34.91 -18.35
CA VAL A 165 52.95 34.54 -19.67
C VAL A 165 51.81 33.90 -20.44
N VAL A 166 51.12 34.70 -21.25
CA VAL A 166 49.92 34.23 -21.92
C VAL A 166 50.19 33.70 -23.33
N GLU A 167 51.30 34.12 -23.95
CA GLU A 167 51.65 33.66 -25.29
C GLU A 167 53.15 33.75 -25.48
N THR A 168 53.72 32.72 -26.12
CA THR A 168 55.13 32.70 -26.48
C THR A 168 55.26 32.15 -27.89
N ASP A 169 56.35 32.55 -28.55
CA ASP A 169 56.64 32.09 -29.91
C ASP A 169 58.10 31.67 -29.97
N PRO A 170 58.39 30.36 -30.00
CA PRO A 170 57.43 29.25 -30.05
C PRO A 170 56.80 28.91 -28.71
N SER A 171 56.09 27.78 -28.66
CA SER A 171 55.31 27.38 -27.51
C SER A 171 55.69 25.97 -27.09
N PRO A 172 55.60 25.65 -25.78
CA PRO A 172 55.29 26.59 -24.70
C PRO A 172 56.54 27.19 -24.07
N TYR A 173 57.68 26.58 -24.35
CA TYR A 173 58.94 26.95 -23.73
C TYR A 173 59.80 27.71 -24.74
N CYS A 174 60.44 28.77 -24.26
CA CYS A 174 61.33 29.56 -25.09
C CYS A 174 62.33 30.28 -24.19
N ILE A 175 63.42 30.75 -24.80
CA ILE A 175 64.42 31.57 -24.13
C ILE A 175 64.16 33.01 -24.48
N VAL A 176 64.15 33.89 -23.48
CA VAL A 176 64.01 35.31 -23.70
C VAL A 176 65.40 35.85 -24.01
N ALA A 177 65.77 35.81 -25.28
CA ALA A 177 66.99 36.38 -25.80
C ALA A 177 66.78 37.85 -26.13
N PRO A 178 67.86 38.63 -26.30
CA PRO A 178 67.68 40.06 -26.63
C PRO A 178 66.85 40.30 -27.88
N ASP A 179 66.91 39.43 -28.88
CA ASP A 179 66.11 39.59 -30.08
C ASP A 179 64.69 39.09 -29.93
N THR A 180 64.26 38.81 -28.69
CA THR A 180 62.88 38.42 -28.44
C THR A 180 62.02 39.66 -28.23
N VAL A 181 60.88 39.72 -28.91
CA VAL A 181 59.97 40.84 -28.78
C VAL A 181 59.10 40.63 -27.54
N ILE A 182 59.16 41.58 -26.61
CA ILE A 182 58.39 41.53 -25.38
C ILE A 182 57.39 42.67 -25.39
N HIS A 183 56.10 42.34 -25.41
CA HIS A 183 55.04 43.32 -25.47
C HIS A 183 54.00 43.02 -24.40
N CYS A 184 53.32 44.06 -23.93
CA CYS A 184 52.36 43.94 -22.83
C CYS A 184 50.98 44.45 -23.17
N GLU A 185 50.74 44.93 -24.39
CA GLU A 185 49.45 45.50 -24.73
C GLU A 185 48.37 44.41 -24.78
N GLY A 186 47.17 44.77 -24.37
CA GLY A 186 46.06 43.84 -24.31
C GLY A 186 45.20 44.09 -23.09
N GLU A 187 44.18 43.26 -22.96
CA GLU A 187 43.29 43.36 -21.80
C GLU A 187 43.97 42.75 -20.58
N PRO A 188 44.06 43.47 -19.47
CA PRO A 188 44.81 42.96 -18.31
C PRO A 188 44.17 41.70 -17.72
N ILE A 189 45.00 40.90 -17.06
CA ILE A 189 44.52 39.67 -16.42
C ILE A 189 43.63 40.04 -15.24
N LYS A 190 42.48 39.36 -15.14
CA LYS A 190 41.56 39.62 -14.05
C LYS A 190 42.13 39.17 -12.72
N ARG A 191 41.86 39.94 -11.67
CA ARG A 191 42.36 39.59 -10.35
C ARG A 191 41.58 38.43 -9.75
N GLU A 192 40.33 38.25 -10.18
CA GLU A 192 39.54 37.11 -9.71
C GLU A 192 40.14 35.79 -10.16
N ASP A 193 40.61 35.73 -11.41
CA ASP A 193 41.27 34.52 -11.90
C ASP A 193 42.54 34.24 -11.10
N GLU A 194 43.31 35.29 -10.81
CA GLU A 194 44.52 35.11 -10.00
C GLU A 194 44.19 34.59 -8.61
N GLU A 195 43.15 35.14 -7.97
CA GLU A 195 42.77 34.68 -6.65
C GLU A 195 42.30 33.23 -6.68
N GLU A 196 41.51 32.86 -7.69
CA GLU A 196 41.04 31.49 -7.82
C GLU A 196 42.21 30.53 -8.01
N SER A 197 43.16 30.88 -8.88
CA SER A 197 44.32 30.04 -9.07
C SER A 197 45.15 29.93 -7.80
N LEU A 198 45.25 31.02 -7.04
CA LEU A 198 46.00 31.00 -5.80
C LEU A 198 45.36 30.08 -4.77
N ASN A 199 44.03 30.08 -4.67
CA ASN A 199 43.32 29.27 -3.69
C ASN A 199 42.57 28.16 -4.42
N GLU A 200 43.23 27.02 -4.59
CA GLU A 200 42.62 25.84 -5.18
C GLU A 200 42.81 24.65 -4.23
N VAL A 201 41.90 23.69 -4.33
CA VAL A 201 41.91 22.53 -3.45
C VAL A 201 42.90 21.51 -4.01
N GLY A 202 44.02 21.33 -3.33
CA GLY A 202 44.98 20.30 -3.65
C GLY A 202 44.85 19.11 -2.70
N TYR A 203 45.77 18.16 -2.86
CA TYR A 203 45.82 17.03 -1.95
C TYR A 203 46.17 17.45 -0.53
N ASP A 204 46.94 18.52 -0.38
CA ASP A 204 47.32 18.99 0.94
C ASP A 204 46.17 19.59 1.73
N ASP A 205 45.15 20.11 1.04
CA ASP A 205 44.04 20.75 1.75
C ASP A 205 43.19 19.73 2.48
N ILE A 206 43.27 18.46 2.10
CA ILE A 206 42.56 17.40 2.82
C ILE A 206 43.17 17.25 4.20
N GLY A 207 42.34 16.93 5.19
CA GLY A 207 42.78 16.79 6.56
C GLY A 207 42.31 15.50 7.18
N GLY A 208 43.26 14.77 7.78
CA GLY A 208 42.93 13.58 8.54
C GLY A 208 42.40 12.41 7.73
N CYS A 209 42.88 12.22 6.50
CA CYS A 209 42.44 11.11 5.66
C CYS A 209 43.61 10.49 4.93
N ARG A 210 44.73 10.30 5.63
CA ARG A 210 45.94 9.80 4.98
C ARG A 210 45.73 8.39 4.41
N LYS A 211 45.10 7.50 5.19
CA LYS A 211 44.85 6.16 4.70
C LYS A 211 43.85 6.16 3.55
N GLN A 212 42.80 6.96 3.69
CA GLN A 212 41.82 7.09 2.62
C GLN A 212 42.44 7.67 1.36
N LEU A 213 43.29 8.69 1.52
CA LEU A 213 43.96 9.27 0.35
C LEU A 213 44.89 8.27 -0.30
N ALA A 214 45.59 7.46 0.52
CA ALA A 214 46.46 6.44 -0.04
C ALA A 214 45.68 5.42 -0.88
N GLN A 215 44.55 4.94 -0.35
CA GLN A 215 43.75 4.00 -1.13
C GLN A 215 43.13 4.65 -2.35
N ILE A 216 42.67 5.90 -2.23
CA ILE A 216 42.11 6.59 -3.39
C ILE A 216 43.15 6.71 -4.49
N LYS A 217 44.38 7.10 -4.12
CA LYS A 217 45.45 7.16 -5.11
C LYS A 217 45.71 5.81 -5.73
N GLU A 218 45.85 4.77 -4.89
CA GLU A 218 46.16 3.43 -5.37
C GLU A 218 45.06 2.91 -6.30
N MET A 219 43.83 3.38 -6.12
CA MET A 219 42.73 2.98 -6.98
C MET A 219 42.58 3.80 -8.25
N VAL A 220 42.91 5.09 -8.23
CA VAL A 220 42.60 5.90 -9.42
C VAL A 220 43.87 6.28 -10.18
N GLU A 221 44.88 6.80 -9.49
CA GLU A 221 46.02 7.34 -10.22
C GLU A 221 46.91 6.24 -10.77
N LEU A 222 46.95 5.10 -10.08
CA LEU A 222 47.75 3.98 -10.58
C LEU A 222 47.23 3.44 -11.91
N PRO A 223 45.95 3.06 -12.04
CA PRO A 223 45.51 2.54 -13.35
C PRO A 223 45.62 3.56 -14.48
N LEU A 224 45.36 4.83 -14.17
CA LEU A 224 45.34 5.85 -15.22
C LEU A 224 46.74 6.11 -15.76
N ARG A 225 47.70 6.33 -14.86
CA ARG A 225 49.07 6.57 -15.29
C ARG A 225 49.79 5.27 -15.64
N HIS A 226 49.44 4.17 -14.97
CA HIS A 226 50.11 2.88 -15.17
C HIS A 226 49.08 1.78 -15.42
N PRO A 227 48.44 1.78 -16.59
CA PRO A 227 47.58 0.64 -16.95
C PRO A 227 48.36 -0.58 -17.39
N ALA A 228 49.66 -0.41 -17.67
CA ALA A 228 50.46 -1.53 -18.14
C ALA A 228 50.65 -2.58 -17.04
N LEU A 229 50.61 -2.15 -15.78
CA LEU A 229 50.68 -3.12 -14.68
C LEU A 229 49.51 -4.09 -14.73
N PHE A 230 48.30 -3.57 -15.00
CA PHE A 230 47.17 -4.46 -15.20
C PHE A 230 47.26 -5.19 -16.54
N LYS A 231 47.95 -4.59 -17.51
CA LYS A 231 48.17 -5.27 -18.79
C LYS A 231 48.99 -6.54 -18.60
N GLU A 232 49.97 -6.51 -17.69
CA GLU A 232 50.84 -7.66 -17.48
C GLU A 232 50.05 -8.88 -17.02
N ILE A 233 49.11 -8.67 -16.09
CA ILE A 233 48.32 -9.76 -15.53
C ILE A 233 46.96 -9.90 -16.19
N GLY A 234 46.57 -8.95 -17.02
CA GLY A 234 45.33 -9.09 -17.78
C GLY A 234 44.09 -9.19 -16.92
N VAL A 235 43.93 -8.29 -15.96
CA VAL A 235 42.80 -8.31 -15.05
C VAL A 235 41.97 -7.05 -15.30
N LYS A 236 40.86 -6.94 -14.56
CA LYS A 236 39.86 -5.91 -14.73
C LYS A 236 40.02 -4.86 -13.63
N PRO A 237 40.58 -3.69 -13.92
CA PRO A 237 40.63 -2.63 -12.91
C PRO A 237 39.25 -2.24 -12.43
N PRO A 238 39.10 -1.90 -11.15
CA PRO A 238 37.78 -1.51 -10.64
C PRO A 238 37.34 -0.16 -11.17
N ARG A 239 36.39 -0.17 -12.10
CA ARG A 239 35.93 1.06 -12.73
C ARG A 239 35.01 1.86 -11.80
N GLY A 240 34.38 1.18 -10.84
CA GLY A 240 33.45 1.84 -9.95
C GLY A 240 33.95 2.00 -8.53
N ILE A 241 34.18 3.23 -8.11
CA ILE A 241 34.65 3.55 -6.77
C ILE A 241 33.57 4.37 -6.07
N LEU A 242 33.18 3.94 -4.87
CA LEU A 242 32.06 4.53 -4.16
C LEU A 242 32.54 5.08 -2.81
N LEU A 243 32.50 6.40 -2.66
CA LEU A 243 32.81 7.03 -1.38
C LEU A 243 31.51 7.26 -0.62
N TYR A 244 31.45 6.76 0.61
CA TYR A 244 30.23 6.85 1.39
C TYR A 244 30.55 7.20 2.84
N GLY A 245 29.63 7.94 3.46
CA GLY A 245 29.78 8.35 4.83
C GLY A 245 28.88 9.52 5.21
N PRO A 246 28.97 9.96 6.45
CA PRO A 246 28.20 11.14 6.88
C PRO A 246 28.55 12.36 6.02
N PRO A 247 27.59 13.26 5.81
CA PRO A 247 27.85 14.43 4.96
C PRO A 247 28.73 15.44 5.68
N GLY A 248 29.38 16.30 4.90
CA GLY A 248 30.29 17.29 5.42
C GLY A 248 31.69 16.78 5.68
N THR A 249 31.96 15.50 5.44
CA THR A 249 33.26 14.92 5.77
C THR A 249 34.35 15.30 4.78
N GLY A 250 33.99 15.69 3.57
CA GLY A 250 34.97 16.12 2.58
C GLY A 250 35.01 15.31 1.30
N LYS A 251 33.91 14.68 0.90
CA LYS A 251 33.89 13.96 -0.37
C LYS A 251 34.04 14.94 -1.54
N THR A 252 33.37 16.09 -1.45
CA THR A 252 33.57 17.12 -2.46
C THR A 252 34.99 17.69 -2.37
N LEU A 253 35.53 17.77 -1.15
CA LEU A 253 36.91 18.19 -0.98
C LEU A 253 37.87 17.24 -1.68
N ILE A 254 37.65 15.93 -1.53
CA ILE A 254 38.48 14.95 -2.22
C ILE A 254 38.26 15.04 -3.73
N ALA A 255 37.03 15.33 -4.14
CA ALA A 255 36.75 15.51 -5.56
C ALA A 255 37.57 16.64 -6.15
N ARG A 256 37.57 17.80 -5.51
CA ARG A 256 38.35 18.93 -5.99
C ARG A 256 39.85 18.66 -5.92
N ALA A 257 40.31 17.97 -4.87
CA ALA A 257 41.72 17.62 -4.76
C ALA A 257 42.14 16.71 -5.91
N VAL A 258 41.31 15.74 -6.25
CA VAL A 258 41.59 14.86 -7.39
C VAL A 258 41.58 15.67 -8.69
N ALA A 259 40.60 16.55 -8.84
CA ALA A 259 40.49 17.33 -10.06
C ALA A 259 41.72 18.21 -10.28
N ASN A 260 42.22 18.82 -9.21
CA ASN A 260 43.37 19.71 -9.34
C ASN A 260 44.64 18.93 -9.64
N GLU A 261 44.76 17.71 -9.12
CA GLU A 261 46.01 16.96 -9.16
C GLU A 261 45.87 15.60 -9.85
N THR A 262 45.28 15.57 -11.04
CA THR A 262 45.32 14.40 -11.90
C THR A 262 45.74 14.82 -13.30
N GLY A 263 46.80 14.19 -13.82
CA GLY A 263 47.26 14.52 -15.15
C GLY A 263 46.25 14.17 -16.23
N ALA A 264 45.51 13.08 -16.03
CA ALA A 264 44.52 12.66 -17.00
C ALA A 264 43.33 13.61 -17.01
N PHE A 265 42.49 13.46 -18.02
CA PHE A 265 41.32 14.31 -18.18
C PHE A 265 40.38 14.15 -16.99
N PHE A 266 39.77 15.26 -16.57
CA PHE A 266 38.80 15.25 -15.49
C PHE A 266 37.52 15.95 -15.96
N PHE A 267 36.38 15.39 -15.61
CA PHE A 267 35.09 16.03 -15.82
C PHE A 267 34.14 15.62 -14.71
N LEU A 268 33.51 16.60 -14.08
CA LEU A 268 32.65 16.40 -12.92
C LEU A 268 31.19 16.59 -13.33
N ILE A 269 30.32 15.73 -12.82
CA ILE A 269 28.88 15.85 -13.01
C ILE A 269 28.21 15.72 -11.66
N ASN A 270 27.20 16.55 -11.42
CA ASN A 270 26.50 16.60 -10.14
C ASN A 270 25.08 16.07 -10.31
N GLY A 271 24.57 15.42 -9.26
CA GLY A 271 23.21 14.94 -9.24
C GLY A 271 22.18 16.05 -9.38
N PRO A 272 22.31 17.12 -8.59
CA PRO A 272 21.43 18.29 -8.79
C PRO A 272 21.53 18.86 -10.19
N GLU A 273 22.73 18.93 -10.76
CA GLU A 273 22.86 19.50 -12.10
C GLU A 273 22.12 18.65 -13.13
N ILE A 274 22.22 17.33 -13.01
CA ILE A 274 21.55 16.44 -13.94
C ILE A 274 20.03 16.53 -13.76
N MET A 275 19.57 16.53 -12.51
CA MET A 275 18.14 16.54 -12.26
C MET A 275 17.50 17.87 -12.65
N SER A 276 18.26 18.96 -12.56
CA SER A 276 17.71 20.27 -12.92
C SER A 276 17.37 20.33 -14.41
N LYS A 277 18.15 19.66 -15.23
CA LYS A 277 17.90 19.64 -16.66
C LYS A 277 16.58 18.92 -16.96
N LEU A 278 15.94 19.34 -18.05
CA LEU A 278 14.64 18.78 -18.43
C LEU A 278 14.77 17.33 -18.86
N ALA A 279 13.63 16.74 -19.21
CA ALA A 279 13.61 15.37 -19.71
C ALA A 279 14.27 15.29 -21.07
N GLY A 280 15.06 14.23 -21.27
CA GLY A 280 15.74 13.99 -22.52
C GLY A 280 17.11 14.64 -22.61
N GLU A 281 17.27 15.87 -22.13
CA GLU A 281 18.55 16.54 -22.24
C GLU A 281 19.55 16.00 -21.22
N SER A 282 19.07 15.56 -20.05
CA SER A 282 19.95 14.90 -19.08
C SER A 282 20.55 13.64 -19.67
N GLU A 283 19.74 12.87 -20.40
CA GLU A 283 20.25 11.76 -21.19
C GLU A 283 21.41 12.22 -22.08
N SER A 284 21.20 13.31 -22.81
CA SER A 284 22.23 13.82 -23.71
C SER A 284 23.44 14.31 -22.93
N ASN A 285 23.22 14.98 -21.80
CA ASN A 285 24.34 15.46 -21.00
C ASN A 285 25.21 14.31 -20.51
N LEU A 286 24.58 13.26 -19.99
CA LEU A 286 25.35 12.12 -19.48
C LEU A 286 26.09 11.40 -20.60
N ARG A 287 25.41 11.18 -21.73
CA ARG A 287 26.06 10.50 -22.85
C ARG A 287 27.23 11.33 -23.39
N LYS A 288 27.04 12.65 -23.51
CA LYS A 288 28.12 13.50 -24.00
C LYS A 288 29.28 13.53 -23.03
N ALA A 289 28.99 13.57 -21.72
CA ALA A 289 30.07 13.55 -20.73
C ALA A 289 30.89 12.27 -20.84
N PHE A 290 30.21 11.12 -20.93
CA PHE A 290 30.96 9.87 -21.02
C PHE A 290 31.72 9.77 -22.34
N GLU A 291 31.11 10.24 -23.44
CA GLU A 291 31.80 10.21 -24.72
C GLU A 291 33.05 11.09 -24.71
N GLU A 292 32.94 12.29 -24.14
CA GLU A 292 34.10 13.17 -24.07
C GLU A 292 35.16 12.60 -23.14
N ALA A 293 34.73 11.92 -22.07
CA ALA A 293 35.69 11.29 -21.17
C ALA A 293 36.47 10.19 -21.88
N GLU A 294 35.79 9.29 -22.57
CA GLU A 294 36.49 8.22 -23.26
C GLU A 294 37.28 8.75 -24.45
N LYS A 295 36.87 9.91 -24.98
CA LYS A 295 37.62 10.55 -26.06
C LYS A 295 38.94 11.10 -25.55
N ASN A 296 38.91 11.82 -24.43
CA ASN A 296 40.13 12.42 -23.86
C ASN A 296 40.75 11.46 -22.84
N ALA A 297 40.97 10.23 -23.27
CA ALA A 297 41.50 9.21 -22.38
C ALA A 297 42.95 9.52 -22.01
N PRO A 298 43.35 9.23 -20.75
CA PRO A 298 42.54 8.70 -19.66
C PRO A 298 41.65 9.76 -19.02
N ALA A 299 40.58 9.35 -18.35
CA ALA A 299 39.63 10.29 -17.78
C ALA A 299 39.28 9.92 -16.35
N ILE A 300 38.94 10.92 -15.55
CA ILE A 300 38.47 10.74 -14.19
C ILE A 300 37.03 11.22 -14.16
N ILE A 301 36.08 10.30 -14.19
CA ILE A 301 34.67 10.63 -14.14
C ILE A 301 34.24 10.65 -12.67
N PHE A 302 33.64 11.75 -12.25
CA PHE A 302 33.18 11.90 -10.88
C PHE A 302 31.71 12.26 -10.89
N ILE A 303 30.91 11.53 -10.11
CA ILE A 303 29.51 11.85 -9.92
C ILE A 303 29.29 12.22 -8.46
N ASP A 304 29.30 13.53 -8.19
CA ASP A 304 28.96 14.01 -6.86
C ASP A 304 27.45 13.95 -6.65
N GLU A 305 27.05 13.48 -5.48
CA GLU A 305 25.64 13.26 -5.15
C GLU A 305 25.04 12.26 -6.15
N LEU A 306 25.54 11.03 -6.08
CA LEU A 306 25.08 9.97 -6.98
C LEU A 306 23.65 9.57 -6.70
N ASP A 307 23.23 9.58 -5.44
CA ASP A 307 21.88 9.13 -5.08
C ASP A 307 20.80 9.98 -5.74
N ALA A 308 21.14 11.20 -6.18
CA ALA A 308 20.17 12.00 -6.92
C ALA A 308 19.80 11.35 -8.24
N ILE A 309 20.79 10.82 -8.95
CA ILE A 309 20.58 10.27 -10.29
C ILE A 309 20.36 8.77 -10.30
N ALA A 310 20.54 8.10 -9.17
CA ALA A 310 20.30 6.65 -9.06
C ALA A 310 19.54 6.33 -7.79
N PRO A 311 18.30 6.78 -7.66
CA PRO A 311 17.48 6.31 -6.55
C PRO A 311 17.11 4.85 -6.74
N LYS A 312 16.90 4.15 -5.63
CA LYS A 312 16.62 2.72 -5.68
C LYS A 312 15.41 2.45 -6.58
N ARG A 313 15.59 1.53 -7.53
CA ARG A 313 14.49 1.17 -8.42
C ARG A 313 13.37 0.48 -7.68
N GLU A 314 13.66 -0.10 -6.51
CA GLU A 314 12.61 -0.69 -5.69
C GLU A 314 11.68 0.38 -5.13
N LYS A 315 12.22 1.55 -4.82
CA LYS A 315 11.45 2.66 -4.27
C LYS A 315 11.74 3.91 -5.09
N THR A 316 10.95 4.12 -6.14
CA THR A 316 11.02 5.32 -6.96
C THR A 316 9.71 5.48 -7.72
N HIS A 317 9.44 6.69 -8.19
CA HIS A 317 8.21 6.97 -8.93
C HIS A 317 8.51 7.44 -10.35
N GLY A 318 9.35 8.45 -10.48
CA GLY A 318 9.62 9.09 -11.77
C GLY A 318 10.17 8.16 -12.83
N GLU A 319 9.50 8.14 -14.00
CA GLU A 319 9.97 7.32 -15.10
C GLU A 319 11.25 7.90 -15.71
N VAL A 320 11.39 9.22 -15.68
CA VAL A 320 12.63 9.83 -16.14
C VAL A 320 13.80 9.38 -15.28
N GLU A 321 13.59 9.29 -13.97
CA GLU A 321 14.63 8.79 -13.08
C GLU A 321 14.94 7.33 -13.38
N ARG A 322 13.91 6.52 -13.65
CA ARG A 322 14.13 5.13 -14.05
C ARG A 322 14.98 5.03 -15.32
N ARG A 323 14.65 5.84 -16.32
CA ARG A 323 15.39 5.83 -17.57
C ARG A 323 16.83 6.28 -17.37
N ILE A 324 17.05 7.28 -16.51
CA ILE A 324 18.40 7.73 -16.23
C ILE A 324 19.19 6.65 -15.51
N VAL A 325 18.54 5.91 -14.61
CA VAL A 325 19.20 4.79 -13.94
C VAL A 325 19.60 3.72 -14.96
N SER A 326 18.69 3.38 -15.87
CA SER A 326 19.01 2.38 -16.89
C SER A 326 20.14 2.86 -17.80
N GLN A 327 20.11 4.15 -18.19
CA GLN A 327 21.18 4.70 -19.02
C GLN A 327 22.52 4.65 -18.31
N LEU A 328 22.55 5.03 -17.03
CA LEU A 328 23.79 5.01 -16.28
C LEU A 328 24.32 3.58 -16.16
N LEU A 329 23.42 2.62 -15.92
CA LEU A 329 23.82 1.22 -15.84
C LEU A 329 24.43 0.75 -17.15
N THR A 330 23.78 1.07 -18.28
CA THR A 330 24.30 0.66 -19.58
C THR A 330 25.66 1.30 -19.86
N LEU A 331 25.80 2.59 -19.55
CA LEU A 331 27.07 3.28 -19.78
C LEU A 331 28.17 2.72 -18.88
N MET A 332 27.82 2.32 -17.65
CA MET A 332 28.78 1.65 -16.78
C MET A 332 29.24 0.33 -17.39
N ASP A 333 28.30 -0.43 -17.95
CA ASP A 333 28.69 -1.69 -18.59
C ASP A 333 29.39 -1.46 -19.93
N GLY A 334 29.34 -0.23 -20.45
CA GLY A 334 29.85 0.02 -21.79
C GLY A 334 31.36 -0.11 -21.90
N LEU A 335 32.08 0.29 -20.84
CA LEU A 335 33.53 0.39 -20.91
C LEU A 335 34.16 -0.95 -21.25
N LYS A 336 35.10 -0.94 -22.20
CA LYS A 336 35.81 -2.14 -22.64
C LYS A 336 37.23 -2.22 -22.08
N GLN A 337 37.58 -1.33 -21.16
CA GLN A 337 38.83 -1.26 -20.39
C GLN A 337 40.01 -0.76 -21.20
N ARG A 338 39.88 -0.55 -22.51
CA ARG A 338 40.90 0.17 -23.25
C ARG A 338 40.67 1.67 -23.24
N ALA A 339 39.54 2.11 -22.68
CA ALA A 339 39.24 3.53 -22.57
C ALA A 339 40.02 4.22 -21.45
N HIS A 340 40.54 3.46 -20.49
CA HIS A 340 41.34 4.01 -19.40
C HIS A 340 40.58 5.10 -18.65
N VAL A 341 39.30 4.86 -18.40
CA VAL A 341 38.42 5.85 -17.81
C VAL A 341 37.91 5.31 -16.47
N ILE A 342 38.16 6.06 -15.40
CA ILE A 342 37.73 5.70 -14.06
C ILE A 342 36.48 6.51 -13.71
N VAL A 343 35.55 5.88 -13.01
CA VAL A 343 34.32 6.52 -12.58
C VAL A 343 34.28 6.52 -11.06
N MET A 344 34.18 7.71 -10.48
CA MET A 344 34.21 7.90 -9.04
C MET A 344 32.86 8.44 -8.58
N ALA A 345 32.38 7.96 -7.45
CA ALA A 345 31.10 8.38 -6.89
C ALA A 345 31.26 8.83 -5.46
N ALA A 346 30.57 9.90 -5.11
CA ALA A 346 30.52 10.40 -3.74
C ALA A 346 29.06 10.49 -3.31
N THR A 347 28.72 9.79 -2.23
CA THR A 347 27.34 9.75 -1.76
C THR A 347 27.33 9.80 -0.23
N ASN A 348 26.42 10.60 0.31
CA ASN A 348 26.24 10.73 1.74
C ASN A 348 25.18 9.79 2.30
N ARG A 349 24.65 8.88 1.47
CA ARG A 349 23.65 7.90 1.89
C ARG A 349 23.82 6.66 1.02
N PRO A 350 24.66 5.71 1.45
CA PRO A 350 24.98 4.57 0.57
C PRO A 350 23.83 3.58 0.42
N ASN A 351 22.92 3.52 1.40
CA ASN A 351 21.85 2.54 1.34
C ASN A 351 20.90 2.83 0.18
N SER A 352 20.61 4.11 -0.08
CA SER A 352 19.63 4.46 -1.10
C SER A 352 20.20 4.28 -2.50
N ILE A 353 21.51 4.04 -2.61
CA ILE A 353 22.10 3.79 -3.92
C ILE A 353 21.54 2.51 -4.51
N ASP A 354 21.27 2.55 -5.81
CA ASP A 354 20.63 1.43 -6.48
C ASP A 354 21.52 0.19 -6.38
N PRO A 355 20.96 -0.96 -5.97
CA PRO A 355 21.80 -2.15 -5.76
C PRO A 355 22.52 -2.63 -7.01
N ALA A 356 21.95 -2.41 -8.20
CA ALA A 356 22.57 -2.92 -9.42
C ALA A 356 23.88 -2.19 -9.73
N LEU A 357 23.95 -0.89 -9.44
CA LEU A 357 25.19 -0.15 -9.67
C LEU A 357 26.32 -0.64 -8.78
N ARG A 358 26.02 -1.34 -7.69
CA ARG A 358 27.03 -1.88 -6.79
C ARG A 358 27.42 -3.31 -7.13
N ARG A 359 27.36 -3.68 -8.41
CA ARG A 359 27.71 -5.03 -8.82
C ARG A 359 29.13 -5.07 -9.38
N PHE A 360 29.55 -6.28 -9.76
CA PHE A 360 30.84 -6.47 -10.41
C PHE A 360 30.86 -5.78 -11.76
N GLY A 361 32.02 -5.27 -12.14
CA GLY A 361 32.15 -4.43 -13.32
C GLY A 361 31.54 -3.05 -13.15
N ARG A 362 31.14 -2.72 -11.93
CA ARG A 362 30.43 -1.49 -11.58
C ARG A 362 30.97 -1.02 -10.24
N PHE A 363 30.21 -0.21 -9.50
CA PHE A 363 30.71 0.36 -8.25
C PHE A 363 30.89 -0.75 -7.20
N ASP A 364 31.96 -1.53 -7.42
CA ASP A 364 32.24 -2.67 -6.57
C ASP A 364 32.98 -2.25 -5.30
N ARG A 365 34.19 -1.71 -5.46
CA ARG A 365 34.99 -1.28 -4.33
C ARG A 365 34.33 -0.10 -3.63
N GLU A 366 34.42 -0.07 -2.30
CA GLU A 366 33.83 0.99 -1.50
C GLU A 366 34.85 1.46 -0.47
N VAL A 367 34.94 2.78 -0.31
CA VAL A 367 35.81 3.39 0.70
C VAL A 367 34.94 4.22 1.64
N ASP A 368 35.10 4.00 2.93
CA ASP A 368 34.34 4.71 3.96
C ASP A 368 35.04 5.99 4.33
N ILE A 369 34.41 7.13 4.02
CA ILE A 369 34.92 8.43 4.48
C ILE A 369 34.29 8.68 5.84
N GLY A 370 34.92 8.09 6.86
CA GLY A 370 34.35 8.11 8.19
C GLY A 370 34.66 9.39 8.94
N ILE A 371 34.15 9.43 10.17
CA ILE A 371 34.43 10.56 11.06
C ILE A 371 35.91 10.56 11.41
N PRO A 372 36.58 11.72 11.55
CA PRO A 372 37.98 11.71 11.94
C PRO A 372 38.13 11.68 13.45
N ASP A 373 39.33 11.33 13.90
CA ASP A 373 39.64 11.32 15.31
C ASP A 373 40.22 12.67 15.73
N ALA A 374 40.76 12.71 16.95
CA ALA A 374 41.31 13.95 17.48
C ALA A 374 42.48 14.47 16.66
N THR A 375 43.37 13.56 16.24
CA THR A 375 44.53 13.98 15.47
C THR A 375 44.15 14.38 14.04
N GLY A 376 43.21 13.65 13.43
CA GLY A 376 42.77 14.02 12.11
C GLY A 376 42.05 15.36 12.09
N ARG A 377 41.15 15.58 13.04
CA ARG A 377 40.49 16.88 13.14
C ARG A 377 41.46 17.97 13.54
N LEU A 378 42.52 17.62 14.27
CA LEU A 378 43.59 18.57 14.56
C LEU A 378 44.28 19.02 13.28
N GLU A 379 44.58 18.07 12.38
CA GLU A 379 45.12 18.43 11.08
C GLU A 379 44.13 19.28 10.29
N ILE A 380 42.84 18.95 10.38
CA ILE A 380 41.81 19.73 9.71
C ILE A 380 41.83 21.18 10.20
N LEU A 381 41.89 21.37 11.51
CA LEU A 381 41.92 22.71 12.08
C LEU A 381 43.18 23.46 11.65
N GLN A 382 44.29 22.75 11.52
CA GLN A 382 45.48 23.37 10.97
C GLN A 382 45.25 23.83 9.53
N ILE A 383 44.58 23.01 8.73
CA ILE A 383 44.38 23.33 7.32
C ILE A 383 43.50 24.56 7.16
N HIS A 384 42.39 24.62 7.91
CA HIS A 384 41.48 25.75 7.73
C HIS A 384 42.07 27.06 8.20
N THR A 385 42.67 27.08 9.38
CA THR A 385 43.01 28.32 10.07
C THR A 385 44.29 28.97 9.55
N LYS A 386 44.90 28.43 8.49
CA LYS A 386 46.18 28.95 8.04
C LYS A 386 46.03 30.36 7.47
N ASN A 387 44.91 30.66 6.81
CA ASN A 387 44.67 32.00 6.29
C ASN A 387 44.03 32.94 7.31
N MET A 388 43.72 32.45 8.50
CA MET A 388 43.11 33.28 9.52
C MET A 388 44.18 33.84 10.45
N LYS A 389 43.96 35.06 10.92
CA LYS A 389 44.87 35.74 11.82
C LYS A 389 44.55 35.33 13.25
N LEU A 390 45.50 34.68 13.91
CA LEU A 390 45.28 34.10 15.22
C LEU A 390 46.27 34.66 16.22
N ALA A 391 45.85 34.68 17.49
CA ALA A 391 46.61 35.30 18.56
C ALA A 391 47.83 34.45 18.92
N ASP A 392 48.61 34.96 19.88
CA ASP A 392 49.78 34.22 20.35
C ASP A 392 49.39 33.15 21.36
N ASP A 393 48.19 33.25 21.93
CA ASP A 393 47.74 32.31 22.93
C ASP A 393 47.09 31.06 22.32
N VAL A 394 47.01 31.00 20.99
CA VAL A 394 46.26 29.94 20.34
C VAL A 394 46.84 28.57 20.67
N ASP A 395 45.95 27.63 20.98
CA ASP A 395 46.30 26.24 21.24
C ASP A 395 45.33 25.36 20.47
N LEU A 396 45.77 24.87 19.31
CA LEU A 396 44.88 24.11 18.43
C LEU A 396 44.58 22.73 18.98
N GLU A 397 45.51 22.17 19.77
CA GLU A 397 45.32 20.82 20.31
C GLU A 397 44.12 20.77 21.24
N GLN A 398 43.92 21.80 22.05
CA GLN A 398 42.81 21.80 23.01
C GLN A 398 41.47 21.83 22.29
N VAL A 399 41.31 22.74 21.33
CA VAL A 399 40.04 22.83 20.61
C VAL A 399 39.81 21.59 19.76
N ALA A 400 40.89 20.98 19.26
CA ALA A 400 40.75 19.71 18.56
C ALA A 400 40.26 18.62 19.51
N ASN A 401 40.82 18.55 20.71
CA ASN A 401 40.43 17.52 21.65
C ASN A 401 38.98 17.69 22.08
N GLU A 402 38.54 18.93 22.33
CA GLU A 402 37.21 19.16 22.86
C GLU A 402 36.12 18.70 21.88
N THR A 403 36.32 18.96 20.58
CA THR A 403 35.31 18.62 19.57
C THR A 403 35.37 17.13 19.24
N HIS A 404 34.86 16.31 20.16
CA HIS A 404 34.96 14.86 20.02
C HIS A 404 34.18 14.37 18.80
N GLY A 405 32.97 14.89 18.59
CA GLY A 405 32.11 14.40 17.52
C GLY A 405 31.92 15.32 16.34
N HIS A 406 32.74 16.36 16.19
CA HIS A 406 32.55 17.31 15.11
C HIS A 406 33.01 16.74 13.77
N VAL A 407 32.60 17.43 12.70
CA VAL A 407 32.90 17.04 11.35
C VAL A 407 33.78 18.13 10.73
N GLY A 408 34.51 17.80 9.67
CA GLY A 408 35.37 18.78 9.02
C GLY A 408 34.62 20.02 8.60
N ALA A 409 33.45 19.85 7.98
CA ALA A 409 32.59 21.00 7.70
C ALA A 409 32.12 21.65 8.99
N ASP A 410 31.83 20.84 10.02
CA ASP A 410 31.48 21.39 11.32
C ASP A 410 32.65 22.16 11.92
N LEU A 411 33.87 21.67 11.71
CA LEU A 411 35.05 22.39 12.21
C LEU A 411 35.22 23.72 11.49
N ALA A 412 35.01 23.74 10.18
CA ALA A 412 35.05 25.00 9.44
C ALA A 412 33.99 25.96 9.94
N ALA A 413 32.78 25.45 10.21
CA ALA A 413 31.72 26.28 10.76
C ALA A 413 32.11 26.84 12.12
N LEU A 414 32.75 26.01 12.96
CA LEU A 414 33.19 26.49 14.27
C LEU A 414 34.25 27.58 14.13
N CYS A 415 35.17 27.42 13.18
CA CYS A 415 36.17 28.45 12.93
C CYS A 415 35.52 29.74 12.49
N SER A 416 34.54 29.66 11.59
CA SER A 416 33.83 30.86 11.15
C SER A 416 33.06 31.50 12.30
N GLU A 417 32.48 30.68 13.18
CA GLU A 417 31.76 31.22 14.33
C GLU A 417 32.70 31.95 15.29
N ALA A 418 33.89 31.38 15.51
CA ALA A 418 34.88 32.05 16.33
C ALA A 418 35.31 33.37 15.70
N ALA A 419 35.46 33.38 14.38
CA ALA A 419 35.79 34.63 13.69
C ALA A 419 34.70 35.67 13.88
N LEU A 420 33.43 35.25 13.77
CA LEU A 420 32.33 36.17 14.00
C LEU A 420 32.31 36.67 15.44
N GLN A 421 32.72 35.82 16.40
CA GLN A 421 32.79 36.28 17.78
C GLN A 421 33.87 37.33 17.95
N ALA A 422 35.03 37.14 17.30
CA ALA A 422 36.07 38.16 17.34
C ALA A 422 35.58 39.46 16.73
N ILE A 423 34.89 39.37 15.59
CA ILE A 423 34.36 40.57 14.95
C ILE A 423 33.29 41.23 15.81
N ARG A 424 32.53 40.42 16.56
CA ARG A 424 31.56 40.97 17.49
C ARG A 424 32.24 41.71 18.62
N LYS A 425 33.32 41.14 19.17
CA LYS A 425 34.07 41.82 20.21
C LYS A 425 34.67 43.12 19.69
N LYS A 426 34.99 43.17 18.40
CA LYS A 426 35.43 44.41 17.78
C LYS A 426 34.28 45.22 17.17
N MET A 427 33.03 44.81 17.39
CA MET A 427 31.90 45.54 16.82
C MET A 427 31.74 46.91 17.45
N ASP A 428 32.00 47.03 18.76
CA ASP A 428 31.79 48.30 19.45
C ASP A 428 32.67 49.40 18.87
N LEU A 429 33.93 49.08 18.59
CA LEU A 429 34.84 50.08 18.05
C LEU A 429 34.43 50.53 16.65
N ILE A 430 34.08 49.58 15.79
CA ILE A 430 33.73 49.89 14.41
C ILE A 430 32.35 50.53 14.36
N ASP A 431 32.06 51.19 13.24
CA ASP A 431 30.74 51.74 12.97
C ASP A 431 30.19 51.10 11.70
N LEU A 432 28.99 50.52 11.79
CA LEU A 432 28.38 49.91 10.62
C LEU A 432 27.93 50.98 9.61
N GLU A 433 27.64 52.18 10.09
CA GLU A 433 27.29 53.27 9.19
C GLU A 433 28.52 53.76 8.43
N ASP A 434 29.70 53.61 9.02
CA ASP A 434 30.93 54.12 8.40
C ASP A 434 31.22 53.37 7.10
N GLU A 435 31.45 54.14 6.04
CA GLU A 435 31.65 53.53 4.73
C GLU A 435 32.99 52.81 4.64
N THR A 436 34.02 53.34 5.31
CA THR A 436 35.35 52.74 5.32
C THR A 436 35.70 52.34 6.75
N ILE A 437 36.10 51.09 6.94
CA ILE A 437 36.43 50.59 8.26
C ILE A 437 37.59 51.39 8.85
N ASP A 438 37.68 51.42 10.17
CA ASP A 438 38.81 52.06 10.81
C ASP A 438 40.07 51.24 10.58
N ALA A 439 41.17 51.93 10.28
CA ALA A 439 42.42 51.22 10.00
C ALA A 439 42.96 50.53 11.23
N GLU A 440 42.87 51.20 12.39
CA GLU A 440 43.44 50.65 13.61
C GLU A 440 42.73 49.38 14.07
N VAL A 441 41.40 49.34 13.93
CA VAL A 441 40.65 48.18 14.42
C VAL A 441 40.96 46.93 13.61
N MET A 442 41.18 47.09 12.29
CA MET A 442 41.45 45.93 11.45
C MET A 442 42.76 45.25 11.85
N ASN A 443 43.82 46.04 12.01
CA ASN A 443 45.09 45.47 12.47
C ASN A 443 44.97 44.93 13.89
N SER A 444 44.26 45.65 14.76
CA SER A 444 44.13 45.20 16.14
C SER A 444 43.12 44.07 16.27
N LEU A 445 42.38 43.77 15.20
CA LEU A 445 41.48 42.63 15.21
C LEU A 445 42.25 41.35 14.93
N ALA A 446 42.08 40.36 15.81
CA ALA A 446 42.64 39.03 15.61
C ALA A 446 41.77 38.04 16.36
N VAL A 447 41.78 36.80 15.89
CA VAL A 447 40.95 35.74 16.45
C VAL A 447 41.63 35.23 17.71
N THR A 448 40.86 35.15 18.80
CA THR A 448 41.38 34.73 20.10
C THR A 448 40.73 33.43 20.56
N MET A 449 41.17 32.94 21.73
CA MET A 449 40.74 31.64 22.21
C MET A 449 39.49 31.72 23.07
N ASP A 450 39.22 32.89 23.65
CA ASP A 450 37.90 33.10 24.26
C ASP A 450 36.81 33.06 23.20
N ASP A 451 37.11 33.59 22.01
CA ASP A 451 36.24 33.39 20.86
C ASP A 451 36.01 31.91 20.62
N PHE A 452 37.03 31.09 20.83
CA PHE A 452 36.90 29.67 20.53
C PHE A 452 36.12 28.94 21.62
N ARG A 453 36.23 29.35 22.89
CA ARG A 453 35.27 28.83 23.85
C ARG A 453 33.84 29.23 23.50
N TRP A 454 33.64 30.47 23.03
CA TRP A 454 32.29 30.84 22.63
C TRP A 454 31.78 29.93 21.52
N ALA A 455 32.60 29.73 20.48
CA ALA A 455 32.18 28.91 19.34
C ALA A 455 31.97 27.46 19.75
N LEU A 456 32.82 26.94 20.64
CA LEU A 456 32.62 25.61 21.18
C LEU A 456 31.30 25.51 21.93
N SER A 457 30.95 26.57 22.67
CA SER A 457 29.71 26.58 23.42
C SER A 457 28.49 26.61 22.51
N GLN A 458 28.57 27.35 21.41
CA GLN A 458 27.44 27.50 20.50
C GLN A 458 27.40 26.45 19.40
N SER A 459 28.42 25.60 19.29
CA SER A 459 28.44 24.61 18.23
C SER A 459 27.42 23.51 18.50
N ASN A 460 26.73 23.08 17.44
CA ASN A 460 25.82 21.94 17.50
C ASN A 460 26.31 20.89 16.53
N PRO A 461 27.00 19.84 17.01
CA PRO A 461 27.61 18.81 16.15
C PRO A 461 26.59 18.08 15.28
N PRO A 472 30.92 2.96 32.64
CA PRO A 472 30.44 3.04 34.02
C PRO A 472 30.98 4.26 34.77
N GLN A 473 30.10 4.95 35.48
CA GLN A 473 30.52 6.12 36.24
C GLN A 473 31.26 5.73 37.51
N VAL A 474 30.77 4.70 38.21
CA VAL A 474 31.34 4.34 39.50
C VAL A 474 32.74 3.77 39.33
N THR A 475 33.70 4.30 40.08
CA THR A 475 35.08 3.84 40.04
C THR A 475 35.32 2.88 41.21
N TRP A 476 36.53 2.33 41.26
CA TRP A 476 36.81 1.29 42.24
C TRP A 476 36.87 1.85 43.64
N GLU A 477 37.36 3.07 43.80
CA GLU A 477 37.53 3.65 45.14
C GLU A 477 36.19 3.79 45.85
N ASP A 478 35.10 3.81 45.10
CA ASP A 478 33.78 3.81 45.70
C ASP A 478 33.55 2.51 46.47
N ILE A 479 34.17 1.42 46.02
CA ILE A 479 34.06 0.13 46.71
C ILE A 479 35.07 0.07 47.85
N GLY A 480 34.68 -0.55 48.96
CA GLY A 480 35.59 -0.79 50.05
C GLY A 480 35.69 -2.25 50.43
N GLY A 481 36.91 -2.74 50.65
CA GLY A 481 37.13 -4.13 50.95
C GLY A 481 37.21 -4.98 49.71
N LEU A 482 37.16 -6.31 49.93
CA LEU A 482 37.16 -7.29 48.84
C LEU A 482 38.36 -7.11 47.91
N GLU A 483 39.53 -6.91 48.50
CA GLU A 483 40.71 -6.57 47.70
C GLU A 483 41.24 -7.79 46.95
N ASP A 484 41.03 -8.99 47.50
CA ASP A 484 41.46 -10.20 46.78
C ASP A 484 40.62 -10.41 45.53
N VAL A 485 39.30 -10.30 45.65
CA VAL A 485 38.43 -10.36 44.48
C VAL A 485 38.75 -9.21 43.53
N LYS A 486 39.06 -8.04 44.08
CA LYS A 486 39.51 -6.92 43.27
C LYS A 486 40.69 -7.30 42.40
N ARG A 487 41.74 -7.86 43.01
CA ARG A 487 42.94 -8.24 42.26
C ARG A 487 42.64 -9.33 41.24
N GLU A 488 41.84 -10.32 41.63
CA GLU A 488 41.53 -11.42 40.72
C GLU A 488 40.78 -10.91 39.49
N LEU A 489 39.77 -10.07 39.68
CA LEU A 489 39.06 -9.51 38.54
C LEU A 489 39.92 -8.57 37.72
N GLN A 490 40.82 -7.82 38.39
CA GLN A 490 41.80 -7.04 37.65
C GLN A 490 42.59 -7.92 36.70
N GLU A 491 43.16 -8.99 37.24
CA GLU A 491 43.97 -9.89 36.41
C GLU A 491 43.13 -10.51 35.31
N LEU A 492 41.85 -10.74 35.58
CA LEU A 492 40.99 -11.43 34.61
C LEU A 492 40.61 -10.53 33.44
N VAL A 493 40.30 -9.27 33.71
CA VAL A 493 39.74 -8.38 32.69
C VAL A 493 40.81 -7.49 32.05
N GLN A 494 41.72 -6.93 32.86
CA GLN A 494 42.66 -5.95 32.34
C GLN A 494 43.80 -6.61 31.55
N TYR A 495 44.24 -7.79 31.99
CA TYR A 495 45.40 -8.46 31.39
C TYR A 495 45.24 -8.76 29.90
N PRO A 496 44.11 -9.32 29.43
CA PRO A 496 44.03 -9.67 28.00
C PRO A 496 44.19 -8.47 27.08
N VAL A 497 43.71 -7.29 27.48
CA VAL A 497 43.84 -6.12 26.62
C VAL A 497 45.15 -5.39 26.91
N GLU A 498 45.59 -5.41 28.17
CA GLU A 498 46.84 -4.73 28.50
C GLU A 498 48.04 -5.54 28.03
N HIS A 499 47.93 -6.87 28.02
CA HIS A 499 48.99 -7.75 27.54
C HIS A 499 48.42 -8.84 26.63
N PRO A 500 47.95 -8.46 25.44
CA PRO A 500 47.60 -9.51 24.46
C PRO A 500 48.84 -10.20 23.89
N ASP A 501 49.96 -9.48 23.80
CA ASP A 501 51.18 -10.08 23.29
C ASP A 501 51.67 -11.19 24.22
N LYS A 502 51.52 -10.99 25.53
CA LYS A 502 51.89 -12.04 26.48
C LYS A 502 51.03 -13.29 26.28
N PHE A 503 49.72 -13.09 26.07
CA PHE A 503 48.84 -14.22 25.84
C PHE A 503 49.22 -14.97 24.58
N LEU A 504 49.54 -14.24 23.51
CA LEU A 504 49.97 -14.89 22.27
C LEU A 504 51.29 -15.64 22.47
N LYS A 505 52.23 -15.03 23.18
CA LYS A 505 53.52 -15.67 23.42
C LYS A 505 53.36 -16.96 24.22
N PHE A 506 52.52 -16.94 25.24
CA PHE A 506 52.22 -18.14 26.00
C PHE A 506 51.13 -18.99 25.37
N GLY A 507 50.48 -18.52 24.32
CA GLY A 507 49.59 -19.34 23.52
C GLY A 507 48.37 -19.89 24.23
N MET A 508 47.65 -19.05 24.96
CA MET A 508 46.43 -19.46 25.65
C MET A 508 45.32 -18.46 25.36
N THR A 509 44.08 -18.89 25.61
CA THR A 509 42.89 -18.06 25.42
C THR A 509 42.36 -17.59 26.77
N PRO A 510 42.15 -16.28 26.95
CA PRO A 510 41.75 -15.78 28.27
C PRO A 510 40.36 -16.26 28.67
N SER A 511 40.15 -16.35 29.99
CA SER A 511 38.82 -16.64 30.51
C SER A 511 37.89 -15.46 30.26
N LYS A 512 36.59 -15.75 30.16
CA LYS A 512 35.60 -14.72 29.90
C LYS A 512 34.37 -14.79 30.80
N GLY A 513 34.40 -15.63 31.83
CA GLY A 513 33.24 -15.76 32.70
C GLY A 513 33.54 -15.72 34.18
N VAL A 514 32.69 -15.04 34.95
CA VAL A 514 32.77 -15.01 36.40
C VAL A 514 31.37 -15.22 36.96
N LEU A 515 31.25 -16.08 37.98
CA LEU A 515 30.00 -16.25 38.69
C LEU A 515 30.15 -15.70 40.10
N PHE A 516 29.23 -14.82 40.49
CA PHE A 516 29.24 -14.16 41.79
C PHE A 516 28.06 -14.69 42.59
N TYR A 517 28.35 -15.35 43.71
CA TYR A 517 27.30 -15.76 44.64
C TYR A 517 27.73 -15.42 46.06
N GLY A 518 26.76 -15.10 46.91
CA GLY A 518 27.03 -14.79 48.29
C GLY A 518 25.76 -14.38 49.03
N PRO A 519 25.90 -14.03 50.31
CA PRO A 519 24.75 -13.52 51.05
C PRO A 519 24.32 -12.17 50.50
N PRO A 520 23.03 -11.84 50.61
CA PRO A 520 22.56 -10.56 50.06
C PRO A 520 23.23 -9.37 50.72
N GLY A 521 23.51 -8.35 49.92
CA GLY A 521 24.06 -7.11 50.40
C GLY A 521 25.57 -7.04 50.49
N CYS A 522 26.29 -8.07 50.08
CA CYS A 522 27.72 -8.11 50.26
C CYS A 522 28.49 -7.42 49.13
N GLY A 523 27.80 -7.00 48.07
CA GLY A 523 28.41 -6.20 47.04
C GLY A 523 28.72 -6.90 45.72
N LYS A 524 27.85 -7.82 45.26
CA LYS A 524 28.06 -8.43 43.95
C LYS A 524 27.76 -7.44 42.83
N THR A 525 26.70 -6.63 43.00
CA THR A 525 26.41 -5.59 42.01
C THR A 525 27.50 -4.52 42.02
N LEU A 526 28.01 -4.20 43.21
CA LEU A 526 29.03 -3.17 43.33
C LEU A 526 30.26 -3.49 42.50
N LEU A 527 30.79 -4.72 42.65
CA LEU A 527 31.99 -5.10 41.92
C LEU A 527 31.76 -5.01 40.41
N ALA A 528 30.62 -5.52 39.94
CA ALA A 528 30.34 -5.53 38.50
C ALA A 528 30.21 -4.11 37.96
N LYS A 529 29.70 -3.18 38.76
CA LYS A 529 29.55 -1.82 38.27
C LYS A 529 30.90 -1.15 38.02
N ALA A 530 31.96 -1.66 38.64
CA ALA A 530 33.28 -1.05 38.52
C ALA A 530 34.26 -1.88 37.69
N ILE A 531 33.94 -3.15 37.42
CA ILE A 531 34.84 -3.95 36.58
C ILE A 531 35.05 -3.28 35.23
N ALA A 532 33.98 -2.84 34.58
CA ALA A 532 34.12 -2.20 33.28
C ALA A 532 34.66 -0.78 33.40
N ASN A 533 34.45 -0.11 34.52
CA ASN A 533 35.07 1.19 34.73
C ASN A 533 36.59 1.06 34.78
N GLU A 534 37.10 -0.02 35.38
CA GLU A 534 38.54 -0.23 35.42
C GLU A 534 39.14 -0.30 34.03
N CYS A 535 38.57 -1.14 33.16
CA CYS A 535 39.13 -1.39 31.85
C CYS A 535 38.57 -0.48 30.77
N GLN A 536 37.70 0.46 31.12
CA GLN A 536 37.12 1.41 30.18
C GLN A 536 36.47 0.69 29.00
N ALA A 537 35.69 -0.34 29.32
CA ALA A 537 34.95 -1.11 28.33
C ALA A 537 33.46 -0.92 28.55
N ASN A 538 32.69 -1.02 27.47
CA ASN A 538 31.25 -0.80 27.55
C ASN A 538 30.61 -1.83 28.47
N PHE A 539 29.69 -1.38 29.31
CA PHE A 539 29.07 -2.21 30.34
C PHE A 539 27.57 -2.28 30.08
N ILE A 540 27.08 -3.44 29.69
CA ILE A 540 25.66 -3.68 29.48
C ILE A 540 25.17 -4.55 30.64
N SER A 541 24.32 -3.99 31.49
CA SER A 541 23.73 -4.72 32.60
C SER A 541 22.38 -5.26 32.17
N ILE A 542 22.34 -6.54 31.83
CA ILE A 542 21.11 -7.21 31.40
C ILE A 542 20.72 -8.20 32.47
N LYS A 543 19.45 -8.14 32.88
CA LYS A 543 18.99 -8.85 34.06
C LYS A 543 18.19 -10.07 33.64
N GLY A 544 17.94 -10.98 34.60
CA GLY A 544 17.26 -12.22 34.32
C GLY A 544 15.84 -12.07 33.80
N PRO A 545 14.88 -11.64 34.63
CA PRO A 545 13.48 -11.66 34.20
C PRO A 545 13.20 -10.71 33.05
N GLU A 546 14.08 -9.75 32.78
CA GLU A 546 13.81 -8.75 31.75
C GLU A 546 13.73 -9.38 30.37
N LEU A 547 14.57 -10.38 30.10
CA LEU A 547 14.58 -11.00 28.78
C LEU A 547 13.33 -11.83 28.54
N LEU A 548 12.84 -12.51 29.57
CA LEU A 548 11.73 -13.44 29.42
C LEU A 548 10.48 -12.72 28.91
N THR A 549 9.82 -13.32 27.92
CA THR A 549 8.65 -12.74 27.30
C THR A 549 7.56 -13.78 27.16
N MET A 550 6.30 -13.33 27.22
CA MET A 550 5.17 -14.24 27.10
C MET A 550 5.07 -14.85 25.71
N TRP A 551 5.68 -14.20 24.71
CA TRP A 551 5.55 -14.70 23.35
C TRP A 551 6.49 -15.88 23.12
N PHE A 552 6.23 -16.62 22.04
CA PHE A 552 6.85 -17.93 21.86
C PHE A 552 8.36 -17.81 21.71
N GLY A 553 8.82 -17.18 20.62
CA GLY A 553 10.25 -17.10 20.39
C GLY A 553 10.85 -15.76 20.74
N GLU A 554 10.11 -14.97 21.52
CA GLU A 554 10.55 -13.61 21.81
C GLU A 554 11.71 -13.58 22.80
N SER A 555 11.66 -14.40 23.84
CA SER A 555 12.70 -14.37 24.86
C SER A 555 14.03 -14.84 24.30
N GLU A 556 14.02 -15.87 23.44
CA GLU A 556 15.26 -16.34 22.85
C GLU A 556 15.83 -15.32 21.87
N ALA A 557 14.95 -14.64 21.14
CA ALA A 557 15.41 -13.56 20.28
C ALA A 557 16.01 -12.42 21.11
N ASN A 558 15.42 -12.14 22.27
CA ASN A 558 16.00 -11.14 23.16
C ASN A 558 17.39 -11.53 23.63
N VAL A 559 17.56 -12.80 23.99
CA VAL A 559 18.88 -13.28 24.40
C VAL A 559 19.87 -13.14 23.25
N ARG A 560 19.46 -13.52 22.05
CA ARG A 560 20.35 -13.40 20.89
C ARG A 560 20.72 -11.96 20.62
N GLU A 561 19.77 -11.03 20.73
CA GLU A 561 20.11 -9.62 20.52
C GLU A 561 21.03 -9.11 21.62
N ILE A 562 20.84 -9.55 22.86
CA ILE A 562 21.73 -9.13 23.93
C ILE A 562 23.15 -9.56 23.64
N PHE A 563 23.34 -10.82 23.26
CA PHE A 563 24.70 -11.30 23.00
C PHE A 563 25.27 -10.66 21.73
N ASP A 564 24.43 -10.40 20.74
CA ASP A 564 24.91 -9.71 19.54
C ASP A 564 25.36 -8.30 19.86
N LYS A 565 24.58 -7.57 20.67
CA LYS A 565 24.96 -6.23 21.06
C LYS A 565 26.25 -6.23 21.87
N ALA A 566 26.43 -7.23 22.75
CA ALA A 566 27.68 -7.36 23.46
C ALA A 566 28.84 -7.61 22.51
N ARG A 567 28.62 -8.43 21.48
CA ARG A 567 29.67 -8.67 20.49
C ARG A 567 30.02 -7.40 19.73
N GLN A 568 29.00 -6.59 19.40
CA GLN A 568 29.26 -5.32 18.72
C GLN A 568 30.07 -4.38 19.58
N ALA A 569 29.74 -4.29 20.87
CA ALA A 569 30.41 -3.36 21.76
C ALA A 569 31.79 -3.84 22.21
N ALA A 570 32.34 -4.87 21.56
CA ALA A 570 33.62 -5.45 21.95
C ALA A 570 34.74 -4.42 21.81
N PRO A 571 35.61 -4.26 22.82
CA PRO A 571 35.58 -4.96 24.11
C PRO A 571 34.45 -4.50 25.02
N CYS A 572 33.68 -5.45 25.54
CA CYS A 572 32.50 -5.15 26.35
C CYS A 572 32.48 -6.07 27.55
N VAL A 573 31.86 -5.59 28.62
CA VAL A 573 31.60 -6.38 29.82
C VAL A 573 30.10 -6.48 30.01
N LEU A 574 29.58 -7.70 30.04
CA LEU A 574 28.14 -7.93 30.14
C LEU A 574 27.84 -8.54 31.50
N PHE A 575 26.85 -7.98 32.18
CA PHE A 575 26.52 -8.36 33.55
C PHE A 575 25.13 -8.97 33.59
N PHE A 576 25.04 -10.21 34.07
CA PHE A 576 23.77 -10.86 34.37
C PHE A 576 23.46 -10.69 35.84
N ASP A 577 22.44 -9.90 36.14
CA ASP A 577 22.02 -9.66 37.52
C ASP A 577 20.95 -10.68 37.91
N GLN A 578 21.17 -11.33 39.05
CA GLN A 578 20.25 -12.35 39.55
C GLN A 578 20.08 -13.45 38.52
N LEU A 579 21.19 -14.15 38.25
CA LEU A 579 21.21 -15.16 37.19
C LEU A 579 20.24 -16.30 37.46
N ASP A 580 19.94 -16.58 38.73
CA ASP A 580 19.08 -17.72 39.05
C ASP A 580 17.68 -17.54 38.50
N SER A 581 17.28 -16.29 38.23
CA SER A 581 15.95 -16.03 37.67
C SER A 581 15.82 -16.59 36.26
N ILE A 582 16.87 -16.43 35.44
CA ILE A 582 16.77 -16.77 34.03
C ILE A 582 17.31 -18.17 33.76
N ALA A 583 18.31 -18.60 34.52
CA ALA A 583 18.94 -19.90 34.33
C ALA A 583 18.67 -20.79 35.53
N LYS A 584 18.11 -21.97 35.28
CA LYS A 584 17.91 -22.98 36.30
C LYS A 584 18.18 -24.36 35.72
N ALA A 585 18.14 -25.37 36.58
CA ALA A 585 18.30 -26.74 36.12
C ALA A 585 17.14 -27.13 35.22
N ARG A 586 17.45 -27.44 33.95
CA ARG A 586 16.40 -27.71 32.97
C ARG A 586 15.61 -28.97 33.33
N GLY A 587 16.31 -30.02 33.77
CA GLY A 587 15.64 -31.27 34.06
C GLY A 587 14.69 -31.17 35.25
N GLY A 588 15.06 -30.38 36.26
CA GLY A 588 14.27 -30.32 37.48
C GLY A 588 12.88 -29.77 37.25
N ASN A 589 12.76 -28.75 36.41
CA ASN A 589 11.48 -28.08 36.16
C ASN A 589 10.70 -28.86 35.11
N ILE A 590 9.42 -29.08 35.37
CA ILE A 590 8.54 -29.79 34.45
C ILE A 590 7.23 -29.03 34.23
N GLY A 591 7.18 -27.74 34.58
CA GLY A 591 5.96 -26.98 34.41
C GLY A 591 5.67 -26.66 32.95
N ASP A 592 4.46 -26.16 32.72
CA ASP A 592 4.08 -25.74 31.37
C ASP A 592 4.92 -24.59 30.89
N GLY A 593 5.21 -23.62 31.77
CA GLY A 593 6.12 -22.55 31.40
C GLY A 593 7.58 -22.97 31.49
N GLY A 594 7.83 -24.19 31.97
CA GLY A 594 9.20 -24.65 32.10
C GLY A 594 9.91 -24.77 30.76
N GLY A 595 9.18 -25.16 29.71
CA GLY A 595 9.81 -25.35 28.41
C GLY A 595 10.41 -24.06 27.86
N ALA A 596 9.72 -22.94 28.06
CA ALA A 596 10.28 -21.65 27.63
C ALA A 596 11.57 -21.34 28.36
N ALA A 597 11.61 -21.62 29.68
CA ALA A 597 12.84 -21.40 30.44
C ALA A 597 13.97 -22.29 29.94
N ASP A 598 13.66 -23.55 29.63
CA ASP A 598 14.69 -24.45 29.13
C ASP A 598 15.22 -23.99 27.77
N ARG A 599 14.34 -23.49 26.90
CA ARG A 599 14.81 -22.95 25.64
C ARG A 599 15.65 -21.68 25.83
N VAL A 600 15.29 -20.84 26.81
CA VAL A 600 16.12 -19.69 27.12
C VAL A 600 17.52 -20.14 27.56
N ILE A 601 17.58 -21.16 28.42
CA ILE A 601 18.87 -21.66 28.88
C ILE A 601 19.68 -22.22 27.73
N ASN A 602 19.00 -22.95 26.82
CA ASN A 602 19.70 -23.50 25.66
C ASN A 602 20.28 -22.39 24.79
N GLN A 603 19.51 -21.32 24.58
CA GLN A 603 20.02 -20.21 23.78
C GLN A 603 21.21 -19.54 24.46
N ILE A 604 21.15 -19.39 25.79
CA ILE A 604 22.26 -18.81 26.53
C ILE A 604 23.51 -19.67 26.38
N LEU A 605 23.36 -20.99 26.48
CA LEU A 605 24.50 -21.89 26.32
C LEU A 605 25.11 -21.76 24.93
N THR A 606 24.26 -21.73 23.90
CA THR A 606 24.76 -21.62 22.53
C THR A 606 25.50 -20.30 22.33
N GLU A 607 24.96 -19.21 22.87
CA GLU A 607 25.62 -17.92 22.74
C GLU A 607 26.95 -17.90 23.48
N MET A 608 27.00 -18.49 24.67
CA MET A 608 28.23 -18.47 25.45
C MET A 608 29.32 -19.32 24.81
N ASP A 609 29.10 -20.62 24.68
CA ASP A 609 30.04 -21.48 23.95
C ASP A 609 29.38 -22.00 22.69
N GLY A 610 30.06 -21.80 21.56
CA GLY A 610 29.54 -22.30 20.30
C GLY A 610 30.54 -22.03 19.20
N MET A 611 30.01 -22.09 17.99
CA MET A 611 30.83 -21.90 16.79
C MET A 611 31.17 -20.43 16.58
N SER A 612 30.41 -19.52 17.17
CA SER A 612 30.83 -18.12 17.22
C SER A 612 31.73 -17.89 18.42
N THR A 613 32.81 -17.14 18.22
CA THR A 613 33.74 -16.79 19.29
C THR A 613 33.78 -15.28 19.46
N LYS A 614 33.47 -14.83 20.68
CA LYS A 614 33.51 -13.40 20.98
C LYS A 614 34.94 -12.95 21.26
N LYS A 615 35.21 -11.68 21.00
CA LYS A 615 36.52 -11.09 21.24
C LYS A 615 36.41 -10.07 22.38
N ASN A 616 37.09 -10.35 23.48
CA ASN A 616 37.10 -9.46 24.65
C ASN A 616 35.70 -9.13 25.13
N VAL A 617 34.83 -10.13 25.19
CA VAL A 617 33.52 -10.01 25.80
C VAL A 617 33.49 -10.87 27.04
N PHE A 618 33.31 -10.24 28.20
CA PHE A 618 33.43 -10.90 29.49
C PHE A 618 32.06 -10.94 30.14
N ILE A 619 31.66 -12.13 30.60
CA ILE A 619 30.35 -12.36 31.19
C ILE A 619 30.52 -12.42 32.69
N ILE A 620 29.87 -11.50 33.40
CA ILE A 620 29.85 -11.49 34.86
C ILE A 620 28.45 -11.88 35.30
N GLY A 621 28.35 -12.95 36.08
CA GLY A 621 27.06 -13.40 36.54
C GLY A 621 26.93 -13.39 38.04
N ALA A 622 25.99 -12.61 38.56
CA ALA A 622 25.77 -12.49 39.99
C ALA A 622 24.43 -13.16 40.33
N THR A 623 24.46 -14.11 41.25
CA THR A 623 23.27 -14.85 41.66
C THR A 623 23.19 -14.86 43.17
N ASN A 624 21.97 -14.79 43.71
CA ASN A 624 21.80 -14.85 45.16
C ASN A 624 21.83 -16.28 45.66
N ARG A 625 21.05 -17.16 45.05
CA ARG A 625 21.01 -18.58 45.42
C ARG A 625 21.55 -19.40 44.26
N PRO A 626 22.78 -19.93 44.37
CA PRO A 626 23.39 -20.64 43.24
C PRO A 626 23.21 -22.15 43.28
N ASP A 627 22.51 -22.69 44.28
CA ASP A 627 22.35 -24.14 44.37
C ASP A 627 21.47 -24.69 43.26
N ILE A 628 20.69 -23.82 42.61
CA ILE A 628 19.70 -24.27 41.63
C ILE A 628 20.13 -24.09 40.19
N ILE A 629 21.09 -23.20 39.91
CA ILE A 629 21.37 -22.84 38.53
C ILE A 629 22.02 -24.00 37.79
N ASP A 630 21.93 -23.96 36.46
CA ASP A 630 22.27 -25.10 35.62
C ASP A 630 23.75 -25.44 35.76
N PRO A 631 24.10 -26.73 35.90
CA PRO A 631 25.52 -27.11 35.81
C PRO A 631 26.15 -26.79 34.47
N ALA A 632 25.36 -26.81 33.39
CA ALA A 632 25.90 -26.48 32.07
C ALA A 632 26.38 -25.04 32.03
N ILE A 633 25.75 -24.15 32.81
CA ILE A 633 26.27 -22.81 32.99
C ILE A 633 27.61 -22.85 33.72
N LEU A 634 27.76 -23.79 34.65
CA LEU A 634 28.88 -23.74 35.59
C LEU A 634 30.12 -24.43 35.03
N ARG A 635 30.01 -25.11 33.90
CA ARG A 635 31.18 -25.77 33.34
C ARG A 635 32.19 -24.72 32.87
N PRO A 636 33.48 -25.00 32.97
CA PRO A 636 34.48 -24.04 32.50
C PRO A 636 34.34 -23.78 31.01
N GLY A 637 34.61 -22.53 30.63
CA GLY A 637 34.38 -22.05 29.29
C GLY A 637 33.19 -21.12 29.16
N ARG A 638 32.26 -21.18 30.11
CA ARG A 638 31.15 -20.22 30.16
C ARG A 638 31.25 -19.31 31.37
N LEU A 639 31.35 -19.88 32.57
CA LEU A 639 31.55 -19.11 33.80
C LEU A 639 32.67 -19.80 34.58
N ASP A 640 33.78 -20.05 33.89
CA ASP A 640 34.84 -20.90 34.42
C ASP A 640 35.38 -20.37 35.75
N GLN A 641 35.69 -19.09 35.81
CA GLN A 641 36.14 -18.51 37.06
C GLN A 641 34.94 -18.31 37.98
N LEU A 642 34.96 -18.93 39.15
CA LEU A 642 33.85 -18.88 40.08
C LEU A 642 34.31 -18.20 41.36
N ILE A 643 33.56 -17.19 41.80
CA ILE A 643 33.94 -16.35 42.93
C ILE A 643 32.80 -16.34 43.94
N TYR A 644 33.15 -16.53 45.21
CA TYR A 644 32.21 -16.43 46.31
C TYR A 644 32.52 -15.17 47.11
N ILE A 645 31.50 -14.36 47.37
CA ILE A 645 31.64 -13.14 48.16
C ILE A 645 31.19 -13.47 49.58
N PRO A 646 32.11 -13.80 50.49
CA PRO A 646 31.71 -14.26 51.82
C PRO A 646 31.40 -13.10 52.74
N LEU A 647 30.92 -13.45 53.94
CA LEU A 647 30.62 -12.44 54.94
C LEU A 647 31.90 -11.72 55.36
N PRO A 648 31.93 -10.39 55.33
CA PRO A 648 33.20 -9.68 55.51
C PRO A 648 33.80 -9.91 56.89
N ASP A 649 35.13 -9.93 56.94
CA ASP A 649 35.89 -10.13 58.16
C ASP A 649 36.02 -8.80 58.91
N GLU A 650 36.63 -8.86 60.10
CA GLU A 650 36.78 -7.66 60.92
C GLU A 650 37.54 -6.56 60.18
N LYS A 651 38.67 -6.90 59.58
CA LYS A 651 39.41 -5.91 58.79
C LYS A 651 38.61 -5.46 57.58
N SER A 652 37.90 -6.40 56.94
CA SER A 652 37.03 -6.03 55.82
C SER A 652 35.91 -5.11 56.28
N ARG A 653 35.34 -5.36 57.46
CA ARG A 653 34.28 -4.48 57.95
C ARG A 653 34.82 -3.10 58.30
N VAL A 654 36.05 -3.03 58.82
CA VAL A 654 36.67 -1.73 59.04
C VAL A 654 36.82 -0.99 57.72
N ALA A 655 37.25 -1.70 56.68
CA ALA A 655 37.36 -1.08 55.36
C ALA A 655 36.00 -0.60 54.85
N ILE A 656 34.95 -1.40 55.07
CA ILE A 656 33.60 -1.02 54.63
C ILE A 656 33.15 0.24 55.36
N LEU A 657 33.37 0.29 56.67
CA LEU A 657 33.00 1.47 57.45
C LEU A 657 33.75 2.71 56.96
N LYS A 658 35.05 2.57 56.70
CA LYS A 658 35.83 3.71 56.20
C LYS A 658 35.30 4.16 54.83
N ALA A 659 34.98 3.20 53.96
CA ALA A 659 34.49 3.54 52.62
C ALA A 659 33.16 4.25 52.69
N ASN A 660 32.29 3.83 53.61
CA ASN A 660 30.99 4.51 53.75
C ASN A 660 31.16 5.89 54.38
N LEU A 661 32.08 6.03 55.33
CA LEU A 661 32.23 7.29 56.06
C LEU A 661 33.22 8.24 55.42
N ARG A 662 33.77 7.90 54.25
CA ARG A 662 34.76 8.77 53.62
C ARG A 662 34.19 10.15 53.31
N LYS A 663 32.98 10.20 52.76
CA LYS A 663 32.47 11.44 52.20
C LYS A 663 32.11 12.45 53.29
N SER A 664 31.70 11.97 54.46
CA SER A 664 31.21 12.85 55.50
C SER A 664 32.13 12.86 56.72
N PRO A 665 32.21 13.98 57.42
CA PRO A 665 33.08 14.04 58.62
C PRO A 665 32.42 13.37 59.82
N VAL A 666 33.24 12.72 60.63
CA VAL A 666 32.78 12.05 61.84
C VAL A 666 33.72 12.43 62.99
N ALA A 667 33.18 12.35 64.21
CA ALA A 667 33.95 12.69 65.39
C ALA A 667 35.06 11.67 65.63
N LYS A 668 36.15 12.12 66.22
CA LYS A 668 37.30 11.24 66.46
C LYS A 668 37.00 10.24 67.57
N ASP A 669 35.92 10.46 68.33
CA ASP A 669 35.63 9.61 69.48
C ASP A 669 35.10 8.25 69.06
N VAL A 670 34.48 8.15 67.88
CA VAL A 670 33.93 6.86 67.45
C VAL A 670 35.06 5.92 67.09
N ASP A 671 34.89 4.65 67.46
CA ASP A 671 35.90 3.62 67.25
C ASP A 671 35.36 2.58 66.28
N LEU A 672 35.90 2.55 65.05
CA LEU A 672 35.43 1.61 64.06
C LEU A 672 35.88 0.20 64.38
N GLU A 673 37.00 0.05 65.09
CA GLU A 673 37.55 -1.27 65.37
C GLU A 673 36.60 -2.08 66.25
N PHE A 674 36.10 -1.47 67.32
CA PHE A 674 35.11 -2.15 68.15
C PHE A 674 33.79 -2.33 67.39
N LEU A 675 33.49 -1.43 66.46
CA LEU A 675 32.31 -1.61 65.61
C LEU A 675 32.41 -2.92 64.85
N ALA A 676 33.56 -3.18 64.24
CA ALA A 676 33.76 -4.43 63.54
C ALA A 676 33.80 -5.61 64.51
N LYS A 677 34.27 -5.38 65.73
CA LYS A 677 34.26 -6.44 66.74
C LYS A 677 32.83 -6.89 67.05
N MET A 678 31.92 -5.94 67.23
CA MET A 678 30.54 -6.29 67.52
C MET A 678 29.85 -6.92 66.33
N THR A 679 30.08 -6.38 65.13
CA THR A 679 29.35 -6.81 63.93
C THR A 679 29.95 -8.08 63.34
N ASN A 680 29.84 -9.17 64.11
CA ASN A 680 30.37 -10.45 63.65
C ASN A 680 29.58 -11.01 62.47
N GLY A 681 28.26 -10.99 62.57
CA GLY A 681 27.40 -11.52 61.51
C GLY A 681 26.87 -10.50 60.54
N PHE A 682 26.87 -9.23 60.91
CA PHE A 682 26.41 -8.16 60.05
C PHE A 682 27.17 -8.16 58.73
N SER A 683 26.44 -7.91 57.63
CA SER A 683 27.04 -7.78 56.32
C SER A 683 27.36 -6.31 56.03
N GLY A 684 27.94 -6.06 54.85
CA GLY A 684 28.29 -4.71 54.48
C GLY A 684 27.08 -3.78 54.39
N ALA A 685 25.94 -4.32 53.92
CA ALA A 685 24.73 -3.52 53.86
C ALA A 685 24.25 -3.13 55.25
N ASP A 686 24.53 -3.98 56.25
CA ASP A 686 24.18 -3.62 57.62
C ASP A 686 25.04 -2.47 58.13
N LEU A 687 26.33 -2.47 57.77
CA LEU A 687 27.19 -1.36 58.12
C LEU A 687 26.73 -0.08 57.41
N THR A 688 26.21 -0.23 56.19
CA THR A 688 25.59 0.90 55.51
C THR A 688 24.36 1.39 56.26
N GLU A 689 23.54 0.47 56.80
CA GLU A 689 22.45 0.88 57.68
C GLU A 689 22.98 1.74 58.81
N ILE A 690 24.06 1.29 59.46
CA ILE A 690 24.60 2.01 60.60
C ILE A 690 25.00 3.42 60.19
N CYS A 691 25.78 3.54 59.13
CA CYS A 691 26.26 4.85 58.69
C CYS A 691 25.11 5.75 58.27
N GLN A 692 24.13 5.20 57.55
CA GLN A 692 23.01 5.99 57.06
C GLN A 692 22.18 6.54 58.21
N ARG A 693 21.85 5.69 59.19
CA ARG A 693 21.06 6.15 60.32
C ARG A 693 21.84 7.16 61.15
N ALA A 694 23.15 6.97 61.28
CA ALA A 694 23.97 7.94 61.99
C ALA A 694 23.93 9.30 61.30
N CYS A 695 24.05 9.32 59.98
CA CYS A 695 23.99 10.58 59.24
C CYS A 695 22.61 11.23 59.40
N LYS A 696 21.55 10.42 59.35
CA LYS A 696 20.20 10.96 59.52
C LYS A 696 20.04 11.63 60.87
N LEU A 697 20.43 10.94 61.94
CA LEU A 697 20.28 11.51 63.28
C LEU A 697 21.12 12.76 63.44
N ALA A 698 22.36 12.73 62.96
CA ALA A 698 23.22 13.91 63.08
C ALA A 698 22.63 15.10 62.35
N ILE A 699 22.10 14.89 61.14
CA ILE A 699 21.56 16.00 60.37
C ILE A 699 20.28 16.52 61.00
N ARG A 700 19.46 15.65 61.60
CA ARG A 700 18.25 16.13 62.27
C ARG A 700 18.62 16.98 63.48
N GLU A 701 19.66 16.57 64.23
CA GLU A 701 20.05 17.38 65.38
C GLU A 701 20.70 18.68 64.94
N SER A 702 21.38 18.70 63.80
CA SER A 702 21.86 19.96 63.25
C SER A 702 20.71 20.88 62.88
N ILE A 703 19.65 20.32 62.28
CA ILE A 703 18.45 21.10 62.02
C ILE A 703 17.90 21.68 63.32
N GLU A 704 17.80 20.84 64.35
CA GLU A 704 17.24 21.31 65.61
C GLU A 704 18.08 22.44 66.21
N SER A 705 19.40 22.30 66.16
CA SER A 705 20.29 23.33 66.68
C SER A 705 20.09 24.64 65.94
N GLU A 706 20.10 24.59 64.61
CA GLU A 706 19.94 25.83 63.85
C GLU A 706 18.57 26.46 64.07
N ILE A 707 17.52 25.64 64.11
CA ILE A 707 16.16 26.15 64.31
C ILE A 707 16.03 26.80 65.68
N ARG A 708 16.56 26.14 66.72
CA ARG A 708 16.40 26.66 68.07
C ARG A 708 17.25 27.90 68.28
N ARG A 709 18.41 27.98 67.62
CA ARG A 709 19.22 29.20 67.71
C ARG A 709 18.53 30.35 66.98
N GLU A 710 17.88 30.08 65.85
CA GLU A 710 17.18 31.13 65.13
C GLU A 710 15.94 31.60 65.87
N ARG A 711 15.27 30.70 66.59
CA ARG A 711 14.00 31.06 67.21
C ARG A 711 14.18 32.03 68.38
N GLU A 712 15.27 31.87 69.13
CA GLU A 712 15.40 32.63 70.38
C GLU A 712 15.62 34.12 70.11
N ARG A 713 16.26 34.47 68.99
CA ARG A 713 16.57 35.87 68.72
C ARG A 713 15.32 36.69 68.47
N GLN A 714 14.30 36.09 67.85
CA GLN A 714 13.07 36.81 67.53
C GLN A 714 12.09 36.74 68.70
N PRO A 727 25.21 24.28 64.88
CA PRO A 727 25.16 22.93 64.30
C PRO A 727 26.42 22.13 64.57
N VAL A 728 26.29 20.84 64.81
CA VAL A 728 27.40 19.94 65.07
C VAL A 728 27.77 19.25 63.76
N PRO A 729 28.95 19.52 63.19
CA PRO A 729 29.28 18.89 61.90
C PRO A 729 29.52 17.40 62.01
N GLU A 730 30.42 16.98 62.90
CA GLU A 730 30.78 15.57 62.96
C GLU A 730 29.67 14.75 63.60
N ILE A 731 29.51 13.51 63.13
CA ILE A 731 28.43 12.65 63.59
C ILE A 731 28.59 12.39 65.08
N ARG A 732 27.57 12.77 65.86
CA ARG A 732 27.70 12.74 67.30
C ARG A 732 27.64 11.31 67.83
N ARG A 733 28.14 11.15 69.07
CA ARG A 733 28.30 9.84 69.67
C ARG A 733 26.96 9.19 70.01
N ASP A 734 26.08 9.95 70.68
CA ASP A 734 24.80 9.39 71.11
C ASP A 734 23.92 9.04 69.91
N HIS A 735 23.96 9.87 68.87
CA HIS A 735 23.19 9.56 67.66
C HIS A 735 23.76 8.32 66.98
N PHE A 736 25.07 8.09 67.10
CA PHE A 736 25.63 6.87 66.56
C PHE A 736 25.15 5.66 67.33
N GLU A 737 25.05 5.79 68.66
CA GLU A 737 24.48 4.73 69.49
C GLU A 737 23.04 4.42 69.07
N GLU A 738 22.24 5.47 68.87
CA GLU A 738 20.86 5.27 68.40
C GLU A 738 20.85 4.58 67.04
N ALA A 739 21.76 5.01 66.15
CA ALA A 739 21.87 4.41 64.83
C ALA A 739 22.10 2.91 64.92
N MET A 740 23.00 2.48 65.82
CA MET A 740 23.27 1.06 65.89
C MET A 740 22.14 0.29 66.58
N ARG A 741 21.52 0.86 67.62
CA ARG A 741 20.41 0.15 68.26
C ARG A 741 19.24 0.01 67.30
N PHE A 742 19.16 0.90 66.31
CA PHE A 742 18.15 0.73 65.26
C PHE A 742 18.52 -0.40 64.30
N ALA A 743 19.82 -0.57 64.04
CA ALA A 743 20.25 -1.55 63.06
C ALA A 743 20.09 -2.97 63.57
N ARG A 744 19.89 -3.91 62.63
CA ARG A 744 19.77 -5.33 62.94
C ARG A 744 20.45 -6.13 61.84
N ARG A 745 20.28 -7.45 61.92
CA ARG A 745 20.82 -8.37 60.91
C ARG A 745 19.71 -8.72 59.92
N SER A 746 19.86 -8.24 58.68
CA SER A 746 18.92 -8.66 57.64
C SER A 746 19.21 -10.08 57.18
N VAL A 747 20.49 -10.43 57.03
CA VAL A 747 20.85 -11.76 56.56
C VAL A 747 20.77 -12.74 57.72
N SER A 748 19.95 -13.77 57.56
CA SER A 748 19.84 -14.82 58.55
C SER A 748 20.98 -15.81 58.38
N ASP A 749 21.21 -16.61 59.43
CA ASP A 749 22.34 -17.55 59.40
C ASP A 749 22.10 -18.67 58.41
N ASN A 750 20.84 -18.89 58.01
CA ASN A 750 20.53 -19.97 57.07
C ASN A 750 21.15 -19.71 55.71
N ASP A 751 21.14 -18.47 55.24
CA ASP A 751 21.75 -18.17 53.95
C ASP A 751 23.26 -18.33 54.02
N ILE A 752 23.87 -17.96 55.14
CA ILE A 752 25.30 -18.19 55.33
C ILE A 752 25.59 -19.69 55.30
N ARG A 753 24.71 -20.49 55.91
CA ARG A 753 24.89 -21.94 55.86
C ARG A 753 24.76 -22.47 54.44
N LYS A 754 23.83 -21.90 53.66
CA LYS A 754 23.69 -22.33 52.26
C LYS A 754 24.96 -22.01 51.47
N TYR A 755 25.50 -20.81 51.63
CA TYR A 755 26.74 -20.47 50.96
C TYR A 755 27.87 -21.39 51.41
N GLU A 756 27.92 -21.68 52.71
CA GLU A 756 28.96 -22.56 53.24
C GLU A 756 28.87 -23.95 52.64
N MET A 757 27.67 -24.51 52.54
CA MET A 757 27.54 -25.86 52.01
C MET A 757 27.86 -25.89 50.52
N PHE A 758 27.42 -24.86 49.78
CA PHE A 758 27.77 -24.82 48.36
C PHE A 758 29.27 -24.72 48.17
N ALA A 759 29.95 -23.90 48.98
CA ALA A 759 31.39 -23.79 48.89
C ALA A 759 32.07 -25.11 49.25
N GLN A 760 31.53 -25.81 50.25
CA GLN A 760 32.12 -27.08 50.65
C GLN A 760 31.99 -28.12 49.56
N THR A 761 30.88 -28.09 48.81
CA THR A 761 30.71 -29.03 47.71
C THR A 761 31.81 -28.87 46.67
N LEU A 762 32.18 -27.62 46.35
CA LEU A 762 33.21 -27.40 45.34
C LEU A 762 34.56 -27.93 45.80
N GLN A 763 34.89 -27.78 47.08
CA GLN A 763 36.13 -28.34 47.59
C GLN A 763 36.12 -29.85 47.54
N GLN A 764 34.93 -30.45 47.67
CA GLN A 764 34.84 -31.91 47.67
C GLN A 764 35.15 -32.48 46.29
N SER A 765 34.70 -31.82 45.22
CA SER A 765 34.92 -32.33 43.88
C SER A 765 36.41 -32.33 43.52
N ARG A 766 37.13 -31.28 43.92
CA ARG A 766 38.55 -31.21 43.65
C ARG A 766 39.31 -32.28 44.43
N GLY A 767 40.46 -32.68 43.90
CA GLY A 767 41.34 -33.58 44.62
C GLY A 767 41.80 -33.01 45.94
N PHE A 768 41.55 -33.75 47.03
CA PHE A 768 41.82 -33.23 48.35
C PHE A 768 43.32 -33.14 48.61
N GLY A 769 43.72 -32.09 49.33
CA GLY A 769 45.09 -31.92 49.75
C GLY A 769 45.87 -30.99 48.85
N SER A 770 47.17 -30.90 49.13
CA SER A 770 48.07 -30.03 48.40
C SER A 770 48.67 -30.82 47.24
N PHE A 771 48.61 -30.24 46.04
CA PHE A 771 48.99 -30.95 44.84
C PHE A 771 50.45 -30.69 44.51
N ARG A 772 51.30 -31.68 44.75
CA ARG A 772 52.74 -31.54 44.61
C ARG A 772 53.26 -32.54 43.58
N PHE A 773 54.00 -32.04 42.61
CA PHE A 773 54.61 -32.91 41.62
C PHE A 773 55.68 -33.78 42.28
N PRO A 774 55.79 -35.05 41.89
CA PRO A 774 56.81 -35.92 42.50
C PRO A 774 58.22 -35.40 42.22
N SER A 775 59.07 -35.48 43.24
CA SER A 775 60.46 -35.01 43.15
C SER A 775 60.55 -33.58 42.64
N PRO B 23 34.23 -37.67 -40.30
CA PRO B 23 35.52 -37.45 -40.97
C PRO B 23 35.77 -35.98 -41.28
N ASN B 24 34.69 -35.20 -41.43
CA ASN B 24 34.84 -33.78 -41.73
C ASN B 24 35.45 -33.03 -40.55
N ARG B 25 35.15 -33.46 -39.34
CA ARG B 25 35.70 -32.82 -38.15
C ARG B 25 37.20 -33.07 -38.04
N LEU B 26 37.96 -32.00 -37.79
CA LEU B 26 39.41 -32.02 -37.92
C LEU B 26 40.04 -31.37 -36.69
N ILE B 27 41.13 -31.96 -36.20
CA ILE B 27 41.87 -31.37 -35.10
C ILE B 27 42.82 -30.31 -35.65
N VAL B 28 42.82 -29.14 -34.99
CA VAL B 28 43.59 -28.01 -35.48
C VAL B 28 45.07 -28.23 -35.18
N ASP B 29 45.91 -28.05 -36.20
CA ASP B 29 47.34 -28.31 -36.12
C ASP B 29 48.12 -27.14 -36.72
N GLU B 30 49.38 -27.03 -36.31
CA GLU B 30 50.23 -25.94 -36.76
C GLU B 30 50.67 -26.13 -38.21
N ALA B 31 50.83 -25.01 -38.90
CA ALA B 31 51.33 -25.02 -40.27
C ALA B 31 52.85 -24.92 -40.28
N ILE B 32 53.45 -25.37 -41.37
CA ILE B 32 54.90 -25.40 -41.51
C ILE B 32 55.36 -24.28 -42.42
N ASN B 33 54.89 -24.29 -43.67
CA ASN B 33 55.17 -23.25 -44.64
C ASN B 33 53.90 -22.63 -45.21
N GLU B 34 52.73 -22.98 -44.66
CA GLU B 34 51.47 -22.60 -45.26
C GLU B 34 51.15 -21.13 -44.99
N ASP B 35 50.77 -20.43 -46.06
CA ASP B 35 50.33 -19.05 -45.93
C ASP B 35 48.83 -19.01 -45.66
N ASN B 36 48.22 -17.83 -45.79
CA ASN B 36 46.87 -17.62 -45.29
C ASN B 36 45.80 -18.33 -46.11
N SER B 37 46.14 -18.88 -47.28
CA SER B 37 45.13 -19.42 -48.17
C SER B 37 45.39 -20.86 -48.62
N VAL B 38 46.23 -21.61 -47.89
CA VAL B 38 46.47 -23.01 -48.22
C VAL B 38 46.33 -23.86 -46.97
N VAL B 39 45.76 -25.06 -47.15
CA VAL B 39 45.63 -26.05 -46.09
C VAL B 39 46.47 -27.26 -46.51
N SER B 40 47.14 -27.88 -45.54
CA SER B 40 47.92 -29.08 -45.79
C SER B 40 47.32 -30.25 -45.04
N LEU B 41 46.85 -31.24 -45.79
CA LEU B 41 46.13 -32.37 -45.23
C LEU B 41 46.71 -33.68 -45.74
N SER B 42 46.30 -34.77 -45.11
CA SER B 42 46.77 -36.10 -45.49
C SER B 42 46.11 -36.55 -46.80
N GLN B 43 46.94 -37.08 -47.71
CA GLN B 43 46.43 -37.60 -48.98
C GLN B 43 45.39 -38.70 -48.82
N PRO B 44 45.52 -39.67 -47.90
CA PRO B 44 44.45 -40.67 -47.76
C PRO B 44 43.09 -40.05 -47.49
N LYS B 45 43.03 -38.98 -46.70
CA LYS B 45 41.75 -38.32 -46.47
C LYS B 45 41.28 -37.57 -47.70
N MET B 46 42.22 -37.00 -48.47
CA MET B 46 41.86 -36.41 -49.76
C MET B 46 41.16 -37.43 -50.64
N ASP B 47 41.66 -38.66 -50.67
CA ASP B 47 40.96 -39.73 -51.36
C ASP B 47 39.62 -40.03 -50.68
N GLU B 48 39.59 -40.01 -49.35
CA GLU B 48 38.36 -40.30 -48.62
C GLU B 48 37.29 -39.23 -48.86
N LEU B 49 37.67 -37.96 -48.70
CA LEU B 49 36.73 -36.84 -48.86
C LEU B 49 36.53 -36.43 -50.31
N GLN B 50 37.23 -37.06 -51.25
CA GLN B 50 37.18 -36.71 -52.67
C GLN B 50 37.58 -35.26 -52.89
N LEU B 51 38.67 -34.84 -52.25
CA LEU B 51 39.20 -33.50 -52.41
C LEU B 51 40.52 -33.54 -53.18
N PHE B 52 40.58 -32.78 -54.26
CA PHE B 52 41.75 -32.75 -55.15
C PHE B 52 42.67 -31.61 -54.75
N ARG B 53 43.96 -31.75 -55.10
CA ARG B 53 44.92 -30.69 -54.84
C ARG B 53 44.59 -29.45 -55.65
N GLY B 54 44.78 -28.29 -55.04
CA GLY B 54 44.56 -27.01 -55.69
C GLY B 54 43.12 -26.55 -55.69
N ASP B 55 42.20 -27.37 -55.19
CA ASP B 55 40.80 -26.98 -55.15
C ASP B 55 40.57 -25.92 -54.09
N THR B 56 39.44 -25.22 -54.18
CA THR B 56 39.07 -24.25 -53.15
C THR B 56 38.10 -24.89 -52.16
N VAL B 57 38.39 -24.73 -50.87
CA VAL B 57 37.71 -25.47 -49.81
C VAL B 57 37.09 -24.49 -48.83
N LEU B 58 36.01 -24.94 -48.18
CA LEU B 58 35.25 -24.14 -47.24
C LEU B 58 35.43 -24.69 -45.84
N LEU B 59 35.80 -23.82 -44.90
CA LEU B 59 35.95 -24.18 -43.49
C LEU B 59 35.03 -23.30 -42.65
N LYS B 60 34.41 -23.90 -41.62
CA LYS B 60 33.57 -23.18 -40.68
C LYS B 60 34.07 -23.41 -39.27
N GLY B 61 34.06 -22.37 -38.45
CA GLY B 61 34.54 -22.46 -37.09
C GLY B 61 33.55 -21.96 -36.04
N LYS B 62 34.03 -21.78 -34.81
CA LYS B 62 33.16 -21.38 -33.71
C LYS B 62 32.64 -19.95 -33.92
N LYS B 63 31.40 -19.73 -33.50
CA LYS B 63 30.72 -18.44 -33.61
C LYS B 63 30.57 -17.99 -35.06
N ARG B 64 30.27 -18.95 -35.94
CA ARG B 64 29.83 -18.67 -37.30
C ARG B 64 30.87 -17.87 -38.08
N ARG B 65 32.02 -18.48 -38.31
CA ARG B 65 33.07 -17.90 -39.15
C ARG B 65 33.37 -18.85 -40.30
N GLU B 66 33.44 -18.32 -41.51
CA GLU B 66 33.66 -19.10 -42.71
C GLU B 66 34.97 -18.69 -43.38
N ALA B 67 35.66 -19.68 -43.94
CA ALA B 67 36.96 -19.46 -44.56
C ALA B 67 37.05 -20.25 -45.85
N VAL B 68 37.58 -19.60 -46.88
CA VAL B 68 37.82 -20.19 -48.19
C VAL B 68 39.32 -20.28 -48.40
N CYS B 69 39.81 -21.47 -48.71
CA CYS B 69 41.24 -21.72 -48.84
C CYS B 69 41.49 -22.66 -50.02
N ILE B 70 42.72 -22.62 -50.53
CA ILE B 70 43.16 -23.50 -51.59
C ILE B 70 43.77 -24.74 -50.96
N VAL B 71 43.16 -25.90 -51.23
CA VAL B 71 43.48 -27.13 -50.52
C VAL B 71 44.74 -27.74 -51.13
N LEU B 72 45.69 -28.11 -50.27
CA LEU B 72 46.95 -28.71 -50.64
C LEU B 72 47.17 -29.97 -49.82
N SER B 73 48.05 -30.84 -50.30
CA SER B 73 48.35 -32.10 -49.64
C SER B 73 49.74 -32.05 -49.02
N ASP B 74 49.91 -32.77 -47.92
CA ASP B 74 51.20 -32.86 -47.22
C ASP B 74 51.39 -34.28 -46.74
N ASP B 75 52.63 -34.76 -46.85
CA ASP B 75 52.96 -36.14 -46.44
C ASP B 75 53.14 -36.30 -44.95
N THR B 76 53.31 -35.21 -44.20
CA THR B 76 53.55 -35.29 -42.75
C THR B 76 52.31 -34.98 -41.93
N CYS B 77 51.16 -34.77 -42.56
CA CYS B 77 49.95 -34.42 -41.82
C CYS B 77 49.18 -35.68 -41.43
N SER B 78 48.74 -35.70 -40.18
CA SER B 78 47.95 -36.83 -39.68
C SER B 78 46.58 -36.87 -40.36
N ASP B 79 45.99 -38.06 -40.37
CA ASP B 79 44.72 -38.24 -41.07
C ASP B 79 43.62 -37.36 -40.51
N GLU B 80 43.54 -37.25 -39.19
CA GLU B 80 42.48 -36.50 -38.53
C GLU B 80 42.83 -35.04 -38.31
N LYS B 81 44.00 -34.60 -38.75
CA LYS B 81 44.51 -33.26 -38.45
C LYS B 81 44.55 -32.41 -39.70
N ILE B 82 44.49 -31.09 -39.48
CA ILE B 82 44.60 -30.10 -40.54
C ILE B 82 45.65 -29.08 -40.11
N ARG B 83 46.55 -28.72 -41.02
CA ARG B 83 47.60 -27.76 -40.74
C ARG B 83 47.18 -26.38 -41.22
N MET B 84 47.20 -25.40 -40.32
CA MET B 84 46.88 -24.01 -40.67
C MET B 84 47.71 -23.05 -39.86
N ASN B 85 47.92 -21.85 -40.42
CA ASN B 85 48.70 -20.81 -39.79
C ASN B 85 47.86 -20.04 -38.78
N ARG B 86 48.48 -19.04 -38.16
CA ARG B 86 47.84 -18.30 -37.08
C ARG B 86 46.69 -17.44 -37.59
N VAL B 87 46.84 -16.88 -38.80
CA VAL B 87 45.92 -15.83 -39.25
C VAL B 87 44.52 -16.39 -39.41
N VAL B 88 44.37 -17.54 -40.07
CA VAL B 88 43.05 -18.09 -40.30
C VAL B 88 42.44 -18.60 -39.01
N ARG B 89 43.25 -19.22 -38.15
CA ARG B 89 42.76 -19.64 -36.84
C ARG B 89 42.19 -18.45 -36.06
N ASN B 90 42.88 -17.30 -36.13
CA ASN B 90 42.35 -16.09 -35.54
C ASN B 90 41.06 -15.66 -36.25
N ASN B 91 41.01 -15.84 -37.57
CA ASN B 91 39.79 -15.59 -38.32
C ASN B 91 38.69 -16.58 -37.94
N LEU B 92 39.04 -17.87 -37.87
CA LEU B 92 38.08 -18.93 -37.62
C LEU B 92 37.74 -19.07 -36.14
N ARG B 93 38.39 -18.29 -35.28
CA ARG B 93 38.14 -18.28 -33.83
C ARG B 93 38.33 -19.68 -33.23
N VAL B 94 39.33 -20.40 -33.72
CA VAL B 94 39.63 -21.74 -33.24
C VAL B 94 41.11 -21.81 -32.87
N ARG B 95 41.40 -22.64 -31.88
CA ARG B 95 42.76 -22.81 -31.38
C ARG B 95 43.23 -24.23 -31.64
N LEU B 96 44.52 -24.46 -31.40
CA LEU B 96 45.11 -25.77 -31.64
C LEU B 96 44.47 -26.81 -30.73
N GLY B 97 43.91 -27.86 -31.34
CA GLY B 97 43.17 -28.88 -30.64
C GLY B 97 41.67 -28.79 -30.81
N ASP B 98 41.18 -27.68 -31.37
CA ASP B 98 39.74 -27.55 -31.61
C ASP B 98 39.33 -28.34 -32.85
N VAL B 99 38.04 -28.33 -33.13
CA VAL B 99 37.47 -29.10 -34.23
C VAL B 99 36.83 -28.17 -35.24
N ILE B 100 37.17 -28.37 -36.52
CA ILE B 100 36.66 -27.55 -37.61
C ILE B 100 36.04 -28.46 -38.66
N SER B 101 35.16 -27.87 -39.47
CA SER B 101 34.45 -28.59 -40.52
C SER B 101 35.04 -28.26 -41.88
N ILE B 102 35.20 -29.30 -42.71
CA ILE B 102 35.78 -29.17 -44.04
C ILE B 102 34.75 -29.64 -45.07
N GLN B 103 34.52 -28.80 -46.07
CA GLN B 103 33.56 -29.10 -47.13
C GLN B 103 34.05 -28.46 -48.43
N PRO B 104 33.65 -29.01 -49.58
CA PRO B 104 33.98 -28.35 -50.84
C PRO B 104 33.30 -26.99 -50.94
N CYS B 105 33.96 -26.08 -51.66
CA CYS B 105 33.45 -24.72 -51.88
C CYS B 105 33.44 -24.45 -53.38
N PRO B 106 32.46 -25.00 -54.11
CA PRO B 106 32.44 -24.82 -55.55
C PRO B 106 31.80 -23.50 -55.97
N ASP B 107 31.80 -23.29 -57.29
CA ASP B 107 31.07 -22.19 -57.94
C ASP B 107 31.59 -20.81 -57.53
N VAL B 108 32.83 -20.74 -57.04
CA VAL B 108 33.40 -19.46 -56.65
C VAL B 108 33.95 -18.77 -57.89
N LYS B 109 33.39 -17.61 -58.21
CA LYS B 109 33.75 -16.85 -59.41
C LYS B 109 34.84 -15.83 -59.09
N TYR B 110 35.32 -15.17 -60.14
CA TYR B 110 36.33 -14.14 -60.00
C TYR B 110 35.74 -12.88 -59.39
N GLY B 111 36.59 -12.12 -58.69
CA GLY B 111 36.12 -10.90 -58.06
C GLY B 111 36.07 -9.74 -59.03
N LYS B 112 35.01 -8.93 -58.91
CA LYS B 112 34.83 -7.73 -59.71
C LYS B 112 35.30 -6.48 -58.97
N ARG B 113 34.96 -6.37 -57.69
CA ARG B 113 35.34 -5.22 -56.88
C ARG B 113 35.27 -5.62 -55.42
N ILE B 114 36.41 -5.58 -54.74
CA ILE B 114 36.50 -5.98 -53.35
C ILE B 114 36.96 -4.78 -52.54
N HIS B 115 36.41 -4.64 -51.35
CA HIS B 115 36.72 -3.52 -50.45
C HIS B 115 37.45 -4.06 -49.24
N VAL B 116 38.63 -3.52 -48.97
CA VAL B 116 39.43 -3.91 -47.82
C VAL B 116 39.65 -2.68 -46.95
N LEU B 117 39.75 -2.92 -45.64
CA LEU B 117 39.95 -1.85 -44.67
C LEU B 117 40.88 -2.31 -43.56
N PRO B 118 41.89 -1.51 -43.23
CA PRO B 118 42.90 -1.96 -42.27
C PRO B 118 42.45 -1.78 -40.84
N ILE B 119 43.16 -2.46 -39.94
CA ILE B 119 42.91 -2.35 -38.51
C ILE B 119 43.59 -1.09 -38.01
N ASP B 120 42.95 -0.38 -37.08
CA ASP B 120 43.44 0.91 -36.63
C ASP B 120 44.82 0.81 -35.99
N ASP B 121 45.03 -0.20 -35.15
CA ASP B 121 46.29 -0.30 -34.42
C ASP B 121 47.43 -0.84 -35.28
N THR B 122 47.13 -1.44 -36.43
CA THR B 122 48.17 -1.92 -37.32
C THR B 122 48.71 -0.84 -38.26
N VAL B 123 47.97 0.25 -38.45
CA VAL B 123 48.38 1.33 -39.33
C VAL B 123 48.70 2.61 -38.57
N GLU B 124 48.90 2.53 -37.25
CA GLU B 124 49.28 3.71 -36.48
C GLU B 124 50.65 4.21 -36.91
N GLY B 125 50.69 5.44 -37.42
CA GLY B 125 51.93 6.04 -37.86
C GLY B 125 52.35 5.68 -39.27
N ILE B 126 51.61 4.83 -39.96
CA ILE B 126 51.90 4.45 -41.34
C ILE B 126 51.21 5.45 -42.24
N THR B 127 52.00 6.18 -43.03
CA THR B 127 51.50 7.18 -43.96
C THR B 127 51.75 6.82 -45.41
N GLY B 128 52.12 5.57 -45.69
CA GLY B 128 52.40 5.14 -47.04
C GLY B 128 51.15 4.77 -47.81
N ASN B 129 51.36 4.40 -49.07
CA ASN B 129 50.29 3.94 -49.94
C ASN B 129 49.97 2.49 -49.59
N LEU B 130 48.83 2.28 -48.93
CA LEU B 130 48.47 0.94 -48.52
C LEU B 130 48.35 -0.02 -49.70
N PHE B 131 47.70 0.44 -50.79
CA PHE B 131 47.47 -0.43 -51.94
C PHE B 131 48.79 -0.97 -52.50
N GLU B 132 49.63 -0.08 -53.03
CA GLU B 132 50.85 -0.54 -53.71
C GLU B 132 51.78 -1.28 -52.77
N VAL B 133 51.95 -0.78 -51.54
CA VAL B 133 52.92 -1.39 -50.64
C VAL B 133 52.45 -2.77 -50.18
N TYR B 134 51.16 -2.96 -49.94
CA TYR B 134 50.70 -4.18 -49.31
C TYR B 134 49.79 -5.05 -50.16
N LEU B 135 48.72 -4.50 -50.74
CA LEU B 135 47.75 -5.35 -51.42
C LEU B 135 48.27 -5.92 -52.74
N LYS B 136 48.92 -5.09 -53.56
CA LYS B 136 49.39 -5.59 -54.85
C LYS B 136 50.39 -6.73 -54.73
N PRO B 137 51.44 -6.65 -53.90
CA PRO B 137 52.32 -7.82 -53.76
C PRO B 137 51.60 -9.04 -53.24
N TYR B 138 50.59 -8.86 -52.39
CA TYR B 138 49.89 -10.01 -51.82
C TYR B 138 48.96 -10.65 -52.85
N PHE B 139 48.26 -9.83 -53.64
CA PHE B 139 47.30 -10.35 -54.61
C PHE B 139 47.87 -10.53 -56.00
N LEU B 140 49.18 -10.31 -56.19
CA LEU B 140 49.79 -10.45 -57.51
C LEU B 140 49.81 -11.89 -57.97
N GLU B 141 48.96 -12.22 -58.96
CA GLU B 141 48.98 -13.51 -59.66
C GLU B 141 48.90 -14.69 -58.70
N ALA B 142 48.16 -14.55 -57.59
CA ALA B 142 48.07 -15.60 -56.60
C ALA B 142 46.71 -16.30 -56.58
N TYR B 143 45.65 -15.63 -57.04
CA TYR B 143 44.30 -16.19 -57.07
C TYR B 143 43.88 -16.66 -55.68
N ARG B 144 44.10 -15.81 -54.69
CA ARG B 144 43.75 -16.14 -53.32
C ARG B 144 42.25 -16.04 -53.12
N PRO B 145 41.62 -17.03 -52.47
CA PRO B 145 40.19 -16.90 -52.15
C PRO B 145 39.99 -16.07 -50.90
N ILE B 146 38.93 -15.26 -50.91
CA ILE B 146 38.63 -14.35 -49.81
C ILE B 146 37.14 -14.42 -49.48
N ARG B 147 36.81 -13.92 -48.29
CA ARG B 147 35.43 -13.81 -47.84
C ARG B 147 35.21 -12.47 -47.16
N LYS B 148 33.95 -12.01 -47.17
CA LYS B 148 33.59 -10.78 -46.47
C LYS B 148 33.78 -10.94 -44.97
N GLY B 149 34.50 -10.00 -44.37
CA GLY B 149 34.85 -10.06 -42.96
C GLY B 149 36.18 -10.71 -42.66
N ASP B 150 36.88 -11.20 -43.68
CA ASP B 150 38.16 -11.87 -43.45
C ASP B 150 39.21 -10.87 -42.98
N ILE B 151 40.10 -11.34 -42.11
CA ILE B 151 41.27 -10.57 -41.67
C ILE B 151 42.50 -11.31 -42.15
N PHE B 152 43.31 -10.65 -42.99
CA PHE B 152 44.52 -11.24 -43.52
C PHE B 152 45.69 -10.30 -43.26
N LEU B 153 46.84 -10.88 -42.92
CA LEU B 153 48.03 -10.13 -42.55
C LEU B 153 49.00 -10.09 -43.72
N VAL B 154 49.44 -8.89 -44.08
CA VAL B 154 50.37 -8.68 -45.19
C VAL B 154 51.61 -7.99 -44.65
N ARG B 155 52.78 -8.50 -45.03
CA ARG B 155 54.05 -7.92 -44.62
C ARG B 155 54.49 -6.85 -45.61
N GLY B 156 55.36 -5.97 -45.15
CA GLY B 156 55.96 -4.96 -46.00
C GLY B 156 56.08 -3.64 -45.29
N GLY B 157 56.76 -2.70 -45.95
CA GLY B 157 56.89 -1.37 -45.42
C GLY B 157 57.67 -1.32 -44.12
N MET B 158 57.08 -0.68 -43.11
CA MET B 158 57.72 -0.55 -41.80
C MET B 158 57.11 -1.45 -40.74
N ARG B 159 55.93 -2.01 -41.00
CA ARG B 159 55.24 -2.85 -40.03
C ARG B 159 54.14 -3.62 -40.74
N ALA B 160 53.96 -4.88 -40.35
CA ALA B 160 52.92 -5.72 -40.95
C ALA B 160 51.55 -5.10 -40.73
N VAL B 161 50.73 -5.12 -41.77
CA VAL B 161 49.42 -4.46 -41.77
C VAL B 161 48.33 -5.49 -41.94
N GLU B 162 47.36 -5.48 -41.02
CA GLU B 162 46.16 -6.29 -41.15
C GLU B 162 45.10 -5.51 -41.91
N PHE B 163 44.22 -6.25 -42.58
CA PHE B 163 43.11 -5.66 -43.31
C PHE B 163 41.82 -6.40 -42.98
N LYS B 164 40.70 -5.69 -43.09
CA LYS B 164 39.39 -6.30 -42.97
C LYS B 164 38.66 -6.17 -44.30
N VAL B 165 38.20 -7.30 -44.83
CA VAL B 165 37.48 -7.32 -46.11
C VAL B 165 36.02 -6.99 -45.81
N VAL B 166 35.54 -5.88 -46.36
CA VAL B 166 34.20 -5.40 -46.00
C VAL B 166 33.19 -5.59 -47.13
N GLU B 167 33.62 -5.62 -48.38
CA GLU B 167 32.72 -5.87 -49.49
C GLU B 167 33.39 -6.77 -50.51
N THR B 168 32.65 -7.77 -50.98
CA THR B 168 33.12 -8.66 -52.03
C THR B 168 32.10 -8.72 -53.14
N ASP B 169 32.56 -8.52 -54.36
CA ASP B 169 31.70 -8.63 -55.54
C ASP B 169 32.25 -9.72 -56.45
N PRO B 170 31.64 -10.92 -56.48
CA PRO B 170 30.42 -11.30 -55.76
C PRO B 170 30.63 -11.63 -54.28
N SER B 171 29.54 -11.73 -53.54
CA SER B 171 29.54 -11.98 -52.11
C SER B 171 28.85 -13.29 -51.79
N PRO B 172 29.27 -13.99 -50.73
CA PRO B 172 30.40 -13.66 -49.84
C PRO B 172 31.73 -14.24 -50.29
N TYR B 173 31.74 -14.98 -51.39
CA TYR B 173 32.94 -15.65 -51.87
C TYR B 173 33.31 -15.14 -53.26
N CYS B 174 34.62 -15.02 -53.49
CA CYS B 174 35.14 -14.67 -54.80
C CYS B 174 36.62 -15.03 -54.84
N ILE B 175 37.12 -15.29 -56.03
CA ILE B 175 38.53 -15.54 -56.27
C ILE B 175 39.16 -14.26 -56.80
N VAL B 176 40.24 -13.82 -56.15
CA VAL B 176 40.87 -12.55 -56.51
C VAL B 176 41.71 -12.80 -57.75
N ALA B 177 41.14 -12.49 -58.90
CA ALA B 177 41.81 -12.55 -60.19
C ALA B 177 42.60 -11.27 -60.42
N PRO B 178 43.55 -11.29 -61.36
CA PRO B 178 44.31 -10.05 -61.64
C PRO B 178 43.45 -8.87 -62.02
N ASP B 179 42.32 -9.09 -62.69
CA ASP B 179 41.45 -8.00 -63.11
C ASP B 179 40.59 -7.44 -61.99
N THR B 180 40.59 -8.10 -60.83
CA THR B 180 39.75 -7.65 -59.72
C THR B 180 40.19 -6.28 -59.24
N VAL B 181 39.32 -5.28 -59.40
CA VAL B 181 39.61 -3.93 -58.96
C VAL B 181 39.58 -3.90 -57.43
N ILE B 182 40.74 -3.68 -56.83
CA ILE B 182 40.89 -3.68 -55.37
C ILE B 182 41.08 -2.26 -54.90
N HIS B 183 40.18 -1.80 -54.04
CA HIS B 183 40.23 -0.46 -53.47
C HIS B 183 40.21 -0.56 -51.95
N CYS B 184 41.14 0.15 -51.32
CA CYS B 184 41.32 0.09 -49.87
C CYS B 184 40.91 1.38 -49.16
N GLU B 185 40.34 2.35 -49.86
CA GLU B 185 39.95 3.60 -49.22
C GLU B 185 38.72 3.39 -48.35
N GLY B 186 38.59 4.22 -47.33
CA GLY B 186 37.48 4.13 -46.41
C GLY B 186 37.94 4.44 -45.00
N GLU B 187 37.15 3.95 -44.04
CA GLU B 187 37.44 4.19 -42.63
C GLU B 187 38.11 2.96 -42.03
N PRO B 188 39.28 3.10 -41.42
CA PRO B 188 39.94 1.93 -40.81
C PRO B 188 39.09 1.34 -39.70
N ILE B 189 39.14 0.00 -39.58
CA ILE B 189 38.37 -0.68 -38.56
C ILE B 189 38.97 -0.42 -37.18
N LYS B 190 38.11 -0.15 -36.21
CA LYS B 190 38.56 0.04 -34.84
C LYS B 190 38.97 -1.29 -34.21
N ARG B 191 39.76 -1.18 -33.14
CA ARG B 191 40.12 -2.37 -32.38
C ARG B 191 38.95 -2.84 -31.52
N GLU B 192 37.91 -2.01 -31.39
CA GLU B 192 36.76 -2.37 -30.57
C GLU B 192 36.08 -3.63 -31.09
N ASP B 193 35.78 -3.70 -32.38
CA ASP B 193 35.09 -4.86 -32.91
C ASP B 193 35.98 -6.09 -32.89
N GLU B 194 37.28 -5.92 -33.16
CA GLU B 194 38.20 -7.04 -33.14
C GLU B 194 38.31 -7.64 -31.74
N GLU B 195 38.39 -6.78 -30.71
CA GLU B 195 38.46 -7.31 -29.35
C GLU B 195 37.13 -7.89 -28.90
N GLU B 196 36.02 -7.31 -29.38
CA GLU B 196 34.71 -7.84 -29.04
C GLU B 196 34.52 -9.24 -29.59
N SER B 197 34.99 -9.48 -30.82
CA SER B 197 34.85 -10.81 -31.42
C SER B 197 35.50 -11.87 -30.55
N LEU B 198 36.69 -11.58 -30.03
CA LEU B 198 37.36 -12.52 -29.14
C LEU B 198 36.67 -12.60 -27.78
N ASN B 199 36.17 -11.46 -27.29
CA ASN B 199 35.57 -11.37 -25.97
C ASN B 199 34.06 -11.53 -25.99
N GLU B 200 33.47 -11.83 -27.14
CA GLU B 200 32.05 -12.16 -27.18
C GLU B 200 31.82 -13.50 -26.50
N VAL B 201 30.74 -13.59 -25.71
CA VAL B 201 30.49 -14.82 -24.99
C VAL B 201 30.06 -15.92 -25.96
N GLY B 202 30.26 -17.17 -25.53
CA GLY B 202 29.95 -18.31 -26.35
C GLY B 202 29.81 -19.55 -25.48
N TYR B 203 29.79 -20.70 -26.14
CA TYR B 203 29.60 -21.95 -25.41
C TYR B 203 30.81 -22.29 -24.54
N ASP B 204 31.99 -21.76 -24.89
CA ASP B 204 33.17 -22.06 -24.09
C ASP B 204 33.17 -21.31 -22.77
N ASP B 205 32.47 -20.19 -22.72
CA ASP B 205 32.45 -19.38 -21.49
C ASP B 205 31.50 -19.91 -20.45
N ILE B 206 31.04 -21.15 -20.58
CA ILE B 206 30.10 -21.76 -19.64
C ILE B 206 30.75 -22.98 -19.03
N GLY B 207 30.77 -23.04 -17.70
CA GLY B 207 31.31 -24.19 -16.99
C GLY B 207 30.34 -24.67 -15.92
N GLY B 208 30.36 -25.98 -15.69
CA GLY B 208 29.56 -26.58 -14.64
C GLY B 208 28.11 -26.86 -15.02
N CYS B 209 27.70 -26.52 -16.23
CA CYS B 209 26.32 -26.73 -16.67
C CYS B 209 26.26 -27.44 -18.02
N ARG B 210 27.03 -28.52 -18.20
CA ARG B 210 27.11 -29.16 -19.50
C ARG B 210 25.77 -29.77 -19.91
N LYS B 211 25.12 -30.50 -19.00
CA LYS B 211 23.88 -31.18 -19.35
C LYS B 211 22.75 -30.19 -19.62
N GLN B 212 22.63 -29.15 -18.78
CA GLN B 212 21.62 -28.13 -19.03
C GLN B 212 21.92 -27.38 -20.33
N LEU B 213 23.19 -27.13 -20.61
CA LEU B 213 23.57 -26.49 -21.86
C LEU B 213 23.19 -27.36 -23.05
N ALA B 214 23.33 -28.69 -22.91
CA ALA B 214 22.91 -29.59 -23.97
C ALA B 214 21.41 -29.52 -24.20
N GLN B 215 20.63 -29.49 -23.11
CA GLN B 215 19.18 -29.34 -23.28
C GLN B 215 18.85 -28.05 -24.01
N ILE B 216 19.46 -26.94 -23.58
CA ILE B 216 19.16 -25.65 -24.18
C ILE B 216 19.58 -25.65 -25.66
N LYS B 217 20.70 -26.31 -25.97
CA LYS B 217 21.07 -26.49 -27.36
C LYS B 217 19.98 -27.20 -28.14
N GLU B 218 19.45 -28.28 -27.57
CA GLU B 218 18.39 -29.03 -28.24
C GLU B 218 17.18 -28.14 -28.53
N MET B 219 16.80 -27.28 -27.58
CA MET B 219 15.61 -26.46 -27.84
C MET B 219 15.89 -25.34 -28.83
N VAL B 220 17.05 -24.70 -28.75
CA VAL B 220 17.32 -23.47 -29.52
C VAL B 220 18.09 -23.77 -30.81
N GLU B 221 19.30 -24.32 -30.68
CA GLU B 221 20.19 -24.44 -31.83
C GLU B 221 19.66 -25.42 -32.86
N LEU B 222 19.14 -26.56 -32.42
CA LEU B 222 18.79 -27.62 -33.35
C LEU B 222 17.72 -27.21 -34.36
N PRO B 223 16.59 -26.60 -33.98
CA PRO B 223 15.63 -26.17 -35.01
C PRO B 223 16.25 -25.20 -36.02
N LEU B 224 17.16 -24.34 -35.57
CA LEU B 224 17.83 -23.44 -36.49
C LEU B 224 18.75 -24.21 -37.44
N ARG B 225 19.48 -25.19 -36.93
CA ARG B 225 20.44 -25.90 -37.77
C ARG B 225 19.74 -26.83 -38.75
N HIS B 226 18.78 -27.63 -38.28
CA HIS B 226 18.12 -28.64 -39.09
C HIS B 226 16.61 -28.58 -38.85
N PRO B 227 15.94 -27.54 -39.36
CA PRO B 227 14.48 -27.50 -39.24
C PRO B 227 13.80 -28.60 -40.03
N ALA B 228 14.52 -29.21 -40.97
CA ALA B 228 13.94 -30.24 -41.81
C ALA B 228 13.45 -31.42 -40.98
N LEU B 229 14.13 -31.72 -39.88
CA LEU B 229 13.67 -32.80 -39.01
C LEU B 229 12.31 -32.48 -38.39
N PHE B 230 12.13 -31.24 -37.92
CA PHE B 230 10.85 -30.84 -37.34
C PHE B 230 9.76 -30.83 -38.40
N LYS B 231 10.07 -30.38 -39.61
CA LYS B 231 9.08 -30.44 -40.69
C LYS B 231 8.74 -31.89 -41.04
N GLU B 232 9.73 -32.78 -41.01
CA GLU B 232 9.49 -34.20 -41.26
C GLU B 232 8.56 -34.78 -40.21
N ILE B 233 8.78 -34.45 -38.94
CA ILE B 233 7.94 -34.97 -37.87
C ILE B 233 6.72 -34.10 -37.62
N GLY B 234 6.70 -32.88 -38.12
CA GLY B 234 5.53 -32.02 -38.01
C GLY B 234 5.22 -31.53 -36.61
N VAL B 235 6.23 -31.15 -35.84
CA VAL B 235 6.02 -30.59 -34.52
C VAL B 235 6.76 -29.25 -34.44
N LYS B 236 6.19 -28.33 -33.67
CA LYS B 236 6.80 -27.04 -33.46
C LYS B 236 7.54 -27.02 -32.13
N PRO B 237 8.85 -26.74 -32.13
CA PRO B 237 9.59 -26.76 -30.87
C PRO B 237 9.10 -25.68 -29.95
N PRO B 238 9.21 -25.88 -28.63
CA PRO B 238 8.77 -24.84 -27.68
C PRO B 238 9.56 -23.56 -27.86
N ARG B 239 8.86 -22.44 -27.73
CA ARG B 239 9.48 -21.12 -27.88
C ARG B 239 9.86 -20.49 -26.55
N GLY B 240 9.69 -21.20 -25.44
CA GLY B 240 10.00 -20.64 -24.13
C GLY B 240 10.82 -21.55 -23.26
N ILE B 241 11.86 -20.98 -22.63
CA ILE B 241 12.74 -21.71 -21.71
C ILE B 241 12.77 -20.94 -20.40
N LEU B 242 12.47 -21.63 -19.31
CA LEU B 242 12.48 -21.01 -17.99
C LEU B 242 13.69 -21.50 -17.21
N LEU B 243 14.49 -20.57 -16.73
CA LEU B 243 15.71 -20.86 -16.00
C LEU B 243 15.54 -20.41 -14.55
N TYR B 244 15.80 -21.30 -13.60
CA TYR B 244 15.74 -20.94 -12.19
C TYR B 244 16.96 -21.50 -11.46
N GLY B 245 17.44 -20.75 -10.48
CA GLY B 245 18.56 -21.15 -9.67
C GLY B 245 18.95 -20.05 -8.71
N PRO B 246 20.00 -20.28 -7.92
CA PRO B 246 20.51 -19.22 -7.05
C PRO B 246 21.10 -18.09 -7.88
N PRO B 247 21.14 -16.87 -7.35
CA PRO B 247 21.68 -15.74 -8.12
C PRO B 247 23.14 -15.96 -8.48
N GLY B 248 23.49 -15.54 -9.70
CA GLY B 248 24.86 -15.61 -10.17
C GLY B 248 25.30 -16.96 -10.71
N THR B 249 24.40 -17.93 -10.81
CA THR B 249 24.80 -19.27 -11.22
C THR B 249 25.12 -19.33 -12.71
N GLY B 250 24.68 -18.34 -13.47
CA GLY B 250 24.96 -18.29 -14.89
C GLY B 250 23.76 -18.29 -15.81
N LYS B 251 22.59 -17.84 -15.34
CA LYS B 251 21.41 -17.84 -16.21
C LYS B 251 21.53 -16.77 -17.29
N THR B 252 21.89 -15.54 -16.92
CA THR B 252 22.08 -14.49 -17.92
C THR B 252 23.25 -14.82 -18.83
N LEU B 253 24.33 -15.38 -18.28
CA LEU B 253 25.47 -15.73 -19.10
C LEU B 253 25.10 -16.81 -20.11
N ILE B 254 24.33 -17.80 -19.68
CA ILE B 254 23.87 -18.85 -20.60
C ILE B 254 23.00 -18.24 -21.69
N ALA B 255 22.10 -17.34 -21.31
CA ALA B 255 21.21 -16.73 -22.29
C ALA B 255 22.00 -15.95 -23.34
N ARG B 256 22.96 -15.15 -22.88
CA ARG B 256 23.76 -14.36 -23.82
C ARG B 256 24.63 -15.26 -24.69
N ALA B 257 25.19 -16.32 -24.12
CA ALA B 257 26.03 -17.22 -24.90
C ALA B 257 25.24 -17.94 -25.99
N VAL B 258 24.05 -18.45 -25.64
CA VAL B 258 23.26 -19.16 -26.64
C VAL B 258 22.71 -18.17 -27.67
N ALA B 259 22.44 -16.93 -27.26
CA ALA B 259 22.00 -15.93 -28.22
C ALA B 259 23.11 -15.54 -29.19
N ASN B 260 24.34 -15.46 -28.68
CA ASN B 260 25.46 -15.04 -29.52
C ASN B 260 25.90 -16.14 -30.46
N GLU B 261 25.81 -17.40 -30.02
CA GLU B 261 26.20 -18.49 -30.91
C GLU B 261 25.19 -18.68 -32.03
N THR B 262 23.89 -18.60 -31.71
CA THR B 262 22.87 -18.70 -32.75
C THR B 262 22.81 -17.47 -33.64
N GLY B 263 23.52 -16.40 -33.29
CA GLY B 263 23.50 -15.19 -34.08
C GLY B 263 22.19 -14.45 -33.99
N ALA B 264 21.43 -14.68 -32.93
CA ALA B 264 20.13 -14.06 -32.73
C ALA B 264 20.29 -12.79 -31.90
N PHE B 265 19.44 -11.80 -32.19
CA PHE B 265 19.52 -10.53 -31.49
C PHE B 265 19.08 -10.70 -30.03
N PHE B 266 20.01 -10.45 -29.11
CA PHE B 266 19.78 -10.66 -27.69
C PHE B 266 19.15 -9.41 -27.10
N PHE B 267 17.91 -9.54 -26.65
CA PHE B 267 17.18 -8.44 -26.03
C PHE B 267 16.98 -8.77 -24.56
N LEU B 268 17.42 -7.86 -23.68
CA LEU B 268 17.43 -8.09 -22.25
C LEU B 268 16.35 -7.24 -21.59
N ILE B 269 15.53 -7.87 -20.77
CA ILE B 269 14.46 -7.20 -20.04
C ILE B 269 14.66 -7.48 -18.56
N ASN B 270 14.66 -6.42 -17.75
CA ASN B 270 14.70 -6.56 -16.30
C ASN B 270 13.31 -6.28 -15.75
N GLY B 271 12.89 -7.07 -14.75
CA GLY B 271 11.60 -6.90 -14.11
C GLY B 271 11.35 -5.54 -13.51
N PRO B 272 12.28 -4.98 -12.73
CA PRO B 272 12.01 -3.66 -12.13
C PRO B 272 11.76 -2.55 -13.15
N GLU B 273 12.58 -2.46 -14.20
CA GLU B 273 12.49 -1.29 -15.07
C GLU B 273 11.26 -1.37 -15.98
N ILE B 274 10.68 -2.55 -16.14
CA ILE B 274 9.39 -2.66 -16.81
C ILE B 274 8.28 -2.08 -15.93
N MET B 275 8.31 -2.41 -14.65
CA MET B 275 7.29 -1.97 -13.71
C MET B 275 7.23 -0.45 -13.65
N SER B 276 6.02 0.10 -13.59
CA SER B 276 5.82 1.54 -13.55
C SER B 276 4.62 1.88 -12.69
N LYS B 277 4.60 3.10 -12.16
CA LYS B 277 3.50 3.53 -11.33
C LYS B 277 2.26 3.87 -12.16
N LEU B 278 2.46 4.44 -13.34
CA LEU B 278 1.33 4.83 -14.19
C LEU B 278 0.57 3.60 -14.68
N ALA B 279 -0.75 3.76 -14.82
CA ALA B 279 -1.60 2.62 -15.17
C ALA B 279 -1.39 2.21 -16.62
N GLY B 280 -1.00 0.95 -16.82
CA GLY B 280 -0.80 0.40 -18.14
C GLY B 280 0.56 0.67 -18.75
N GLU B 281 1.46 1.34 -18.03
CA GLU B 281 2.77 1.65 -18.62
C GLU B 281 3.66 0.41 -18.68
N SER B 282 3.59 -0.45 -17.66
CA SER B 282 4.36 -1.69 -17.71
C SER B 282 3.88 -2.57 -18.86
N GLU B 283 2.57 -2.61 -19.08
CA GLU B 283 2.02 -3.33 -20.22
C GLU B 283 2.57 -2.78 -21.53
N SER B 284 2.62 -1.45 -21.64
CA SER B 284 3.17 -0.83 -22.84
C SER B 284 4.63 -1.17 -23.01
N ASN B 285 5.40 -1.18 -21.93
CA ASN B 285 6.82 -1.53 -22.02
C ASN B 285 6.99 -2.94 -22.55
N LEU B 286 6.19 -3.88 -22.02
CA LEU B 286 6.26 -5.26 -22.51
C LEU B 286 5.87 -5.35 -23.99
N ARG B 287 4.80 -4.65 -24.37
CA ARG B 287 4.36 -4.70 -25.76
C ARG B 287 5.42 -4.13 -26.69
N LYS B 288 6.02 -2.99 -26.32
CA LYS B 288 7.05 -2.40 -27.15
C LYS B 288 8.27 -3.32 -27.25
N ALA B 289 8.66 -3.95 -26.14
CA ALA B 289 9.80 -4.86 -26.18
C ALA B 289 9.53 -6.03 -27.11
N PHE B 290 8.34 -6.62 -27.03
CA PHE B 290 8.03 -7.73 -27.91
C PHE B 290 7.92 -7.28 -29.36
N GLU B 291 7.48 -6.03 -29.59
CA GLU B 291 7.47 -5.50 -30.94
C GLU B 291 8.89 -5.36 -31.49
N GLU B 292 9.82 -4.85 -30.68
CA GLU B 292 11.20 -4.76 -31.13
C GLU B 292 11.79 -6.13 -31.40
N ALA B 293 11.48 -7.12 -30.55
CA ALA B 293 11.98 -8.47 -30.77
C ALA B 293 11.43 -9.05 -32.07
N GLU B 294 10.14 -8.86 -32.34
CA GLU B 294 9.56 -9.41 -33.56
C GLU B 294 10.07 -8.66 -34.79
N LYS B 295 10.42 -7.39 -34.63
CA LYS B 295 11.01 -6.64 -35.73
C LYS B 295 12.42 -7.15 -36.05
N ASN B 296 13.25 -7.29 -35.03
CA ASN B 296 14.62 -7.76 -35.19
C ASN B 296 14.67 -9.26 -34.96
N ALA B 297 14.67 -10.02 -36.05
CA ALA B 297 14.63 -11.47 -35.98
C ALA B 297 15.83 -12.07 -36.69
N PRO B 298 16.38 -13.18 -36.18
CA PRO B 298 15.98 -13.90 -34.97
C PRO B 298 16.30 -13.15 -33.68
N ALA B 299 15.47 -13.34 -32.66
CA ALA B 299 15.64 -12.66 -31.38
C ALA B 299 15.49 -13.65 -30.25
N ILE B 300 16.11 -13.35 -29.12
CA ILE B 300 16.02 -14.16 -27.91
C ILE B 300 15.70 -13.22 -26.76
N ILE B 301 14.41 -13.12 -26.42
CA ILE B 301 14.00 -12.29 -25.29
C ILE B 301 14.46 -12.93 -24.00
N PHE B 302 15.14 -12.13 -23.17
CA PHE B 302 15.54 -12.59 -21.84
C PHE B 302 14.86 -11.68 -20.83
N ILE B 303 14.10 -12.27 -19.92
CA ILE B 303 13.36 -11.54 -18.90
C ILE B 303 13.96 -11.94 -17.56
N ASP B 304 14.96 -11.18 -17.10
CA ASP B 304 15.52 -11.45 -15.79
C ASP B 304 14.59 -10.94 -14.70
N GLU B 305 14.66 -11.57 -13.54
CA GLU B 305 13.78 -11.26 -12.40
C GLU B 305 12.32 -11.39 -12.79
N LEU B 306 11.99 -12.51 -13.44
CA LEU B 306 10.60 -12.76 -13.84
C LEU B 306 9.69 -12.86 -12.62
N ASP B 307 10.24 -13.28 -11.47
CA ASP B 307 9.40 -13.50 -10.30
C ASP B 307 8.76 -12.21 -9.82
N ALA B 308 9.52 -11.11 -9.82
CA ALA B 308 8.98 -9.84 -9.32
C ALA B 308 7.99 -9.23 -10.31
N ILE B 309 8.26 -9.34 -11.61
CA ILE B 309 7.41 -8.70 -12.60
C ILE B 309 6.08 -9.43 -12.75
N ALA B 310 6.07 -10.77 -12.63
CA ALA B 310 4.89 -11.57 -12.91
C ALA B 310 4.63 -12.53 -11.75
N PRO B 311 4.06 -12.05 -10.65
CA PRO B 311 3.66 -12.93 -9.56
C PRO B 311 2.29 -13.54 -9.82
N LYS B 312 1.86 -14.38 -8.89
CA LYS B 312 0.56 -15.05 -9.02
C LYS B 312 -0.56 -14.02 -8.99
N ARG B 313 -1.49 -14.13 -9.95
CA ARG B 313 -2.57 -13.16 -10.04
C ARG B 313 -3.49 -13.24 -8.82
N GLU B 314 -3.83 -14.45 -8.39
CA GLU B 314 -4.72 -14.61 -7.24
C GLU B 314 -4.02 -14.23 -5.94
N LYS B 315 -2.70 -14.42 -5.86
CA LYS B 315 -1.98 -14.10 -4.65
C LYS B 315 -1.85 -12.60 -4.44
N THR B 316 -1.50 -11.87 -5.50
CA THR B 316 -1.28 -10.43 -5.37
C THR B 316 -2.60 -9.71 -5.19
N HIS B 317 -2.57 -8.59 -4.48
CA HIS B 317 -3.74 -7.74 -4.32
C HIS B 317 -3.67 -6.47 -5.16
N GLY B 318 -2.48 -6.11 -5.66
CA GLY B 318 -2.32 -4.97 -6.54
C GLY B 318 -2.65 -5.39 -7.97
N GLU B 319 -3.63 -4.69 -8.55
CA GLU B 319 -4.14 -5.08 -9.86
C GLU B 319 -3.06 -4.98 -10.94
N VAL B 320 -2.03 -4.17 -10.71
CA VAL B 320 -1.02 -3.94 -11.76
C VAL B 320 -0.26 -5.23 -12.04
N GLU B 321 -0.02 -6.04 -11.02
CA GLU B 321 0.71 -7.28 -11.23
C GLU B 321 -0.10 -8.26 -12.08
N ARG B 322 -1.39 -8.38 -11.80
CA ARG B 322 -2.24 -9.27 -12.59
C ARG B 322 -2.39 -8.74 -14.00
N ARG B 323 -2.41 -7.41 -14.17
CA ARG B 323 -2.43 -6.82 -15.50
C ARG B 323 -1.17 -7.17 -16.28
N ILE B 324 0.00 -7.11 -15.62
CA ILE B 324 1.24 -7.48 -16.27
C ILE B 324 1.22 -8.95 -16.67
N VAL B 325 0.72 -9.81 -15.78
CA VAL B 325 0.67 -11.24 -16.10
C VAL B 325 -0.25 -11.49 -17.29
N SER B 326 -1.41 -10.84 -17.32
CA SER B 326 -2.33 -11.05 -18.44
C SER B 326 -1.74 -10.55 -19.75
N GLN B 327 -1.05 -9.39 -19.71
CA GLN B 327 -0.36 -8.89 -20.90
C GLN B 327 0.71 -9.87 -21.36
N LEU B 328 1.49 -10.43 -20.42
CA LEU B 328 2.52 -11.39 -20.80
C LEU B 328 1.90 -12.64 -21.42
N LEU B 329 0.79 -13.11 -20.86
CA LEU B 329 0.10 -14.27 -21.44
C LEU B 329 -0.32 -14.00 -22.87
N THR B 330 -1.02 -12.87 -23.10
CA THR B 330 -1.48 -12.57 -24.45
C THR B 330 -0.31 -12.37 -25.40
N LEU B 331 0.74 -11.70 -24.95
CA LEU B 331 1.91 -11.46 -25.79
C LEU B 331 2.59 -12.75 -26.20
N MET B 332 2.83 -13.64 -25.24
CA MET B 332 3.55 -14.87 -25.56
C MET B 332 2.68 -15.83 -26.35
N ASP B 333 1.35 -15.77 -26.16
CA ASP B 333 0.46 -16.59 -26.95
C ASP B 333 0.42 -16.12 -28.41
N GLY B 334 0.26 -14.83 -28.63
CA GLY B 334 0.22 -14.32 -29.99
C GLY B 334 1.59 -14.29 -30.64
N LEU B 335 2.63 -14.47 -29.84
CA LEU B 335 4.00 -14.49 -30.37
C LEU B 335 4.22 -15.68 -31.29
N LYS B 336 3.66 -16.84 -30.95
CA LYS B 336 3.91 -18.08 -31.68
C LYS B 336 3.19 -18.07 -33.04
N GLN B 337 3.66 -17.18 -33.92
CA GLN B 337 3.16 -17.10 -35.29
C GLN B 337 4.23 -17.60 -36.24
N ARG B 338 4.93 -18.67 -35.85
CA ARG B 338 6.09 -19.19 -36.57
C ARG B 338 7.22 -18.17 -36.63
N ALA B 339 7.32 -17.31 -35.62
CA ALA B 339 8.42 -16.35 -35.55
C ALA B 339 9.70 -17.05 -35.10
N HIS B 340 10.82 -16.39 -35.34
CA HIS B 340 12.14 -16.89 -34.94
C HIS B 340 12.57 -16.36 -33.58
N VAL B 341 11.62 -16.00 -32.72
CA VAL B 341 11.91 -15.38 -31.43
C VAL B 341 11.66 -16.42 -30.34
N ILE B 342 12.62 -16.53 -29.41
CA ILE B 342 12.56 -17.48 -28.32
C ILE B 342 12.66 -16.69 -27.01
N VAL B 343 11.64 -16.82 -26.17
CA VAL B 343 11.52 -16.02 -24.95
C VAL B 343 11.95 -16.86 -23.77
N MET B 344 13.05 -16.47 -23.12
CA MET B 344 13.56 -17.16 -21.95
C MET B 344 13.62 -16.20 -20.78
N ALA B 345 13.50 -16.74 -19.56
CA ALA B 345 13.44 -15.94 -18.36
C ALA B 345 14.20 -16.60 -17.24
N ALA B 346 14.67 -15.79 -16.29
CA ALA B 346 15.41 -16.27 -15.13
C ALA B 346 14.68 -15.84 -13.87
N THR B 347 14.57 -16.77 -12.91
CA THR B 347 13.93 -16.52 -11.64
C THR B 347 14.68 -17.23 -10.52
N ASN B 348 14.64 -16.66 -9.33
CA ASN B 348 15.26 -17.32 -8.18
C ASN B 348 14.41 -18.49 -7.69
N ARG B 349 13.09 -18.29 -7.59
CA ARG B 349 12.19 -19.30 -7.09
C ARG B 349 11.03 -19.46 -8.07
N PRO B 350 10.90 -20.62 -8.72
CA PRO B 350 9.85 -20.77 -9.73
C PRO B 350 8.46 -20.90 -9.15
N ASN B 351 8.32 -21.28 -7.88
CA ASN B 351 6.99 -21.43 -7.30
C ASN B 351 6.27 -20.09 -7.19
N SER B 352 7.02 -19.00 -7.14
CA SER B 352 6.40 -17.68 -7.06
C SER B 352 5.77 -17.28 -8.38
N ILE B 353 6.23 -17.87 -9.49
CA ILE B 353 5.69 -17.53 -10.80
C ILE B 353 4.26 -18.02 -10.90
N ASP B 354 3.43 -17.25 -11.61
CA ASP B 354 2.02 -17.57 -11.75
C ASP B 354 1.86 -18.91 -12.46
N PRO B 355 1.03 -19.82 -11.92
CA PRO B 355 0.83 -21.11 -12.60
C PRO B 355 0.24 -20.99 -13.99
N ALA B 356 -0.39 -19.88 -14.35
CA ALA B 356 -0.89 -19.72 -15.71
C ALA B 356 0.25 -19.70 -16.71
N LEU B 357 1.42 -19.20 -16.29
CA LEU B 357 2.59 -19.23 -17.17
C LEU B 357 3.11 -20.65 -17.38
N ARG B 358 3.01 -21.50 -16.36
CA ARG B 358 3.54 -22.86 -16.46
C ARG B 358 2.82 -23.71 -17.49
N ARG B 359 1.87 -23.14 -18.24
CA ARG B 359 1.07 -23.89 -19.21
C ARG B 359 1.92 -24.33 -20.39
N PHE B 360 1.29 -24.97 -21.38
CA PHE B 360 1.97 -25.29 -22.62
C PHE B 360 2.27 -24.00 -23.39
N GLY B 361 3.48 -23.92 -23.94
CA GLY B 361 3.97 -22.62 -24.33
C GLY B 361 4.35 -21.88 -23.05
N ARG B 362 4.59 -20.58 -23.18
CA ARG B 362 4.77 -19.71 -22.03
C ARG B 362 5.84 -20.25 -21.07
N PHE B 363 7.02 -20.52 -21.61
CA PHE B 363 8.07 -21.23 -20.87
C PHE B 363 7.59 -22.61 -20.43
N ASP B 364 7.15 -23.42 -21.39
CA ASP B 364 6.58 -24.72 -21.05
C ASP B 364 7.64 -25.67 -20.50
N ARG B 365 8.90 -25.36 -20.70
CA ARG B 365 9.98 -26.19 -20.16
C ARG B 365 10.84 -25.38 -19.20
N GLU B 366 11.19 -25.99 -18.07
CA GLU B 366 12.01 -25.37 -17.04
C GLU B 366 13.35 -26.09 -16.96
N VAL B 367 14.44 -25.33 -17.05
CA VAL B 367 15.79 -25.85 -16.98
C VAL B 367 16.43 -25.36 -15.69
N ASP B 368 16.96 -26.29 -14.89
CA ASP B 368 17.43 -25.99 -13.55
C ASP B 368 18.94 -25.80 -13.56
N ILE B 369 19.39 -24.66 -13.05
CA ILE B 369 20.80 -24.37 -12.88
C ILE B 369 21.11 -24.34 -11.39
N GLY B 370 22.12 -25.12 -10.96
CA GLY B 370 22.42 -25.30 -9.58
C GLY B 370 23.76 -24.69 -9.18
N ILE B 371 24.10 -24.87 -7.91
CA ILE B 371 25.41 -24.44 -7.41
C ILE B 371 26.49 -25.22 -8.15
N PRO B 372 27.57 -24.59 -8.62
CA PRO B 372 28.63 -25.33 -9.31
C PRO B 372 29.26 -26.36 -8.38
N ASP B 373 29.56 -27.53 -8.94
CA ASP B 373 30.21 -28.58 -8.19
C ASP B 373 31.73 -28.36 -8.15
N ALA B 374 32.44 -29.33 -7.56
CA ALA B 374 33.89 -29.21 -7.49
C ALA B 374 34.51 -29.17 -8.88
N THR B 375 34.13 -30.12 -9.75
CA THR B 375 34.63 -30.09 -11.11
C THR B 375 34.03 -28.92 -11.89
N GLY B 376 32.79 -28.57 -11.61
CA GLY B 376 32.18 -27.42 -12.27
C GLY B 376 32.88 -26.12 -11.91
N ARG B 377 33.17 -25.92 -10.63
CA ARG B 377 33.85 -24.68 -10.24
C ARG B 377 35.32 -24.71 -10.67
N LEU B 378 35.90 -25.90 -10.79
CA LEU B 378 37.22 -26.00 -11.41
C LEU B 378 37.19 -25.52 -12.85
N GLU B 379 36.16 -25.94 -13.60
CA GLU B 379 36.01 -25.46 -14.97
C GLU B 379 35.82 -23.95 -15.01
N ILE B 380 35.01 -23.41 -14.09
CA ILE B 380 34.76 -21.98 -14.06
C ILE B 380 36.05 -21.22 -13.76
N LEU B 381 36.86 -21.73 -12.84
CA LEU B 381 38.15 -21.10 -12.55
C LEU B 381 39.08 -21.17 -13.75
N GLN B 382 39.09 -22.30 -14.46
CA GLN B 382 39.92 -22.39 -15.66
C GLN B 382 39.46 -21.39 -16.71
N ILE B 383 38.15 -21.18 -16.82
CA ILE B 383 37.62 -20.20 -17.77
C ILE B 383 38.05 -18.79 -17.37
N HIS B 384 37.96 -18.47 -16.08
CA HIS B 384 38.21 -17.09 -15.66
C HIS B 384 39.69 -16.78 -15.51
N THR B 385 40.53 -17.81 -15.52
CA THR B 385 41.97 -17.60 -15.44
C THR B 385 42.70 -17.88 -16.76
N LYS B 386 41.97 -18.14 -17.85
CA LYS B 386 42.63 -18.46 -19.11
C LYS B 386 43.40 -17.27 -19.65
N ASN B 387 42.88 -16.05 -19.46
CA ASN B 387 43.61 -14.86 -19.89
C ASN B 387 44.66 -14.47 -18.87
N MET B 388 44.46 -14.84 -17.61
CA MET B 388 45.31 -14.36 -16.53
C MET B 388 46.65 -15.08 -16.51
N LYS B 389 47.69 -14.38 -16.09
CA LYS B 389 48.99 -14.99 -15.89
C LYS B 389 49.07 -15.65 -14.52
N LEU B 390 49.48 -16.92 -14.51
CA LEU B 390 49.53 -17.72 -13.30
C LEU B 390 50.93 -18.27 -13.10
N ALA B 391 51.32 -18.48 -11.85
CA ALA B 391 52.61 -19.09 -11.55
C ALA B 391 52.54 -20.60 -11.73
N ASP B 392 53.68 -21.25 -11.50
CA ASP B 392 53.71 -22.71 -11.56
C ASP B 392 53.42 -23.31 -10.19
N ASP B 393 53.53 -22.52 -9.12
CA ASP B 393 53.23 -23.02 -7.79
C ASP B 393 51.72 -23.15 -7.57
N VAL B 394 50.92 -22.32 -8.25
CA VAL B 394 49.48 -22.33 -8.03
C VAL B 394 48.85 -23.54 -8.70
N ASP B 395 47.97 -24.22 -7.96
CA ASP B 395 47.27 -25.40 -8.44
C ASP B 395 45.77 -25.14 -8.40
N LEU B 396 45.10 -25.38 -9.54
CA LEU B 396 43.69 -25.00 -9.65
C LEU B 396 42.78 -25.96 -8.89
N GLU B 397 43.15 -27.23 -8.82
CA GLU B 397 42.32 -28.19 -8.10
C GLU B 397 42.23 -27.82 -6.62
N GLN B 398 43.29 -27.23 -6.08
CA GLN B 398 43.27 -26.77 -4.69
C GLN B 398 42.18 -25.72 -4.49
N VAL B 399 42.12 -24.74 -5.38
CA VAL B 399 41.12 -23.68 -5.28
C VAL B 399 39.73 -24.25 -5.51
N ALA B 400 39.62 -25.22 -6.41
CA ALA B 400 38.34 -25.89 -6.62
C ALA B 400 37.87 -26.58 -5.34
N ASN B 401 38.82 -27.18 -4.60
CA ASN B 401 38.45 -27.81 -3.34
C ASN B 401 38.05 -26.78 -2.29
N GLU B 402 38.84 -25.72 -2.14
CA GLU B 402 38.67 -24.84 -0.98
C GLU B 402 37.40 -24.01 -1.06
N THR B 403 36.99 -23.62 -2.28
CA THR B 403 35.76 -22.85 -2.45
C THR B 403 34.58 -23.80 -2.39
N HIS B 404 34.13 -24.07 -1.17
CA HIS B 404 33.13 -25.12 -0.95
C HIS B 404 31.79 -24.76 -1.56
N GLY B 405 31.28 -23.57 -1.27
CA GLY B 405 29.94 -23.20 -1.69
C GLY B 405 29.86 -21.97 -2.57
N HIS B 406 30.96 -21.67 -3.26
CA HIS B 406 31.02 -20.47 -4.07
C HIS B 406 30.29 -20.66 -5.40
N VAL B 407 29.71 -19.59 -5.91
CA VAL B 407 29.04 -19.56 -7.21
C VAL B 407 30.00 -18.94 -8.21
N GLY B 408 29.73 -19.13 -9.50
CA GLY B 408 30.70 -18.71 -10.52
C GLY B 408 31.04 -17.24 -10.47
N ALA B 409 30.05 -16.38 -10.20
CA ALA B 409 30.32 -14.96 -10.05
C ALA B 409 31.29 -14.71 -8.91
N ASP B 410 31.10 -15.43 -7.80
CA ASP B 410 32.03 -15.33 -6.68
C ASP B 410 33.43 -15.78 -7.10
N LEU B 411 33.53 -16.78 -7.99
CA LEU B 411 34.84 -17.24 -8.44
C LEU B 411 35.53 -16.19 -9.30
N ALA B 412 34.78 -15.52 -10.19
CA ALA B 412 35.37 -14.44 -10.97
C ALA B 412 35.84 -13.30 -10.06
N ALA B 413 35.02 -12.93 -9.08
CA ALA B 413 35.44 -11.92 -8.13
C ALA B 413 36.66 -12.37 -7.34
N LEU B 414 36.75 -13.66 -7.04
CA LEU B 414 37.91 -14.22 -6.36
C LEU B 414 39.18 -14.02 -7.18
N CYS B 415 39.10 -14.32 -8.48
CA CYS B 415 40.26 -14.13 -9.34
C CYS B 415 40.68 -12.67 -9.39
N SER B 416 39.71 -11.76 -9.54
CA SER B 416 40.05 -10.34 -9.58
C SER B 416 40.66 -9.88 -8.27
N GLU B 417 40.11 -10.34 -7.14
CA GLU B 417 40.63 -9.95 -5.84
C GLU B 417 42.04 -10.47 -5.62
N ALA B 418 42.34 -11.66 -6.15
CA ALA B 418 43.71 -12.17 -6.07
C ALA B 418 44.66 -11.33 -6.91
N ALA B 419 44.19 -10.87 -8.07
CA ALA B 419 45.03 -9.97 -8.87
C ALA B 419 45.34 -8.68 -8.12
N LEU B 420 44.32 -8.06 -7.52
CA LEU B 420 44.57 -6.85 -6.74
C LEU B 420 45.41 -7.15 -5.50
N GLN B 421 45.34 -8.39 -4.99
CA GLN B 421 46.25 -8.82 -3.94
C GLN B 421 47.69 -8.74 -4.38
N ALA B 422 48.00 -9.33 -5.53
CA ALA B 422 49.36 -9.23 -6.07
C ALA B 422 49.75 -7.77 -6.26
N ILE B 423 48.80 -6.95 -6.73
CA ILE B 423 49.08 -5.53 -6.96
C ILE B 423 49.45 -4.84 -5.66
N ARG B 424 48.70 -5.07 -4.59
CA ARG B 424 48.99 -4.35 -3.36
C ARG B 424 50.26 -4.88 -2.71
N LYS B 425 50.61 -6.15 -2.97
CA LYS B 425 51.93 -6.61 -2.59
C LYS B 425 53.02 -5.82 -3.29
N LYS B 426 52.89 -5.63 -4.60
CA LYS B 426 53.97 -5.05 -5.40
C LYS B 426 53.92 -3.53 -5.50
N MET B 427 53.00 -2.87 -4.81
CA MET B 427 53.04 -1.42 -4.74
C MET B 427 54.37 -0.90 -4.21
N ASP B 428 54.83 -1.41 -3.08
CA ASP B 428 55.99 -0.81 -2.42
C ASP B 428 57.22 -0.79 -3.33
N LEU B 429 57.30 -1.75 -4.26
CA LEU B 429 58.39 -1.73 -5.23
C LEU B 429 58.21 -0.62 -6.25
N ILE B 430 57.00 -0.48 -6.81
CA ILE B 430 56.77 0.50 -7.87
C ILE B 430 56.53 1.88 -7.25
N ASP B 431 57.09 2.90 -7.91
CA ASP B 431 56.90 4.28 -7.49
C ASP B 431 55.74 4.86 -8.28
N LEU B 432 54.72 5.34 -7.56
CA LEU B 432 53.56 5.94 -8.23
C LEU B 432 53.93 7.26 -8.87
N GLU B 433 54.95 7.94 -8.33
CA GLU B 433 55.27 9.29 -8.78
C GLU B 433 55.77 9.30 -10.23
N ASP B 434 56.75 8.46 -10.55
CA ASP B 434 57.33 8.47 -11.89
C ASP B 434 56.45 7.66 -12.85
N GLU B 435 56.33 8.15 -14.08
CA GLU B 435 55.59 7.41 -15.10
C GLU B 435 56.41 6.25 -15.65
N THR B 436 57.73 6.29 -15.44
CA THR B 436 58.59 5.24 -15.96
C THR B 436 58.30 3.91 -15.26
N ILE B 437 58.27 2.84 -16.04
CA ILE B 437 57.98 1.50 -15.54
C ILE B 437 59.19 0.61 -15.82
N ASP B 438 59.57 -0.19 -14.83
CA ASP B 438 60.67 -1.14 -15.00
C ASP B 438 60.15 -2.42 -15.62
N ALA B 439 60.88 -2.94 -16.60
CA ALA B 439 60.44 -4.13 -17.32
C ALA B 439 60.59 -5.39 -16.46
N GLU B 440 61.66 -5.47 -15.67
CA GLU B 440 61.88 -6.66 -14.85
C GLU B 440 60.90 -6.70 -13.68
N VAL B 441 60.63 -5.55 -13.07
CA VAL B 441 59.60 -5.48 -12.03
C VAL B 441 58.25 -5.88 -12.61
N MET B 442 58.00 -5.48 -13.87
CA MET B 442 56.77 -5.86 -14.54
C MET B 442 56.69 -7.36 -14.77
N ASN B 443 57.78 -7.96 -15.23
CA ASN B 443 57.77 -9.39 -15.52
C ASN B 443 57.67 -10.20 -14.25
N SER B 444 58.20 -9.69 -13.14
CA SER B 444 58.12 -10.40 -11.87
C SER B 444 56.67 -10.58 -11.44
N LEU B 445 55.77 -9.69 -11.85
CA LEU B 445 54.40 -9.73 -11.38
C LEU B 445 53.66 -10.94 -11.96
N ALA B 446 53.10 -11.75 -11.06
CA ALA B 446 52.30 -12.91 -11.45
C ALA B 446 51.42 -13.30 -10.26
N VAL B 447 50.33 -14.00 -10.55
CA VAL B 447 49.44 -14.47 -9.50
C VAL B 447 50.05 -15.69 -8.81
N THR B 448 49.98 -15.71 -7.48
CA THR B 448 50.56 -16.77 -6.68
C THR B 448 49.48 -17.44 -5.84
N MET B 449 49.82 -18.61 -5.28
CA MET B 449 48.88 -19.36 -4.45
C MET B 449 48.47 -18.55 -3.23
N ASP B 450 49.41 -17.85 -2.61
CA ASP B 450 49.10 -17.02 -1.45
C ASP B 450 48.02 -16.00 -1.77
N ASP B 451 48.01 -15.50 -3.02
CA ASP B 451 47.00 -14.52 -3.42
C ASP B 451 45.62 -15.14 -3.44
N PHE B 452 45.49 -16.35 -4.02
CA PHE B 452 44.20 -17.04 -3.97
C PHE B 452 43.79 -17.34 -2.53
N ARG B 453 44.74 -17.70 -1.67
CA ARG B 453 44.39 -17.97 -0.28
C ARG B 453 43.83 -16.72 0.39
N TRP B 454 44.47 -15.57 0.18
CA TRP B 454 43.95 -14.32 0.73
C TRP B 454 42.56 -14.02 0.19
N ALA B 455 42.39 -14.10 -1.13
CA ALA B 455 41.11 -13.75 -1.73
C ALA B 455 40.00 -14.65 -1.21
N LEU B 456 40.29 -15.95 -1.06
CA LEU B 456 39.32 -16.86 -0.49
C LEU B 456 39.01 -16.53 0.96
N SER B 457 40.02 -16.15 1.73
CA SER B 457 39.80 -15.77 3.12
C SER B 457 38.86 -14.57 3.22
N GLN B 458 39.00 -13.61 2.30
CA GLN B 458 38.11 -12.46 2.25
C GLN B 458 37.03 -12.58 1.20
N SER B 459 36.50 -13.79 0.98
CA SER B 459 35.35 -14.01 0.12
C SER B 459 34.35 -14.89 0.85
N ASN B 460 33.08 -14.78 0.45
CA ASN B 460 32.01 -15.52 1.11
C ASN B 460 31.35 -16.50 0.15
N PRO B 461 30.85 -17.62 0.66
CA PRO B 461 30.01 -18.50 -0.17
C PRO B 461 28.58 -17.98 -0.21
N SER B 462 28.09 -17.67 -1.41
CA SER B 462 26.75 -17.11 -1.52
C SER B 462 25.67 -18.14 -1.21
N ALA B 463 25.98 -19.42 -1.34
CA ALA B 463 24.97 -20.45 -1.13
C ALA B 463 24.64 -20.61 0.35
N LEU B 464 25.66 -20.63 1.21
CA LEU B 464 25.43 -20.79 2.64
C LEU B 464 25.08 -19.47 3.30
N ARG B 465 25.76 -17.01 1.80
CA ARG B 465 26.03 -15.73 2.43
C ARG B 465 25.09 -15.49 3.61
N GLU B 466 23.97 -16.20 3.63
CA GLU B 466 22.96 -15.97 4.66
C GLU B 466 23.40 -16.56 6.00
N THR B 467 23.96 -17.77 5.98
CA THR B 467 24.45 -18.42 7.21
C THR B 467 25.97 -18.26 7.27
N VAL B 468 26.38 -17.06 7.67
CA VAL B 468 27.78 -16.70 7.81
C VAL B 468 28.17 -16.79 9.28
N VAL B 469 29.38 -17.29 9.54
CA VAL B 469 29.86 -17.46 10.90
C VAL B 469 31.38 -17.51 10.91
N GLU B 470 31.96 -17.10 12.03
CA GLU B 470 33.40 -17.15 12.22
C GLU B 470 33.88 -18.59 12.43
N VAL B 471 35.07 -18.87 11.94
CA VAL B 471 35.70 -20.19 12.03
C VAL B 471 36.63 -20.17 13.24
N PRO B 472 36.35 -20.93 14.29
CA PRO B 472 37.26 -20.96 15.45
C PRO B 472 38.56 -21.71 15.20
N GLN B 473 38.76 -22.27 14.01
CA GLN B 473 39.99 -22.97 13.64
C GLN B 473 40.27 -24.13 14.59
N VAL B 474 39.42 -25.16 14.53
CA VAL B 474 39.67 -26.40 15.24
C VAL B 474 39.99 -27.50 14.25
N THR B 475 40.99 -28.32 14.59
CA THR B 475 41.50 -29.35 13.70
C THR B 475 41.41 -30.70 14.41
N TRP B 476 41.43 -31.78 13.64
CA TRP B 476 41.33 -33.11 14.22
C TRP B 476 42.46 -33.37 15.22
N GLU B 477 43.64 -32.82 14.98
CA GLU B 477 44.74 -32.99 15.94
C GLU B 477 44.47 -32.23 17.22
N ASP B 478 43.61 -31.19 17.16
CA ASP B 478 43.26 -30.43 18.35
C ASP B 478 42.43 -31.28 19.32
N ILE B 479 41.57 -32.15 18.78
CA ILE B 479 40.69 -32.92 19.64
C ILE B 479 41.49 -34.06 20.28
N GLY B 480 41.55 -34.07 21.60
CA GLY B 480 42.28 -35.08 22.35
C GLY B 480 41.36 -36.25 22.68
N GLY B 481 41.84 -37.45 22.37
CA GLY B 481 41.03 -38.64 22.55
C GLY B 481 39.95 -38.75 21.49
N LEU B 482 38.94 -39.55 21.82
CA LEU B 482 37.77 -39.74 20.95
C LEU B 482 38.17 -40.23 19.58
N GLU B 483 39.20 -41.09 19.53
CA GLU B 483 39.72 -41.53 18.24
C GLU B 483 38.70 -42.34 17.46
N ASP B 484 37.97 -43.23 18.14
CA ASP B 484 36.95 -44.01 17.45
C ASP B 484 35.81 -43.13 16.97
N VAL B 485 35.41 -42.15 17.79
CA VAL B 485 34.35 -41.23 17.39
C VAL B 485 34.82 -40.32 16.27
N LYS B 486 36.09 -39.91 16.31
CA LYS B 486 36.63 -39.06 15.26
C LYS B 486 36.61 -39.78 13.92
N ARG B 487 36.97 -41.06 13.90
CA ARG B 487 37.00 -41.80 12.66
C ARG B 487 35.62 -41.91 12.03
N GLU B 488 34.59 -42.11 12.85
CA GLU B 488 33.23 -42.24 12.33
C GLU B 488 32.77 -40.95 11.67
N LEU B 489 33.11 -39.80 12.26
CA LEU B 489 32.73 -38.53 11.65
C LEU B 489 33.44 -38.31 10.31
N GLN B 490 34.72 -38.66 10.24
CA GLN B 490 35.43 -38.57 8.97
C GLN B 490 34.78 -39.48 7.93
N GLU B 491 34.53 -40.73 8.29
CA GLU B 491 34.02 -41.70 7.32
C GLU B 491 32.63 -41.32 6.86
N LEU B 492 31.76 -40.91 7.78
CA LEU B 492 30.36 -40.66 7.43
C LEU B 492 30.23 -39.47 6.48
N VAL B 493 31.05 -38.44 6.68
CA VAL B 493 30.97 -37.26 5.83
C VAL B 493 31.72 -37.50 4.51
N GLN B 494 32.75 -38.35 4.53
CA GLN B 494 33.63 -38.47 3.39
C GLN B 494 33.22 -39.60 2.45
N TYR B 495 32.83 -40.75 3.01
CA TYR B 495 32.58 -41.92 2.17
C TYR B 495 31.56 -41.70 1.06
N PRO B 496 30.40 -41.06 1.30
CA PRO B 496 29.47 -40.85 0.18
C PRO B 496 30.02 -39.89 -0.86
N VAL B 497 30.52 -38.73 -0.45
CA VAL B 497 30.94 -37.72 -1.42
C VAL B 497 32.23 -38.17 -2.12
N GLU B 498 33.17 -38.73 -1.37
CA GLU B 498 34.45 -39.10 -1.98
C GLU B 498 34.34 -40.41 -2.76
N HIS B 499 33.50 -41.33 -2.30
CA HIS B 499 33.36 -42.66 -2.90
C HIS B 499 31.90 -42.92 -3.23
N PRO B 500 31.35 -42.22 -4.22
CA PRO B 500 29.93 -42.42 -4.54
C PRO B 500 29.67 -43.72 -5.28
N ASP B 501 30.62 -44.18 -6.10
CA ASP B 501 30.41 -45.40 -6.87
C ASP B 501 30.38 -46.63 -5.98
N LYS B 502 31.13 -46.58 -4.87
CA LYS B 502 31.19 -47.73 -3.97
C LYS B 502 29.81 -48.07 -3.40
N PHE B 503 29.05 -47.05 -3.01
CA PHE B 503 27.71 -47.29 -2.49
C PHE B 503 26.78 -47.79 -3.58
N LEU B 504 26.94 -47.28 -4.80
CA LEU B 504 26.16 -47.80 -5.93
C LEU B 504 26.47 -49.27 -6.19
N LYS B 505 27.74 -49.65 -6.04
CA LYS B 505 28.13 -51.04 -6.24
C LYS B 505 27.41 -51.96 -5.27
N PHE B 506 27.32 -51.55 -4.01
CA PHE B 506 26.62 -52.36 -3.01
C PHE B 506 25.14 -52.04 -2.99
N GLY B 507 24.72 -51.00 -3.71
CA GLY B 507 23.31 -50.72 -3.89
C GLY B 507 22.59 -50.19 -2.67
N MET B 508 23.30 -49.78 -1.63
CA MET B 508 22.69 -49.25 -0.41
C MET B 508 23.09 -47.80 -0.21
N THR B 509 22.14 -46.99 0.23
CA THR B 509 22.40 -45.58 0.49
C THR B 509 23.19 -45.41 1.78
N PRO B 510 23.95 -44.32 1.93
CA PRO B 510 24.77 -44.14 3.13
C PRO B 510 23.94 -43.63 4.31
N SER B 511 24.57 -43.62 5.48
CA SER B 511 23.96 -43.04 6.67
C SER B 511 24.23 -41.55 6.74
N LYS B 512 23.25 -40.78 7.19
CA LYS B 512 23.34 -39.32 7.18
C LYS B 512 22.92 -38.67 8.48
N GLY B 513 22.91 -39.39 9.60
CA GLY B 513 22.47 -38.85 10.88
C GLY B 513 23.44 -39.23 12.00
N VAL B 514 23.70 -38.27 12.88
CA VAL B 514 24.55 -38.46 14.06
C VAL B 514 23.98 -37.64 15.20
N LEU B 515 23.99 -38.20 16.41
CA LEU B 515 23.64 -37.46 17.62
C LEU B 515 24.72 -37.69 18.66
N PHE B 516 25.19 -36.61 19.27
CA PHE B 516 26.14 -36.66 20.37
C PHE B 516 25.41 -36.31 21.65
N TYR B 517 25.47 -37.21 22.64
CA TYR B 517 24.91 -36.96 23.97
C TYR B 517 25.97 -37.32 25.00
N GLY B 518 26.14 -36.44 25.98
CA GLY B 518 27.10 -36.67 27.03
C GLY B 518 27.11 -35.54 28.04
N PRO B 519 27.91 -35.67 29.09
CA PRO B 519 28.03 -34.59 30.08
C PRO B 519 28.66 -33.36 29.46
N PRO B 520 28.30 -32.17 29.94
CA PRO B 520 28.80 -30.94 29.31
C PRO B 520 30.31 -30.81 29.40
N GLY B 521 30.90 -30.23 28.35
CA GLY B 521 32.32 -29.94 28.32
C GLY B 521 33.21 -31.06 27.87
N CYS B 522 32.67 -32.08 27.19
CA CYS B 522 33.45 -33.25 26.84
C CYS B 522 33.84 -33.32 25.37
N GLY B 523 33.39 -32.37 24.56
CA GLY B 523 33.79 -32.32 23.17
C GLY B 523 32.71 -32.54 22.14
N LYS B 524 31.46 -32.20 22.44
CA LYS B 524 30.40 -32.32 21.45
C LYS B 524 30.49 -31.21 20.40
N THR B 525 30.76 -29.99 20.84
CA THR B 525 30.88 -28.88 19.88
C THR B 525 32.20 -28.94 19.12
N LEU B 526 33.27 -29.43 19.77
CA LEU B 526 34.54 -29.57 19.08
C LEU B 526 34.44 -30.50 17.89
N LEU B 527 33.77 -31.64 18.08
CA LEU B 527 33.65 -32.62 17.01
C LEU B 527 32.86 -32.08 15.84
N ALA B 528 32.08 -31.02 16.04
CA ALA B 528 31.41 -30.35 14.93
C ALA B 528 32.22 -29.19 14.38
N LYS B 529 32.94 -28.47 15.24
CA LYS B 529 33.80 -27.41 14.75
C LYS B 529 35.01 -27.95 14.01
N ALA B 530 35.34 -29.23 14.19
CA ALA B 530 36.38 -29.85 13.39
C ALA B 530 35.88 -30.18 11.99
N ILE B 531 34.64 -30.64 11.89
CA ILE B 531 34.08 -30.96 10.58
C ILE B 531 33.89 -29.69 9.75
N ALA B 532 33.58 -28.57 10.41
CA ALA B 532 33.37 -27.32 9.68
C ALA B 532 34.63 -26.90 8.93
N ASN B 533 35.80 -27.31 9.43
CA ASN B 533 37.04 -26.86 8.84
C ASN B 533 37.68 -27.94 7.97
N GLU B 534 37.92 -29.12 8.53
CA GLU B 534 38.67 -30.16 7.84
C GLU B 534 37.91 -30.74 6.66
N CYS B 535 36.71 -31.27 6.90
CA CYS B 535 35.94 -31.90 5.84
C CYS B 535 35.57 -30.90 4.75
N GLN B 536 35.54 -31.38 3.49
CA GLN B 536 35.18 -30.54 2.35
C GLN B 536 33.69 -30.65 2.08
N ALA B 537 32.91 -30.35 3.12
CA ALA B 537 31.46 -30.32 3.02
C ALA B 537 30.96 -29.01 3.61
N ASN B 538 29.90 -28.48 3.01
CA ASN B 538 29.32 -27.24 3.47
C ASN B 538 28.77 -27.38 4.88
N PHE B 539 28.87 -26.30 5.65
CA PHE B 539 28.45 -26.31 7.04
C PHE B 539 27.46 -25.19 7.29
N ILE B 540 26.24 -25.56 7.65
CA ILE B 540 25.22 -24.61 8.09
C ILE B 540 24.90 -24.89 9.54
N SER B 541 25.03 -23.86 10.36
CA SER B 541 25.02 -24.00 11.81
C SER B 541 23.73 -23.46 12.39
N ILE B 542 23.14 -24.19 13.32
CA ILE B 542 21.85 -23.86 13.92
C ILE B 542 21.97 -23.89 15.43
N LYS B 543 21.74 -22.76 16.08
CA LYS B 543 21.52 -22.75 17.51
C LYS B 543 20.13 -23.27 17.80
N GLY B 544 19.94 -23.85 18.99
CA GLY B 544 18.71 -24.55 19.28
C GLY B 544 17.46 -23.72 19.04
N PRO B 545 17.21 -22.73 19.91
CA PRO B 545 15.97 -21.95 19.77
C PRO B 545 16.03 -20.91 18.68
N GLU B 546 17.01 -20.97 17.78
CA GLU B 546 17.14 -19.94 16.75
C GLU B 546 15.97 -19.97 15.77
N LEU B 547 15.50 -21.16 15.43
CA LEU B 547 14.51 -21.30 14.37
C LEU B 547 13.13 -20.84 14.78
N LEU B 548 12.86 -20.75 16.08
CA LEU B 548 11.51 -20.47 16.55
C LEU B 548 11.13 -19.02 16.33
N THR B 549 9.86 -18.79 16.00
CA THR B 549 9.34 -17.47 15.71
C THR B 549 7.98 -17.32 16.41
N MET B 550 7.70 -16.10 16.87
CA MET B 550 6.45 -15.87 17.59
C MET B 550 5.24 -15.95 16.67
N TRP B 551 5.47 -15.83 15.36
CA TRP B 551 4.36 -15.87 14.42
C TRP B 551 3.80 -17.28 14.33
N PHE B 552 2.58 -17.39 13.79
CA PHE B 552 1.89 -18.67 13.80
C PHE B 552 2.53 -19.66 12.84
N GLY B 553 2.78 -19.24 11.61
CA GLY B 553 3.25 -20.16 10.60
C GLY B 553 4.70 -19.99 10.21
N GLU B 554 5.45 -19.22 11.00
CA GLU B 554 6.83 -18.93 10.63
C GLU B 554 7.80 -19.90 11.29
N SER B 555 7.49 -20.37 12.49
CA SER B 555 8.39 -21.28 13.19
C SER B 555 8.58 -22.56 12.38
N GLU B 556 7.51 -23.07 11.79
CA GLU B 556 7.62 -24.24 10.94
C GLU B 556 8.22 -23.87 9.58
N ALA B 557 7.98 -22.64 9.13
CA ALA B 557 8.54 -22.20 7.86
C ALA B 557 10.06 -22.03 7.94
N ASN B 558 10.56 -21.58 9.10
CA ASN B 558 12.00 -21.43 9.28
C ASN B 558 12.71 -22.77 9.12
N VAL B 559 12.10 -23.84 9.64
CA VAL B 559 12.67 -25.17 9.48
C VAL B 559 12.74 -25.56 8.01
N ARG B 560 11.70 -25.24 7.26
CA ARG B 560 11.67 -25.62 5.85
C ARG B 560 12.76 -24.92 5.05
N GLU B 561 12.99 -23.63 5.30
CA GLU B 561 13.94 -22.89 4.49
C GLU B 561 15.37 -23.25 4.84
N ILE B 562 15.63 -23.63 6.10
CA ILE B 562 16.98 -24.01 6.46
C ILE B 562 17.36 -25.34 5.80
N PHE B 563 16.42 -26.28 5.75
CA PHE B 563 16.67 -27.53 5.04
C PHE B 563 16.79 -27.31 3.54
N ASP B 564 15.97 -26.42 2.99
CA ASP B 564 16.08 -26.13 1.55
C ASP B 564 17.43 -25.51 1.22
N LYS B 565 17.94 -24.66 2.10
CA LYS B 565 19.28 -24.11 1.90
C LYS B 565 20.34 -25.21 1.94
N ALA B 566 20.23 -26.13 2.90
CA ALA B 566 21.17 -27.24 2.97
C ALA B 566 21.03 -28.19 1.80
N ARG B 567 19.79 -28.47 1.39
CA ARG B 567 19.56 -29.35 0.25
C ARG B 567 20.16 -28.77 -1.01
N GLN B 568 20.10 -27.43 -1.16
CA GLN B 568 20.60 -26.78 -2.36
C GLN B 568 22.12 -26.90 -2.46
N ALA B 569 22.83 -26.78 -1.34
CA ALA B 569 24.28 -26.77 -1.32
C ALA B 569 24.89 -28.10 -0.90
N ALA B 570 24.26 -29.22 -1.25
CA ALA B 570 24.80 -30.52 -0.87
C ALA B 570 26.12 -30.76 -1.60
N PRO B 571 27.07 -31.50 -1.01
CA PRO B 571 26.99 -32.13 0.31
C PRO B 571 27.18 -31.14 1.46
N CYS B 572 26.21 -31.09 2.37
CA CYS B 572 26.22 -30.15 3.47
C CYS B 572 26.04 -30.87 4.81
N VAL B 573 26.76 -30.39 5.82
CA VAL B 573 26.62 -30.87 7.19
C VAL B 573 25.76 -29.88 7.96
N LEU B 574 24.57 -30.32 8.36
CA LEU B 574 23.64 -29.51 9.13
C LEU B 574 23.79 -29.86 10.60
N PHE B 575 24.12 -28.87 11.42
CA PHE B 575 24.43 -29.10 12.84
C PHE B 575 23.40 -28.40 13.70
N PHE B 576 22.70 -29.17 14.54
CA PHE B 576 21.70 -28.65 15.46
C PHE B 576 22.27 -28.66 16.87
N ASP B 577 22.89 -27.56 17.27
CA ASP B 577 23.44 -27.44 18.60
C ASP B 577 22.32 -27.31 19.62
N GLN B 578 22.45 -28.03 20.72
CA GLN B 578 21.40 -28.11 21.74
C GLN B 578 20.07 -28.51 21.09
N LEU B 579 20.05 -29.73 20.55
CA LEU B 579 18.87 -30.22 19.87
C LEU B 579 17.72 -30.48 20.83
N ASP B 580 18.02 -30.59 22.14
CA ASP B 580 16.97 -30.84 23.11
C ASP B 580 15.93 -29.72 23.13
N SER B 581 16.37 -28.49 22.87
CA SER B 581 15.43 -27.37 22.84
C SER B 581 14.47 -27.51 21.67
N ILE B 582 14.99 -27.84 20.49
CA ILE B 582 14.13 -27.94 19.31
C ILE B 582 13.21 -29.15 19.42
N ALA B 583 13.76 -30.30 19.78
CA ALA B 583 13.05 -31.57 19.73
C ALA B 583 12.64 -32.00 21.14
N LYS B 584 11.34 -32.14 21.34
CA LYS B 584 10.78 -32.67 22.58
C LYS B 584 9.83 -33.80 22.24
N ALA B 585 9.49 -34.61 23.24
CA ALA B 585 8.78 -35.86 23.02
C ALA B 585 7.36 -35.66 22.49
N ARG B 586 6.95 -34.41 22.27
CA ARG B 586 5.67 -34.06 21.66
C ARG B 586 4.50 -34.35 22.60
N GLY B 587 3.59 -33.39 22.73
CA GLY B 587 2.44 -33.56 23.59
C GLY B 587 2.72 -33.50 25.07
N GLY B 588 3.86 -32.93 25.48
CA GLY B 588 4.18 -32.89 26.90
C GLY B 588 3.22 -32.03 27.69
N ASN B 589 2.91 -30.84 27.19
CA ASN B 589 2.00 -29.93 27.85
C ASN B 589 1.46 -28.93 26.85
N ILE B 590 0.32 -28.32 27.19
CA ILE B 590 -0.34 -27.38 26.29
C ILE B 590 0.32 -26.02 26.30
N GLY B 591 1.31 -25.79 27.16
CA GLY B 591 2.01 -24.53 27.22
C GLY B 591 3.08 -24.34 26.18
N ASP B 592 3.26 -25.30 25.28
CA ASP B 592 4.31 -25.25 24.26
C ASP B 592 3.82 -24.39 23.08
N GLY B 593 3.52 -23.13 23.39
CA GLY B 593 3.08 -22.19 22.37
C GLY B 593 1.81 -22.61 21.66
N GLY B 594 0.88 -23.25 22.38
CA GLY B 594 -0.32 -23.75 21.75
C GLY B 594 -0.06 -24.80 20.70
N GLY B 595 0.86 -25.72 20.97
CA GLY B 595 1.24 -26.74 20.01
C GLY B 595 2.25 -26.30 18.97
N ALA B 596 2.73 -25.06 19.03
CA ALA B 596 3.69 -24.60 18.04
C ALA B 596 5.01 -25.35 18.15
N ALA B 597 5.44 -25.65 19.38
CA ALA B 597 6.67 -26.41 19.57
C ALA B 597 6.54 -27.82 19.02
N ASP B 598 5.39 -28.46 19.26
CA ASP B 598 5.18 -29.81 18.77
C ASP B 598 4.96 -29.81 17.26
N ARG B 599 4.52 -28.68 16.70
CA ARG B 599 4.34 -28.59 15.26
C ARG B 599 5.67 -28.42 14.54
N VAL B 600 6.65 -27.83 15.22
CA VAL B 600 8.00 -27.73 14.64
C VAL B 600 8.62 -29.11 14.51
N ILE B 601 8.33 -30.00 15.45
CA ILE B 601 8.84 -31.37 15.38
C ILE B 601 8.38 -32.03 14.09
N ASN B 602 7.09 -31.91 13.79
CA ASN B 602 6.53 -32.59 12.63
C ASN B 602 7.12 -32.06 11.33
N GLN B 603 7.46 -30.78 11.31
CA GLN B 603 8.10 -30.22 10.12
C GLN B 603 9.52 -30.76 9.96
N ILE B 604 10.22 -30.96 11.08
CA ILE B 604 11.55 -31.55 11.03
C ILE B 604 11.49 -33.02 10.63
N LEU B 605 10.47 -33.72 11.10
CA LEU B 605 10.34 -35.14 10.80
C LEU B 605 10.22 -35.39 9.30
N THR B 606 9.43 -34.56 8.61
CA THR B 606 9.28 -34.72 7.17
C THR B 606 10.55 -34.31 6.42
N GLU B 607 11.28 -33.32 6.93
CA GLU B 607 12.47 -32.86 6.24
C GLU B 607 13.57 -33.92 6.28
N MET B 608 13.80 -34.51 7.45
CA MET B 608 14.82 -35.56 7.55
C MET B 608 14.42 -36.79 6.77
N ASP B 609 13.21 -37.31 6.98
CA ASP B 609 12.74 -38.52 6.33
C ASP B 609 11.31 -38.31 5.87
N GLY B 610 11.14 -37.88 4.63
CA GLY B 610 9.82 -37.69 4.06
C GLY B 610 9.84 -38.21 2.64
N MET B 611 8.89 -37.73 1.85
CA MET B 611 8.78 -38.19 0.47
C MET B 611 9.56 -37.32 -0.48
N SER B 612 10.86 -37.16 -0.23
CA SER B 612 11.75 -36.42 -1.09
C SER B 612 13.02 -37.25 -1.30
N THR B 613 13.65 -37.05 -2.44
CA THR B 613 14.87 -37.78 -2.76
C THR B 613 15.95 -37.44 -1.74
N LYS B 614 16.64 -38.48 -1.26
CA LYS B 614 17.65 -38.32 -0.22
C LYS B 614 18.87 -37.62 -0.80
N LYS B 615 19.02 -36.34 -0.46
CA LYS B 615 20.17 -35.57 -0.88
C LYS B 615 21.29 -35.71 0.15
N ASN B 616 22.46 -35.19 -0.17
CA ASN B 616 23.65 -35.37 0.67
C ASN B 616 23.66 -34.32 1.77
N VAL B 617 22.67 -34.41 2.65
CA VAL B 617 22.57 -33.55 3.82
C VAL B 617 22.79 -34.41 5.06
N PHE B 618 23.90 -34.17 5.75
CA PHE B 618 24.27 -34.94 6.93
C PHE B 618 23.86 -34.15 8.16
N ILE B 619 22.98 -34.72 8.96
CA ILE B 619 22.41 -34.02 10.11
C ILE B 619 23.12 -34.50 11.37
N ILE B 620 23.70 -33.56 12.10
CA ILE B 620 24.41 -33.83 13.34
C ILE B 620 23.75 -33.02 14.44
N GLY B 621 23.44 -33.66 15.56
CA GLY B 621 22.87 -32.97 16.69
C GLY B 621 23.65 -33.20 17.95
N ALA B 622 23.94 -32.13 18.69
CA ALA B 622 24.64 -32.22 19.97
C ALA B 622 23.66 -31.83 21.06
N THR B 623 23.37 -32.78 21.95
CA THR B 623 22.41 -32.55 23.02
C THR B 623 23.02 -32.97 24.35
N ASN B 624 22.60 -32.29 25.42
CA ASN B 624 23.04 -32.69 26.75
C ASN B 624 22.15 -33.79 27.31
N ARG B 625 20.85 -33.55 27.37
CA ARG B 625 19.91 -34.53 27.86
C ARG B 625 19.17 -35.17 26.70
N PRO B 626 19.43 -36.45 26.39
CA PRO B 626 18.79 -37.04 25.21
C PRO B 626 17.47 -37.72 25.50
N ASP B 627 17.12 -37.91 26.78
CA ASP B 627 15.92 -38.68 27.09
C ASP B 627 14.64 -37.94 26.71
N ILE B 628 14.72 -36.62 26.58
CA ILE B 628 13.52 -35.85 26.26
C ILE B 628 13.29 -35.79 24.75
N ILE B 629 14.27 -36.24 23.98
CA ILE B 629 14.18 -36.13 22.53
C ILE B 629 13.07 -37.03 22.00
N ASP B 630 12.31 -36.50 21.04
CA ASP B 630 11.23 -37.26 20.43
C ASP B 630 11.77 -38.53 19.79
N PRO B 631 11.23 -39.71 20.13
CA PRO B 631 11.76 -40.95 19.54
C PRO B 631 11.65 -41.01 18.03
N ALA B 632 10.70 -40.28 17.44
CA ALA B 632 10.61 -40.26 15.97
C ALA B 632 11.83 -39.60 15.36
N ILE B 633 12.50 -38.73 16.11
CA ILE B 633 13.76 -38.16 15.66
C ILE B 633 14.87 -39.20 15.70
N LEU B 634 14.89 -40.02 16.75
CA LEU B 634 16.05 -40.87 17.01
C LEU B 634 15.99 -42.19 16.25
N ARG B 635 14.90 -42.48 15.54
CA ARG B 635 14.87 -43.68 14.73
C ARG B 635 15.82 -43.59 13.54
N PRO B 636 16.35 -44.72 13.09
CA PRO B 636 17.30 -44.71 11.97
C PRO B 636 16.67 -44.14 10.72
N GLY B 637 17.50 -43.44 9.94
CA GLY B 637 17.03 -42.65 8.83
C GLY B 637 16.88 -41.18 9.12
N ARG B 638 16.79 -40.78 10.39
CA ARG B 638 16.78 -39.37 10.74
C ARG B 638 18.03 -39.02 11.54
N LEU B 639 18.19 -39.66 12.70
CA LEU B 639 19.44 -39.66 13.46
C LEU B 639 19.73 -41.12 13.81
N ASP B 640 20.36 -41.83 12.87
CA ASP B 640 20.44 -43.28 13.00
C ASP B 640 21.54 -43.70 13.95
N GLN B 641 22.68 -43.03 13.90
CA GLN B 641 23.83 -43.39 14.71
C GLN B 641 23.86 -42.49 15.95
N LEU B 642 23.71 -43.11 17.12
CA LEU B 642 23.80 -42.41 18.39
C LEU B 642 25.16 -42.70 19.00
N ILE B 643 25.98 -41.67 19.18
CA ILE B 643 27.32 -41.81 19.70
C ILE B 643 27.37 -41.15 21.06
N TYR B 644 27.81 -41.89 22.06
CA TYR B 644 27.91 -41.39 23.43
C TYR B 644 29.34 -40.94 23.69
N ILE B 645 29.50 -39.70 24.13
CA ILE B 645 30.81 -39.12 24.41
C ILE B 645 30.98 -39.10 25.93
N PRO B 646 31.80 -39.95 26.50
CA PRO B 646 31.90 -40.04 27.96
C PRO B 646 32.92 -39.06 28.51
N LEU B 647 33.02 -39.06 29.84
CA LEU B 647 34.11 -38.34 30.48
C LEU B 647 35.44 -38.98 30.08
N PRO B 648 36.46 -38.18 29.79
CA PRO B 648 37.72 -38.75 29.30
C PRO B 648 38.35 -39.68 30.33
N ASP B 649 38.92 -40.77 29.83
CA ASP B 649 39.61 -41.74 30.67
C ASP B 649 41.05 -41.31 30.90
N GLU B 650 41.83 -42.19 31.54
CA GLU B 650 43.22 -41.89 31.83
C GLU B 650 44.00 -41.60 30.56
N LYS B 651 43.86 -42.47 29.55
CA LYS B 651 44.51 -42.21 28.28
C LYS B 651 43.94 -40.97 27.61
N SER B 652 42.62 -40.80 27.66
CA SER B 652 42.00 -39.66 27.00
C SER B 652 42.40 -38.34 27.65
N ARG B 653 42.46 -38.32 28.98
CA ARG B 653 42.83 -37.10 29.69
C ARG B 653 44.27 -36.70 29.38
N VAL B 654 45.13 -37.66 29.09
CA VAL B 654 46.48 -37.35 28.64
C VAL B 654 46.43 -36.61 27.31
N ALA B 655 45.61 -37.11 26.37
CA ALA B 655 45.56 -36.52 25.04
C ALA B 655 45.02 -35.09 25.09
N ILE B 656 44.04 -34.84 25.97
CA ILE B 656 43.49 -33.49 26.09
C ILE B 656 44.56 -32.52 26.55
N LEU B 657 45.36 -32.91 27.54
CA LEU B 657 46.40 -32.03 28.06
C LEU B 657 47.47 -31.74 27.00
N LYS B 658 47.91 -32.77 26.28
CA LYS B 658 48.90 -32.56 25.23
C LYS B 658 48.32 -31.70 24.11
N ALA B 659 47.05 -31.90 23.77
CA ALA B 659 46.44 -31.15 22.69
C ALA B 659 46.32 -29.66 23.04
N ASN B 660 45.95 -29.35 24.28
CA ASN B 660 45.77 -27.96 24.68
C ASN B 660 47.10 -27.22 24.75
N LEU B 661 48.13 -27.87 25.30
CA LEU B 661 49.44 -27.26 25.49
C LEU B 661 50.35 -27.46 24.29
N ARG B 662 49.81 -27.89 23.15
CA ARG B 662 50.61 -28.08 21.95
C ARG B 662 51.27 -26.77 21.52
N LYS B 663 50.49 -25.70 21.47
CA LYS B 663 51.03 -24.42 21.01
C LYS B 663 51.86 -23.74 22.09
N SER B 664 51.45 -23.89 23.35
CA SER B 664 52.10 -23.17 24.44
C SER B 664 53.45 -23.80 24.77
N PRO B 665 54.45 -22.99 25.15
CA PRO B 665 55.74 -23.55 25.55
C PRO B 665 55.67 -24.11 26.97
N VAL B 666 55.96 -25.39 27.09
CA VAL B 666 55.80 -26.11 28.36
C VAL B 666 57.17 -26.58 28.82
N ALA B 667 57.39 -26.53 30.13
CA ALA B 667 58.66 -26.98 30.68
C ALA B 667 58.76 -28.50 30.61
N LYS B 668 59.98 -28.99 30.34
CA LYS B 668 60.18 -30.42 30.18
C LYS B 668 59.91 -31.18 31.47
N ASP B 669 60.17 -30.56 32.62
CA ASP B 669 60.04 -31.26 33.89
C ASP B 669 58.58 -31.50 34.25
N VAL B 670 57.65 -30.89 33.50
CA VAL B 670 56.24 -31.16 33.70
C VAL B 670 55.90 -32.54 33.16
N ASP B 671 55.22 -33.35 33.96
CA ASP B 671 54.79 -34.69 33.56
C ASP B 671 53.28 -34.66 33.39
N LEU B 672 52.83 -34.47 32.15
CA LEU B 672 51.40 -34.34 31.89
C LEU B 672 50.66 -35.62 32.22
N GLU B 673 51.34 -36.77 32.14
CA GLU B 673 50.69 -38.02 32.47
C GLU B 673 50.32 -38.10 33.94
N PHE B 674 51.12 -37.48 34.81
CA PHE B 674 50.83 -37.51 36.24
C PHE B 674 49.53 -36.77 36.55
N LEU B 675 49.32 -35.62 35.91
CA LEU B 675 48.11 -34.86 36.17
C LEU B 675 46.87 -35.67 35.84
N ALA B 676 46.88 -36.38 34.72
CA ALA B 676 45.71 -37.15 34.31
C ALA B 676 45.38 -38.23 35.33
N LYS B 677 46.38 -38.73 36.04
CA LYS B 677 46.12 -39.81 36.98
C LYS B 677 45.32 -39.32 38.18
N MET B 678 45.63 -38.12 38.69
CA MET B 678 44.92 -37.61 39.86
C MET B 678 43.58 -37.00 39.48
N THR B 679 43.49 -36.41 38.29
CA THR B 679 42.23 -35.84 37.81
C THR B 679 41.34 -37.00 37.35
N ASN B 680 40.71 -37.66 38.33
CA ASN B 680 39.90 -38.85 38.03
C ASN B 680 38.67 -38.48 37.21
N GLY B 681 37.78 -37.67 37.79
CA GLY B 681 36.50 -37.38 37.15
C GLY B 681 36.31 -36.02 36.52
N PHE B 682 37.38 -35.24 36.34
CA PHE B 682 37.24 -33.93 35.71
C PHE B 682 36.88 -34.09 34.25
N SER B 683 36.06 -33.18 33.72
CA SER B 683 35.65 -33.28 32.34
C SER B 683 36.74 -32.75 31.42
N GLY B 684 36.42 -32.71 30.12
CA GLY B 684 37.34 -32.15 29.16
C GLY B 684 37.57 -30.66 29.33
N ALA B 685 36.51 -29.91 29.62
CA ALA B 685 36.66 -28.48 29.83
C ALA B 685 37.38 -28.19 31.15
N ASP B 686 37.25 -29.10 32.12
CA ASP B 686 37.95 -28.93 33.39
C ASP B 686 39.46 -28.95 33.19
N LEU B 687 39.94 -29.84 32.32
CA LEU B 687 41.37 -29.87 32.03
C LEU B 687 41.82 -28.61 31.30
N THR B 688 41.01 -28.12 30.38
CA THR B 688 41.37 -26.91 29.64
C THR B 688 41.39 -25.70 30.56
N GLU B 689 40.52 -25.67 31.58
CA GLU B 689 40.56 -24.58 32.54
C GLU B 689 41.87 -24.58 33.32
N ILE B 690 42.35 -25.77 33.71
CA ILE B 690 43.63 -25.87 34.41
C ILE B 690 44.75 -25.29 33.56
N CYS B 691 44.77 -25.65 32.27
CA CYS B 691 45.78 -25.12 31.37
C CYS B 691 45.67 -23.60 31.26
N GLN B 692 44.44 -23.09 31.14
CA GLN B 692 44.26 -21.65 31.08
C GLN B 692 44.64 -20.99 32.40
N ARG B 693 44.26 -21.62 33.53
CA ARG B 693 44.62 -21.09 34.83
C ARG B 693 46.13 -21.13 35.05
N ALA B 694 46.77 -22.23 34.65
CA ALA B 694 48.21 -22.33 34.80
C ALA B 694 48.93 -21.29 33.96
N CYS B 695 48.44 -21.05 32.74
CA CYS B 695 49.04 -20.03 31.88
C CYS B 695 48.67 -18.62 32.38
N LYS B 696 47.47 -18.47 32.94
CA LYS B 696 47.03 -17.16 33.41
C LYS B 696 47.91 -16.67 34.55
N LEU B 697 48.32 -17.57 35.45
CA LEU B 697 49.26 -17.20 36.49
C LEU B 697 50.61 -16.83 35.90
N ALA B 698 51.03 -17.54 34.85
CA ALA B 698 52.32 -17.24 34.23
C ALA B 698 52.31 -15.86 33.60
N ILE B 699 51.16 -15.42 33.08
CA ILE B 699 51.04 -14.04 32.61
C ILE B 699 51.26 -13.07 33.76
N ARG B 700 50.67 -13.36 34.92
CA ARG B 700 50.82 -12.48 36.08
C ARG B 700 52.27 -12.39 36.51
N GLU B 701 53.00 -13.50 36.49
CA GLU B 701 54.39 -13.48 36.91
C GLU B 701 55.26 -12.67 35.96
N SER B 702 55.11 -12.88 34.65
CA SER B 702 55.94 -12.16 33.69
C SER B 702 55.62 -10.67 33.69
N ILE B 703 54.36 -10.31 33.90
CA ILE B 703 53.97 -8.90 33.95
C ILE B 703 54.64 -8.23 35.14
N GLU B 704 54.59 -8.86 36.31
CA GLU B 704 55.20 -8.28 37.50
C GLU B 704 56.71 -8.18 37.37
N SER B 705 57.34 -9.24 36.85
CA SER B 705 58.79 -9.22 36.69
C SER B 705 59.22 -8.13 35.71
N GLU B 706 58.46 -7.92 34.64
CA GLU B 706 58.76 -6.84 33.73
C GLU B 706 58.55 -5.48 34.41
N ILE B 707 57.50 -5.36 35.22
CA ILE B 707 57.29 -4.11 35.96
C ILE B 707 58.42 -3.90 36.97
N ARG B 708 58.82 -4.96 37.67
CA ARG B 708 59.91 -4.85 38.63
C ARG B 708 61.20 -4.38 37.97
N ARG B 709 61.43 -4.82 36.72
CA ARG B 709 62.59 -4.35 35.98
C ARG B 709 62.51 -2.86 35.72
N GLU B 710 61.32 -2.36 35.39
CA GLU B 710 61.12 -0.92 35.24
C GLU B 710 61.33 -0.19 36.55
N ARG B 711 60.82 -0.77 37.65
CA ARG B 711 60.92 -0.12 38.96
C ARG B 711 62.37 0.02 39.41
N GLU B 712 63.18 -1.02 39.19
CA GLU B 712 64.54 -1.00 39.72
C GLU B 712 65.44 -0.07 38.93
N ARG B 713 65.18 0.09 37.63
CA ARG B 713 66.01 0.98 36.82
C ARG B 713 65.84 2.43 37.24
N GLN B 714 64.61 2.86 37.51
CA GLN B 714 64.34 4.22 37.94
C GLN B 714 63.97 4.28 39.42
N PRO B 727 62.23 -13.70 31.26
CA PRO B 727 62.20 -14.31 32.58
C PRO B 727 61.71 -15.76 32.56
N VAL B 728 60.47 -15.97 32.11
CA VAL B 728 59.87 -17.29 32.07
C VAL B 728 59.41 -17.59 30.65
N PRO B 729 60.29 -18.10 29.78
CA PRO B 729 59.86 -18.32 28.38
C PRO B 729 58.87 -19.46 28.25
N GLU B 730 58.86 -20.40 29.18
CA GLU B 730 57.98 -21.55 29.14
C GLU B 730 57.33 -21.77 30.50
N ILE B 731 56.06 -22.17 30.49
CA ILE B 731 55.31 -22.37 31.74
C ILE B 731 55.94 -23.49 32.54
N ARG B 732 56.32 -23.20 33.78
CA ARG B 732 57.05 -24.15 34.61
C ARG B 732 56.07 -25.06 35.35
N ARG B 733 56.62 -26.11 35.98
CA ARG B 733 55.78 -27.02 36.75
C ARG B 733 55.29 -26.38 38.03
N ASP B 734 55.96 -25.33 38.51
CA ASP B 734 55.49 -24.61 39.69
C ASP B 734 54.16 -23.94 39.41
N HIS B 735 53.98 -23.41 38.20
CA HIS B 735 52.71 -22.78 37.84
C HIS B 735 51.54 -23.76 37.96
N PHE B 736 51.80 -25.04 37.66
CA PHE B 736 50.72 -26.02 37.67
C PHE B 736 50.25 -26.34 39.09
N GLU B 737 51.17 -26.35 40.05
CA GLU B 737 50.83 -26.81 41.40
C GLU B 737 49.82 -25.87 42.07
N GLU B 738 49.97 -24.56 41.84
CA GLU B 738 48.97 -23.63 42.38
C GLU B 738 47.71 -23.63 41.52
N ALA B 739 47.80 -24.15 40.30
CA ALA B 739 46.66 -24.07 39.37
C ALA B 739 45.54 -25.03 39.77
N MET B 740 45.89 -26.25 40.20
CA MET B 740 44.84 -27.25 40.34
C MET B 740 43.94 -26.92 41.53
N ARG B 741 44.49 -26.28 42.56
CA ARG B 741 43.73 -26.00 43.77
C ARG B 741 42.55 -25.07 43.47
N PHE B 742 42.57 -24.39 42.32
CA PHE B 742 41.41 -23.62 41.91
C PHE B 742 40.47 -24.45 41.04
N ALA B 743 40.95 -25.56 40.50
CA ALA B 743 40.14 -26.37 39.59
C ALA B 743 39.07 -27.15 40.34
N ARG B 744 38.01 -27.52 39.63
CA ARG B 744 36.94 -28.32 40.21
C ARG B 744 36.23 -29.15 39.16
N ARG B 745 35.40 -30.10 39.59
CA ARG B 745 34.73 -31.03 38.68
C ARG B 745 33.40 -30.43 38.24
N SER B 746 33.28 -30.17 36.93
CA SER B 746 32.07 -29.54 36.42
C SER B 746 30.85 -30.46 36.57
N VAL B 747 31.02 -31.75 36.29
CA VAL B 747 29.93 -32.71 36.30
C VAL B 747 30.01 -33.54 37.58
N SER B 748 28.89 -33.62 38.29
CA SER B 748 28.85 -34.39 39.53
C SER B 748 28.69 -35.88 39.22
N ASP B 749 28.82 -36.70 40.27
CA ASP B 749 28.68 -38.14 40.10
C ASP B 749 27.25 -38.49 39.68
N ASN B 750 26.25 -37.87 40.31
CA ASN B 750 24.87 -38.21 40.01
C ASN B 750 24.51 -37.89 38.56
N ASP B 751 25.05 -36.79 38.03
CA ASP B 751 24.76 -36.41 36.66
C ASP B 751 25.27 -37.46 35.68
N ILE B 752 26.47 -38.00 35.92
CA ILE B 752 27.01 -39.03 35.05
C ILE B 752 26.09 -40.24 35.02
N ARG B 753 25.47 -40.55 36.15
CA ARG B 753 24.60 -41.72 36.23
C ARG B 753 23.44 -41.62 35.24
N LYS B 754 22.89 -40.42 35.07
CA LYS B 754 21.79 -40.24 34.14
C LYS B 754 22.22 -40.55 32.71
N TYR B 755 23.35 -39.99 32.27
CA TYR B 755 23.88 -40.32 30.95
C TYR B 755 24.26 -41.78 30.88
N GLU B 756 24.86 -42.30 31.95
CA GLU B 756 25.23 -43.71 31.99
C GLU B 756 24.00 -44.59 31.89
N MET B 757 22.90 -44.20 32.53
CA MET B 757 21.67 -44.97 32.47
C MET B 757 21.13 -45.06 31.04
N PHE B 758 21.16 -43.95 30.31
CA PHE B 758 20.61 -43.92 28.96
C PHE B 758 21.35 -44.87 28.04
N ALA B 759 22.68 -44.82 28.05
CA ALA B 759 23.47 -45.67 27.16
C ALA B 759 23.24 -47.15 27.49
N GLN B 760 22.97 -47.46 28.76
CA GLN B 760 22.68 -48.85 29.14
C GLN B 760 21.39 -49.34 28.49
N THR B 761 20.38 -48.47 28.37
CA THR B 761 19.12 -48.89 27.76
C THR B 761 19.31 -49.29 26.31
N LEU B 762 20.13 -48.54 25.57
CA LEU B 762 20.40 -48.88 24.18
C LEU B 762 21.06 -50.24 24.06
N GLN B 763 21.95 -50.57 25.01
CA GLN B 763 22.57 -51.89 25.00
C GLN B 763 21.54 -52.98 25.26
N GLN B 764 20.59 -52.72 26.17
CA GLN B 764 19.58 -53.73 26.50
C GLN B 764 18.60 -53.93 25.36
N SER B 765 18.41 -52.90 24.53
CA SER B 765 17.47 -53.01 23.41
C SER B 765 18.00 -53.93 22.33
N ARG B 766 19.32 -53.97 22.13
CA ARG B 766 19.92 -54.78 21.09
C ARG B 766 19.71 -56.26 21.36
N GLY B 767 19.79 -57.07 20.30
CA GLY B 767 19.79 -58.51 20.44
C GLY B 767 20.88 -58.96 21.39
N PHE B 768 20.48 -59.65 22.45
CA PHE B 768 21.39 -59.87 23.58
C PHE B 768 22.55 -60.77 23.19
N GLY B 769 23.69 -60.54 23.82
CA GLY B 769 24.92 -61.26 23.50
C GLY B 769 25.52 -60.79 22.19
N SER B 770 26.84 -60.85 22.11
CA SER B 770 27.53 -60.51 20.88
C SER B 770 27.05 -61.42 19.76
N PHE B 771 26.61 -60.80 18.66
CA PHE B 771 25.97 -61.56 17.60
C PHE B 771 26.92 -62.63 17.06
N ARG B 772 26.56 -63.88 17.28
CA ARG B 772 27.34 -65.01 16.81
C ARG B 772 26.49 -65.78 15.80
N PHE B 773 26.97 -65.85 14.56
CA PHE B 773 26.28 -66.61 13.55
C PHE B 773 26.31 -68.10 13.89
N PRO B 774 25.19 -68.81 13.79
CA PRO B 774 25.19 -70.24 14.12
C PRO B 774 26.04 -71.03 13.14
N SER B 775 26.67 -72.07 13.67
CA SER B 775 27.59 -72.91 12.90
C SER B 775 28.71 -72.09 12.26
N LEU C 12 -31.23 -33.63 -25.37
CA LEU C 12 -31.50 -32.92 -26.61
C LEU C 12 -30.71 -31.61 -26.66
N SER C 13 -29.79 -31.46 -25.72
CA SER C 13 -28.95 -30.26 -25.70
C SER C 13 -28.03 -30.21 -26.92
N THR C 14 -27.46 -31.34 -27.31
CA THR C 14 -26.59 -31.43 -28.46
C THR C 14 -27.32 -31.90 -29.71
N ALA C 15 -28.62 -31.65 -29.80
CA ALA C 15 -29.36 -32.01 -31.01
C ALA C 15 -28.91 -31.17 -32.19
N ILE C 16 -28.18 -30.08 -31.93
CA ILE C 16 -27.74 -29.20 -33.00
C ILE C 16 -26.52 -29.78 -33.71
N LEU C 17 -25.71 -30.58 -33.00
CA LEU C 17 -24.49 -31.10 -33.61
C LEU C 17 -24.78 -32.19 -34.64
N LYS C 18 -25.86 -32.95 -34.46
CA LYS C 18 -26.11 -34.09 -35.33
C LYS C 18 -26.15 -33.64 -36.79
N GLN C 19 -25.20 -34.16 -37.58
CA GLN C 19 -25.07 -33.72 -38.96
C GLN C 19 -26.27 -34.16 -39.80
N LYS C 20 -26.96 -35.23 -39.35
CA LYS C 20 -28.16 -35.75 -39.99
C LYS C 20 -27.80 -36.43 -41.31
N ASN C 21 -28.72 -37.21 -41.86
CA ASN C 21 -28.51 -37.90 -43.13
C ASN C 21 -29.15 -37.08 -44.24
N ARG C 22 -28.32 -36.51 -45.10
CA ARG C 22 -28.77 -35.65 -46.19
C ARG C 22 -28.17 -36.12 -47.51
N PRO C 23 -28.92 -36.00 -48.60
CA PRO C 23 -28.36 -36.39 -49.91
C PRO C 23 -27.13 -35.58 -50.30
N ASN C 24 -27.09 -34.29 -49.94
CA ASN C 24 -25.95 -33.46 -50.31
C ASN C 24 -24.68 -33.89 -49.60
N ARG C 25 -24.81 -34.33 -48.36
CA ARG C 25 -23.63 -34.76 -47.60
C ARG C 25 -23.00 -35.98 -48.26
N LEU C 26 -21.76 -35.82 -48.72
CA LEU C 26 -21.06 -36.83 -49.50
C LEU C 26 -19.72 -37.12 -48.84
N ILE C 27 -19.42 -38.41 -48.66
CA ILE C 27 -18.15 -38.79 -48.05
C ILE C 27 -17.02 -38.54 -49.05
N VAL C 28 -15.95 -37.91 -48.58
CA VAL C 28 -14.84 -37.58 -49.46
C VAL C 28 -13.93 -38.78 -49.63
N ASP C 29 -13.66 -39.13 -50.88
CA ASP C 29 -12.78 -40.25 -51.21
C ASP C 29 -11.89 -39.85 -52.39
N GLU C 30 -10.87 -40.66 -52.64
CA GLU C 30 -9.89 -40.35 -53.67
C GLU C 30 -10.51 -40.41 -55.06
N ALA C 31 -9.90 -39.68 -55.99
CA ALA C 31 -10.35 -39.68 -57.38
C ALA C 31 -9.45 -40.60 -58.22
N ILE C 32 -10.00 -41.06 -59.33
CA ILE C 32 -9.28 -41.99 -60.20
C ILE C 32 -8.67 -41.25 -61.39
N ASN C 33 -9.51 -40.58 -62.17
CA ASN C 33 -9.08 -39.93 -63.40
C ASN C 33 -9.45 -38.46 -63.47
N GLU C 34 -9.99 -37.91 -62.40
CA GLU C 34 -10.49 -36.54 -62.42
C GLU C 34 -9.35 -35.55 -62.20
N ASP C 35 -9.37 -34.45 -62.95
CA ASP C 35 -8.40 -33.39 -62.76
C ASP C 35 -8.99 -32.36 -61.77
N ASN C 36 -8.36 -31.19 -61.68
CA ASN C 36 -8.68 -30.24 -60.63
C ASN C 36 -10.03 -29.56 -60.82
N SER C 37 -10.71 -29.78 -61.95
CA SER C 37 -11.97 -29.11 -62.20
C SER C 37 -13.16 -30.06 -62.33
N VAL C 38 -12.98 -31.37 -62.14
CA VAL C 38 -14.08 -32.30 -62.27
C VAL C 38 -14.11 -33.24 -61.08
N VAL C 39 -15.33 -33.70 -60.75
CA VAL C 39 -15.57 -34.66 -59.68
C VAL C 39 -16.53 -35.71 -60.22
N SER C 40 -16.55 -36.88 -59.56
CA SER C 40 -17.34 -38.00 -60.02
C SER C 40 -18.30 -38.48 -58.94
N LEU C 41 -19.51 -38.82 -59.36
CA LEU C 41 -20.58 -39.27 -58.48
C LEU C 41 -21.24 -40.51 -59.08
N SER C 42 -22.03 -41.19 -58.26
CA SER C 42 -22.77 -42.34 -58.75
C SER C 42 -24.04 -41.90 -59.45
N GLN C 43 -24.37 -42.58 -60.55
CA GLN C 43 -25.53 -42.23 -61.35
C GLN C 43 -26.84 -42.22 -60.55
N PRO C 44 -27.13 -43.20 -59.68
CA PRO C 44 -28.35 -43.08 -58.87
C PRO C 44 -28.35 -41.84 -58.00
N LYS C 45 -27.18 -41.34 -57.61
CA LYS C 45 -27.15 -40.12 -56.82
C LYS C 45 -27.56 -38.91 -57.68
N MET C 46 -27.12 -38.86 -58.93
CA MET C 46 -27.61 -37.81 -59.83
C MET C 46 -29.10 -37.96 -60.07
N ASP C 47 -29.59 -39.19 -60.17
CA ASP C 47 -31.03 -39.39 -60.29
C ASP C 47 -31.76 -38.90 -59.05
N GLU C 48 -31.11 -39.01 -57.88
CA GLU C 48 -31.71 -38.52 -56.64
C GLU C 48 -31.61 -37.00 -56.54
N LEU C 49 -30.48 -36.41 -56.94
CA LEU C 49 -30.28 -34.97 -56.85
C LEU C 49 -30.60 -34.25 -58.16
N GLN C 50 -30.99 -34.97 -59.20
CA GLN C 50 -31.42 -34.37 -60.47
C GLN C 50 -30.32 -33.50 -61.09
N LEU C 51 -29.08 -34.01 -61.06
CA LEU C 51 -27.95 -33.37 -61.71
C LEU C 51 -27.59 -34.10 -62.98
N PHE C 52 -27.08 -33.35 -63.96
CA PHE C 52 -26.68 -33.90 -65.25
C PHE C 52 -25.16 -33.90 -65.37
N ARG C 53 -24.65 -34.81 -66.19
CA ARG C 53 -23.22 -34.90 -66.43
C ARG C 53 -22.73 -33.68 -67.21
N GLY C 54 -21.86 -32.89 -66.57
CA GLY C 54 -21.37 -31.67 -67.14
C GLY C 54 -21.84 -30.41 -66.43
N ASP C 55 -22.70 -30.53 -65.43
CA ASP C 55 -23.16 -29.36 -64.69
C ASP C 55 -22.07 -28.83 -63.78
N THR C 56 -22.02 -27.51 -63.63
CA THR C 56 -21.14 -26.87 -62.66
C THR C 56 -21.83 -26.79 -61.31
N VAL C 57 -21.05 -26.93 -60.24
CA VAL C 57 -21.57 -27.20 -58.91
C VAL C 57 -20.81 -26.38 -57.87
N LEU C 58 -21.45 -26.17 -56.71
CA LEU C 58 -20.79 -25.60 -55.54
C LEU C 58 -20.41 -26.71 -54.57
N LEU C 59 -19.14 -26.77 -54.20
CA LEU C 59 -18.67 -27.62 -53.12
C LEU C 59 -18.23 -26.75 -51.95
N LYS C 60 -18.76 -27.03 -50.77
CA LYS C 60 -18.55 -26.20 -49.59
C LYS C 60 -17.73 -26.95 -48.56
N GLY C 61 -16.64 -26.34 -48.11
CA GLY C 61 -15.77 -26.97 -47.14
C GLY C 61 -15.82 -26.32 -45.78
N LYS C 62 -15.10 -26.89 -44.82
CA LYS C 62 -15.08 -26.37 -43.47
C LYS C 62 -14.34 -25.03 -43.41
N LYS C 63 -14.57 -24.29 -42.33
CA LYS C 63 -13.96 -22.98 -42.11
C LYS C 63 -14.35 -22.00 -43.21
N ARG C 64 -15.55 -22.20 -43.77
CA ARG C 64 -16.09 -21.34 -44.84
C ARG C 64 -15.16 -21.33 -46.06
N ARG C 65 -14.98 -22.50 -46.66
CA ARG C 65 -14.31 -22.64 -47.95
C ARG C 65 -15.31 -23.18 -48.96
N GLU C 66 -15.19 -22.73 -50.20
CA GLU C 66 -16.08 -23.17 -51.27
C GLU C 66 -15.30 -23.47 -52.53
N ALA C 67 -15.86 -24.34 -53.36
CA ALA C 67 -15.23 -24.75 -54.61
C ALA C 67 -16.29 -24.96 -55.68
N VAL C 68 -15.85 -24.91 -56.93
CA VAL C 68 -16.68 -25.22 -58.08
C VAL C 68 -15.95 -26.21 -58.97
N CYS C 69 -16.66 -27.21 -59.46
CA CYS C 69 -16.10 -28.24 -60.32
C CYS C 69 -17.16 -28.64 -61.33
N ILE C 70 -16.89 -29.74 -62.04
CA ILE C 70 -17.84 -30.33 -62.96
C ILE C 70 -18.19 -31.73 -62.47
N VAL C 71 -19.48 -32.02 -62.39
CA VAL C 71 -19.98 -33.30 -61.90
C VAL C 71 -20.06 -34.28 -63.06
N LEU C 72 -19.53 -35.48 -62.84
CA LEU C 72 -19.56 -36.56 -63.83
C LEU C 72 -20.06 -37.83 -63.17
N SER C 73 -20.22 -38.87 -63.98
CA SER C 73 -20.67 -40.17 -63.50
C SER C 73 -19.49 -41.12 -63.36
N ASP C 74 -19.51 -41.90 -62.29
CA ASP C 74 -18.48 -42.90 -62.03
C ASP C 74 -19.18 -44.20 -61.63
N ASP C 75 -19.05 -45.23 -62.46
CA ASP C 75 -19.73 -46.50 -62.21
C ASP C 75 -19.15 -47.25 -61.02
N THR C 76 -17.94 -46.91 -60.57
CA THR C 76 -17.34 -47.52 -59.39
C THR C 76 -17.62 -46.71 -58.13
N CYS C 77 -18.36 -45.62 -58.23
CA CYS C 77 -18.60 -44.74 -57.10
C CYS C 77 -19.71 -45.27 -56.21
N SER C 78 -19.44 -45.34 -54.91
CA SER C 78 -20.50 -45.61 -53.96
C SER C 78 -21.48 -44.44 -53.94
N ASP C 79 -22.75 -44.76 -53.67
CA ASP C 79 -23.79 -43.74 -53.74
C ASP C 79 -23.55 -42.64 -52.72
N GLU C 80 -22.99 -42.99 -51.57
CA GLU C 80 -22.80 -42.06 -50.47
C GLU C 80 -21.44 -41.38 -50.46
N LYS C 81 -20.58 -41.66 -51.43
CA LYS C 81 -19.25 -41.07 -51.50
C LYS C 81 -19.11 -40.21 -52.75
N ILE C 82 -18.13 -39.31 -52.72
CA ILE C 82 -17.83 -38.44 -53.84
C ILE C 82 -16.34 -38.55 -54.14
N ARG C 83 -15.98 -38.53 -55.41
CA ARG C 83 -14.59 -38.61 -55.83
C ARG C 83 -14.07 -37.21 -56.11
N MET C 84 -12.92 -36.88 -55.52
CA MET C 84 -12.34 -35.55 -55.65
C MET C 84 -10.84 -35.63 -55.37
N ASN C 85 -10.06 -34.92 -56.17
CA ASN C 85 -8.61 -35.05 -56.10
C ASN C 85 -8.02 -34.17 -55.00
N ARG C 86 -6.71 -34.32 -54.81
CA ARG C 86 -6.02 -33.69 -53.69
C ARG C 86 -6.11 -32.16 -53.76
N VAL C 87 -6.10 -31.61 -54.98
CA VAL C 87 -6.13 -30.15 -55.12
C VAL C 87 -7.43 -29.59 -54.55
N VAL C 88 -8.57 -30.16 -54.92
CA VAL C 88 -9.85 -29.66 -54.41
C VAL C 88 -9.98 -29.96 -52.92
N ARG C 89 -9.44 -31.09 -52.46
CA ARG C 89 -9.49 -31.42 -51.04
C ARG C 89 -8.74 -30.37 -50.22
N ASN C 90 -7.56 -29.94 -50.69
CA ASN C 90 -6.87 -28.86 -50.01
C ASN C 90 -7.63 -27.55 -50.14
N ASN C 91 -8.29 -27.36 -51.29
CA ASN C 91 -9.11 -26.16 -51.47
C ASN C 91 -10.27 -26.12 -50.50
N LEU C 92 -10.80 -27.29 -50.12
CA LEU C 92 -11.96 -27.37 -49.24
C LEU C 92 -11.60 -27.54 -47.78
N ARG C 93 -10.32 -27.65 -47.45
CA ARG C 93 -9.88 -27.94 -46.08
C ARG C 93 -10.53 -29.21 -45.57
N VAL C 94 -10.64 -30.21 -46.44
CA VAL C 94 -11.34 -31.45 -46.15
C VAL C 94 -10.41 -32.62 -46.41
N ARG C 95 -10.46 -33.60 -45.52
CA ARG C 95 -9.69 -34.83 -45.67
C ARG C 95 -10.62 -35.99 -45.99
N LEU C 96 -10.03 -37.09 -46.43
CA LEU C 96 -10.80 -38.27 -46.82
C LEU C 96 -11.59 -38.80 -45.64
N GLY C 97 -12.86 -39.13 -45.87
CA GLY C 97 -13.77 -39.58 -44.84
C GLY C 97 -14.70 -38.51 -44.33
N ASP C 98 -14.43 -37.25 -44.64
CA ASP C 98 -15.30 -36.16 -44.18
C ASP C 98 -16.45 -35.95 -45.16
N VAL C 99 -17.30 -34.97 -44.82
CA VAL C 99 -18.53 -34.71 -45.55
C VAL C 99 -18.49 -33.31 -46.15
N ILE C 100 -19.14 -33.14 -47.30
CA ILE C 100 -19.24 -31.86 -47.97
C ILE C 100 -20.69 -31.67 -48.44
N SER C 101 -21.04 -30.43 -48.75
CA SER C 101 -22.36 -30.09 -49.27
C SER C 101 -22.27 -29.73 -50.74
N ILE C 102 -23.18 -30.32 -51.53
CA ILE C 102 -23.16 -30.23 -52.98
C ILE C 102 -24.51 -29.72 -53.47
N GLN C 103 -24.49 -28.73 -54.34
CA GLN C 103 -25.71 -28.11 -54.86
C GLN C 103 -25.44 -27.53 -56.24
N PRO C 104 -26.46 -27.52 -57.11
CA PRO C 104 -26.24 -27.04 -58.48
C PRO C 104 -25.84 -25.58 -58.52
N CYS C 105 -25.02 -25.23 -59.53
CA CYS C 105 -24.46 -23.90 -59.67
C CYS C 105 -24.99 -23.28 -60.96
N PRO C 106 -25.95 -22.36 -60.86
CA PRO C 106 -26.54 -21.78 -62.07
C PRO C 106 -25.89 -20.47 -62.47
N ASP C 107 -26.18 -20.08 -63.71
CA ASP C 107 -25.90 -18.73 -64.22
C ASP C 107 -24.42 -18.39 -64.20
N VAL C 108 -23.55 -19.38 -64.45
CA VAL C 108 -22.11 -19.12 -64.44
C VAL C 108 -21.69 -18.59 -65.81
N LYS C 109 -21.04 -17.44 -65.82
CA LYS C 109 -20.65 -16.77 -67.04
C LYS C 109 -19.18 -17.01 -67.35
N TYR C 110 -18.82 -16.84 -68.62
CA TYR C 110 -17.43 -16.94 -69.02
C TYR C 110 -16.63 -15.79 -68.42
N GLY C 111 -15.42 -16.10 -67.97
CA GLY C 111 -14.61 -15.09 -67.32
C GLY C 111 -14.19 -14.00 -68.29
N LYS C 112 -14.09 -12.78 -67.75
CA LYS C 112 -13.54 -11.65 -68.49
C LYS C 112 -12.07 -11.44 -68.18
N ARG C 113 -11.70 -11.50 -66.90
CA ARG C 113 -10.32 -11.36 -66.49
C ARG C 113 -10.11 -12.06 -65.16
N ILE C 114 -9.06 -12.87 -65.07
CA ILE C 114 -8.70 -13.59 -63.85
C ILE C 114 -7.23 -13.32 -63.54
N HIS C 115 -6.96 -13.03 -62.27
CA HIS C 115 -5.62 -12.68 -61.80
C HIS C 115 -5.07 -13.84 -60.99
N VAL C 116 -3.89 -14.32 -61.36
CA VAL C 116 -3.26 -15.46 -60.71
C VAL C 116 -1.84 -15.10 -60.32
N LEU C 117 -1.35 -15.76 -59.27
CA LEU C 117 -0.01 -15.52 -58.75
C LEU C 117 0.60 -16.82 -58.24
N PRO C 118 1.88 -17.06 -58.54
CA PRO C 118 2.50 -18.32 -58.14
C PRO C 118 2.81 -18.37 -56.65
N ILE C 119 3.12 -19.56 -56.17
CA ILE C 119 3.56 -19.76 -54.80
C ILE C 119 5.07 -19.83 -54.76
N ASP C 120 5.70 -19.12 -53.81
CA ASP C 120 7.14 -18.94 -53.82
C ASP C 120 7.88 -20.27 -53.75
N ASP C 121 7.45 -21.16 -52.85
CA ASP C 121 8.14 -22.43 -52.67
C ASP C 121 8.05 -23.33 -53.89
N THR C 122 7.07 -23.14 -54.76
CA THR C 122 6.97 -23.89 -56.01
C THR C 122 7.62 -23.19 -57.20
N VAL C 123 7.92 -21.90 -57.08
CA VAL C 123 8.40 -21.12 -58.22
C VAL C 123 9.87 -20.75 -58.08
N GLU C 124 10.45 -20.84 -56.89
CA GLU C 124 11.84 -20.49 -56.70
C GLU C 124 12.73 -21.37 -57.56
N GLY C 125 13.61 -20.74 -58.34
CA GLY C 125 14.40 -21.45 -59.32
C GLY C 125 13.77 -21.57 -60.70
N ILE C 126 12.53 -21.13 -60.86
CA ILE C 126 11.86 -21.10 -62.16
C ILE C 126 11.88 -19.67 -62.64
N THR C 127 12.55 -19.42 -63.77
CA THR C 127 12.72 -18.08 -64.30
C THR C 127 12.02 -17.86 -65.64
N GLY C 128 11.51 -18.92 -66.26
CA GLY C 128 10.87 -18.80 -67.56
C GLY C 128 9.49 -18.16 -67.46
N ASN C 129 8.91 -17.92 -68.63
CA ASN C 129 7.58 -17.32 -68.71
C ASN C 129 6.57 -18.28 -68.09
N LEU C 130 5.95 -17.85 -66.99
CA LEU C 130 4.99 -18.70 -66.30
C LEU C 130 3.76 -18.98 -67.16
N PHE C 131 3.26 -17.97 -67.87
CA PHE C 131 2.02 -18.13 -68.62
C PHE C 131 2.13 -19.26 -69.64
N GLU C 132 3.06 -19.12 -70.61
CA GLU C 132 3.15 -20.07 -71.70
C GLU C 132 3.42 -21.48 -71.19
N VAL C 133 4.32 -21.63 -70.22
CA VAL C 133 4.71 -22.94 -69.75
C VAL C 133 3.58 -23.61 -68.97
N TYR C 134 2.84 -22.84 -68.16
CA TYR C 134 1.90 -23.44 -67.23
C TYR C 134 0.44 -23.16 -67.54
N LEU C 135 0.03 -21.89 -67.62
CA LEU C 135 -1.38 -21.52 -67.63
C LEU C 135 -2.08 -21.90 -68.93
N LYS C 136 -1.50 -21.53 -70.07
CA LYS C 136 -2.19 -21.76 -71.35
C LYS C 136 -2.41 -23.23 -71.65
N PRO C 137 -1.42 -24.13 -71.55
CA PRO C 137 -1.73 -25.55 -71.73
C PRO C 137 -2.72 -26.07 -70.70
N TYR C 138 -2.72 -25.52 -69.49
CA TYR C 138 -3.63 -25.99 -68.45
C TYR C 138 -5.06 -25.52 -68.72
N PHE C 139 -5.22 -24.38 -69.37
CA PHE C 139 -6.55 -23.82 -69.60
C PHE C 139 -7.03 -23.96 -71.04
N LEU C 140 -6.21 -24.49 -71.94
CA LEU C 140 -6.54 -24.53 -73.35
C LEU C 140 -7.79 -25.35 -73.64
N GLU C 141 -8.86 -24.69 -74.09
CA GLU C 141 -10.11 -25.33 -74.51
C GLU C 141 -10.73 -26.19 -73.41
N ALA C 142 -10.37 -25.92 -72.14
CA ALA C 142 -10.83 -26.75 -71.04
C ALA C 142 -12.05 -26.18 -70.32
N TYR C 143 -12.22 -24.86 -70.31
CA TYR C 143 -13.36 -24.20 -69.66
C TYR C 143 -13.42 -24.53 -68.18
N ARG C 144 -12.32 -24.25 -67.50
CA ARG C 144 -12.17 -24.63 -66.09
C ARG C 144 -12.92 -23.65 -65.18
N PRO C 145 -13.83 -24.12 -64.33
CA PRO C 145 -14.46 -23.22 -63.36
C PRO C 145 -13.57 -23.00 -62.17
N ILE C 146 -13.38 -21.73 -61.81
CA ILE C 146 -12.51 -21.37 -60.69
C ILE C 146 -13.20 -20.31 -59.83
N ARG C 147 -12.68 -20.18 -58.60
CA ARG C 147 -13.23 -19.28 -57.59
C ARG C 147 -12.13 -18.35 -57.10
N LYS C 148 -12.54 -17.16 -56.66
CA LYS C 148 -11.62 -16.23 -56.02
C LYS C 148 -11.01 -16.87 -54.78
N GLY C 149 -9.74 -17.26 -54.89
CA GLY C 149 -9.02 -17.88 -53.79
C GLY C 149 -8.67 -19.34 -53.98
N ASP C 150 -8.97 -19.92 -55.14
CA ASP C 150 -8.62 -21.32 -55.38
C ASP C 150 -7.10 -21.49 -55.44
N ILE C 151 -6.64 -22.64 -54.96
CA ILE C 151 -5.23 -23.01 -55.01
C ILE C 151 -5.13 -24.26 -55.87
N PHE C 152 -4.53 -24.13 -57.06
CA PHE C 152 -4.47 -25.22 -58.01
C PHE C 152 -3.06 -25.45 -58.51
N LEU C 153 -2.75 -26.72 -58.78
CA LEU C 153 -1.43 -27.17 -59.21
C LEU C 153 -1.39 -27.34 -60.73
N VAL C 154 -0.34 -26.81 -61.35
CA VAL C 154 -0.11 -26.97 -62.78
C VAL C 154 1.21 -27.69 -62.99
N ARG C 155 1.15 -28.88 -63.58
CA ARG C 155 2.36 -29.61 -63.95
C ARG C 155 3.03 -28.96 -65.17
N GLY C 156 4.32 -29.23 -65.30
CA GLY C 156 5.03 -28.85 -66.51
C GLY C 156 6.45 -28.43 -66.22
N GLY C 157 7.29 -28.56 -67.25
CA GLY C 157 8.65 -28.06 -67.17
C GLY C 157 9.49 -28.81 -66.16
N MET C 158 10.40 -28.07 -65.51
CA MET C 158 11.32 -28.63 -64.53
C MET C 158 10.66 -28.95 -63.20
N ARG C 159 9.67 -28.17 -62.79
CA ARG C 159 9.00 -28.36 -61.52
C ARG C 159 7.63 -27.72 -61.59
N ALA C 160 6.63 -28.40 -61.02
CA ALA C 160 5.30 -27.85 -60.96
C ALA C 160 5.28 -26.57 -60.13
N VAL C 161 4.51 -25.59 -60.56
CA VAL C 161 4.38 -24.31 -59.89
C VAL C 161 2.93 -24.13 -59.46
N GLU C 162 2.73 -23.84 -58.18
CA GLU C 162 1.40 -23.75 -57.59
C GLU C 162 0.86 -22.34 -57.74
N PHE C 163 -0.43 -22.23 -58.04
CA PHE C 163 -1.05 -20.94 -58.36
C PHE C 163 -2.26 -20.67 -57.48
N LYS C 164 -2.54 -19.38 -57.29
CA LYS C 164 -3.67 -18.88 -56.53
C LYS C 164 -4.43 -17.85 -57.35
N VAL C 165 -5.75 -17.91 -57.31
CA VAL C 165 -6.61 -16.91 -57.95
C VAL C 165 -6.94 -15.83 -56.94
N VAL C 166 -6.62 -14.58 -57.26
CA VAL C 166 -6.87 -13.50 -56.33
C VAL C 166 -8.03 -12.59 -56.76
N GLU C 167 -8.28 -12.46 -58.06
CA GLU C 167 -9.30 -11.53 -58.56
C GLU C 167 -9.96 -12.13 -59.79
N THR C 168 -11.28 -11.93 -59.90
CA THR C 168 -12.04 -12.47 -61.02
C THR C 168 -13.00 -11.41 -61.55
N ASP C 169 -13.43 -11.59 -62.80
CA ASP C 169 -14.35 -10.68 -63.47
C ASP C 169 -15.32 -11.50 -64.32
N PRO C 170 -16.58 -11.67 -63.88
CA PRO C 170 -17.10 -11.21 -62.59
C PRO C 170 -16.64 -12.07 -61.42
N SER C 171 -17.26 -11.88 -60.27
CA SER C 171 -16.86 -12.53 -59.04
C SER C 171 -18.05 -13.25 -58.42
N PRO C 172 -17.81 -14.37 -57.71
CA PRO C 172 -16.52 -15.05 -57.55
C PRO C 172 -16.31 -16.20 -58.51
N TYR C 173 -17.32 -16.49 -59.32
CA TYR C 173 -17.37 -17.72 -60.10
C TYR C 173 -17.31 -17.40 -61.58
N CYS C 174 -16.44 -18.11 -62.30
CA CYS C 174 -16.26 -17.88 -63.73
C CYS C 174 -15.82 -19.17 -64.39
N ILE C 175 -16.01 -19.20 -65.72
CA ILE C 175 -15.55 -20.29 -66.57
C ILE C 175 -14.42 -19.74 -67.43
N VAL C 176 -13.27 -20.40 -67.39
CA VAL C 176 -12.08 -19.93 -68.10
C VAL C 176 -12.25 -20.31 -69.57
N ALA C 177 -12.78 -19.38 -70.35
CA ALA C 177 -12.97 -19.54 -71.78
C ALA C 177 -11.71 -19.15 -72.54
N PRO C 178 -11.57 -19.58 -73.79
CA PRO C 178 -10.38 -19.20 -74.57
C PRO C 178 -10.15 -17.70 -74.65
N ASP C 179 -11.20 -16.90 -74.73
CA ASP C 179 -11.07 -15.45 -74.81
C ASP C 179 -10.73 -14.82 -73.47
N THR C 180 -10.99 -15.51 -72.37
CA THR C 180 -10.75 -14.95 -71.04
C THR C 180 -9.27 -14.69 -70.85
N VAL C 181 -8.91 -13.41 -70.71
CA VAL C 181 -7.51 -13.01 -70.65
C VAL C 181 -6.95 -13.39 -69.29
N ILE C 182 -5.86 -14.15 -69.29
CA ILE C 182 -5.24 -14.66 -68.08
C ILE C 182 -3.88 -14.00 -67.92
N HIS C 183 -3.65 -13.40 -66.75
CA HIS C 183 -2.40 -12.72 -66.46
C HIS C 183 -1.83 -13.20 -65.14
N CYS C 184 -0.51 -13.22 -65.05
CA CYS C 184 0.18 -13.69 -63.85
C CYS C 184 1.13 -12.67 -63.25
N GLU C 185 1.20 -11.46 -63.78
CA GLU C 185 2.07 -10.44 -63.21
C GLU C 185 1.52 -9.95 -61.87
N GLY C 186 2.41 -9.65 -60.94
CA GLY C 186 2.02 -9.21 -59.62
C GLY C 186 3.06 -9.63 -58.60
N GLU C 187 2.76 -9.32 -57.34
CA GLU C 187 3.68 -9.63 -56.26
C GLU C 187 3.65 -11.12 -55.95
N PRO C 188 4.80 -11.75 -55.72
CA PRO C 188 4.80 -13.18 -55.36
C PRO C 188 4.09 -13.42 -54.03
N ILE C 189 3.45 -14.59 -53.93
CA ILE C 189 2.76 -14.95 -52.69
C ILE C 189 3.73 -15.61 -51.74
N LYS C 190 3.59 -15.30 -50.45
CA LYS C 190 4.43 -15.87 -49.41
C LYS C 190 3.91 -17.25 -49.01
N ARG C 191 4.85 -18.18 -48.77
CA ARG C 191 4.47 -19.50 -48.28
C ARG C 191 3.82 -19.42 -46.90
N GLU C 192 4.18 -18.42 -46.11
CA GLU C 192 3.68 -18.33 -44.75
C GLU C 192 2.17 -18.13 -44.72
N ASP C 193 1.64 -17.28 -45.60
CA ASP C 193 0.19 -17.08 -45.64
C ASP C 193 -0.53 -18.35 -46.05
N GLU C 194 -0.01 -19.06 -47.04
CA GLU C 194 -0.63 -20.30 -47.51
C GLU C 194 -0.64 -21.37 -46.41
N GLU C 195 0.47 -21.50 -45.67
CA GLU C 195 0.52 -22.51 -44.62
C GLU C 195 -0.33 -22.10 -43.42
N GLU C 196 -0.38 -20.80 -43.09
CA GLU C 196 -1.21 -20.35 -41.99
C GLU C 196 -2.68 -20.56 -42.30
N SER C 197 -3.09 -20.33 -43.55
CA SER C 197 -4.48 -20.60 -43.92
C SER C 197 -4.81 -22.07 -43.78
N LEU C 198 -3.85 -22.94 -44.14
CA LEU C 198 -4.05 -24.38 -43.97
C LEU C 198 -4.20 -24.74 -42.50
N ASN C 199 -3.38 -24.16 -41.64
CA ASN C 199 -3.38 -24.50 -40.22
C ASN C 199 -4.35 -23.65 -39.41
N GLU C 200 -5.34 -23.03 -40.04
CA GLU C 200 -6.37 -22.33 -39.29
C GLU C 200 -7.19 -23.31 -38.46
N VAL C 201 -7.72 -22.81 -37.34
CA VAL C 201 -8.46 -23.65 -36.41
C VAL C 201 -9.93 -23.69 -36.80
N GLY C 202 -10.51 -24.87 -36.74
CA GLY C 202 -11.94 -25.03 -37.00
C GLY C 202 -12.64 -25.59 -35.78
N TYR C 203 -13.93 -25.86 -35.95
CA TYR C 203 -14.72 -26.44 -34.87
C TYR C 203 -14.26 -27.85 -34.55
N ASP C 204 -13.87 -28.61 -35.57
CA ASP C 204 -13.42 -29.98 -35.34
C ASP C 204 -12.08 -30.03 -34.64
N ASP C 205 -11.42 -28.88 -34.51
CA ASP C 205 -10.16 -28.83 -33.76
C ASP C 205 -10.43 -28.93 -32.26
N ILE C 206 -11.58 -28.44 -31.80
CA ILE C 206 -11.93 -28.55 -30.39
C ILE C 206 -12.19 -30.01 -30.05
N GLY C 207 -11.76 -30.42 -28.86
CA GLY C 207 -11.98 -31.78 -28.43
C GLY C 207 -12.46 -31.89 -26.99
N GLY C 208 -13.50 -32.69 -26.76
CA GLY C 208 -14.01 -32.89 -25.43
C GLY C 208 -14.98 -31.85 -24.92
N CYS C 209 -15.24 -30.81 -25.71
CA CYS C 209 -16.16 -29.73 -25.33
C CYS C 209 -17.49 -29.85 -26.06
N ARG C 210 -17.97 -31.08 -26.22
CA ARG C 210 -19.16 -31.31 -27.05
C ARG C 210 -20.37 -30.56 -26.52
N LYS C 211 -20.61 -30.64 -25.20
CA LYS C 211 -21.69 -29.87 -24.62
C LYS C 211 -21.44 -28.38 -24.72
N GLN C 212 -20.21 -27.95 -24.43
CA GLN C 212 -19.86 -26.55 -24.54
C GLN C 212 -19.96 -26.06 -25.98
N LEU C 213 -19.49 -26.86 -26.93
CA LEU C 213 -19.61 -26.47 -28.33
C LEU C 213 -21.07 -26.38 -28.74
N ALA C 214 -21.91 -27.29 -28.24
CA ALA C 214 -23.35 -27.19 -28.49
C ALA C 214 -23.90 -25.86 -28.01
N GLN C 215 -23.58 -25.49 -26.78
CA GLN C 215 -24.10 -24.24 -26.24
C GLN C 215 -23.61 -23.04 -27.04
N ILE C 216 -22.30 -22.96 -27.29
CA ILE C 216 -21.77 -21.81 -28.02
C ILE C 216 -22.35 -21.74 -29.42
N LYS C 217 -22.50 -22.89 -30.10
CA LYS C 217 -23.12 -22.90 -31.41
C LYS C 217 -24.55 -22.36 -31.34
N GLU C 218 -25.31 -22.80 -30.34
CA GLU C 218 -26.68 -22.30 -30.20
C GLU C 218 -26.70 -20.79 -30.02
N MET C 219 -25.74 -20.23 -29.26
CA MET C 219 -25.77 -18.78 -29.11
C MET C 219 -25.33 -18.04 -30.39
N VAL C 220 -24.28 -18.48 -31.05
CA VAL C 220 -23.64 -17.70 -32.11
C VAL C 220 -24.10 -18.13 -33.50
N GLU C 221 -24.00 -19.42 -33.83
CA GLU C 221 -24.21 -19.84 -35.20
C GLU C 221 -25.68 -19.83 -35.59
N LEU C 222 -26.54 -20.35 -34.73
CA LEU C 222 -27.94 -20.52 -35.09
C LEU C 222 -28.67 -19.20 -35.34
N PRO C 223 -28.56 -18.18 -34.48
CA PRO C 223 -29.25 -16.91 -34.81
C PRO C 223 -28.79 -16.27 -36.10
N LEU C 224 -27.50 -16.37 -36.43
CA LEU C 224 -27.01 -15.77 -37.66
C LEU C 224 -27.51 -16.53 -38.88
N ARG C 225 -27.53 -17.85 -38.81
CA ARG C 225 -27.92 -18.65 -39.97
C ARG C 225 -29.43 -18.64 -40.18
N HIS C 226 -30.20 -18.65 -39.10
CA HIS C 226 -31.66 -18.78 -39.17
C HIS C 226 -32.33 -17.74 -38.27
N PRO C 227 -32.27 -16.46 -38.66
CA PRO C 227 -32.96 -15.44 -37.86
C PRO C 227 -34.47 -15.57 -37.91
N ALA C 228 -35.00 -16.17 -38.97
CA ALA C 228 -36.45 -16.31 -39.10
C ALA C 228 -37.03 -17.15 -37.98
N LEU C 229 -36.25 -18.11 -37.47
CA LEU C 229 -36.73 -18.96 -36.39
C LEU C 229 -36.95 -18.15 -35.11
N PHE C 230 -35.95 -17.34 -34.73
CA PHE C 230 -36.07 -16.53 -33.53
C PHE C 230 -37.09 -15.41 -33.72
N LYS C 231 -37.27 -14.97 -34.96
CA LYS C 231 -38.31 -13.97 -35.23
C LYS C 231 -39.70 -14.58 -35.12
N GLU C 232 -39.84 -15.85 -35.51
CA GLU C 232 -41.11 -16.55 -35.39
C GLU C 232 -41.46 -16.81 -33.93
N ILE C 233 -40.49 -17.28 -33.14
CA ILE C 233 -40.74 -17.47 -31.71
C ILE C 233 -40.72 -16.14 -30.95
N GLY C 234 -40.23 -15.07 -31.56
CA GLY C 234 -40.36 -13.73 -30.99
C GLY C 234 -39.58 -13.49 -29.71
N VAL C 235 -38.33 -13.93 -29.65
CA VAL C 235 -37.47 -13.65 -28.52
C VAL C 235 -36.12 -13.20 -29.06
N LYS C 236 -35.41 -12.43 -28.25
CA LYS C 236 -34.03 -12.09 -28.58
C LYS C 236 -33.10 -13.17 -28.06
N PRO C 237 -32.31 -13.79 -28.92
CA PRO C 237 -31.39 -14.83 -28.45
C PRO C 237 -30.32 -14.22 -27.55
N PRO C 238 -29.66 -15.04 -26.73
CA PRO C 238 -28.59 -14.52 -25.90
C PRO C 238 -27.50 -13.87 -26.74
N ARG C 239 -26.95 -12.76 -26.22
CA ARG C 239 -25.94 -12.00 -26.94
C ARG C 239 -24.63 -11.88 -26.17
N GLY C 240 -24.48 -12.60 -25.06
CA GLY C 240 -23.24 -12.59 -24.32
C GLY C 240 -22.87 -13.96 -23.81
N ILE C 241 -21.64 -14.39 -24.10
CA ILE C 241 -21.14 -15.70 -23.68
C ILE C 241 -19.88 -15.48 -22.86
N LEU C 242 -19.79 -16.14 -21.71
CA LEU C 242 -18.62 -16.10 -20.86
C LEU C 242 -18.05 -17.51 -20.73
N LEU C 243 -16.80 -17.68 -21.12
CA LEU C 243 -16.11 -18.96 -21.04
C LEU C 243 -15.15 -18.93 -19.87
N TYR C 244 -15.26 -19.90 -18.97
CA TYR C 244 -14.42 -19.95 -17.80
C TYR C 244 -13.94 -21.38 -17.55
N GLY C 245 -12.82 -21.48 -16.85
CA GLY C 245 -12.23 -22.77 -16.55
C GLY C 245 -10.75 -22.64 -16.26
N PRO C 246 -10.12 -23.73 -15.86
CA PRO C 246 -8.68 -23.70 -15.60
C PRO C 246 -7.91 -23.48 -16.89
N PRO C 247 -6.69 -22.96 -16.80
CA PRO C 247 -5.91 -22.66 -18.02
C PRO C 247 -5.68 -23.87 -18.90
N GLY C 248 -5.70 -23.66 -20.21
CA GLY C 248 -5.44 -24.73 -21.14
C GLY C 248 -6.65 -25.54 -21.56
N THR C 249 -7.83 -25.24 -21.02
CA THR C 249 -9.03 -25.98 -21.36
C THR C 249 -9.54 -25.69 -22.76
N GLY C 250 -9.07 -24.63 -23.41
CA GLY C 250 -9.44 -24.32 -24.77
C GLY C 250 -10.33 -23.11 -24.94
N LYS C 251 -10.34 -22.18 -23.98
CA LYS C 251 -11.20 -21.01 -24.10
C LYS C 251 -10.77 -20.14 -25.27
N THR C 252 -9.49 -19.76 -25.32
CA THR C 252 -9.00 -18.98 -26.44
C THR C 252 -9.07 -19.78 -27.74
N LEU C 253 -8.83 -21.09 -27.66
CA LEU C 253 -8.93 -21.93 -28.85
C LEU C 253 -10.34 -21.95 -29.40
N ILE C 254 -11.34 -22.03 -28.53
CA ILE C 254 -12.73 -21.96 -28.98
C ILE C 254 -13.02 -20.58 -29.56
N ALA C 255 -12.42 -19.54 -29.00
CA ALA C 255 -12.56 -18.21 -29.58
C ALA C 255 -12.06 -18.19 -31.02
N ARG C 256 -10.87 -18.73 -31.27
CA ARG C 256 -10.32 -18.74 -32.61
C ARG C 256 -11.17 -19.58 -33.55
N ALA C 257 -11.66 -20.73 -33.07
CA ALA C 257 -12.49 -21.58 -33.92
C ALA C 257 -13.77 -20.87 -34.31
N VAL C 258 -14.41 -20.18 -33.36
CA VAL C 258 -15.62 -19.43 -33.67
C VAL C 258 -15.32 -18.30 -34.65
N ALA C 259 -14.20 -17.60 -34.45
CA ALA C 259 -13.84 -16.53 -35.37
C ALA C 259 -13.63 -17.06 -36.78
N ASN C 260 -12.96 -18.21 -36.91
CA ASN C 260 -12.69 -18.75 -38.23
C ASN C 260 -13.97 -19.26 -38.90
N GLU C 261 -14.88 -19.85 -38.13
CA GLU C 261 -16.05 -20.50 -38.71
C GLU C 261 -17.32 -19.65 -38.61
N THR C 262 -17.21 -18.33 -38.69
CA THR C 262 -18.38 -17.46 -38.81
C THR C 262 -18.16 -16.44 -39.92
N GLY C 263 -19.23 -16.15 -40.65
CA GLY C 263 -19.20 -15.14 -41.67
C GLY C 263 -19.61 -13.78 -41.14
N ALA C 264 -19.21 -13.47 -39.92
CA ALA C 264 -19.50 -12.21 -39.27
C ALA C 264 -18.20 -11.57 -38.79
N PHE C 265 -18.20 -10.24 -38.73
CA PHE C 265 -17.01 -9.51 -38.36
C PHE C 265 -16.53 -9.92 -36.98
N PHE C 266 -15.24 -10.20 -36.86
CA PHE C 266 -14.64 -10.58 -35.59
C PHE C 266 -13.65 -9.52 -35.15
N PHE C 267 -13.79 -9.07 -33.91
CA PHE C 267 -12.86 -8.15 -33.30
C PHE C 267 -12.28 -8.78 -32.04
N LEU C 268 -10.95 -8.68 -31.90
CA LEU C 268 -10.25 -9.24 -30.75
C LEU C 268 -9.87 -8.11 -29.80
N ILE C 269 -10.17 -8.30 -28.52
CA ILE C 269 -9.76 -7.38 -27.47
C ILE C 269 -9.05 -8.19 -26.39
N ASN C 270 -7.89 -7.72 -25.99
CA ASN C 270 -7.18 -8.29 -24.86
C ASN C 270 -7.25 -7.29 -23.72
N GLY C 271 -7.64 -7.78 -22.54
CA GLY C 271 -7.93 -6.94 -21.41
C GLY C 271 -6.86 -5.92 -21.11
N PRO C 272 -5.61 -6.36 -21.00
CA PRO C 272 -4.52 -5.40 -20.75
C PRO C 272 -4.31 -4.40 -21.87
N GLU C 273 -4.31 -4.86 -23.12
CA GLU C 273 -3.88 -4.01 -24.23
C GLU C 273 -4.84 -2.85 -24.49
N ILE C 274 -6.01 -2.84 -23.86
CA ILE C 274 -6.94 -1.75 -24.03
C ILE C 274 -6.57 -0.55 -23.17
N MET C 275 -5.62 -0.70 -22.27
CA MET C 275 -5.34 0.32 -21.28
C MET C 275 -4.59 1.50 -21.89
N SER C 276 -4.60 2.62 -21.16
CA SER C 276 -3.89 3.82 -21.57
C SER C 276 -3.66 4.70 -20.35
N LYS C 277 -2.44 5.22 -20.21
CA LYS C 277 -2.13 6.10 -19.09
C LYS C 277 -2.95 7.38 -19.14
N LEU C 278 -3.12 7.95 -20.33
CA LEU C 278 -3.82 9.22 -20.46
C LEU C 278 -5.29 9.04 -20.11
N ALA C 279 -5.85 10.01 -19.41
CA ALA C 279 -7.20 9.89 -18.88
C ALA C 279 -8.22 9.83 -20.00
N GLY C 280 -9.12 8.84 -19.93
CA GLY C 280 -10.21 8.72 -20.86
C GLY C 280 -9.90 7.98 -22.14
N GLU C 281 -8.68 7.47 -22.32
CA GLU C 281 -8.33 6.83 -23.58
C GLU C 281 -8.65 5.35 -23.57
N SER C 282 -8.68 4.72 -22.39
CA SER C 282 -9.11 3.32 -22.31
C SER C 282 -10.61 3.19 -22.55
N GLU C 283 -11.39 4.09 -21.94
CA GLU C 283 -12.83 4.12 -22.22
C GLU C 283 -13.07 4.41 -23.69
N SER C 284 -12.32 5.34 -24.27
CA SER C 284 -12.48 5.64 -25.69
C SER C 284 -12.05 4.46 -26.55
N ASN C 285 -11.07 3.68 -26.09
CA ASN C 285 -10.67 2.48 -26.81
C ASN C 285 -11.80 1.47 -26.85
N LEU C 286 -12.42 1.23 -25.70
CA LEU C 286 -13.57 0.33 -25.66
C LEU C 286 -14.70 0.85 -26.54
N ARG C 287 -14.95 2.16 -26.49
CA ARG C 287 -16.00 2.75 -27.30
C ARG C 287 -15.72 2.58 -28.79
N LYS C 288 -14.46 2.78 -29.19
CA LYS C 288 -14.09 2.61 -30.59
C LYS C 288 -14.25 1.16 -31.03
N ALA C 289 -13.86 0.21 -30.18
CA ALA C 289 -14.03 -1.19 -30.53
C ALA C 289 -15.49 -1.54 -30.73
N PHE C 290 -16.36 -1.10 -29.82
CA PHE C 290 -17.77 -1.42 -29.97
C PHE C 290 -18.40 -0.66 -31.12
N GLU C 291 -17.92 0.56 -31.40
CA GLU C 291 -18.41 1.32 -32.53
C GLU C 291 -18.04 0.64 -33.85
N GLU C 292 -16.81 0.12 -33.95
CA GLU C 292 -16.42 -0.61 -35.13
C GLU C 292 -17.22 -1.89 -35.30
N ALA C 293 -17.46 -2.60 -34.19
CA ALA C 293 -18.25 -3.83 -34.27
C ALA C 293 -19.69 -3.53 -34.71
N GLU C 294 -20.28 -2.45 -34.19
CA GLU C 294 -21.63 -2.08 -34.61
C GLU C 294 -21.63 -1.59 -36.05
N LYS C 295 -20.51 -1.01 -36.49
CA LYS C 295 -20.39 -0.53 -37.87
C LYS C 295 -20.46 -1.69 -38.86
N ASN C 296 -19.87 -2.82 -38.52
CA ASN C 296 -19.92 -4.02 -39.36
C ASN C 296 -20.89 -5.06 -38.81
N ALA C 297 -22.02 -4.64 -38.27
CA ALA C 297 -22.97 -5.58 -37.70
C ALA C 297 -23.54 -6.49 -38.79
N PRO C 298 -23.73 -7.79 -38.52
CA PRO C 298 -23.45 -8.45 -37.23
C PRO C 298 -21.96 -8.69 -37.00
N ALA C 299 -21.53 -8.56 -35.74
CA ALA C 299 -20.13 -8.69 -35.40
C ALA C 299 -19.99 -9.44 -34.09
N ILE C 300 -18.81 -10.01 -33.88
CA ILE C 300 -18.48 -10.74 -32.66
C ILE C 300 -17.27 -10.08 -32.01
N ILE C 301 -17.40 -9.75 -30.74
CA ILE C 301 -16.32 -9.16 -29.95
C ILE C 301 -15.87 -10.21 -28.95
N PHE C 302 -14.57 -10.48 -28.91
CA PHE C 302 -13.99 -11.39 -27.93
C PHE C 302 -13.07 -10.60 -27.02
N ILE C 303 -13.38 -10.60 -25.73
CA ILE C 303 -12.56 -9.95 -24.72
C ILE C 303 -11.86 -11.05 -23.94
N ASP C 304 -10.53 -11.13 -24.07
CA ASP C 304 -9.76 -12.14 -23.39
C ASP C 304 -9.19 -11.57 -22.10
N GLU C 305 -9.02 -12.43 -21.11
CA GLU C 305 -8.51 -12.06 -19.79
C GLU C 305 -9.36 -10.94 -19.19
N LEU C 306 -10.68 -11.16 -19.21
CA LEU C 306 -11.62 -10.14 -18.77
C LEU C 306 -11.45 -9.78 -17.30
N ASP C 307 -10.78 -10.64 -16.52
CA ASP C 307 -10.54 -10.32 -15.12
C ASP C 307 -9.65 -9.10 -14.95
N ALA C 308 -8.63 -8.97 -15.82
CA ALA C 308 -7.70 -7.85 -15.71
C ALA C 308 -8.39 -6.52 -16.04
N ILE C 309 -9.14 -6.50 -17.15
CA ILE C 309 -9.81 -5.27 -17.56
C ILE C 309 -10.97 -4.94 -16.61
N ALA C 310 -11.72 -5.95 -16.17
CA ALA C 310 -13.01 -5.75 -15.52
C ALA C 310 -13.07 -6.43 -14.16
N PRO C 311 -12.43 -5.85 -13.15
CA PRO C 311 -12.58 -6.36 -11.79
C PRO C 311 -13.82 -5.79 -11.12
N LYS C 312 -14.06 -6.23 -9.88
CA LYS C 312 -15.19 -5.73 -9.11
C LYS C 312 -15.03 -4.24 -8.84
N ARG C 313 -16.10 -3.49 -9.04
CA ARG C 313 -16.06 -2.06 -8.78
C ARG C 313 -16.01 -1.76 -7.28
N GLU C 314 -16.65 -2.61 -6.48
CA GLU C 314 -16.71 -2.36 -5.04
C GLU C 314 -15.32 -2.44 -4.40
N LYS C 315 -14.53 -3.44 -4.78
CA LYS C 315 -13.22 -3.66 -4.18
C LYS C 315 -12.09 -3.15 -5.06
N THR C 316 -12.31 -2.04 -5.76
CA THR C 316 -11.29 -1.43 -6.62
C THR C 316 -11.05 0.01 -6.14
N HIS C 317 -9.79 0.34 -5.88
CA HIS C 317 -9.46 1.70 -5.43
C HIS C 317 -9.14 2.60 -6.61
N GLY C 318 -8.58 2.05 -7.68
CA GLY C 318 -8.27 2.87 -8.84
C GLY C 318 -9.51 3.37 -9.53
N GLU C 319 -9.55 4.67 -9.80
CA GLU C 319 -10.69 5.25 -10.52
C GLU C 319 -10.72 4.75 -11.96
N VAL C 320 -9.56 4.57 -12.57
CA VAL C 320 -9.51 4.14 -13.97
C VAL C 320 -10.19 2.79 -14.15
N GLU C 321 -9.89 1.85 -13.25
CA GLU C 321 -10.47 0.52 -13.37
C GLU C 321 -11.99 0.55 -13.20
N ARG C 322 -12.47 1.31 -12.20
CA ARG C 322 -13.90 1.42 -11.99
C ARG C 322 -14.60 2.04 -13.19
N ARG C 323 -14.01 3.09 -13.75
CA ARG C 323 -14.62 3.72 -14.91
C ARG C 323 -14.57 2.83 -16.14
N ILE C 324 -13.53 2.01 -16.27
CA ILE C 324 -13.48 1.07 -17.39
C ILE C 324 -14.59 0.03 -17.26
N VAL C 325 -14.79 -0.49 -16.05
CA VAL C 325 -15.87 -1.45 -15.84
C VAL C 325 -17.22 -0.79 -16.14
N SER C 326 -17.40 0.46 -15.69
CA SER C 326 -18.65 1.16 -15.94
C SER C 326 -18.87 1.39 -17.43
N GLN C 327 -17.81 1.75 -18.17
CA GLN C 327 -17.94 1.95 -19.61
C GLN C 327 -18.32 0.65 -20.32
N LEU C 328 -17.68 -0.46 -19.93
CA LEU C 328 -18.05 -1.74 -20.51
C LEU C 328 -19.51 -2.09 -20.18
N LEU C 329 -19.90 -1.85 -18.94
CA LEU C 329 -21.27 -2.16 -18.49
C LEU C 329 -22.29 -1.36 -19.30
N THR C 330 -22.00 -0.08 -19.52
CA THR C 330 -22.89 0.76 -20.32
C THR C 330 -22.93 0.32 -21.78
N LEU C 331 -21.78 -0.04 -22.34
CA LEU C 331 -21.75 -0.48 -23.72
C LEU C 331 -22.59 -1.74 -23.91
N MET C 332 -22.52 -2.67 -22.97
CA MET C 332 -23.28 -3.91 -23.09
C MET C 332 -24.78 -3.67 -23.06
N ASP C 333 -25.28 -2.96 -22.02
CA ASP C 333 -26.72 -2.84 -21.79
C ASP C 333 -27.12 -1.42 -21.37
N GLY C 334 -26.68 -0.42 -22.13
CA GLY C 334 -27.10 0.96 -21.92
C GLY C 334 -28.49 1.21 -22.49
N LEU C 335 -28.79 2.49 -22.71
CA LEU C 335 -30.05 2.83 -23.36
C LEU C 335 -30.07 2.34 -24.79
N LYS C 336 -29.02 2.61 -25.55
CA LYS C 336 -28.92 2.15 -26.92
C LYS C 336 -28.53 0.68 -26.93
N GLN C 337 -29.53 -0.19 -27.05
CA GLN C 337 -29.26 -1.62 -27.13
C GLN C 337 -28.46 -1.92 -28.39
N ARG C 338 -27.36 -2.66 -28.20
CA ARG C 338 -26.53 -3.03 -29.34
C ARG C 338 -27.34 -3.92 -30.29
N ALA C 339 -27.24 -3.64 -31.59
CA ALA C 339 -28.18 -4.22 -32.53
C ALA C 339 -27.93 -5.70 -32.74
N HIS C 340 -26.79 -6.05 -33.31
CA HIS C 340 -26.50 -7.42 -33.69
C HIS C 340 -25.05 -7.78 -33.36
N VAL C 341 -24.60 -7.37 -32.18
CA VAL C 341 -23.24 -7.62 -31.74
C VAL C 341 -23.27 -8.66 -30.63
N ILE C 342 -22.48 -9.72 -30.79
CA ILE C 342 -22.35 -10.77 -29.79
C ILE C 342 -20.99 -10.61 -29.12
N VAL C 343 -21.00 -10.36 -27.82
CA VAL C 343 -19.78 -10.14 -27.05
C VAL C 343 -19.43 -11.45 -26.35
N MET C 344 -18.28 -12.00 -26.68
CA MET C 344 -17.75 -13.19 -26.04
C MET C 344 -16.62 -12.79 -25.11
N ALA C 345 -16.54 -13.44 -23.95
CA ALA C 345 -15.47 -13.16 -23.01
C ALA C 345 -14.96 -14.47 -22.42
N ALA C 346 -13.68 -14.50 -22.07
CA ALA C 346 -13.06 -15.66 -21.45
C ALA C 346 -12.24 -15.20 -20.25
N THR C 347 -12.33 -15.93 -19.15
CA THR C 347 -11.58 -15.59 -17.94
C THR C 347 -11.24 -16.86 -17.18
N ASN C 348 -10.15 -16.81 -16.41
CA ASN C 348 -9.79 -17.94 -15.57
C ASN C 348 -10.67 -18.00 -14.33
N ARG C 349 -10.95 -16.85 -13.72
CA ARG C 349 -11.67 -16.78 -12.46
C ARG C 349 -12.96 -16.00 -12.64
N PRO C 350 -14.09 -16.65 -12.91
CA PRO C 350 -15.32 -15.88 -13.16
C PRO C 350 -15.81 -15.12 -11.94
N ASN C 351 -15.36 -15.50 -10.75
CA ASN C 351 -15.82 -14.81 -9.54
C ASN C 351 -15.18 -13.45 -9.40
N SER C 352 -13.97 -13.28 -9.95
CA SER C 352 -13.29 -11.99 -9.85
C SER C 352 -13.96 -10.93 -10.72
N ILE C 353 -14.87 -11.35 -11.60
CA ILE C 353 -15.55 -10.42 -12.49
C ILE C 353 -16.60 -9.64 -11.71
N ASP C 354 -16.82 -8.39 -12.11
CA ASP C 354 -17.85 -7.57 -11.49
C ASP C 354 -19.20 -8.27 -11.62
N PRO C 355 -19.93 -8.46 -10.52
CA PRO C 355 -21.21 -9.18 -10.61
C PRO C 355 -22.23 -8.54 -11.54
N ALA C 356 -22.13 -7.23 -11.78
CA ALA C 356 -23.06 -6.56 -12.68
C ALA C 356 -22.83 -6.99 -14.12
N LEU C 357 -21.61 -7.45 -14.43
CA LEU C 357 -21.33 -7.90 -15.80
C LEU C 357 -21.87 -9.30 -16.05
N ARG C 358 -22.08 -10.07 -14.99
CA ARG C 358 -22.54 -11.45 -15.15
C ARG C 358 -24.04 -11.58 -15.18
N ARG C 359 -24.70 -10.47 -15.53
CA ARG C 359 -26.15 -10.36 -15.54
C ARG C 359 -26.74 -10.93 -16.83
N PHE C 360 -28.01 -10.66 -17.08
CA PHE C 360 -28.65 -10.93 -18.36
C PHE C 360 -28.60 -9.67 -19.22
N GLY C 361 -28.36 -9.84 -20.51
CA GLY C 361 -28.02 -8.75 -21.38
C GLY C 361 -26.53 -8.50 -21.48
N ARG C 362 -25.77 -8.92 -20.49
CA ARG C 362 -24.31 -8.86 -20.48
C ARG C 362 -23.80 -10.21 -20.05
N PHE C 363 -23.21 -10.95 -20.99
CA PHE C 363 -22.74 -12.32 -20.72
C PHE C 363 -23.86 -13.17 -20.14
N ASP C 364 -24.92 -13.34 -20.92
CA ASP C 364 -26.14 -13.98 -20.42
C ASP C 364 -25.86 -15.39 -19.94
N ARG C 365 -25.13 -16.17 -20.73
CA ARG C 365 -24.94 -17.60 -20.47
C ARG C 365 -23.46 -17.89 -20.32
N GLU C 366 -23.02 -18.10 -19.08
CA GLU C 366 -21.65 -18.51 -18.81
C GLU C 366 -21.47 -19.98 -19.14
N VAL C 367 -20.43 -20.29 -19.91
CA VAL C 367 -20.14 -21.64 -20.38
C VAL C 367 -18.89 -22.13 -19.67
N ASP C 368 -19.01 -23.29 -19.01
CA ASP C 368 -17.93 -23.85 -18.22
C ASP C 368 -17.13 -24.84 -19.07
N ILE C 369 -15.91 -24.45 -19.43
CA ILE C 369 -14.98 -25.33 -20.12
C ILE C 369 -14.23 -26.13 -19.05
N GLY C 370 -14.47 -27.43 -19.00
CA GLY C 370 -13.99 -28.24 -17.91
C GLY C 370 -12.84 -29.13 -18.33
N ILE C 371 -12.35 -29.90 -17.36
CA ILE C 371 -11.28 -30.88 -17.62
C ILE C 371 -11.88 -32.07 -18.36
N PRO C 372 -11.34 -32.44 -19.52
CA PRO C 372 -11.94 -33.55 -20.28
C PRO C 372 -11.77 -34.88 -19.58
N ASP C 373 -12.74 -35.76 -19.77
CA ASP C 373 -12.66 -37.11 -19.25
C ASP C 373 -11.91 -38.02 -20.22
N ALA C 374 -12.00 -39.33 -19.98
CA ALA C 374 -11.26 -40.31 -20.76
C ALA C 374 -11.58 -40.24 -22.24
N THR C 375 -12.85 -40.05 -22.59
CA THR C 375 -13.22 -39.93 -23.99
C THR C 375 -12.75 -38.60 -24.58
N GLY C 376 -12.80 -37.53 -23.78
CA GLY C 376 -12.37 -36.24 -24.29
C GLY C 376 -10.89 -36.16 -24.57
N ARG C 377 -10.06 -36.75 -23.69
CA ARG C 377 -8.63 -36.71 -23.90
C ARG C 377 -8.22 -37.58 -25.08
N LEU C 378 -8.93 -38.67 -25.34
CA LEU C 378 -8.66 -39.45 -26.54
C LEU C 378 -8.92 -38.61 -27.79
N GLU C 379 -10.02 -37.86 -27.79
CA GLU C 379 -10.31 -36.99 -28.93
C GLU C 379 -9.27 -35.91 -29.09
N ILE C 380 -8.82 -35.31 -27.99
CA ILE C 380 -7.79 -34.27 -28.07
C ILE C 380 -6.49 -34.85 -28.59
N LEU C 381 -6.13 -36.06 -28.16
CA LEU C 381 -4.92 -36.70 -28.66
C LEU C 381 -5.03 -36.99 -30.15
N GLN C 382 -6.19 -37.48 -30.59
CA GLN C 382 -6.37 -37.74 -32.01
C GLN C 382 -6.28 -36.45 -32.82
N ILE C 383 -6.82 -35.36 -32.28
CA ILE C 383 -6.72 -34.07 -32.97
C ILE C 383 -5.27 -33.61 -33.08
N HIS C 384 -4.51 -33.74 -31.99
CA HIS C 384 -3.15 -33.20 -32.00
C HIS C 384 -2.20 -34.09 -32.79
N THR C 385 -2.47 -35.39 -32.87
CA THR C 385 -1.56 -36.33 -33.52
C THR C 385 -1.87 -36.53 -35.00
N LYS C 386 -2.88 -35.85 -35.54
CA LYS C 386 -3.23 -36.07 -36.95
C LYS C 386 -2.12 -35.61 -37.88
N ASN C 387 -1.39 -34.55 -37.50
CA ASN C 387 -0.33 -34.04 -38.36
C ASN C 387 0.95 -34.85 -38.21
N MET C 388 1.07 -35.64 -37.15
CA MET C 388 2.27 -36.43 -36.93
C MET C 388 2.12 -37.81 -37.58
N LYS C 389 3.25 -38.46 -37.78
CA LYS C 389 3.30 -39.81 -38.32
C LYS C 389 3.41 -40.80 -37.17
N LEU C 390 2.43 -41.70 -37.08
CA LEU C 390 2.32 -42.64 -35.97
C LEU C 390 2.56 -44.05 -36.47
N ALA C 391 3.38 -44.81 -35.75
CA ALA C 391 3.57 -46.21 -36.06
C ALA C 391 2.32 -47.00 -35.69
N ASP C 392 2.22 -48.21 -36.23
CA ASP C 392 1.02 -49.02 -36.01
C ASP C 392 0.90 -49.43 -34.55
N ASP C 393 2.02 -49.52 -33.83
CA ASP C 393 1.99 -49.97 -32.45
C ASP C 393 1.40 -48.91 -31.52
N VAL C 394 1.38 -47.65 -31.97
CA VAL C 394 0.93 -46.57 -31.10
C VAL C 394 -0.53 -46.77 -30.72
N ASP C 395 -0.78 -46.77 -29.41
CA ASP C 395 -2.12 -46.88 -28.87
C ASP C 395 -2.50 -45.52 -28.27
N LEU C 396 -3.56 -44.92 -28.80
CA LEU C 396 -4.02 -43.65 -28.25
C LEU C 396 -5.02 -43.85 -27.12
N GLU C 397 -5.74 -44.98 -27.13
CA GLU C 397 -6.65 -45.27 -26.02
C GLU C 397 -5.89 -45.41 -24.71
N GLN C 398 -4.76 -46.13 -24.73
CA GLN C 398 -3.99 -46.32 -23.51
C GLN C 398 -3.43 -45.00 -22.99
N VAL C 399 -2.88 -44.18 -23.89
CA VAL C 399 -2.32 -42.90 -23.49
C VAL C 399 -3.42 -41.98 -22.96
N ALA C 400 -4.60 -42.02 -23.58
CA ALA C 400 -5.72 -41.23 -23.09
C ALA C 400 -6.14 -41.67 -21.70
N ASN C 401 -6.16 -42.99 -21.47
CA ASN C 401 -6.54 -43.48 -20.15
C ASN C 401 -5.48 -43.16 -19.10
N GLU C 402 -4.22 -43.02 -19.52
CA GLU C 402 -3.15 -42.78 -18.55
C GLU C 402 -3.10 -41.34 -18.09
N THR C 403 -3.50 -40.39 -18.94
CA THR C 403 -3.41 -38.97 -18.62
C THR C 403 -4.59 -38.54 -17.76
N HIS C 404 -4.46 -38.79 -16.46
CA HIS C 404 -5.62 -38.69 -15.57
C HIS C 404 -6.04 -37.24 -15.35
N GLY C 405 -5.11 -36.36 -15.05
CA GLY C 405 -5.44 -34.97 -14.80
C GLY C 405 -5.14 -34.01 -15.93
N HIS C 406 -4.77 -34.53 -17.10
CA HIS C 406 -4.27 -33.68 -18.18
C HIS C 406 -5.40 -32.87 -18.81
N VAL C 407 -5.04 -31.65 -19.21
CA VAL C 407 -5.96 -30.75 -19.90
C VAL C 407 -5.47 -30.71 -21.36
N GLY C 408 -6.21 -30.05 -22.25
CA GLY C 408 -5.83 -30.06 -23.66
C GLY C 408 -4.42 -29.55 -23.91
N ALA C 409 -4.02 -28.49 -23.20
CA ALA C 409 -2.67 -27.98 -23.35
C ALA C 409 -1.64 -29.01 -22.87
N ASP C 410 -1.95 -29.72 -21.79
CA ASP C 410 -1.06 -30.77 -21.31
C ASP C 410 -0.93 -31.89 -22.33
N LEU C 411 -2.02 -32.25 -22.99
CA LEU C 411 -1.97 -33.28 -24.03
C LEU C 411 -1.15 -32.81 -25.22
N ALA C 412 -1.28 -31.54 -25.61
CA ALA C 412 -0.44 -31.00 -26.67
C ALA C 412 1.03 -31.06 -26.28
N ALA C 413 1.34 -30.71 -25.03
CA ALA C 413 2.72 -30.78 -24.56
C ALA C 413 3.22 -32.21 -24.58
N LEU C 414 2.37 -33.17 -24.24
CA LEU C 414 2.74 -34.59 -24.30
C LEU C 414 3.07 -35.01 -25.72
N CYS C 415 2.22 -34.62 -26.68
CA CYS C 415 2.48 -34.97 -28.08
C CYS C 415 3.78 -34.32 -28.57
N SER C 416 3.99 -33.06 -28.23
CA SER C 416 5.23 -32.38 -28.62
C SER C 416 6.44 -33.04 -27.99
N GLU C 417 6.32 -33.49 -26.74
CA GLU C 417 7.45 -34.13 -26.07
C GLU C 417 7.76 -35.49 -26.68
N ALA C 418 6.72 -36.23 -27.08
CA ALA C 418 6.96 -37.49 -27.79
C ALA C 418 7.66 -37.25 -29.12
N ALA C 419 7.22 -36.21 -29.86
CA ALA C 419 7.87 -35.88 -31.12
C ALA C 419 9.33 -35.47 -30.89
N LEU C 420 9.58 -34.71 -29.83
CA LEU C 420 10.95 -34.30 -29.53
C LEU C 420 11.81 -35.51 -29.14
N GLN C 421 11.23 -36.46 -28.42
CA GLN C 421 11.98 -37.66 -28.05
C GLN C 421 12.33 -38.48 -29.29
N ALA C 422 11.42 -38.52 -30.28
CA ALA C 422 11.75 -39.22 -31.52
C ALA C 422 12.99 -38.63 -32.19
N ILE C 423 13.09 -37.30 -32.23
CA ILE C 423 14.27 -36.65 -32.79
C ILE C 423 15.48 -36.94 -31.93
N ARG C 424 15.30 -36.92 -30.60
CA ARG C 424 16.41 -37.25 -29.71
C ARG C 424 16.90 -38.67 -29.90
N LYS C 425 16.00 -39.59 -30.24
CA LYS C 425 16.43 -40.94 -30.59
C LYS C 425 17.20 -40.95 -31.91
N LYS C 426 16.70 -40.20 -32.89
CA LYS C 426 17.41 -40.10 -34.16
C LYS C 426 18.65 -39.20 -34.07
N MET C 427 18.98 -38.72 -32.87
CA MET C 427 20.15 -37.86 -32.68
C MET C 427 21.43 -38.58 -33.04
N ASP C 428 21.54 -39.86 -32.67
CA ASP C 428 22.82 -40.55 -32.69
C ASP C 428 23.40 -40.63 -34.10
N LEU C 429 22.54 -40.92 -35.09
CA LEU C 429 23.03 -41.12 -36.45
C LEU C 429 23.65 -39.85 -37.02
N ILE C 430 22.99 -38.71 -36.84
CA ILE C 430 23.43 -37.46 -37.45
C ILE C 430 24.52 -36.83 -36.58
N ASP C 431 25.41 -36.08 -37.23
CA ASP C 431 26.52 -35.46 -36.51
C ASP C 431 26.07 -34.23 -35.73
N LEU C 432 24.85 -33.75 -35.99
CA LEU C 432 24.19 -32.62 -35.37
C LEU C 432 24.75 -31.28 -35.87
N GLU C 433 25.82 -31.29 -36.66
CA GLU C 433 26.36 -30.06 -37.22
C GLU C 433 26.54 -30.12 -38.73
N ASP C 434 26.07 -31.17 -39.39
CA ASP C 434 26.15 -31.25 -40.84
C ASP C 434 25.27 -30.18 -41.48
N GLU C 435 25.69 -29.70 -42.65
CA GLU C 435 24.91 -28.69 -43.36
C GLU C 435 23.55 -29.25 -43.76
N THR C 436 23.50 -30.50 -44.18
CA THR C 436 22.26 -31.16 -44.57
C THR C 436 22.18 -32.52 -43.90
N ILE C 437 20.96 -32.99 -43.67
CA ILE C 437 20.74 -34.32 -43.12
C ILE C 437 20.40 -35.28 -44.26
N ASP C 438 20.97 -36.48 -44.20
CA ASP C 438 20.75 -37.46 -45.26
C ASP C 438 19.28 -37.87 -45.31
N ALA C 439 18.77 -38.07 -46.53
CA ALA C 439 17.33 -38.25 -46.73
C ALA C 439 16.84 -39.55 -46.12
N GLU C 440 17.68 -40.58 -46.10
CA GLU C 440 17.26 -41.88 -45.60
C GLU C 440 16.88 -41.84 -44.12
N VAL C 441 17.71 -41.18 -43.31
CA VAL C 441 17.44 -41.12 -41.88
C VAL C 441 16.24 -40.21 -41.59
N MET C 442 16.04 -39.17 -42.42
CA MET C 442 14.83 -38.37 -42.29
C MET C 442 13.59 -39.22 -42.57
N ASN C 443 13.65 -40.06 -43.62
CA ASN C 443 12.53 -40.93 -43.93
C ASN C 443 12.28 -41.94 -42.82
N SER C 444 13.35 -42.46 -42.21
CA SER C 444 13.21 -43.49 -41.19
C SER C 444 12.64 -42.92 -39.89
N LEU C 445 12.67 -41.60 -39.75
CA LEU C 445 12.23 -40.97 -38.50
C LEU C 445 10.71 -41.00 -38.37
N ALA C 446 10.23 -41.56 -37.26
CA ALA C 446 8.80 -41.67 -37.00
C ALA C 446 8.58 -41.94 -35.52
N VAL C 447 7.47 -41.42 -34.99
CA VAL C 447 7.17 -41.57 -33.57
C VAL C 447 6.62 -42.96 -33.29
N THR C 448 7.10 -43.57 -32.20
CA THR C 448 6.67 -44.88 -31.77
C THR C 448 5.98 -44.79 -30.41
N MET C 449 5.42 -45.93 -29.98
CA MET C 449 4.69 -45.96 -28.72
C MET C 449 5.63 -45.73 -27.53
N ASP C 450 6.87 -46.19 -27.62
CA ASP C 450 7.81 -46.01 -26.52
C ASP C 450 8.07 -44.53 -26.26
N ASP C 451 8.06 -43.72 -27.32
CA ASP C 451 8.20 -42.28 -27.14
C ASP C 451 7.03 -41.72 -26.32
N PHE C 452 5.82 -42.18 -26.61
CA PHE C 452 4.65 -41.72 -25.85
C PHE C 452 4.72 -42.19 -24.41
N ARG C 453 5.22 -43.40 -24.18
CA ARG C 453 5.39 -43.89 -22.81
C ARG C 453 6.40 -43.05 -22.05
N TRP C 454 7.52 -42.69 -22.70
CA TRP C 454 8.49 -41.81 -22.06
C TRP C 454 7.89 -40.45 -21.76
N ALA C 455 7.11 -39.91 -22.70
CA ALA C 455 6.47 -38.62 -22.46
C ALA C 455 5.49 -38.71 -21.29
N LEU C 456 4.73 -39.80 -21.21
CA LEU C 456 3.83 -40.01 -20.08
C LEU C 456 4.60 -40.02 -18.76
N SER C 457 5.75 -40.70 -18.74
CA SER C 457 6.58 -40.69 -17.55
C SER C 457 7.04 -39.28 -17.21
N GLN C 458 7.40 -38.50 -18.23
CA GLN C 458 7.92 -37.16 -17.98
C GLN C 458 6.80 -36.15 -17.73
N SER C 459 5.67 -36.29 -18.42
CA SER C 459 4.64 -35.26 -18.39
C SER C 459 3.97 -35.17 -17.04
N ASN C 460 3.63 -33.94 -16.65
CA ASN C 460 2.86 -33.65 -15.44
C ASN C 460 1.78 -32.63 -15.76
N PRO C 461 0.61 -32.74 -15.16
CA PRO C 461 -0.43 -31.73 -15.39
C PRO C 461 0.04 -30.34 -14.99
N SER C 462 -0.37 -29.36 -15.77
CA SER C 462 0.06 -27.98 -15.53
C SER C 462 -0.50 -27.44 -14.22
N ALA C 463 -1.67 -27.92 -13.82
CA ALA C 463 -2.29 -27.43 -12.59
C ALA C 463 -1.45 -27.77 -11.38
N LEU C 464 -1.02 -29.02 -11.27
CA LEU C 464 -0.19 -29.43 -10.15
C LEU C 464 1.22 -29.78 -10.62
N ARG C 465 2.02 -26.90 -11.58
CA ARG C 465 3.38 -27.43 -11.57
C ARG C 465 4.04 -27.16 -10.22
N GLU C 466 3.23 -26.75 -9.25
CA GLU C 466 3.76 -26.29 -7.97
C GLU C 466 3.97 -27.46 -7.00
N THR C 467 2.93 -28.27 -6.82
CA THR C 467 2.99 -29.38 -5.85
C THR C 467 3.65 -30.59 -6.50
N VAL C 468 4.95 -30.43 -6.77
CA VAL C 468 5.77 -31.48 -7.36
C VAL C 468 6.97 -31.71 -6.45
N VAL C 469 7.18 -32.97 -6.07
CA VAL C 469 8.34 -33.38 -5.30
C VAL C 469 8.91 -34.63 -5.96
N GLU C 470 10.24 -34.73 -5.97
CA GLU C 470 10.87 -35.93 -6.52
C GLU C 470 10.80 -37.06 -5.51
N VAL C 471 10.39 -38.23 -5.96
CA VAL C 471 10.17 -39.40 -5.11
C VAL C 471 11.29 -40.40 -5.39
N PRO C 472 11.66 -41.23 -4.43
CA PRO C 472 12.86 -42.08 -4.61
C PRO C 472 12.61 -43.35 -5.42
N GLN C 473 11.50 -43.43 -6.15
CA GLN C 473 11.20 -44.57 -7.01
C GLN C 473 11.12 -45.85 -6.19
N VAL C 474 10.12 -45.93 -5.31
CA VAL C 474 9.86 -47.13 -4.53
C VAL C 474 8.75 -47.94 -5.17
N THR C 475 8.96 -49.23 -5.34
CA THR C 475 8.01 -50.12 -5.98
C THR C 475 7.39 -51.04 -4.94
N TRP C 476 6.29 -51.70 -5.32
CA TRP C 476 5.55 -52.52 -4.36
C TRP C 476 6.42 -53.62 -3.77
N GLU C 477 7.40 -54.11 -4.53
CA GLU C 477 8.27 -55.17 -4.01
C GLU C 477 9.19 -54.63 -2.92
N ASP C 478 9.57 -53.36 -2.99
CA ASP C 478 10.52 -52.81 -2.03
C ASP C 478 9.93 -52.77 -0.62
N ILE C 479 8.60 -52.79 -0.50
CA ILE C 479 7.97 -52.88 0.80
C ILE C 479 7.81 -54.35 1.18
N GLY C 480 8.42 -54.73 2.30
CA GLY C 480 8.34 -56.10 2.76
C GLY C 480 7.22 -56.30 3.75
N GLY C 481 6.50 -57.41 3.60
CA GLY C 481 5.34 -57.63 4.44
C GLY C 481 4.18 -56.74 4.04
N LEU C 482 3.31 -56.47 5.01
CA LEU C 482 2.16 -55.59 4.82
C LEU C 482 1.33 -55.99 3.60
N GLU C 483 1.17 -57.29 3.40
CA GLU C 483 0.46 -57.77 2.21
C GLU C 483 -1.00 -57.33 2.22
N ASP C 484 -1.65 -57.42 3.38
CA ASP C 484 -3.04 -56.98 3.48
C ASP C 484 -3.14 -55.46 3.37
N VAL C 485 -2.17 -54.75 3.94
CA VAL C 485 -2.16 -53.29 3.82
C VAL C 485 -1.96 -52.88 2.36
N LYS C 486 -1.09 -53.60 1.63
CA LYS C 486 -0.91 -53.31 0.22
C LYS C 486 -2.19 -53.54 -0.56
N ARG C 487 -2.81 -54.71 -0.39
CA ARG C 487 -3.93 -55.09 -1.25
C ARG C 487 -5.05 -54.08 -1.19
N GLU C 488 -5.33 -53.54 0.01
CA GLU C 488 -6.35 -52.50 0.12
C GLU C 488 -5.91 -51.23 -0.59
N LEU C 489 -4.60 -51.06 -0.81
CA LEU C 489 -4.10 -49.81 -1.36
C LEU C 489 -4.16 -49.79 -2.89
N GLN C 490 -3.96 -50.93 -3.55
CA GLN C 490 -4.30 -50.96 -4.97
C GLN C 490 -5.80 -50.78 -5.17
N GLU C 491 -6.61 -51.42 -4.31
CA GLU C 491 -8.04 -51.41 -4.51
C GLU C 491 -8.64 -50.06 -4.18
N LEU C 492 -7.99 -49.28 -3.31
CA LEU C 492 -8.49 -47.95 -3.00
C LEU C 492 -8.51 -47.06 -4.23
N VAL C 493 -7.45 -47.10 -5.03
CA VAL C 493 -7.34 -46.20 -6.17
C VAL C 493 -7.82 -46.85 -7.45
N GLN C 494 -7.49 -48.12 -7.67
CA GLN C 494 -7.79 -48.77 -8.94
C GLN C 494 -9.29 -48.96 -9.14
N TYR C 495 -10.00 -49.41 -8.10
CA TYR C 495 -11.40 -49.77 -8.26
C TYR C 495 -12.27 -48.62 -8.77
N PRO C 496 -12.23 -47.40 -8.20
CA PRO C 496 -13.10 -46.34 -8.71
C PRO C 496 -12.69 -45.78 -10.06
N VAL C 497 -11.40 -45.87 -10.40
CA VAL C 497 -10.95 -45.26 -11.65
C VAL C 497 -10.97 -46.27 -12.79
N GLU C 498 -10.64 -47.53 -12.50
CA GLU C 498 -10.54 -48.52 -13.57
C GLU C 498 -11.87 -49.19 -13.85
N HIS C 499 -12.72 -49.31 -12.84
CA HIS C 499 -14.04 -49.93 -12.99
C HIS C 499 -15.10 -49.02 -12.40
N PRO C 500 -15.30 -47.84 -12.98
CA PRO C 500 -16.37 -46.96 -12.47
C PRO C 500 -17.75 -47.55 -12.62
N ASP C 501 -17.99 -48.33 -13.68
CA ASP C 501 -19.33 -48.82 -13.96
C ASP C 501 -19.82 -49.76 -12.87
N LYS C 502 -18.90 -50.46 -12.20
CA LYS C 502 -19.30 -51.38 -11.14
C LYS C 502 -19.96 -50.65 -9.99
N PHE C 503 -19.41 -49.51 -9.59
CA PHE C 503 -19.99 -48.76 -8.48
C PHE C 503 -21.36 -48.20 -8.85
N LEU C 504 -21.54 -47.81 -10.11
CA LEU C 504 -22.86 -47.44 -10.60
C LEU C 504 -23.80 -48.64 -10.61
N LYS C 505 -23.27 -49.82 -10.94
CA LYS C 505 -24.08 -51.02 -10.98
C LYS C 505 -24.62 -51.35 -9.59
N PHE C 506 -23.73 -51.42 -8.60
CA PHE C 506 -24.17 -51.75 -7.24
C PHE C 506 -24.74 -50.54 -6.53
N GLY C 507 -24.54 -49.35 -7.09
CA GLY C 507 -25.21 -48.16 -6.62
C GLY C 507 -24.64 -47.52 -5.37
N MET C 508 -23.36 -47.68 -5.09
CA MET C 508 -22.73 -47.10 -3.91
C MET C 508 -21.46 -46.38 -4.29
N THR C 509 -21.17 -45.27 -3.62
CA THR C 509 -19.96 -44.52 -3.88
C THR C 509 -18.77 -45.20 -3.24
N PRO C 510 -17.56 -45.01 -3.76
CA PRO C 510 -16.38 -45.64 -3.14
C PRO C 510 -16.01 -44.96 -1.84
N SER C 511 -15.22 -45.67 -1.04
CA SER C 511 -14.67 -45.13 0.20
C SER C 511 -13.22 -44.75 -0.06
N LYS C 512 -12.91 -43.46 0.09
CA LYS C 512 -11.65 -42.90 -0.37
C LYS C 512 -10.79 -42.29 0.73
N GLY C 513 -10.96 -42.70 1.99
CA GLY C 513 -10.17 -42.19 3.08
C GLY C 513 -9.37 -43.30 3.75
N VAL C 514 -8.09 -43.03 4.00
CA VAL C 514 -7.20 -43.97 4.66
C VAL C 514 -6.31 -43.21 5.61
N LEU C 515 -6.13 -43.75 6.82
CA LEU C 515 -5.19 -43.19 7.80
C LEU C 515 -4.22 -44.28 8.23
N PHE C 516 -2.93 -43.96 8.19
CA PHE C 516 -1.89 -44.86 8.67
C PHE C 516 -1.43 -44.37 10.04
N TYR C 517 -1.44 -45.27 11.02
CA TYR C 517 -0.91 -44.96 12.34
C TYR C 517 -0.12 -46.16 12.84
N GLY C 518 1.02 -45.89 13.47
CA GLY C 518 1.87 -46.94 13.99
C GLY C 518 3.13 -46.39 14.61
N PRO C 519 3.97 -47.28 15.13
CA PRO C 519 5.24 -46.83 15.70
C PRO C 519 6.14 -46.27 14.62
N PRO C 520 7.09 -45.41 14.98
CA PRO C 520 7.97 -44.81 13.97
C PRO C 520 8.79 -45.86 13.22
N GLY C 521 8.95 -45.65 11.92
CA GLY C 521 9.82 -46.45 11.10
C GLY C 521 9.27 -47.79 10.65
N CYS C 522 7.96 -47.92 10.47
CA CYS C 522 7.39 -49.20 10.08
C CYS C 522 6.80 -49.23 8.68
N GLY C 523 6.87 -48.13 7.93
CA GLY C 523 6.46 -48.15 6.55
C GLY C 523 5.29 -47.27 6.17
N LYS C 524 4.89 -46.34 7.03
CA LYS C 524 3.78 -45.46 6.69
C LYS C 524 4.14 -44.54 5.53
N THR C 525 5.28 -43.85 5.63
CA THR C 525 5.72 -42.98 4.55
C THR C 525 6.12 -43.77 3.32
N LEU C 526 6.74 -44.94 3.53
CA LEU C 526 7.19 -45.75 2.42
C LEU C 526 6.03 -46.21 1.55
N LEU C 527 4.90 -46.53 2.17
CA LEU C 527 3.71 -46.90 1.39
C LEU C 527 3.25 -45.74 0.53
N ALA C 528 3.31 -44.51 1.05
CA ALA C 528 2.92 -43.35 0.26
C ALA C 528 3.85 -43.15 -0.92
N LYS C 529 5.14 -43.45 -0.75
CA LYS C 529 6.04 -43.44 -1.88
C LYS C 529 5.65 -44.48 -2.92
N ALA C 530 5.24 -45.67 -2.45
CA ALA C 530 4.79 -46.71 -3.37
C ALA C 530 3.54 -46.27 -4.12
N ILE C 531 2.60 -45.61 -3.43
CA ILE C 531 1.40 -45.12 -4.09
C ILE C 531 1.76 -44.07 -5.12
N ALA C 532 2.76 -43.25 -4.84
CA ALA C 532 3.14 -42.18 -5.75
C ALA C 532 3.57 -42.72 -7.10
N ASN C 533 4.15 -43.92 -7.11
CA ASN C 533 4.68 -44.48 -8.35
C ASN C 533 3.73 -45.50 -8.96
N GLU C 534 3.31 -46.49 -8.16
CA GLU C 534 2.60 -47.63 -8.70
C GLU C 534 1.17 -47.29 -9.07
N CYS C 535 0.49 -46.49 -8.25
CA CYS C 535 -0.92 -46.19 -8.48
C CYS C 535 -1.09 -45.28 -9.68
N GLN C 536 -2.12 -45.56 -10.48
CA GLN C 536 -2.43 -44.76 -11.66
C GLN C 536 -3.38 -43.62 -11.28
N ALA C 537 -2.81 -42.62 -10.63
CA ALA C 537 -3.53 -41.41 -10.25
C ALA C 537 -2.52 -40.34 -9.91
N ASN C 538 -2.93 -39.08 -10.05
CA ASN C 538 -2.06 -37.97 -9.70
C ASN C 538 -1.78 -38.00 -8.20
N PHE C 539 -0.59 -37.55 -7.82
CA PHE C 539 -0.17 -37.59 -6.42
C PHE C 539 0.25 -36.20 -5.99
N ILE C 540 -0.39 -35.70 -4.93
CA ILE C 540 -0.01 -34.46 -4.28
C ILE C 540 0.48 -34.79 -2.88
N SER C 541 1.76 -34.51 -2.62
CA SER C 541 2.37 -34.78 -1.31
C SER C 541 2.36 -33.49 -0.51
N ILE C 542 1.80 -33.55 0.69
CA ILE C 542 1.65 -32.38 1.54
C ILE C 542 2.32 -32.66 2.87
N LYS C 543 3.32 -31.84 3.21
CA LYS C 543 3.84 -31.84 4.57
C LYS C 543 2.82 -31.17 5.50
N GLY C 544 2.86 -31.54 6.77
CA GLY C 544 1.85 -31.08 7.70
C GLY C 544 1.77 -29.57 7.83
N PRO C 545 2.78 -28.96 8.47
CA PRO C 545 2.71 -27.52 8.73
C PRO C 545 2.99 -26.65 7.51
N GLU C 546 3.04 -27.22 6.31
CA GLU C 546 3.35 -26.42 5.13
C GLU C 546 2.19 -25.49 4.78
N LEU C 547 0.98 -25.83 5.22
CA LEU C 547 -0.20 -25.05 4.86
C LEU C 547 -0.30 -23.79 5.69
N LEU C 548 0.10 -23.85 6.96
CA LEU C 548 -0.13 -22.77 7.91
C LEU C 548 0.70 -21.54 7.55
N THR C 549 0.05 -20.38 7.66
CA THR C 549 0.66 -19.10 7.33
C THR C 549 0.34 -18.09 8.43
N MET C 550 1.27 -17.16 8.66
CA MET C 550 1.13 -16.20 9.75
C MET C 550 -0.05 -15.26 9.54
N TRP C 551 -0.51 -15.10 8.30
CA TRP C 551 -1.60 -14.17 8.04
C TRP C 551 -2.93 -14.73 8.54
N PHE C 552 -3.93 -13.87 8.60
CA PHE C 552 -5.18 -14.24 9.27
C PHE C 552 -6.02 -15.18 8.42
N GLY C 553 -6.12 -14.93 7.12
CA GLY C 553 -6.94 -15.77 6.28
C GLY C 553 -6.16 -16.68 5.35
N GLU C 554 -4.84 -16.55 5.35
CA GLU C 554 -4.00 -17.29 4.41
C GLU C 554 -4.01 -18.80 4.71
N SER C 555 -3.97 -19.17 6.00
CA SER C 555 -3.84 -20.57 6.35
C SER C 555 -5.05 -21.38 5.88
N GLU C 556 -6.23 -20.80 5.99
CA GLU C 556 -7.43 -21.48 5.53
C GLU C 556 -7.53 -21.44 4.02
N ALA C 557 -7.06 -20.36 3.40
CA ALA C 557 -7.08 -20.26 1.95
C ALA C 557 -6.18 -21.29 1.31
N ASN C 558 -5.02 -21.56 1.92
CA ASN C 558 -4.12 -22.58 1.38
C ASN C 558 -4.73 -23.97 1.47
N VAL C 559 -5.61 -24.20 2.44
CA VAL C 559 -6.30 -25.49 2.52
C VAL C 559 -7.22 -25.67 1.33
N ARG C 560 -7.97 -24.63 0.98
CA ARG C 560 -8.87 -24.73 -0.17
C ARG C 560 -8.10 -24.87 -1.47
N GLU C 561 -6.95 -24.21 -1.57
CA GLU C 561 -6.16 -24.30 -2.79
C GLU C 561 -5.67 -25.72 -3.03
N ILE C 562 -5.20 -26.39 -1.98
CA ILE C 562 -4.74 -27.77 -2.12
C ILE C 562 -5.89 -28.70 -2.49
N PHE C 563 -7.04 -28.54 -1.83
CA PHE C 563 -8.16 -29.43 -2.10
C PHE C 563 -8.77 -29.17 -3.46
N ASP C 564 -8.72 -27.91 -3.93
CA ASP C 564 -9.25 -27.62 -5.26
C ASP C 564 -8.32 -28.12 -6.35
N LYS C 565 -7.01 -28.15 -6.08
CA LYS C 565 -6.07 -28.73 -7.03
C LYS C 565 -6.32 -30.22 -7.21
N ALA C 566 -6.62 -30.92 -6.11
CA ALA C 566 -6.95 -32.34 -6.21
C ALA C 566 -8.26 -32.55 -6.95
N ARG C 567 -9.27 -31.71 -6.69
CA ARG C 567 -10.54 -31.85 -7.39
C ARG C 567 -10.37 -31.55 -8.88
N GLN C 568 -9.54 -30.56 -9.22
CA GLN C 568 -9.29 -30.25 -10.61
C GLN C 568 -8.60 -31.40 -11.33
N ALA C 569 -7.61 -32.00 -10.67
CA ALA C 569 -6.83 -33.08 -11.28
C ALA C 569 -7.22 -34.46 -10.79
N ALA C 570 -8.48 -34.67 -10.43
CA ALA C 570 -8.92 -35.99 -10.01
C ALA C 570 -8.85 -36.96 -11.19
N PRO C 571 -8.52 -38.24 -10.97
CA PRO C 571 -8.24 -38.87 -9.68
C PRO C 571 -6.89 -38.48 -9.10
N CYS C 572 -6.89 -38.03 -7.85
CA CYS C 572 -5.67 -37.53 -7.24
C CYS C 572 -5.62 -37.98 -5.79
N VAL C 573 -4.44 -38.43 -5.36
CA VAL C 573 -4.21 -38.86 -3.99
C VAL C 573 -3.60 -37.70 -3.22
N LEU C 574 -4.24 -37.30 -2.13
CA LEU C 574 -3.79 -36.18 -1.32
C LEU C 574 -3.22 -36.75 -0.02
N PHE C 575 -1.89 -36.82 0.06
CA PHE C 575 -1.22 -37.47 1.18
C PHE C 575 -0.75 -36.41 2.16
N PHE C 576 -1.28 -36.48 3.39
CA PHE C 576 -0.91 -35.57 4.46
C PHE C 576 0.09 -36.26 5.37
N ASP C 577 1.37 -35.96 5.18
CA ASP C 577 2.41 -36.47 6.06
C ASP C 577 2.36 -35.75 7.40
N GLN C 578 2.43 -36.52 8.48
CA GLN C 578 2.33 -35.99 9.85
C GLN C 578 1.03 -35.21 10.02
N LEU C 579 -0.09 -35.93 9.91
CA LEU C 579 -1.40 -35.28 9.92
C LEU C 579 -1.70 -34.67 11.29
N ASP C 580 -1.02 -35.11 12.34
CA ASP C 580 -1.31 -34.61 13.67
C ASP C 580 -0.92 -33.14 13.82
N SER C 581 0.04 -32.68 13.01
CA SER C 581 0.37 -31.26 13.00
C SER C 581 -0.80 -30.43 12.48
N ILE C 582 -1.46 -30.92 11.43
CA ILE C 582 -2.59 -30.20 10.87
C ILE C 582 -3.84 -30.42 11.70
N ALA C 583 -4.16 -31.69 11.96
CA ALA C 583 -5.39 -32.08 12.65
C ALA C 583 -5.11 -32.19 14.14
N LYS C 584 -5.88 -31.48 14.95
CA LYS C 584 -5.74 -31.47 16.40
C LYS C 584 -7.12 -31.63 17.02
N ALA C 585 -7.15 -31.92 18.32
CA ALA C 585 -8.40 -32.24 19.00
C ALA C 585 -9.34 -31.05 19.08
N ARG C 586 -8.83 -29.86 18.75
CA ARG C 586 -9.60 -28.61 18.79
C ARG C 586 -9.88 -28.19 20.22
N GLY C 587 -9.90 -26.88 20.48
CA GLY C 587 -10.02 -26.41 21.84
C GLY C 587 -8.84 -26.78 22.72
N GLY C 588 -7.62 -26.72 22.20
CA GLY C 588 -6.47 -27.18 22.96
C GLY C 588 -5.94 -26.12 23.91
N ASN C 589 -5.48 -24.99 23.39
CA ASN C 589 -4.86 -23.96 24.20
C ASN C 589 -5.45 -22.60 23.85
N ILE C 590 -5.47 -21.72 24.85
CA ILE C 590 -6.04 -20.39 24.65
C ILE C 590 -5.23 -19.62 23.61
N GLY C 591 -3.91 -19.67 23.71
CA GLY C 591 -3.07 -19.07 22.71
C GLY C 591 -2.51 -20.10 21.76
N ASP C 592 -3.12 -20.20 20.57
CA ASP C 592 -2.73 -21.17 19.55
C ASP C 592 -2.64 -20.46 18.20
N GLY C 593 -1.96 -19.33 18.20
CA GLY C 593 -1.97 -18.45 17.05
C GLY C 593 -3.31 -17.81 16.81
N GLY C 594 -4.04 -17.50 17.87
CA GLY C 594 -5.36 -16.91 17.75
C GLY C 594 -6.45 -17.89 17.37
N GLY C 595 -6.27 -19.18 17.61
CA GLY C 595 -7.23 -20.17 17.20
C GLY C 595 -7.19 -20.52 15.74
N ALA C 596 -6.15 -20.10 15.01
CA ALA C 596 -6.07 -20.40 13.58
C ALA C 596 -5.99 -21.89 13.32
N ALA C 597 -5.23 -22.62 14.14
CA ALA C 597 -5.16 -24.06 13.99
C ALA C 597 -6.52 -24.69 14.21
N ASP C 598 -7.28 -24.18 15.18
CA ASP C 598 -8.65 -24.62 15.38
C ASP C 598 -9.52 -24.29 14.18
N ARG C 599 -9.18 -23.21 13.47
CA ARG C 599 -9.98 -22.78 12.33
C ARG C 599 -9.56 -23.50 11.06
N VAL C 600 -8.32 -23.96 11.01
CA VAL C 600 -7.87 -24.76 9.87
C VAL C 600 -8.59 -26.11 9.85
N ILE C 601 -8.89 -26.65 11.04
CA ILE C 601 -9.63 -27.91 11.13
C ILE C 601 -10.98 -27.78 10.45
N ASN C 602 -11.72 -26.73 10.81
CA ASN C 602 -13.08 -26.58 10.29
C ASN C 602 -13.08 -26.37 8.79
N GLN C 603 -11.98 -25.88 8.24
CA GLN C 603 -11.90 -25.70 6.79
C GLN C 603 -11.66 -27.04 6.10
N ILE C 604 -10.88 -27.92 6.71
CA ILE C 604 -10.64 -29.23 6.13
C ILE C 604 -11.88 -30.10 6.25
N LEU C 605 -12.57 -30.03 7.39
CA LEU C 605 -13.76 -30.86 7.58
C LEU C 605 -14.80 -30.62 6.50
N THR C 606 -14.86 -29.39 5.98
CA THR C 606 -15.79 -29.10 4.90
C THR C 606 -15.27 -29.60 3.56
N GLU C 607 -13.95 -29.57 3.36
CA GLU C 607 -13.40 -29.99 2.07
C GLU C 607 -13.55 -31.49 1.87
N MET C 608 -13.19 -32.29 2.88
CA MET C 608 -13.35 -33.73 2.76
C MET C 608 -14.81 -34.10 2.61
N ASP C 609 -15.67 -33.50 3.43
CA ASP C 609 -17.09 -33.83 3.43
C ASP C 609 -17.89 -32.56 3.69
N GLY C 610 -18.39 -31.93 2.63
CA GLY C 610 -19.13 -30.71 2.75
C GLY C 610 -20.29 -30.71 1.79
N MET C 611 -20.88 -29.53 1.60
CA MET C 611 -22.05 -29.39 0.74
C MET C 611 -21.58 -29.20 -0.71
N SER C 612 -20.79 -30.15 -1.18
CA SER C 612 -20.33 -30.12 -2.56
C SER C 612 -20.23 -31.55 -3.06
N THR C 613 -20.36 -31.70 -4.38
CA THR C 613 -20.37 -33.03 -4.97
C THR C 613 -19.03 -33.72 -4.77
N LYS C 614 -19.08 -35.03 -4.57
CA LYS C 614 -17.87 -35.79 -4.33
C LYS C 614 -17.09 -36.01 -5.62
N LYS C 615 -15.77 -35.91 -5.52
CA LYS C 615 -14.87 -36.19 -6.62
C LYS C 615 -13.92 -37.30 -6.21
N ASN C 616 -13.20 -37.85 -7.20
CA ASN C 616 -12.31 -38.98 -6.96
C ASN C 616 -11.00 -38.52 -6.32
N VAL C 617 -11.13 -37.97 -5.12
CA VAL C 617 -9.99 -37.48 -4.35
C VAL C 617 -9.77 -38.43 -3.19
N PHE C 618 -8.58 -39.02 -3.12
CA PHE C 618 -8.24 -40.01 -2.09
C PHE C 618 -7.32 -39.35 -1.08
N ILE C 619 -7.83 -39.15 0.14
CA ILE C 619 -7.08 -38.51 1.21
C ILE C 619 -6.42 -39.60 2.03
N ILE C 620 -5.09 -39.56 2.11
CA ILE C 620 -4.31 -40.53 2.85
C ILE C 620 -3.47 -39.76 3.86
N GLY C 621 -3.44 -40.23 5.10
CA GLY C 621 -2.68 -39.53 6.13
C GLY C 621 -1.90 -40.45 7.05
N ALA C 622 -0.67 -40.07 7.38
CA ALA C 622 0.17 -40.84 8.29
C ALA C 622 0.48 -39.99 9.51
N THR C 623 0.29 -40.57 10.69
CA THR C 623 0.52 -39.87 11.94
C THR C 623 1.19 -40.80 12.95
N ASN C 624 2.14 -40.26 13.71
CA ASN C 624 2.77 -41.06 14.77
C ASN C 624 1.82 -41.25 15.94
N ARG C 625 1.17 -40.18 16.39
CA ARG C 625 0.21 -40.25 17.49
C ARG C 625 -1.18 -40.01 16.93
N PRO C 626 -2.04 -41.02 16.88
CA PRO C 626 -3.36 -40.85 16.27
C PRO C 626 -4.47 -40.53 17.25
N ASP C 627 -4.21 -40.57 18.56
CA ASP C 627 -5.27 -40.29 19.52
C ASP C 627 -5.52 -38.80 19.65
N ILE C 628 -4.53 -37.98 19.33
CA ILE C 628 -4.71 -36.53 19.42
C ILE C 628 -5.46 -35.99 18.21
N ILE C 629 -5.68 -36.83 17.19
CA ILE C 629 -6.38 -36.38 16.00
C ILE C 629 -7.82 -36.04 16.35
N ASP C 630 -8.36 -35.02 15.68
CA ASP C 630 -9.74 -34.64 15.88
C ASP C 630 -10.66 -35.82 15.56
N PRO C 631 -11.60 -36.17 16.43
CA PRO C 631 -12.50 -37.29 16.10
C PRO C 631 -13.31 -37.07 14.84
N ALA C 632 -13.59 -35.82 14.49
CA ALA C 632 -14.37 -35.54 13.28
C ALA C 632 -13.58 -35.90 12.02
N ILE C 633 -12.25 -35.84 12.09
CA ILE C 633 -11.42 -36.23 10.96
C ILE C 633 -11.50 -37.74 10.75
N LEU C 634 -11.51 -38.51 11.84
CA LEU C 634 -11.48 -39.96 11.75
C LEU C 634 -12.83 -40.55 11.35
N ARG C 635 -13.84 -39.71 11.16
CA ARG C 635 -15.15 -40.20 10.78
C ARG C 635 -15.11 -40.85 9.39
N PRO C 636 -15.87 -41.91 9.19
CA PRO C 636 -16.05 -42.43 7.83
C PRO C 636 -16.66 -41.36 6.93
N GLY C 637 -16.18 -41.29 5.69
CA GLY C 637 -16.48 -40.20 4.80
C GLY C 637 -15.38 -39.17 4.72
N ARG C 638 -14.49 -39.11 5.72
CA ARG C 638 -13.30 -38.28 5.67
C ARG C 638 -12.03 -39.12 5.66
N LEU C 639 -11.83 -39.97 6.65
CA LEU C 639 -10.73 -40.94 6.68
C LEU C 639 -11.36 -42.28 7.05
N ASP C 640 -11.82 -43.01 6.03
CA ASP C 640 -12.70 -44.14 6.24
C ASP C 640 -11.98 -45.30 6.92
N GLN C 641 -10.79 -45.64 6.45
CA GLN C 641 -10.07 -46.81 6.94
C GLN C 641 -8.93 -46.37 7.84
N LEU C 642 -8.83 -47.00 9.01
CA LEU C 642 -7.74 -46.78 9.95
C LEU C 642 -6.90 -48.05 9.98
N ILE C 643 -5.73 -48.00 9.34
CA ILE C 643 -4.86 -49.17 9.22
C ILE C 643 -3.72 -49.01 10.20
N TYR C 644 -3.53 -50.02 11.04
CA TYR C 644 -2.44 -50.03 12.00
C TYR C 644 -1.21 -50.63 11.34
N ILE C 645 -0.11 -49.88 11.32
CA ILE C 645 1.14 -50.36 10.75
C ILE C 645 2.04 -50.77 11.91
N PRO C 646 2.01 -52.01 12.34
CA PRO C 646 2.71 -52.39 13.57
C PRO C 646 4.18 -52.67 13.32
N LEU C 647 4.86 -53.01 14.41
CA LEU C 647 6.24 -53.46 14.29
C LEU C 647 6.27 -54.80 13.55
N PRO C 648 7.18 -54.98 12.60
CA PRO C 648 7.14 -56.19 11.77
C PRO C 648 7.38 -57.45 12.58
N ASP C 649 6.71 -58.53 12.17
CA ASP C 649 6.89 -59.82 12.80
C ASP C 649 7.96 -60.62 12.07
N GLU C 650 8.31 -61.79 12.61
CA GLU C 650 9.45 -62.54 12.09
C GLU C 650 9.23 -62.96 10.64
N LYS C 651 7.99 -63.23 10.25
CA LYS C 651 7.71 -63.44 8.83
C LYS C 651 7.94 -62.16 8.04
N SER C 652 7.46 -61.04 8.56
CA SER C 652 7.66 -59.75 7.89
C SER C 652 9.13 -59.36 7.87
N ARG C 653 9.83 -59.58 9.00
CA ARG C 653 11.24 -59.23 9.06
C ARG C 653 12.07 -60.04 8.08
N VAL C 654 11.62 -61.24 7.74
CA VAL C 654 12.29 -62.00 6.69
C VAL C 654 12.19 -61.26 5.36
N ALA C 655 11.00 -60.73 5.06
CA ALA C 655 10.80 -60.04 3.78
C ALA C 655 11.50 -58.69 3.76
N ILE C 656 11.57 -58.00 4.90
CA ILE C 656 12.18 -56.68 4.93
C ILE C 656 13.67 -56.77 4.62
N LEU C 657 14.35 -57.78 5.16
CA LEU C 657 15.76 -57.97 4.84
C LEU C 657 15.97 -58.28 3.37
N LYS C 658 15.08 -59.08 2.77
CA LYS C 658 15.18 -59.36 1.35
C LYS C 658 14.98 -58.09 0.53
N ALA C 659 14.02 -57.25 0.92
CA ALA C 659 13.73 -56.04 0.16
C ALA C 659 14.90 -55.07 0.19
N ASN C 660 15.58 -54.96 1.33
CA ASN C 660 16.68 -54.00 1.43
C ASN C 660 17.91 -54.49 0.68
N LEU C 661 18.21 -55.79 0.74
CA LEU C 661 19.42 -56.33 0.17
C LEU C 661 19.24 -56.89 -1.24
N ARG C 662 18.08 -56.67 -1.87
CA ARG C 662 17.82 -57.25 -3.18
C ARG C 662 18.82 -56.75 -4.22
N LYS C 663 19.12 -55.45 -4.20
CA LYS C 663 20.10 -54.91 -5.14
C LYS C 663 21.52 -55.25 -4.71
N SER C 664 21.74 -55.42 -3.41
CA SER C 664 23.08 -55.61 -2.89
C SER C 664 23.57 -57.03 -3.15
N PRO C 665 24.85 -57.21 -3.46
CA PRO C 665 25.41 -58.56 -3.57
C PRO C 665 25.81 -59.10 -2.21
N VAL C 666 25.08 -60.11 -1.74
CA VAL C 666 25.27 -60.66 -0.41
C VAL C 666 25.64 -62.13 -0.52
N ALA C 667 26.61 -62.54 0.30
CA ALA C 667 27.11 -63.91 0.27
C ALA C 667 26.04 -64.91 0.69
N LYS C 668 26.07 -66.07 0.05
CA LYS C 668 25.12 -67.13 0.38
C LYS C 668 25.30 -67.61 1.82
N ASP C 669 26.48 -67.43 2.39
CA ASP C 669 26.73 -67.94 3.74
C ASP C 669 25.81 -67.27 4.75
N VAL C 670 25.37 -66.05 4.44
CA VAL C 670 24.45 -65.34 5.31
C VAL C 670 23.04 -65.85 5.08
N ASP C 671 22.31 -66.11 6.17
CA ASP C 671 20.90 -66.46 6.10
C ASP C 671 20.09 -65.34 6.73
N LEU C 672 19.06 -64.89 6.03
CA LEU C 672 18.24 -63.80 6.56
C LEU C 672 17.32 -64.30 7.66
N GLU C 673 17.02 -65.61 7.67
CA GLU C 673 16.08 -66.14 8.65
C GLU C 673 16.64 -66.01 10.08
N PHE C 674 17.93 -66.28 10.26
CA PHE C 674 18.52 -66.08 11.58
C PHE C 674 18.52 -64.61 11.97
N LEU C 675 18.71 -63.72 11.00
CA LEU C 675 18.65 -62.28 11.28
C LEU C 675 17.27 -61.89 11.79
N ALA C 676 16.21 -62.41 11.16
CA ALA C 676 14.85 -62.07 11.58
C ALA C 676 14.53 -62.64 12.96
N LYS C 677 14.97 -63.88 13.22
CA LYS C 677 14.63 -64.54 14.48
C LYS C 677 15.26 -63.82 15.66
N MET C 678 16.51 -63.37 15.52
CA MET C 678 17.18 -62.71 16.63
C MET C 678 16.53 -61.38 16.97
N THR C 679 16.24 -60.56 15.96
CA THR C 679 15.66 -59.23 16.17
C THR C 679 14.16 -59.37 16.43
N ASN C 680 13.82 -59.50 17.73
CA ASN C 680 12.43 -59.70 18.10
C ASN C 680 11.60 -58.45 17.91
N GLY C 681 12.08 -57.30 18.38
CA GLY C 681 11.30 -56.08 18.36
C GLY C 681 11.80 -54.98 17.45
N PHE C 682 12.70 -55.26 16.51
CA PHE C 682 13.25 -54.22 15.66
C PHE C 682 12.19 -53.70 14.69
N SER C 683 12.31 -52.42 14.36
CA SER C 683 11.43 -51.82 13.37
C SER C 683 11.95 -52.06 11.96
N GLY C 684 11.19 -51.58 10.98
CA GLY C 684 11.66 -51.68 9.60
C GLY C 684 12.88 -50.83 9.34
N ALA C 685 12.95 -49.65 9.97
CA ALA C 685 14.12 -48.80 9.80
C ALA C 685 15.33 -49.39 10.51
N ASP C 686 15.12 -50.10 11.61
CA ASP C 686 16.22 -50.73 12.33
C ASP C 686 16.90 -51.79 11.45
N LEU C 687 16.11 -52.59 10.75
CA LEU C 687 16.69 -53.61 9.88
C LEU C 687 17.42 -52.98 8.71
N THR C 688 16.93 -51.82 8.24
CA THR C 688 17.61 -51.12 7.16
C THR C 688 18.94 -50.54 7.63
N GLU C 689 19.00 -50.07 8.87
CA GLU C 689 20.26 -49.54 9.40
C GLU C 689 21.27 -50.66 9.58
N ILE C 690 20.82 -51.87 9.88
CA ILE C 690 21.72 -53.01 9.94
C ILE C 690 22.35 -53.27 8.58
N CYS C 691 21.54 -53.25 7.52
CA CYS C 691 22.07 -53.45 6.18
C CYS C 691 22.94 -52.28 5.74
N GLN C 692 22.55 -51.06 6.10
CA GLN C 692 23.37 -49.90 5.75
C GLN C 692 24.71 -49.93 6.48
N ARG C 693 24.71 -50.38 7.73
CA ARG C 693 25.96 -50.48 8.48
C ARG C 693 26.87 -51.55 7.88
N ALA C 694 26.28 -52.60 7.30
CA ALA C 694 27.09 -53.64 6.69
C ALA C 694 27.89 -53.11 5.51
N CYS C 695 27.28 -52.28 4.67
CA CYS C 695 28.00 -51.73 3.53
C CYS C 695 29.14 -50.83 3.98
N LYS C 696 28.90 -49.99 4.98
CA LYS C 696 29.94 -49.06 5.42
C LYS C 696 31.17 -49.79 5.92
N LEU C 697 30.97 -50.88 6.66
CA LEU C 697 32.11 -51.71 7.04
C LEU C 697 32.74 -52.38 5.83
N ALA C 698 31.90 -52.86 4.90
CA ALA C 698 32.43 -53.39 3.66
C ALA C 698 33.11 -52.31 2.83
N ILE C 699 32.54 -51.10 2.83
CA ILE C 699 33.20 -49.98 2.15
C ILE C 699 34.53 -49.68 2.82
N ARG C 700 34.55 -49.65 4.16
CA ARG C 700 35.78 -49.36 4.87
C ARG C 700 36.86 -50.38 4.54
N GLU C 701 36.50 -51.67 4.54
CA GLU C 701 37.48 -52.70 4.21
C GLU C 701 37.94 -52.59 2.76
N SER C 702 37.00 -52.34 1.83
CA SER C 702 37.35 -52.34 0.43
C SER C 702 38.33 -51.22 0.09
N ILE C 703 38.09 -50.01 0.62
CA ILE C 703 38.98 -48.90 0.32
C ILE C 703 40.33 -49.09 1.01
N GLU C 704 40.32 -49.67 2.21
CA GLU C 704 41.58 -49.93 2.90
C GLU C 704 42.41 -50.96 2.13
N SER C 705 41.75 -51.88 1.44
CA SER C 705 42.46 -52.87 0.64
C SER C 705 43.12 -52.23 -0.57
N GLU C 706 42.39 -51.39 -1.30
CA GLU C 706 42.95 -50.81 -2.52
C GLU C 706 44.09 -49.86 -2.19
N ILE C 707 44.01 -49.16 -1.06
CA ILE C 707 45.10 -48.28 -0.65
C ILE C 707 46.36 -49.10 -0.35
N ARG C 708 46.18 -50.28 0.25
CA ARG C 708 47.31 -51.19 0.44
C ARG C 708 47.85 -51.66 -0.89
N ARG C 709 46.97 -52.00 -1.84
CA ARG C 709 47.42 -52.46 -3.15
C ARG C 709 48.09 -51.34 -3.92
N GLU C 710 47.65 -50.09 -3.73
CA GLU C 710 48.30 -48.98 -4.39
C GLU C 710 49.62 -48.62 -3.73
N ARG C 711 49.72 -48.84 -2.41
CA ARG C 711 50.96 -48.53 -1.71
C ARG C 711 52.10 -49.42 -2.17
N GLU C 712 51.84 -50.71 -2.36
CA GLU C 712 52.92 -51.63 -2.73
C GLU C 712 53.46 -51.33 -4.11
N ARG C 713 52.60 -50.90 -5.04
CA ARG C 713 53.08 -50.45 -6.33
C ARG C 713 53.97 -49.22 -6.18
N GLN C 714 53.56 -48.28 -5.34
CA GLN C 714 54.35 -47.08 -5.08
C GLN C 714 55.46 -47.38 -4.08
N PRO C 727 38.45 -57.89 -4.40
CA PRO C 727 38.84 -58.02 -2.99
C PRO C 727 37.63 -58.31 -2.11
N VAL C 728 36.61 -57.46 -2.19
CA VAL C 728 35.39 -57.65 -1.42
C VAL C 728 34.23 -57.65 -2.41
N PRO C 729 34.04 -58.74 -3.17
CA PRO C 729 32.98 -58.74 -4.19
C PRO C 729 31.59 -58.63 -3.61
N GLU C 730 31.36 -59.16 -2.41
CA GLU C 730 30.04 -59.26 -1.83
C GLU C 730 30.11 -59.02 -0.33
N ILE C 731 28.98 -58.62 0.25
CA ILE C 731 28.91 -58.39 1.69
C ILE C 731 29.03 -59.72 2.41
N ARG C 732 29.93 -59.78 3.38
CA ARG C 732 30.33 -61.04 3.99
C ARG C 732 29.64 -61.24 5.34
N ARG C 733 29.72 -62.47 5.85
CA ARG C 733 29.09 -62.81 7.11
C ARG C 733 29.65 -62.00 8.27
N ASP C 734 30.95 -61.78 8.31
CA ASP C 734 31.54 -61.11 9.47
C ASP C 734 31.20 -59.62 9.48
N HIS C 735 30.77 -59.07 8.34
CA HIS C 735 30.29 -57.71 8.34
C HIS C 735 28.99 -57.58 9.11
N PHE C 736 28.04 -58.49 8.87
CA PHE C 736 26.76 -58.46 9.59
C PHE C 736 26.97 -58.73 11.08
N GLU C 737 27.89 -59.63 11.41
CA GLU C 737 28.21 -59.87 12.82
C GLU C 737 28.81 -58.64 13.45
N GLU C 738 29.64 -57.90 12.70
CA GLU C 738 30.20 -56.66 13.22
C GLU C 738 29.17 -55.54 13.25
N ALA C 739 28.33 -55.46 12.22
CA ALA C 739 27.36 -54.37 12.13
C ALA C 739 26.26 -54.49 13.17
N MET C 740 25.99 -55.72 13.62
CA MET C 740 24.88 -55.93 14.53
C MET C 740 25.13 -55.30 15.90
N ARG C 741 26.37 -55.35 16.38
CA ARG C 741 26.64 -54.90 17.74
C ARG C 741 26.42 -53.40 17.89
N PHE C 742 26.42 -52.66 16.76
CA PHE C 742 26.09 -51.24 16.83
C PHE C 742 24.59 -51.02 16.77
N ALA C 743 23.84 -52.00 16.26
CA ALA C 743 22.41 -51.83 16.08
C ALA C 743 21.70 -51.78 17.42
N ARG C 744 20.54 -51.12 17.44
CA ARG C 744 19.73 -51.03 18.64
C ARG C 744 18.27 -50.88 18.25
N ARG C 745 17.39 -51.26 19.17
CA ARG C 745 15.95 -51.22 18.91
C ARG C 745 15.44 -49.80 19.02
N SER C 746 14.81 -49.31 17.95
CA SER C 746 14.42 -47.90 17.90
C SER C 746 13.23 -47.62 18.82
N VAL C 747 12.22 -48.47 18.80
CA VAL C 747 10.97 -48.22 19.49
C VAL C 747 10.94 -49.03 20.77
N SER C 748 10.81 -48.34 21.90
CA SER C 748 10.76 -49.01 23.19
C SER C 748 9.38 -49.65 23.40
N ASP C 749 9.33 -50.53 24.40
CA ASP C 749 8.08 -51.22 24.71
C ASP C 749 7.01 -50.23 25.17
N ASN C 750 7.39 -49.24 25.97
CA ASN C 750 6.42 -48.25 26.44
C ASN C 750 5.86 -47.44 25.28
N ASP C 751 6.66 -47.24 24.23
CA ASP C 751 6.14 -46.59 23.02
C ASP C 751 5.18 -47.50 22.28
N ILE C 752 5.47 -48.80 22.24
CA ILE C 752 4.59 -49.74 21.55
C ILE C 752 3.23 -49.81 22.23
N ARG C 753 3.22 -49.86 23.56
CA ARG C 753 1.97 -50.06 24.29
C ARG C 753 0.97 -48.94 24.01
N LYS C 754 1.47 -47.73 23.73
CA LYS C 754 0.58 -46.64 23.36
C LYS C 754 -0.15 -46.94 22.06
N TYR C 755 0.57 -47.49 21.07
CA TYR C 755 -0.04 -47.77 19.77
C TYR C 755 -0.90 -49.03 19.83
N GLU C 756 -0.46 -50.04 20.58
CA GLU C 756 -1.28 -51.24 20.75
C GLU C 756 -2.56 -50.93 21.48
N MET C 757 -2.55 -49.89 22.33
CA MET C 757 -3.74 -49.50 23.06
C MET C 757 -4.80 -48.90 22.14
N PHE C 758 -4.38 -48.06 21.19
CA PHE C 758 -5.34 -47.42 20.30
C PHE C 758 -6.06 -48.44 19.42
N ALA C 759 -5.32 -49.41 18.88
CA ALA C 759 -5.94 -50.44 18.07
C ALA C 759 -6.92 -51.27 18.90
N GLN C 760 -6.62 -51.46 20.19
CA GLN C 760 -7.53 -52.20 21.05
C GLN C 760 -8.87 -51.48 21.19
N THR C 761 -8.84 -50.15 21.30
CA THR C 761 -10.08 -49.40 21.41
C THR C 761 -10.94 -49.56 20.17
N LEU C 762 -10.30 -49.55 18.98
CA LEU C 762 -11.05 -49.75 17.74
C LEU C 762 -11.65 -51.14 17.67
N GLN C 763 -10.89 -52.17 18.06
CA GLN C 763 -11.41 -53.53 18.03
C GLN C 763 -12.46 -53.75 19.12
N GLN C 764 -12.22 -53.20 20.32
CA GLN C 764 -13.17 -53.41 21.41
C GLN C 764 -14.46 -52.61 21.18
N SER C 765 -14.38 -51.56 20.36
CA SER C 765 -15.57 -50.76 20.06
C SER C 765 -16.61 -51.60 19.34
N ARG C 766 -16.22 -52.26 18.26
CA ARG C 766 -17.10 -53.15 17.53
C ARG C 766 -16.25 -54.08 16.67
N GLY C 767 -16.81 -55.24 16.37
CA GLY C 767 -16.07 -56.27 15.68
C GLY C 767 -15.24 -57.17 16.56
N PHE C 768 -15.23 -56.94 17.87
CA PHE C 768 -14.50 -57.82 18.78
C PHE C 768 -15.09 -59.22 18.76
N GLY C 769 -16.43 -59.31 18.74
CA GLY C 769 -17.12 -60.57 18.54
C GLY C 769 -17.50 -60.71 17.08
N SER C 770 -17.12 -61.86 16.50
CA SER C 770 -17.40 -62.10 15.09
C SER C 770 -18.91 -62.03 14.82
N PHE C 771 -19.27 -61.32 13.76
CA PHE C 771 -20.67 -61.08 13.43
C PHE C 771 -21.10 -62.06 12.34
N ARG C 772 -22.12 -62.86 12.64
CA ARG C 772 -22.64 -63.86 11.71
C ARG C 772 -24.15 -63.73 11.64
N PHE C 773 -24.70 -63.79 10.42
CA PHE C 773 -26.13 -63.73 10.24
C PHE C 773 -26.78 -65.03 10.70
N PRO C 774 -28.00 -64.96 11.23
CA PRO C 774 -28.73 -66.19 11.59
C PRO C 774 -29.07 -67.01 10.36
N SER C 775 -29.17 -68.32 10.55
CA SER C 775 -29.54 -69.22 9.47
C SER C 775 -31.02 -69.05 9.10
N LEU D 12 -53.19 6.17 -2.38
CA LEU D 12 -53.04 7.59 -2.70
C LEU D 12 -51.69 7.83 -3.35
N SER D 13 -50.71 7.00 -3.01
CA SER D 13 -49.39 7.12 -3.61
C SER D 13 -49.44 6.90 -5.12
N THR D 14 -50.18 5.89 -5.56
CA THR D 14 -50.36 5.59 -6.98
C THR D 14 -51.62 6.22 -7.55
N ALA D 15 -52.05 7.36 -7.00
CA ALA D 15 -53.25 8.01 -7.52
C ALA D 15 -53.06 8.44 -8.96
N ILE D 16 -51.85 8.85 -9.34
CA ILE D 16 -51.58 9.30 -10.69
C ILE D 16 -51.79 8.16 -11.69
N LEU D 17 -51.61 6.92 -11.23
CA LEU D 17 -51.82 5.74 -12.08
C LEU D 17 -53.19 5.13 -11.78
N LYS D 18 -54.23 5.77 -12.31
CA LYS D 18 -55.59 5.30 -12.08
C LYS D 18 -56.46 5.30 -13.33
N GLN D 19 -56.01 5.89 -14.44
CA GLN D 19 -56.72 5.92 -15.72
C GLN D 19 -58.23 6.18 -15.52
N LYS D 20 -58.53 7.37 -15.00
CA LYS D 20 -59.91 7.74 -14.69
C LYS D 20 -60.81 7.59 -15.92
N ASN D 21 -61.98 6.99 -15.72
CA ASN D 21 -62.85 6.66 -16.83
C ASN D 21 -63.57 7.89 -17.39
N ARG D 22 -63.34 8.15 -18.67
CA ARG D 22 -63.96 9.22 -19.42
C ARG D 22 -64.55 8.63 -20.69
N PRO D 23 -65.58 9.25 -21.28
CA PRO D 23 -66.15 8.68 -22.51
C PRO D 23 -65.17 8.62 -23.67
N ASN D 24 -64.16 9.50 -23.69
CA ASN D 24 -63.15 9.43 -24.75
C ASN D 24 -62.35 8.14 -24.67
N ARG D 25 -62.31 7.51 -23.50
CA ARG D 25 -61.58 6.26 -23.33
C ARG D 25 -62.35 5.09 -23.93
N LEU D 26 -61.74 4.40 -24.90
CA LEU D 26 -62.40 3.35 -25.65
C LEU D 26 -61.47 2.15 -25.78
N ILE D 27 -62.05 0.95 -25.83
CA ILE D 27 -61.26 -0.26 -26.01
C ILE D 27 -60.97 -0.48 -27.48
N VAL D 28 -59.72 -0.80 -27.81
CA VAL D 28 -59.35 -1.09 -29.19
C VAL D 28 -59.87 -2.46 -29.57
N ASP D 29 -60.51 -2.54 -30.74
CA ASP D 29 -61.17 -3.75 -31.21
C ASP D 29 -60.82 -3.98 -32.67
N GLU D 30 -61.04 -5.21 -33.14
CA GLU D 30 -60.70 -5.59 -34.51
C GLU D 30 -61.55 -4.85 -35.53
N ALA D 31 -61.31 -5.15 -36.81
CA ALA D 31 -62.10 -4.57 -37.89
C ALA D 31 -63.13 -5.57 -38.40
N ILE D 32 -64.16 -5.05 -39.06
CA ILE D 32 -65.20 -5.89 -39.66
C ILE D 32 -65.14 -5.78 -41.17
N ASN D 33 -65.35 -4.58 -41.69
CA ASN D 33 -65.20 -4.26 -43.11
C ASN D 33 -64.40 -3.00 -43.34
N GLU D 34 -63.74 -2.49 -42.31
CA GLU D 34 -63.11 -1.17 -42.38
C GLU D 34 -61.79 -1.25 -43.14
N ASP D 35 -61.50 -0.19 -43.88
CA ASP D 35 -60.19 -0.06 -44.53
C ASP D 35 -59.24 0.66 -43.56
N ASN D 36 -58.09 1.09 -44.08
CA ASN D 36 -57.06 1.67 -43.21
C ASN D 36 -57.47 3.01 -42.62
N SER D 37 -58.32 3.78 -43.30
CA SER D 37 -58.55 5.17 -42.96
C SER D 37 -59.78 5.40 -42.09
N VAL D 38 -60.45 4.35 -41.63
CA VAL D 38 -61.69 4.52 -40.88
C VAL D 38 -61.65 3.68 -39.61
N VAL D 39 -62.42 4.12 -38.62
CA VAL D 39 -62.69 3.35 -37.40
C VAL D 39 -64.19 3.41 -37.15
N SER D 40 -64.69 2.46 -36.36
CA SER D 40 -66.12 2.32 -36.16
C SER D 40 -66.49 2.57 -34.69
N LEU D 41 -67.54 3.35 -34.49
CA LEU D 41 -68.06 3.67 -33.16
C LEU D 41 -69.54 3.33 -33.09
N SER D 42 -70.01 3.07 -31.88
CA SER D 42 -71.43 2.80 -31.69
C SER D 42 -72.23 4.10 -31.70
N GLN D 43 -73.44 4.02 -32.25
CA GLN D 43 -74.26 5.21 -32.39
C GLN D 43 -74.60 5.89 -31.07
N PRO D 44 -75.05 5.19 -30.01
CA PRO D 44 -75.29 5.88 -28.74
C PRO D 44 -74.05 6.58 -28.20
N LYS D 45 -72.88 5.96 -28.35
CA LYS D 45 -71.65 6.60 -27.91
C LYS D 45 -71.35 7.84 -28.76
N MET D 46 -71.67 7.80 -30.05
CA MET D 46 -71.51 8.98 -30.89
C MET D 46 -72.42 10.11 -30.39
N ASP D 47 -73.67 9.79 -30.08
CA ASP D 47 -74.58 10.81 -29.55
C ASP D 47 -74.11 11.33 -28.20
N GLU D 48 -73.41 10.48 -27.44
CA GLU D 48 -72.85 10.91 -26.16
C GLU D 48 -71.80 12.00 -26.35
N LEU D 49 -70.96 11.86 -27.38
CA LEU D 49 -69.89 12.82 -27.63
C LEU D 49 -70.17 13.73 -28.81
N GLN D 50 -71.40 13.74 -29.33
CA GLN D 50 -71.80 14.64 -30.42
C GLN D 50 -70.92 14.44 -31.65
N LEU D 51 -70.70 13.19 -32.03
CA LEU D 51 -69.91 12.86 -33.20
C LEU D 51 -70.83 12.45 -34.34
N PHE D 52 -70.61 13.05 -35.51
CA PHE D 52 -71.41 12.76 -36.69
C PHE D 52 -70.67 11.79 -37.60
N ARG D 53 -71.45 10.95 -38.29
CA ARG D 53 -70.87 9.99 -39.22
C ARG D 53 -70.16 10.71 -40.36
N GLY D 54 -68.94 10.25 -40.66
CA GLY D 54 -68.11 10.85 -41.68
C GLY D 54 -67.11 11.86 -41.16
N ASP D 55 -67.24 12.30 -39.92
CA ASP D 55 -66.31 13.28 -39.36
C ASP D 55 -64.91 12.70 -39.27
N THR D 56 -63.91 13.54 -39.53
CA THR D 56 -62.53 13.20 -39.25
C THR D 56 -62.23 13.47 -37.78
N VAL D 57 -61.52 12.54 -37.16
CA VAL D 57 -61.20 12.63 -35.73
C VAL D 57 -59.71 12.38 -35.54
N LEU D 58 -59.19 12.83 -34.41
CA LEU D 58 -57.80 12.64 -34.04
C LEU D 58 -57.72 11.57 -32.95
N LEU D 59 -56.86 10.59 -33.16
CA LEU D 59 -56.69 9.47 -32.25
C LEU D 59 -55.36 9.59 -31.51
N LYS D 60 -55.40 9.44 -30.19
CA LYS D 60 -54.20 9.51 -29.36
C LYS D 60 -53.96 8.15 -28.73
N GLY D 61 -52.73 7.64 -28.86
CA GLY D 61 -52.38 6.32 -28.37
C GLY D 61 -51.18 6.39 -27.44
N LYS D 62 -50.41 5.30 -27.46
CA LYS D 62 -49.23 5.20 -26.64
C LYS D 62 -48.05 5.91 -27.29
N LYS D 63 -47.06 6.29 -26.48
CA LYS D 63 -45.81 6.87 -26.95
C LYS D 63 -46.05 8.14 -27.77
N ARG D 64 -47.07 8.91 -27.38
CA ARG D 64 -47.41 10.17 -28.03
C ARG D 64 -47.67 9.97 -29.53
N ARG D 65 -48.28 8.85 -29.89
CA ARG D 65 -48.56 8.53 -31.28
C ARG D 65 -49.98 8.96 -31.62
N GLU D 66 -50.11 9.70 -32.72
CA GLU D 66 -51.40 10.19 -33.18
C GLU D 66 -51.72 9.61 -34.56
N ALA D 67 -53.00 9.37 -34.79
CA ALA D 67 -53.49 8.94 -36.09
C ALA D 67 -54.85 9.58 -36.33
N VAL D 68 -55.22 9.67 -37.61
CA VAL D 68 -56.48 10.25 -38.02
C VAL D 68 -57.31 9.18 -38.71
N CYS D 69 -58.57 9.06 -38.31
CA CYS D 69 -59.46 8.05 -38.86
C CYS D 69 -60.87 8.63 -38.98
N ILE D 70 -61.65 8.01 -39.84
CA ILE D 70 -63.04 8.40 -40.07
C ILE D 70 -63.93 7.53 -39.20
N VAL D 71 -64.95 8.15 -38.61
CA VAL D 71 -65.91 7.44 -37.78
C VAL D 71 -67.06 6.95 -38.64
N LEU D 72 -67.36 5.65 -38.54
CA LEU D 72 -68.48 5.03 -39.23
C LEU D 72 -69.29 4.24 -38.22
N SER D 73 -70.61 4.32 -38.35
CA SER D 73 -71.52 3.75 -37.37
C SER D 73 -71.66 2.24 -37.58
N ASP D 74 -71.80 1.53 -36.46
CA ASP D 74 -72.04 0.10 -36.47
C ASP D 74 -72.93 -0.25 -35.29
N ASP D 75 -73.99 -1.01 -35.55
CA ASP D 75 -74.88 -1.45 -34.48
C ASP D 75 -74.29 -2.56 -33.63
N THR D 76 -73.34 -3.33 -34.16
CA THR D 76 -72.69 -4.40 -33.42
C THR D 76 -71.47 -3.92 -32.66
N CYS D 77 -71.03 -2.69 -32.86
CA CYS D 77 -69.91 -2.14 -32.12
C CYS D 77 -70.34 -1.78 -30.71
N SER D 78 -69.53 -2.18 -29.74
CA SER D 78 -69.87 -1.94 -28.34
C SER D 78 -69.72 -0.47 -27.98
N ASP D 79 -70.48 -0.05 -26.97
CA ASP D 79 -70.41 1.33 -26.52
C ASP D 79 -69.06 1.65 -25.88
N GLU D 80 -68.41 0.64 -25.32
CA GLU D 80 -67.10 0.79 -24.69
C GLU D 80 -65.95 0.40 -25.62
N LYS D 81 -66.23 0.08 -26.87
CA LYS D 81 -65.21 -0.40 -27.79
C LYS D 81 -65.24 0.39 -29.09
N ILE D 82 -64.11 0.39 -29.78
CA ILE D 82 -63.96 1.01 -31.09
C ILE D 82 -63.32 0.01 -32.03
N ARG D 83 -63.93 -0.20 -33.18
CA ARG D 83 -63.43 -1.12 -34.20
C ARG D 83 -62.29 -0.44 -34.95
N MET D 84 -61.23 -1.18 -35.26
CA MET D 84 -60.16 -0.65 -36.08
C MET D 84 -59.30 -1.80 -36.62
N ASN D 85 -58.62 -1.54 -37.73
CA ASN D 85 -57.84 -2.57 -38.39
C ASN D 85 -56.40 -2.58 -37.89
N ARG D 86 -55.63 -3.53 -38.42
CA ARG D 86 -54.25 -3.73 -37.99
C ARG D 86 -53.36 -2.54 -38.33
N VAL D 87 -53.61 -1.91 -39.48
CA VAL D 87 -52.75 -0.81 -39.94
C VAL D 87 -52.76 0.35 -38.96
N VAL D 88 -53.94 0.78 -38.54
CA VAL D 88 -54.01 1.91 -37.60
C VAL D 88 -53.46 1.49 -36.23
N ARG D 89 -53.67 0.25 -35.83
CA ARG D 89 -53.15 -0.23 -34.55
C ARG D 89 -51.63 -0.17 -34.53
N ASN D 90 -50.99 -0.63 -35.61
CA ASN D 90 -49.54 -0.50 -35.72
C ASN D 90 -49.14 0.96 -35.86
N ASN D 91 -50.04 1.80 -36.39
CA ASN D 91 -49.77 3.23 -36.42
C ASN D 91 -49.89 3.85 -35.03
N LEU D 92 -50.83 3.37 -34.22
CA LEU D 92 -51.06 3.93 -32.89
C LEU D 92 -50.28 3.22 -31.79
N ARG D 93 -49.52 2.18 -32.13
CA ARG D 93 -48.66 1.49 -31.17
C ARG D 93 -49.47 0.92 -30.01
N VAL D 94 -50.64 0.37 -30.31
CA VAL D 94 -51.51 -0.21 -29.31
C VAL D 94 -51.81 -1.66 -29.69
N ARG D 95 -52.50 -2.36 -28.79
CA ARG D 95 -52.86 -3.75 -28.98
C ARG D 95 -54.33 -3.96 -28.65
N LEU D 96 -54.82 -5.14 -29.03
CA LEU D 96 -56.21 -5.50 -28.76
C LEU D 96 -56.46 -5.57 -27.26
N GLY D 97 -57.34 -4.71 -26.77
CA GLY D 97 -57.64 -4.61 -25.36
C GLY D 97 -57.12 -3.35 -24.70
N ASP D 98 -56.43 -2.49 -25.45
CA ASP D 98 -55.91 -1.26 -24.90
C ASP D 98 -56.97 -0.16 -24.90
N VAL D 99 -56.62 0.98 -24.31
CA VAL D 99 -57.50 2.14 -24.24
C VAL D 99 -56.84 3.32 -24.94
N ILE D 100 -57.60 3.99 -25.81
CA ILE D 100 -57.14 5.17 -26.52
C ILE D 100 -58.18 6.27 -26.38
N SER D 101 -57.78 7.48 -26.74
CA SER D 101 -58.65 8.65 -26.70
C SER D 101 -58.99 9.09 -28.11
N ILE D 102 -60.27 9.34 -28.35
CA ILE D 102 -60.78 9.81 -29.64
C ILE D 102 -61.47 11.15 -29.44
N GLN D 103 -61.11 12.12 -30.26
CA GLN D 103 -61.64 13.47 -30.17
C GLN D 103 -61.78 14.04 -31.57
N PRO D 104 -62.68 14.99 -31.76
CA PRO D 104 -62.81 15.62 -33.09
C PRO D 104 -61.54 16.36 -33.47
N CYS D 105 -61.24 16.33 -34.77
CA CYS D 105 -60.09 17.03 -35.35
C CYS D 105 -60.60 17.90 -36.49
N PRO D 106 -61.10 19.09 -36.19
CA PRO D 106 -61.57 19.99 -37.24
C PRO D 106 -60.41 20.68 -37.94
N ASP D 107 -60.74 21.38 -39.02
CA ASP D 107 -59.78 22.14 -39.81
C ASP D 107 -58.68 21.25 -40.40
N VAL D 108 -59.03 20.04 -40.80
CA VAL D 108 -58.12 19.23 -41.60
C VAL D 108 -58.31 19.56 -43.08
N LYS D 109 -57.30 20.17 -43.68
CA LYS D 109 -57.41 20.71 -45.02
C LYS D 109 -57.06 19.66 -46.07
N TYR D 110 -57.43 19.96 -47.32
CA TYR D 110 -57.04 19.11 -48.43
C TYR D 110 -55.54 19.19 -48.65
N GLY D 111 -54.92 18.04 -48.88
CA GLY D 111 -53.48 18.01 -49.04
C GLY D 111 -53.02 18.67 -50.33
N LYS D 112 -51.84 19.29 -50.26
CA LYS D 112 -51.25 19.93 -51.42
C LYS D 112 -50.20 19.06 -52.11
N ARG D 113 -49.21 18.58 -51.37
CA ARG D 113 -48.20 17.69 -51.91
C ARG D 113 -47.59 16.89 -50.76
N ILE D 114 -47.71 15.57 -50.84
CA ILE D 114 -47.23 14.68 -49.79
C ILE D 114 -46.11 13.82 -50.35
N HIS D 115 -45.24 13.36 -49.45
CA HIS D 115 -44.13 12.47 -49.80
C HIS D 115 -44.31 11.17 -49.04
N VAL D 116 -44.44 10.07 -49.78
CA VAL D 116 -44.54 8.75 -49.17
C VAL D 116 -43.37 7.91 -49.65
N LEU D 117 -42.79 7.16 -48.73
CA LEU D 117 -41.67 6.28 -49.03
C LEU D 117 -41.98 4.86 -48.61
N PRO D 118 -41.91 3.90 -49.53
CA PRO D 118 -42.28 2.53 -49.21
C PRO D 118 -41.26 1.87 -48.29
N ILE D 119 -41.71 0.79 -47.65
CA ILE D 119 -40.84 -0.01 -46.79
C ILE D 119 -40.00 -0.92 -47.68
N ASP D 120 -38.72 -1.04 -47.35
CA ASP D 120 -37.78 -1.75 -48.22
C ASP D 120 -38.14 -3.22 -48.37
N ASP D 121 -38.58 -3.85 -47.28
CA ASP D 121 -38.87 -5.29 -47.35
C ASP D 121 -40.18 -5.60 -48.08
N THR D 122 -41.08 -4.63 -48.22
CA THR D 122 -42.29 -4.84 -49.02
C THR D 122 -42.08 -4.56 -50.50
N VAL D 123 -40.95 -3.96 -50.88
CA VAL D 123 -40.64 -3.66 -52.28
C VAL D 123 -39.50 -4.49 -52.80
N GLU D 124 -39.01 -5.47 -52.05
CA GLU D 124 -37.98 -6.36 -52.54
C GLU D 124 -38.50 -7.20 -53.71
N GLY D 125 -37.90 -7.00 -54.88
CA GLY D 125 -38.35 -7.68 -56.08
C GLY D 125 -39.39 -6.94 -56.89
N ILE D 126 -39.86 -5.77 -56.44
CA ILE D 126 -40.81 -4.96 -57.18
C ILE D 126 -40.01 -3.90 -57.92
N THR D 127 -40.13 -3.89 -59.25
CA THR D 127 -39.40 -2.96 -60.09
C THR D 127 -40.30 -2.06 -60.92
N GLY D 128 -41.62 -2.17 -60.75
CA GLY D 128 -42.55 -1.33 -61.48
C GLY D 128 -42.72 0.04 -60.84
N ASN D 129 -43.57 0.85 -61.48
CA ASN D 129 -43.89 2.18 -60.95
C ASN D 129 -44.79 2.00 -59.74
N LEU D 130 -44.25 2.27 -58.55
CA LEU D 130 -45.02 2.08 -57.33
C LEU D 130 -46.27 2.95 -57.31
N PHE D 131 -46.19 4.17 -57.86
CA PHE D 131 -47.33 5.08 -57.87
C PHE D 131 -48.53 4.45 -58.55
N GLU D 132 -48.43 4.20 -59.86
CA GLU D 132 -49.58 3.71 -60.61
C GLU D 132 -50.04 2.34 -60.14
N VAL D 133 -49.10 1.47 -59.74
CA VAL D 133 -49.47 0.12 -59.33
C VAL D 133 -50.22 0.14 -58.00
N TYR D 134 -49.77 0.95 -57.05
CA TYR D 134 -50.32 0.88 -55.70
C TYR D 134 -51.04 2.14 -55.23
N LEU D 135 -50.42 3.30 -55.30
CA LEU D 135 -50.93 4.49 -54.63
C LEU D 135 -52.12 5.11 -55.35
N LYS D 136 -52.01 5.30 -56.67
CA LYS D 136 -53.10 5.94 -57.41
C LYS D 136 -54.41 5.18 -57.31
N PRO D 137 -54.46 3.84 -57.44
CA PRO D 137 -55.71 3.14 -57.12
C PRO D 137 -56.13 3.30 -55.67
N TYR D 138 -55.17 3.45 -54.76
CA TYR D 138 -55.49 3.49 -53.33
C TYR D 138 -56.20 4.79 -52.95
N PHE D 139 -55.79 5.91 -53.56
CA PHE D 139 -56.32 7.22 -53.18
C PHE D 139 -57.32 7.79 -54.16
N LEU D 140 -57.74 7.02 -55.18
CA LEU D 140 -58.61 7.54 -56.21
C LEU D 140 -60.00 7.86 -55.67
N GLU D 141 -60.33 9.15 -55.58
CA GLU D 141 -61.64 9.63 -55.12
C GLU D 141 -62.00 9.11 -53.73
N ALA D 142 -61.02 9.06 -52.82
CA ALA D 142 -61.25 8.48 -51.50
C ALA D 142 -61.25 9.50 -50.36
N TYR D 143 -60.50 10.60 -50.49
CA TYR D 143 -60.40 11.62 -49.44
C TYR D 143 -59.88 11.00 -48.13
N ARG D 144 -58.83 10.20 -48.24
CA ARG D 144 -58.31 9.50 -47.07
C ARG D 144 -57.59 10.48 -46.15
N PRO D 145 -57.94 10.52 -44.86
CA PRO D 145 -57.14 11.32 -43.92
C PRO D 145 -55.82 10.65 -43.61
N ILE D 146 -54.75 11.44 -43.64
CA ILE D 146 -53.40 10.96 -43.39
C ILE D 146 -52.67 11.91 -42.45
N ARG D 147 -51.62 11.39 -41.82
CA ARG D 147 -50.78 12.15 -40.91
C ARG D 147 -49.31 11.80 -41.16
N LYS D 148 -48.42 12.72 -40.78
CA LYS D 148 -46.99 12.48 -40.94
C LYS D 148 -46.55 11.27 -40.13
N GLY D 149 -45.68 10.46 -40.73
CA GLY D 149 -45.12 9.30 -40.07
C GLY D 149 -45.99 8.06 -40.14
N ASP D 150 -47.19 8.16 -40.70
CA ASP D 150 -48.10 7.03 -40.73
C ASP D 150 -47.57 5.93 -41.64
N ILE D 151 -47.95 4.69 -41.33
CA ILE D 151 -47.60 3.52 -42.11
C ILE D 151 -48.89 2.88 -42.61
N PHE D 152 -49.01 2.70 -43.92
CA PHE D 152 -50.18 2.08 -44.52
C PHE D 152 -49.78 1.07 -45.58
N LEU D 153 -50.55 0.00 -45.67
CA LEU D 153 -50.28 -1.13 -46.56
C LEU D 153 -51.23 -1.07 -47.74
N VAL D 154 -50.71 -1.35 -48.93
CA VAL D 154 -51.49 -1.30 -50.17
C VAL D 154 -51.38 -2.64 -50.87
N ARG D 155 -52.53 -3.22 -51.22
CA ARG D 155 -52.56 -4.43 -52.02
C ARG D 155 -52.47 -4.11 -53.50
N GLY D 156 -52.05 -5.08 -54.29
CA GLY D 156 -51.96 -4.92 -55.72
C GLY D 156 -50.65 -5.44 -56.25
N GLY D 157 -50.55 -5.45 -57.57
CA GLY D 157 -49.33 -5.92 -58.21
C GLY D 157 -49.04 -7.37 -57.87
N MET D 158 -47.82 -7.63 -57.41
CA MET D 158 -47.40 -8.97 -57.05
C MET D 158 -47.39 -9.22 -55.55
N ARG D 159 -47.16 -8.18 -54.74
CA ARG D 159 -47.09 -8.34 -53.29
C ARG D 159 -47.56 -7.06 -52.64
N ALA D 160 -48.30 -7.19 -51.54
CA ALA D 160 -48.79 -6.03 -50.81
C ALA D 160 -47.62 -5.21 -50.28
N VAL D 161 -47.69 -3.90 -50.46
CA VAL D 161 -46.57 -2.99 -50.19
C VAL D 161 -47.00 -1.97 -49.16
N GLU D 162 -46.16 -1.77 -48.14
CA GLU D 162 -46.39 -0.77 -47.12
C GLU D 162 -45.67 0.52 -47.48
N PHE D 163 -46.24 1.65 -47.04
CA PHE D 163 -45.69 2.96 -47.36
C PHE D 163 -45.62 3.82 -46.10
N LYS D 164 -44.60 4.67 -46.05
CA LYS D 164 -44.39 5.60 -44.95
C LYS D 164 -44.57 7.03 -45.44
N VAL D 165 -45.45 7.77 -44.79
CA VAL D 165 -45.67 9.18 -45.12
C VAL D 165 -44.60 9.99 -44.39
N VAL D 166 -43.61 10.45 -45.13
CA VAL D 166 -42.50 11.17 -44.52
C VAL D 166 -42.74 12.68 -44.46
N GLU D 167 -43.61 13.21 -45.31
CA GLU D 167 -43.84 14.64 -45.37
C GLU D 167 -45.18 14.92 -46.01
N THR D 168 -45.86 15.96 -45.53
CA THR D 168 -47.15 16.38 -46.05
C THR D 168 -47.20 17.90 -46.13
N ASP D 169 -48.18 18.40 -46.89
CA ASP D 169 -48.46 19.82 -46.98
C ASP D 169 -49.97 20.03 -47.06
N PRO D 170 -50.60 20.61 -46.02
CA PRO D 170 -49.99 21.14 -44.80
C PRO D 170 -49.57 20.07 -43.81
N SER D 171 -49.15 20.51 -42.63
CA SER D 171 -48.68 19.64 -41.56
C SER D 171 -49.49 19.89 -40.30
N PRO D 172 -49.76 18.84 -39.50
CA PRO D 172 -49.45 17.44 -39.79
C PRO D 172 -50.63 16.68 -40.39
N TYR D 173 -51.81 17.27 -40.36
CA TYR D 173 -53.04 16.62 -40.81
C TYR D 173 -53.47 17.20 -42.15
N CYS D 174 -53.86 16.31 -43.06
CA CYS D 174 -54.37 16.72 -44.36
C CYS D 174 -55.24 15.60 -44.91
N ILE D 175 -56.07 15.95 -45.90
CA ILE D 175 -56.94 15.01 -46.58
C ILE D 175 -56.41 14.81 -47.99
N VAL D 176 -56.30 13.56 -48.42
CA VAL D 176 -55.80 13.24 -49.75
C VAL D 176 -56.94 13.53 -50.72
N ALA D 177 -56.92 14.71 -51.31
CA ALA D 177 -57.88 15.15 -52.31
C ALA D 177 -57.43 14.68 -53.68
N PRO D 178 -58.34 14.63 -54.66
CA PRO D 178 -57.95 14.18 -56.01
C PRO D 178 -56.84 15.01 -56.64
N ASP D 179 -56.79 16.31 -56.36
CA ASP D 179 -55.75 17.18 -56.91
C ASP D 179 -54.44 17.09 -56.14
N THR D 180 -54.45 16.50 -54.95
CA THR D 180 -53.26 16.42 -54.13
C THR D 180 -52.17 15.64 -54.86
N VAL D 181 -50.95 16.19 -54.84
CA VAL D 181 -49.83 15.55 -55.53
C VAL D 181 -49.23 14.50 -54.60
N ILE D 182 -49.19 13.26 -55.07
CA ILE D 182 -48.63 12.15 -54.32
C ILE D 182 -47.43 11.59 -55.08
N HIS D 183 -46.24 11.83 -54.55
CA HIS D 183 -45.01 11.39 -55.20
C HIS D 183 -44.24 10.48 -54.27
N CYS D 184 -43.64 9.43 -54.85
CA CYS D 184 -43.02 8.37 -54.06
C CYS D 184 -41.52 8.26 -54.27
N GLU D 185 -40.89 9.17 -55.01
CA GLU D 185 -39.47 9.10 -55.23
C GLU D 185 -38.72 9.39 -53.95
N GLY D 186 -37.55 8.78 -53.79
CA GLY D 186 -36.72 9.02 -52.62
C GLY D 186 -35.98 7.77 -52.22
N GLU D 187 -35.27 7.90 -51.09
CA GLU D 187 -34.49 6.78 -50.57
C GLU D 187 -35.38 5.87 -49.72
N PRO D 188 -35.44 4.57 -50.02
CA PRO D 188 -36.37 3.68 -49.32
C PRO D 188 -36.06 3.58 -47.83
N ILE D 189 -37.12 3.40 -47.04
CA ILE D 189 -36.97 3.32 -45.59
C ILE D 189 -36.52 1.93 -45.19
N LYS D 190 -35.57 1.87 -44.24
CA LYS D 190 -35.05 0.58 -43.80
C LYS D 190 -36.06 -0.15 -42.92
N ARG D 191 -36.05 -1.49 -43.01
CA ARG D 191 -36.86 -2.32 -42.13
C ARG D 191 -36.40 -2.23 -40.68
N GLU D 192 -35.09 -2.19 -40.46
CA GLU D 192 -34.58 -2.18 -39.09
C GLU D 192 -35.10 -0.99 -38.30
N ASP D 193 -35.21 0.18 -38.95
CA ASP D 193 -35.72 1.35 -38.26
C ASP D 193 -37.18 1.16 -37.85
N GLU D 194 -38.00 0.61 -38.75
CA GLU D 194 -39.41 0.38 -38.44
C GLU D 194 -39.55 -0.66 -37.33
N GLU D 195 -38.73 -1.71 -37.37
CA GLU D 195 -38.77 -2.72 -36.32
C GLU D 195 -38.40 -2.13 -34.96
N GLU D 196 -37.33 -1.33 -34.92
CA GLU D 196 -36.91 -0.70 -33.67
C GLU D 196 -37.97 0.25 -33.15
N SER D 197 -38.61 1.01 -34.04
CA SER D 197 -39.67 1.92 -33.62
C SER D 197 -40.87 1.16 -33.09
N LEU D 198 -41.22 0.04 -33.74
CA LEU D 198 -42.40 -0.71 -33.32
C LEU D 198 -42.17 -1.39 -31.98
N ASN D 199 -40.96 -1.90 -31.75
CA ASN D 199 -40.61 -2.52 -30.48
C ASN D 199 -40.05 -1.51 -29.48
N GLU D 200 -40.45 -0.25 -29.60
CA GLU D 200 -39.97 0.80 -28.71
C GLU D 200 -40.51 0.57 -27.29
N VAL D 201 -39.75 1.03 -26.30
CA VAL D 201 -40.09 0.75 -24.91
C VAL D 201 -40.90 1.91 -24.33
N GLY D 202 -42.00 1.58 -23.63
CA GLY D 202 -42.85 2.58 -23.05
C GLY D 202 -43.09 2.30 -21.57
N TYR D 203 -43.96 3.12 -20.98
CA TYR D 203 -44.26 2.97 -19.55
C TYR D 203 -44.96 1.65 -19.26
N ASP D 204 -45.63 1.07 -20.26
CA ASP D 204 -46.32 -0.20 -20.07
C ASP D 204 -45.38 -1.39 -20.17
N ASP D 205 -44.11 -1.18 -20.48
CA ASP D 205 -43.13 -2.25 -20.56
C ASP D 205 -42.49 -2.52 -19.20
N ILE D 206 -42.77 -1.68 -18.20
CA ILE D 206 -42.14 -1.79 -16.89
C ILE D 206 -43.18 -2.36 -15.92
N GLY D 207 -42.79 -3.40 -15.19
CA GLY D 207 -43.68 -4.08 -14.27
C GLY D 207 -43.04 -4.27 -12.91
N GLY D 208 -43.86 -4.29 -11.87
CA GLY D 208 -43.39 -4.48 -10.51
C GLY D 208 -42.90 -3.22 -9.83
N CYS D 209 -43.05 -2.06 -10.46
CA CYS D 209 -42.59 -0.80 -9.90
C CYS D 209 -43.69 0.27 -9.94
N ARG D 210 -44.89 -0.08 -9.47
CA ARG D 210 -46.00 0.87 -9.56
C ARG D 210 -45.76 2.11 -8.71
N LYS D 211 -45.27 1.94 -7.48
CA LYS D 211 -44.98 3.11 -6.64
C LYS D 211 -43.89 3.96 -7.28
N GLN D 212 -42.82 3.33 -7.77
CA GLN D 212 -41.74 4.05 -8.40
C GLN D 212 -42.19 4.74 -9.68
N LEU D 213 -43.01 4.05 -10.48
CA LEU D 213 -43.56 4.69 -11.67
C LEU D 213 -44.43 5.88 -11.32
N ALA D 214 -45.21 5.76 -10.24
CA ALA D 214 -46.03 6.88 -9.80
C ALA D 214 -45.15 8.07 -9.43
N GLN D 215 -44.08 7.84 -8.68
CA GLN D 215 -43.20 8.93 -8.29
C GLN D 215 -42.53 9.57 -9.51
N ILE D 216 -42.04 8.74 -10.44
CA ILE D 216 -41.34 9.29 -11.60
C ILE D 216 -42.29 10.05 -12.51
N LYS D 217 -43.53 9.55 -12.66
CA LYS D 217 -44.51 10.28 -13.45
C LYS D 217 -44.91 11.59 -12.78
N GLU D 218 -45.00 11.58 -11.44
CA GLU D 218 -45.27 12.83 -10.73
C GLU D 218 -44.14 13.82 -10.90
N MET D 219 -42.92 13.33 -11.08
CA MET D 219 -41.77 14.23 -11.13
C MET D 219 -41.44 14.65 -12.55
N VAL D 220 -41.59 13.73 -13.51
CA VAL D 220 -41.15 13.96 -14.88
C VAL D 220 -42.32 14.33 -15.78
N GLU D 221 -43.44 13.64 -15.62
CA GLU D 221 -44.54 13.80 -16.57
C GLU D 221 -45.53 14.87 -16.12
N LEU D 222 -45.90 14.85 -14.84
CA LEU D 222 -46.92 15.78 -14.36
C LEU D 222 -46.52 17.24 -14.47
N PRO D 223 -45.32 17.68 -14.06
CA PRO D 223 -44.98 19.09 -14.25
C PRO D 223 -44.91 19.50 -15.71
N LEU D 224 -44.52 18.59 -16.60
CA LEU D 224 -44.44 18.92 -18.02
C LEU D 224 -45.83 19.07 -18.63
N ARG D 225 -46.74 18.13 -18.35
CA ARG D 225 -48.04 18.15 -19.00
C ARG D 225 -48.95 19.24 -18.44
N HIS D 226 -48.82 19.52 -17.14
CA HIS D 226 -49.65 20.51 -16.45
C HIS D 226 -48.75 21.51 -15.73
N PRO D 227 -48.10 22.40 -16.46
CA PRO D 227 -47.25 23.41 -15.78
C PRO D 227 -48.06 24.62 -15.32
N ALA D 228 -49.19 24.35 -14.69
CA ALA D 228 -50.05 25.41 -14.17
C ALA D 228 -50.46 25.08 -12.74
N LEU D 229 -50.52 23.79 -12.44
CA LEU D 229 -50.86 23.36 -11.08
C LEU D 229 -49.82 23.83 -10.09
N PHE D 230 -48.54 23.72 -10.45
CA PHE D 230 -47.47 24.17 -9.57
C PHE D 230 -47.39 25.69 -9.53
N LYS D 231 -47.74 26.35 -10.64
CA LYS D 231 -47.81 27.80 -10.62
C LYS D 231 -48.91 28.28 -9.69
N GLU D 232 -50.06 27.59 -9.69
CA GLU D 232 -51.14 27.96 -8.79
C GLU D 232 -50.77 27.70 -7.35
N ILE D 233 -50.24 26.51 -7.05
CA ILE D 233 -49.84 26.20 -5.68
C ILE D 233 -48.54 26.89 -5.29
N GLY D 234 -47.83 27.48 -6.25
CA GLY D 234 -46.66 28.28 -5.98
C GLY D 234 -45.44 27.56 -5.46
N VAL D 235 -45.15 26.38 -6.01
CA VAL D 235 -43.92 25.65 -5.70
C VAL D 235 -43.30 25.16 -7.00
N LYS D 236 -42.02 24.81 -6.91
CA LYS D 236 -41.35 24.15 -8.01
C LYS D 236 -41.24 22.66 -7.72
N PRO D 237 -41.73 21.79 -8.58
CA PRO D 237 -41.62 20.35 -8.35
C PRO D 237 -40.17 19.92 -8.34
N PRO D 238 -39.85 18.82 -7.66
CA PRO D 238 -38.45 18.37 -7.61
C PRO D 238 -37.91 18.12 -9.02
N ARG D 239 -36.65 18.53 -9.23
CA ARG D 239 -36.02 18.45 -10.53
C ARG D 239 -34.85 17.47 -10.57
N GLY D 240 -34.73 16.58 -9.59
CA GLY D 240 -33.68 15.59 -9.62
C GLY D 240 -34.16 14.24 -9.13
N ILE D 241 -33.87 13.18 -9.88
CA ILE D 241 -34.27 11.83 -9.50
C ILE D 241 -33.06 10.92 -9.57
N LEU D 242 -32.82 10.19 -8.50
CA LEU D 242 -31.74 9.20 -8.44
C LEU D 242 -32.37 7.83 -8.28
N LEU D 243 -32.22 6.99 -9.30
CA LEU D 243 -32.74 5.64 -9.28
C LEU D 243 -31.63 4.71 -8.80
N TYR D 244 -31.92 3.93 -7.75
CA TYR D 244 -30.93 3.03 -7.21
C TYR D 244 -31.56 1.68 -6.91
N GLY D 245 -30.75 0.65 -6.93
CA GLY D 245 -31.19 -0.71 -6.68
C GLY D 245 -30.20 -1.70 -7.25
N PRO D 246 -30.38 -2.98 -6.93
CA PRO D 246 -29.47 -4.01 -7.44
C PRO D 246 -29.54 -4.10 -8.95
N PRO D 247 -28.47 -4.54 -9.61
CA PRO D 247 -28.47 -4.57 -11.08
C PRO D 247 -29.57 -5.46 -11.62
N GLY D 248 -30.22 -5.00 -12.68
CA GLY D 248 -31.27 -5.73 -13.34
C GLY D 248 -32.68 -5.34 -12.96
N THR D 249 -32.86 -4.43 -12.00
CA THR D 249 -34.20 -4.06 -11.58
C THR D 249 -34.94 -3.17 -12.57
N GLY D 250 -34.23 -2.54 -13.50
CA GLY D 250 -34.86 -1.76 -14.54
C GLY D 250 -34.67 -0.27 -14.47
N LYS D 251 -33.60 0.21 -13.83
CA LYS D 251 -33.36 1.65 -13.78
C LYS D 251 -33.11 2.22 -15.17
N THR D 252 -32.22 1.58 -15.94
CA THR D 252 -31.99 2.01 -17.30
C THR D 252 -33.23 1.79 -18.15
N LEU D 253 -34.01 0.75 -17.85
CA LEU D 253 -35.26 0.54 -18.58
C LEU D 253 -36.25 1.66 -18.32
N ILE D 254 -36.36 2.10 -17.07
CA ILE D 254 -37.25 3.23 -16.77
C ILE D 254 -36.76 4.48 -17.45
N ALA D 255 -35.43 4.68 -17.49
CA ALA D 255 -34.89 5.82 -18.21
C ALA D 255 -35.25 5.78 -19.69
N ARG D 256 -35.14 4.59 -20.30
CA ARG D 256 -35.48 4.44 -21.71
C ARG D 256 -36.96 4.74 -21.94
N ALA D 257 -37.82 4.25 -21.05
CA ALA D 257 -39.25 4.52 -21.17
C ALA D 257 -39.55 6.00 -21.05
N VAL D 258 -38.89 6.69 -20.10
CA VAL D 258 -39.11 8.12 -19.94
C VAL D 258 -38.65 8.87 -21.18
N ALA D 259 -37.48 8.52 -21.71
CA ALA D 259 -36.99 9.16 -22.92
C ALA D 259 -37.93 8.93 -24.10
N ASN D 260 -38.54 7.75 -24.15
CA ASN D 260 -39.40 7.41 -25.28
C ASN D 260 -40.75 8.11 -25.19
N GLU D 261 -41.31 8.21 -23.99
CA GLU D 261 -42.68 8.69 -23.82
C GLU D 261 -42.79 10.17 -23.46
N THR D 262 -41.69 10.91 -23.43
CA THR D 262 -41.74 12.32 -23.07
C THR D 262 -41.59 13.18 -24.32
N GLY D 263 -42.24 14.36 -24.30
CA GLY D 263 -42.08 15.28 -25.41
C GLY D 263 -40.88 16.20 -25.24
N ALA D 264 -40.43 16.37 -24.00
CA ALA D 264 -39.29 17.25 -23.72
C ALA D 264 -38.01 16.66 -24.32
N PHE D 265 -37.08 17.55 -24.66
CA PHE D 265 -35.79 17.13 -25.17
C PHE D 265 -35.09 16.26 -24.13
N PHE D 266 -34.55 15.13 -24.58
CA PHE D 266 -33.92 14.17 -23.69
C PHE D 266 -32.46 14.01 -24.08
N PHE D 267 -31.57 14.17 -23.11
CA PHE D 267 -30.13 14.03 -23.34
C PHE D 267 -29.59 12.93 -22.45
N LEU D 268 -28.77 12.07 -23.04
CA LEU D 268 -28.14 10.95 -22.36
C LEU D 268 -26.68 11.27 -22.06
N ILE D 269 -26.25 10.98 -20.85
CA ILE D 269 -24.85 11.15 -20.45
C ILE D 269 -24.42 9.83 -19.80
N ASN D 270 -23.74 9.00 -20.56
CA ASN D 270 -23.08 7.84 -19.97
C ASN D 270 -21.90 8.32 -19.13
N GLY D 271 -21.62 7.63 -18.04
CA GLY D 271 -20.62 8.07 -17.10
C GLY D 271 -19.26 8.30 -17.71
N PRO D 272 -18.58 7.22 -18.10
CA PRO D 272 -17.20 7.36 -18.58
C PRO D 272 -17.06 8.10 -19.89
N GLU D 273 -18.15 8.38 -20.60
CA GLU D 273 -18.04 9.10 -21.87
C GLU D 273 -17.59 10.54 -21.65
N ILE D 274 -17.72 11.05 -20.43
CA ILE D 274 -17.33 12.43 -20.13
C ILE D 274 -15.82 12.57 -20.17
N MET D 275 -15.10 11.56 -19.68
CA MET D 275 -13.65 11.65 -19.59
C MET D 275 -13.04 11.88 -20.96
N SER D 276 -12.00 12.72 -21.00
CA SER D 276 -11.31 13.04 -22.25
C SER D 276 -9.84 13.28 -21.99
N LYS D 277 -9.06 13.24 -23.08
CA LYS D 277 -7.62 13.32 -22.99
C LYS D 277 -7.15 14.67 -22.44
N LEU D 278 -7.61 15.76 -23.03
CA LEU D 278 -7.04 17.06 -22.74
C LEU D 278 -7.60 17.59 -21.42
N ALA D 279 -6.79 18.42 -20.73
CA ALA D 279 -7.20 19.00 -19.48
C ALA D 279 -8.42 19.88 -19.67
N GLY D 280 -9.37 19.81 -18.72
CA GLY D 280 -10.55 20.63 -18.76
C GLY D 280 -11.60 20.19 -19.77
N GLU D 281 -11.45 19.01 -20.36
CA GLU D 281 -12.43 18.57 -21.35
C GLU D 281 -13.58 17.80 -20.72
N SER D 282 -13.36 17.21 -19.55
CA SER D 282 -14.46 16.58 -18.83
C SER D 282 -15.46 17.63 -18.35
N GLU D 283 -14.95 18.67 -17.69
CA GLU D 283 -15.80 19.77 -17.27
C GLU D 283 -16.46 20.44 -18.47
N SER D 284 -15.71 20.58 -19.57
CA SER D 284 -16.28 21.19 -20.77
C SER D 284 -17.41 20.34 -21.34
N ASN D 285 -17.25 19.00 -21.32
CA ASN D 285 -18.30 18.13 -21.83
C ASN D 285 -19.55 18.21 -20.97
N LEU D 286 -19.39 18.17 -19.65
CA LEU D 286 -20.55 18.32 -18.77
C LEU D 286 -21.23 19.66 -19.01
N ARG D 287 -20.43 20.72 -19.11
CA ARG D 287 -20.99 22.06 -19.29
C ARG D 287 -21.72 22.17 -20.61
N LYS D 288 -21.16 21.58 -21.67
CA LYS D 288 -21.81 21.63 -22.98
C LYS D 288 -23.11 20.86 -22.97
N ALA D 289 -23.15 19.71 -22.30
CA ALA D 289 -24.39 18.96 -22.21
C ALA D 289 -25.45 19.75 -21.46
N PHE D 290 -25.08 20.37 -20.34
CA PHE D 290 -26.07 21.12 -19.56
C PHE D 290 -26.52 22.37 -20.30
N GLU D 291 -25.62 23.01 -21.05
CA GLU D 291 -26.00 24.18 -21.84
C GLU D 291 -26.93 23.80 -22.98
N GLU D 292 -26.67 22.66 -23.61
CA GLU D 292 -27.56 22.18 -24.66
C GLU D 292 -28.94 21.85 -24.11
N ALA D 293 -28.98 21.26 -22.91
CA ALA D 293 -30.27 21.00 -22.27
C ALA D 293 -30.99 22.31 -21.93
N GLU D 294 -30.24 23.31 -21.44
CA GLU D 294 -30.86 24.57 -21.10
C GLU D 294 -31.42 25.28 -22.32
N LYS D 295 -30.70 25.21 -23.45
CA LYS D 295 -31.19 25.83 -24.68
C LYS D 295 -32.51 25.21 -25.13
N ASN D 296 -32.61 23.88 -25.03
CA ASN D 296 -33.78 23.16 -25.48
C ASN D 296 -34.78 22.91 -24.35
N ALA D 297 -34.83 23.81 -23.35
CA ALA D 297 -35.73 23.62 -22.24
C ALA D 297 -37.18 23.66 -22.72
N PRO D 298 -38.08 22.87 -22.11
CA PRO D 298 -37.81 21.93 -21.03
C PRO D 298 -37.08 20.69 -21.52
N ALA D 299 -36.25 20.09 -20.67
CA ALA D 299 -35.42 18.98 -21.09
C ALA D 299 -35.17 18.04 -19.91
N ILE D 300 -34.73 16.83 -20.25
CA ILE D 300 -34.36 15.82 -19.26
C ILE D 300 -32.92 15.41 -19.53
N ILE D 301 -32.11 15.37 -18.49
CA ILE D 301 -30.74 14.89 -18.57
C ILE D 301 -30.68 13.59 -17.77
N PHE D 302 -30.26 12.51 -18.43
CA PHE D 302 -30.08 11.25 -17.74
C PHE D 302 -28.60 10.90 -17.67
N ILE D 303 -28.09 10.70 -16.46
CA ILE D 303 -26.71 10.34 -16.23
C ILE D 303 -26.67 8.88 -15.81
N ASP D 304 -26.33 8.00 -16.74
CA ASP D 304 -26.28 6.57 -16.44
C ASP D 304 -24.94 6.20 -15.83
N GLU D 305 -24.98 5.30 -14.85
CA GLU D 305 -23.80 4.93 -14.08
C GLU D 305 -23.14 6.16 -13.47
N LEU D 306 -23.92 6.87 -12.64
CA LEU D 306 -23.46 8.13 -12.08
C LEU D 306 -22.26 7.93 -11.16
N ASP D 307 -22.15 6.75 -10.52
CA ASP D 307 -21.05 6.52 -9.60
C ASP D 307 -19.71 6.44 -10.33
N ALA D 308 -19.73 6.32 -11.66
CA ALA D 308 -18.49 6.32 -12.41
C ALA D 308 -17.84 7.70 -12.41
N ILE D 309 -18.65 8.76 -12.47
CA ILE D 309 -18.11 10.12 -12.53
C ILE D 309 -18.48 10.97 -11.32
N ALA D 310 -19.16 10.41 -10.33
CA ALA D 310 -19.53 11.15 -9.12
C ALA D 310 -19.18 10.34 -7.87
N PRO D 311 -17.91 10.11 -7.61
CA PRO D 311 -17.51 9.49 -6.34
C PRO D 311 -17.27 10.56 -5.28
N LYS D 312 -17.10 10.08 -4.05
CA LYS D 312 -16.87 11.00 -2.94
C LYS D 312 -15.60 11.80 -3.17
N ARG D 313 -15.69 13.12 -2.97
CA ARG D 313 -14.52 13.97 -3.17
C ARG D 313 -13.44 13.69 -2.14
N GLU D 314 -13.84 13.38 -0.92
CA GLU D 314 -12.84 13.13 0.13
C GLU D 314 -12.20 11.77 -0.04
N LYS D 315 -12.88 10.84 -0.70
CA LYS D 315 -12.35 9.51 -0.96
C LYS D 315 -11.72 9.38 -2.33
N THR D 316 -11.61 10.47 -3.09
CA THR D 316 -11.11 10.42 -4.46
C THR D 316 -9.67 10.92 -4.49
N HIS D 317 -8.81 10.19 -5.20
CA HIS D 317 -7.39 10.57 -5.25
C HIS D 317 -7.12 11.58 -6.35
N GLY D 318 -7.43 11.22 -7.60
CA GLY D 318 -7.09 12.09 -8.71
C GLY D 318 -7.86 13.39 -8.66
N GLU D 319 -7.18 14.50 -8.98
CA GLU D 319 -7.80 15.82 -8.86
C GLU D 319 -8.80 16.06 -9.98
N VAL D 320 -8.61 15.42 -11.15
CA VAL D 320 -9.54 15.64 -12.25
C VAL D 320 -10.93 15.11 -11.89
N GLU D 321 -10.99 14.00 -11.16
CA GLU D 321 -12.29 13.46 -10.75
C GLU D 321 -12.99 14.38 -9.76
N ARG D 322 -12.24 14.93 -8.80
CA ARG D 322 -12.82 15.89 -7.87
C ARG D 322 -13.28 17.15 -8.59
N ARG D 323 -12.54 17.58 -9.60
CA ARG D 323 -12.98 18.72 -10.39
C ARG D 323 -14.26 18.40 -11.16
N ILE D 324 -14.39 17.17 -11.66
CA ILE D 324 -15.62 16.78 -12.33
C ILE D 324 -16.79 16.82 -11.37
N VAL D 325 -16.60 16.31 -10.16
CA VAL D 325 -17.66 16.34 -9.15
C VAL D 325 -18.05 17.77 -8.83
N SER D 326 -17.05 18.65 -8.68
CA SER D 326 -17.35 20.05 -8.39
C SER D 326 -18.09 20.72 -9.53
N GLN D 327 -17.72 20.40 -10.77
CA GLN D 327 -18.43 20.97 -11.92
C GLN D 327 -19.87 20.49 -11.96
N LEU D 328 -20.11 19.21 -11.68
CA LEU D 328 -21.49 18.72 -11.62
C LEU D 328 -22.26 19.42 -10.52
N LEU D 329 -21.63 19.62 -9.36
CA LEU D 329 -22.30 20.30 -8.25
C LEU D 329 -22.70 21.72 -8.63
N THR D 330 -21.79 22.44 -9.31
CA THR D 330 -22.10 23.81 -9.71
C THR D 330 -23.17 23.84 -10.79
N LEU D 331 -23.14 22.87 -11.71
CA LEU D 331 -24.13 22.85 -12.78
C LEU D 331 -25.52 22.59 -12.23
N MET D 332 -25.65 21.63 -11.31
CA MET D 332 -26.97 21.32 -10.76
C MET D 332 -27.51 22.50 -9.97
N ASP D 333 -26.74 23.02 -9.04
CA ASP D 333 -27.17 24.17 -8.25
C ASP D 333 -25.96 25.05 -8.02
N GLY D 334 -26.00 26.26 -8.57
CA GLY D 334 -24.92 27.21 -8.42
C GLY D 334 -25.54 28.59 -8.33
N LEU D 335 -24.74 29.60 -8.64
CA LEU D 335 -25.26 30.96 -8.60
C LEU D 335 -26.22 31.20 -9.77
N LYS D 336 -26.00 30.54 -10.90
CA LYS D 336 -26.91 30.59 -12.03
C LYS D 336 -27.75 29.31 -12.04
N GLN D 337 -28.96 29.40 -11.51
CA GLN D 337 -29.80 28.22 -11.32
C GLN D 337 -30.27 27.66 -12.66
N ARG D 338 -30.62 26.37 -12.65
CA ARG D 338 -31.08 25.71 -13.86
C ARG D 338 -32.43 26.27 -14.30
N ALA D 339 -32.68 26.21 -15.61
CA ALA D 339 -33.90 26.74 -16.20
C ALA D 339 -34.77 25.58 -16.67
N HIS D 340 -35.59 25.04 -15.78
CA HIS D 340 -36.56 24.01 -16.10
C HIS D 340 -35.90 22.78 -16.74
N VAL D 341 -34.84 22.31 -16.12
CA VAL D 341 -34.14 21.10 -16.54
C VAL D 341 -34.24 20.08 -15.42
N ILE D 342 -34.69 18.87 -15.77
CA ILE D 342 -34.80 17.77 -14.83
C ILE D 342 -33.62 16.84 -15.07
N VAL D 343 -32.90 16.49 -14.00
CA VAL D 343 -31.73 15.64 -14.09
C VAL D 343 -32.06 14.29 -13.44
N MET D 344 -31.88 13.22 -14.20
CA MET D 344 -32.09 11.87 -13.71
C MET D 344 -30.78 11.11 -13.73
N ALA D 345 -30.65 10.14 -12.85
CA ALA D 345 -29.44 9.33 -12.79
C ALA D 345 -29.79 7.93 -12.29
N ALA D 346 -28.92 6.97 -12.60
CA ALA D 346 -29.12 5.58 -12.19
C ALA D 346 -27.79 5.02 -11.72
N THR D 347 -27.75 4.55 -10.47
CA THR D 347 -26.57 3.89 -9.93
C THR D 347 -27.04 2.71 -9.09
N ASN D 348 -26.16 1.70 -8.94
CA ASN D 348 -26.51 0.60 -8.05
C ASN D 348 -25.74 0.68 -6.74
N ARG D 349 -24.94 1.72 -6.55
CA ARG D 349 -24.25 2.00 -5.29
C ARG D 349 -24.54 3.44 -4.88
N PRO D 350 -25.74 3.74 -4.37
CA PRO D 350 -26.06 5.13 -4.06
C PRO D 350 -25.21 5.72 -2.95
N ASN D 351 -24.59 4.88 -2.12
CA ASN D 351 -23.76 5.39 -1.04
C ASN D 351 -22.42 5.91 -1.56
N SER D 352 -21.96 5.39 -2.69
CA SER D 352 -20.68 5.83 -3.23
C SER D 352 -20.79 7.23 -3.83
N ILE D 353 -22.02 7.68 -4.12
CA ILE D 353 -22.21 9.02 -4.65
C ILE D 353 -21.81 10.05 -3.60
N ASP D 354 -21.24 11.15 -4.05
CA ASP D 354 -20.78 12.18 -3.14
C ASP D 354 -21.94 12.69 -2.30
N PRO D 355 -21.74 12.94 -1.00
CA PRO D 355 -22.86 13.39 -0.16
C PRO D 355 -23.44 14.74 -0.56
N ALA D 356 -22.68 15.57 -1.27
CA ALA D 356 -23.19 16.89 -1.62
C ALA D 356 -24.24 16.81 -2.73
N LEU D 357 -24.22 15.73 -3.51
CA LEU D 357 -25.14 15.62 -4.64
C LEU D 357 -26.53 15.19 -4.19
N ARG D 358 -26.66 14.70 -2.96
CA ARG D 358 -27.92 14.10 -2.53
C ARG D 358 -28.88 15.12 -1.94
N ARG D 359 -28.41 16.33 -1.66
CA ARG D 359 -29.27 17.30 -1.00
C ARG D 359 -30.25 17.94 -2.00
N PHE D 360 -31.23 18.66 -1.47
CA PHE D 360 -32.28 19.25 -2.29
C PHE D 360 -31.75 20.39 -3.15
N GLY D 361 -32.28 20.50 -4.36
CA GLY D 361 -31.68 21.30 -5.41
C GLY D 361 -30.73 20.54 -6.29
N ARG D 362 -30.65 19.22 -6.08
CA ARG D 362 -29.75 18.27 -6.74
C ARG D 362 -30.54 16.97 -6.76
N PHE D 363 -29.87 15.82 -6.74
CA PHE D 363 -30.60 14.55 -6.71
C PHE D 363 -31.34 14.45 -5.39
N ASP D 364 -32.43 15.23 -5.31
CA ASP D 364 -33.16 15.39 -4.06
C ASP D 364 -34.11 14.23 -3.80
N ARG D 365 -34.71 13.68 -4.86
CA ARG D 365 -35.64 12.56 -4.72
C ARG D 365 -34.95 11.29 -5.16
N GLU D 366 -34.68 10.41 -4.21
CA GLU D 366 -34.02 9.13 -4.47
C GLU D 366 -35.07 8.04 -4.48
N VAL D 367 -35.21 7.36 -5.61
CA VAL D 367 -36.28 6.39 -5.83
C VAL D 367 -35.64 5.01 -5.93
N ASP D 368 -36.11 4.07 -5.10
CA ASP D 368 -35.51 2.75 -4.99
C ASP D 368 -36.26 1.76 -5.86
N ILE D 369 -35.56 1.19 -6.84
CA ILE D 369 -36.14 0.16 -7.71
C ILE D 369 -35.83 -1.17 -7.05
N GLY D 370 -36.69 -1.57 -6.12
CA GLY D 370 -36.43 -2.76 -5.33
C GLY D 370 -36.71 -4.04 -6.07
N ILE D 371 -36.35 -5.15 -5.42
CA ILE D 371 -36.62 -6.47 -5.99
C ILE D 371 -38.12 -6.76 -5.93
N PRO D 372 -38.77 -7.08 -7.04
CA PRO D 372 -40.21 -7.27 -7.01
C PRO D 372 -40.63 -8.51 -6.23
N ASP D 373 -41.84 -8.45 -5.68
CA ASP D 373 -42.45 -9.61 -5.07
C ASP D 373 -43.24 -10.40 -6.11
N ALA D 374 -44.04 -11.37 -5.62
CA ALA D 374 -44.65 -12.35 -6.50
C ALA D 374 -45.55 -11.73 -7.56
N THR D 375 -46.42 -10.79 -7.17
CA THR D 375 -47.32 -10.19 -8.14
C THR D 375 -46.58 -9.27 -9.11
N GLY D 376 -45.57 -8.55 -8.63
CA GLY D 376 -44.79 -7.72 -9.51
C GLY D 376 -44.02 -8.52 -10.54
N ARG D 377 -43.44 -9.64 -10.12
CA ARG D 377 -42.69 -10.46 -11.07
C ARG D 377 -43.64 -11.24 -11.98
N LEU D 378 -44.87 -11.48 -11.54
CA LEU D 378 -45.88 -11.98 -12.48
C LEU D 378 -46.17 -10.93 -13.55
N GLU D 379 -46.25 -9.66 -13.15
CA GLU D 379 -46.40 -8.59 -14.13
C GLU D 379 -45.24 -8.56 -15.10
N ILE D 380 -44.02 -8.74 -14.59
CA ILE D 380 -42.85 -8.73 -15.46
C ILE D 380 -42.90 -9.88 -16.45
N LEU D 381 -43.30 -11.06 -15.99
CA LEU D 381 -43.41 -12.21 -16.88
C LEU D 381 -44.48 -11.97 -17.95
N GLN D 382 -45.61 -11.38 -17.57
CA GLN D 382 -46.63 -11.06 -18.55
C GLN D 382 -46.12 -10.07 -19.58
N ILE D 383 -45.33 -9.09 -19.13
CA ILE D 383 -44.75 -8.12 -20.06
C ILE D 383 -43.80 -8.82 -21.03
N HIS D 384 -42.97 -9.72 -20.53
CA HIS D 384 -41.95 -10.33 -21.39
C HIS D 384 -42.56 -11.37 -22.31
N THR D 385 -43.73 -11.90 -21.98
CA THR D 385 -44.36 -12.92 -22.82
C THR D 385 -45.44 -12.37 -23.74
N LYS D 386 -45.60 -11.05 -23.86
CA LYS D 386 -46.63 -10.52 -24.75
C LYS D 386 -46.30 -10.77 -26.21
N ASN D 387 -45.02 -10.65 -26.58
CA ASN D 387 -44.62 -10.90 -27.96
C ASN D 387 -44.53 -12.39 -28.25
N MET D 388 -44.08 -13.18 -27.27
CA MET D 388 -43.91 -14.60 -27.49
C MET D 388 -45.25 -15.31 -27.62
N LYS D 389 -45.22 -16.46 -28.28
CA LYS D 389 -46.39 -17.31 -28.45
C LYS D 389 -46.29 -18.51 -27.52
N LEU D 390 -47.36 -18.78 -26.79
CA LEU D 390 -47.38 -19.82 -25.78
C LEU D 390 -48.58 -20.73 -26.00
N ALA D 391 -48.45 -21.97 -25.56
CA ALA D 391 -49.56 -22.91 -25.59
C ALA D 391 -50.57 -22.57 -24.49
N ASP D 392 -51.73 -23.21 -24.56
CA ASP D 392 -52.81 -22.88 -23.63
C ASP D 392 -52.55 -23.46 -22.24
N ASP D 393 -51.65 -24.45 -22.14
CA ASP D 393 -51.45 -25.11 -20.86
C ASP D 393 -50.56 -24.30 -19.93
N VAL D 394 -49.96 -23.22 -20.44
CA VAL D 394 -49.03 -22.44 -19.65
C VAL D 394 -49.78 -21.73 -18.51
N ASP D 395 -49.10 -21.56 -17.38
CA ASP D 395 -49.61 -20.76 -16.26
C ASP D 395 -48.47 -19.88 -15.76
N LEU D 396 -48.56 -18.59 -16.05
CA LEU D 396 -47.51 -17.66 -15.64
C LEU D 396 -47.53 -17.47 -14.12
N GLU D 397 -48.69 -17.65 -13.49
CA GLU D 397 -48.78 -17.46 -12.04
C GLU D 397 -47.87 -18.43 -11.30
N GLN D 398 -47.86 -19.70 -11.73
CA GLN D 398 -46.99 -20.68 -11.08
C GLN D 398 -45.52 -20.36 -11.29
N VAL D 399 -45.14 -19.96 -12.50
CA VAL D 399 -43.76 -19.61 -12.78
C VAL D 399 -43.33 -18.43 -11.92
N ALA D 400 -44.21 -17.44 -11.78
CA ALA D 400 -43.90 -16.31 -10.91
C ALA D 400 -43.78 -16.73 -9.46
N ASN D 401 -44.63 -17.66 -9.02
CA ASN D 401 -44.56 -18.13 -7.64
C ASN D 401 -43.25 -18.84 -7.35
N GLU D 402 -42.80 -19.69 -8.28
CA GLU D 402 -41.60 -20.48 -8.01
C GLU D 402 -40.34 -19.62 -8.00
N THR D 403 -40.23 -18.66 -8.91
CA THR D 403 -39.10 -17.74 -8.95
C THR D 403 -39.17 -16.85 -7.72
N HIS D 404 -38.21 -17.04 -6.81
CA HIS D 404 -38.30 -16.38 -5.51
C HIS D 404 -37.48 -15.10 -5.46
N GLY D 405 -36.16 -15.20 -5.65
CA GLY D 405 -35.30 -14.04 -5.60
C GLY D 405 -35.05 -13.39 -6.94
N HIS D 406 -35.78 -13.76 -7.98
CA HIS D 406 -35.48 -13.29 -9.33
C HIS D 406 -35.81 -11.81 -9.47
N VAL D 407 -35.02 -11.14 -10.30
CA VAL D 407 -35.19 -9.73 -10.63
C VAL D 407 -35.66 -9.71 -12.09
N GLY D 408 -36.10 -8.55 -12.59
CA GLY D 408 -36.68 -8.50 -13.92
C GLY D 408 -35.75 -9.02 -15.00
N ALA D 409 -34.45 -8.71 -14.90
CA ALA D 409 -33.49 -9.25 -15.86
C ALA D 409 -33.44 -10.78 -15.78
N ASP D 410 -33.53 -11.33 -14.58
CA ASP D 410 -33.53 -12.78 -14.43
C ASP D 410 -34.79 -13.41 -15.03
N LEU D 411 -35.92 -12.72 -14.91
CA LEU D 411 -37.15 -13.21 -15.53
C LEU D 411 -37.04 -13.19 -17.05
N ALA D 412 -36.44 -12.13 -17.61
CA ALA D 412 -36.21 -12.10 -19.04
C ALA D 412 -35.28 -13.21 -19.48
N ALA D 413 -34.26 -13.50 -18.67
CA ALA D 413 -33.37 -14.61 -18.97
C ALA D 413 -34.12 -15.94 -18.93
N LEU D 414 -35.03 -16.10 -17.98
CA LEU D 414 -35.87 -17.30 -17.92
C LEU D 414 -36.69 -17.45 -19.19
N CYS D 415 -37.31 -16.36 -19.64
CA CYS D 415 -38.12 -16.41 -20.86
C CYS D 415 -37.25 -16.79 -22.06
N SER D 416 -36.07 -16.19 -22.18
CA SER D 416 -35.20 -16.51 -23.30
C SER D 416 -34.74 -17.96 -23.26
N GLU D 417 -34.45 -18.48 -22.06
CA GLU D 417 -34.02 -19.87 -21.93
C GLU D 417 -35.16 -20.82 -22.30
N ALA D 418 -36.39 -20.48 -21.92
CA ALA D 418 -37.53 -21.31 -22.31
C ALA D 418 -37.74 -21.31 -23.82
N ALA D 419 -37.62 -20.14 -24.45
CA ALA D 419 -37.74 -20.10 -25.90
C ALA D 419 -36.63 -20.90 -26.57
N LEU D 420 -35.42 -20.83 -26.01
CA LEU D 420 -34.31 -21.60 -26.56
C LEU D 420 -34.57 -23.10 -26.44
N GLN D 421 -35.14 -23.54 -25.32
CA GLN D 421 -35.51 -24.95 -25.17
C GLN D 421 -36.60 -25.34 -26.17
N ALA D 422 -37.56 -24.44 -26.42
CA ALA D 422 -38.56 -24.71 -27.44
C ALA D 422 -37.93 -24.90 -28.80
N ILE D 423 -36.93 -24.07 -29.13
CA ILE D 423 -36.19 -24.26 -30.37
C ILE D 423 -35.47 -25.61 -30.38
N ARG D 424 -34.82 -25.94 -29.25
CA ARG D 424 -34.09 -27.20 -29.16
C ARG D 424 -35.00 -28.40 -29.43
N LYS D 425 -36.22 -28.36 -28.91
CA LYS D 425 -37.14 -29.48 -29.10
C LYS D 425 -37.41 -29.73 -30.58
N LYS D 426 -37.35 -28.69 -31.40
CA LYS D 426 -37.59 -28.80 -32.83
C LYS D 426 -36.30 -28.87 -33.64
N MET D 427 -35.17 -29.18 -33.00
CA MET D 427 -33.89 -29.08 -33.69
C MET D 427 -33.67 -30.23 -34.67
N ASP D 428 -34.03 -31.45 -34.27
CA ASP D 428 -33.69 -32.60 -35.10
C ASP D 428 -34.45 -32.62 -36.43
N LEU D 429 -35.61 -31.97 -36.47
CA LEU D 429 -36.31 -31.83 -37.75
C LEU D 429 -35.54 -30.91 -38.70
N ILE D 430 -35.10 -29.74 -38.22
CA ILE D 430 -34.50 -28.75 -39.08
C ILE D 430 -33.01 -28.99 -39.22
N ASP D 431 -32.39 -28.32 -40.18
CA ASP D 431 -30.97 -28.45 -40.48
C ASP D 431 -30.29 -27.10 -40.34
N LEU D 432 -29.09 -27.10 -39.76
CA LEU D 432 -28.34 -25.85 -39.61
C LEU D 432 -27.90 -25.29 -40.95
N GLU D 433 -27.46 -26.14 -41.87
CA GLU D 433 -26.95 -25.70 -43.16
C GLU D 433 -28.05 -25.53 -44.20
N ASP D 434 -29.30 -25.81 -43.86
CA ASP D 434 -30.39 -25.63 -44.82
C ASP D 434 -30.59 -24.16 -45.15
N GLU D 435 -31.05 -23.89 -46.37
CA GLU D 435 -31.24 -22.51 -46.80
C GLU D 435 -32.41 -21.87 -46.05
N THR D 436 -33.40 -22.67 -45.67
CA THR D 436 -34.60 -22.16 -45.03
C THR D 436 -35.14 -23.19 -44.05
N ILE D 437 -35.88 -22.70 -43.06
CA ILE D 437 -36.56 -23.58 -42.12
C ILE D 437 -37.91 -23.97 -42.70
N ASP D 438 -38.30 -25.23 -42.50
CA ASP D 438 -39.61 -25.68 -42.95
C ASP D 438 -40.71 -24.81 -42.36
N ALA D 439 -41.60 -24.33 -43.21
CA ALA D 439 -42.68 -23.46 -42.76
C ALA D 439 -43.61 -24.19 -41.79
N GLU D 440 -43.79 -25.49 -41.99
CA GLU D 440 -44.63 -26.26 -41.09
C GLU D 440 -44.01 -26.34 -39.70
N VAL D 441 -42.68 -26.47 -39.62
CA VAL D 441 -42.02 -26.46 -38.32
C VAL D 441 -42.18 -25.11 -37.65
N MET D 442 -42.07 -24.02 -38.43
CA MET D 442 -42.23 -22.69 -37.87
C MET D 442 -43.64 -22.49 -37.32
N ASN D 443 -44.65 -22.95 -38.06
CA ASN D 443 -46.02 -22.84 -37.58
C ASN D 443 -46.26 -23.72 -36.36
N SER D 444 -45.65 -24.91 -36.33
CA SER D 444 -45.83 -25.80 -35.21
C SER D 444 -45.06 -25.33 -33.99
N LEU D 445 -44.07 -24.47 -34.19
CA LEU D 445 -43.19 -24.04 -33.11
C LEU D 445 -43.94 -23.19 -32.10
N ALA D 446 -43.81 -23.53 -30.83
CA ALA D 446 -44.44 -22.79 -29.75
C ALA D 446 -43.74 -23.15 -28.43
N VAL D 447 -43.95 -22.31 -27.43
CA VAL D 447 -43.36 -22.50 -26.12
C VAL D 447 -44.40 -23.14 -25.20
N THR D 448 -44.09 -24.33 -24.69
CA THR D 448 -44.99 -25.07 -23.82
C THR D 448 -44.62 -24.83 -22.36
N MET D 449 -45.48 -25.33 -21.47
CA MET D 449 -45.22 -25.18 -20.04
C MET D 449 -44.00 -25.98 -19.62
N ASP D 450 -43.69 -27.04 -20.36
CA ASP D 450 -42.50 -27.83 -20.08
C ASP D 450 -41.26 -26.97 -20.20
N ASP D 451 -41.26 -26.04 -21.17
CA ASP D 451 -40.09 -25.20 -21.39
C ASP D 451 -39.88 -24.21 -20.26
N PHE D 452 -40.96 -23.58 -19.77
CA PHE D 452 -40.84 -22.79 -18.54
C PHE D 452 -40.36 -23.65 -17.37
N ARG D 453 -40.86 -24.89 -17.25
CA ARG D 453 -40.42 -25.72 -16.14
C ARG D 453 -38.93 -25.98 -16.19
N TRP D 454 -38.41 -26.30 -17.38
CA TRP D 454 -36.98 -26.57 -17.52
C TRP D 454 -36.15 -25.32 -17.28
N ALA D 455 -36.54 -24.20 -17.91
CA ALA D 455 -35.78 -22.96 -17.73
C ALA D 455 -35.79 -22.54 -16.28
N LEU D 456 -36.92 -22.69 -15.61
CA LEU D 456 -37.03 -22.40 -14.18
C LEU D 456 -36.10 -23.30 -13.37
N SER D 457 -36.01 -24.58 -13.73
CA SER D 457 -35.09 -25.47 -13.04
C SER D 457 -33.65 -24.99 -13.19
N GLN D 458 -33.28 -24.56 -14.39
CA GLN D 458 -31.92 -24.05 -14.57
C GLN D 458 -31.78 -22.60 -14.11
N SER D 459 -32.90 -21.93 -13.88
CA SER D 459 -32.86 -20.51 -13.55
C SER D 459 -32.33 -20.30 -12.14
N ASN D 460 -31.34 -19.42 -12.01
CA ASN D 460 -30.84 -18.98 -10.72
C ASN D 460 -30.67 -17.47 -10.74
N PRO D 461 -30.86 -16.79 -9.61
CA PRO D 461 -30.76 -15.32 -9.61
C PRO D 461 -29.35 -14.86 -9.97
N SER D 462 -29.28 -13.67 -10.56
CA SER D 462 -27.98 -13.11 -10.93
C SER D 462 -27.15 -12.76 -9.71
N ALA D 463 -27.81 -12.32 -8.64
CA ALA D 463 -27.07 -11.90 -7.44
C ALA D 463 -26.36 -13.08 -6.79
N LEU D 464 -27.00 -14.24 -6.76
CA LEU D 464 -26.44 -15.40 -6.08
C LEU D 464 -25.44 -16.13 -6.94
N ARG D 465 -24.27 -14.63 -9.21
CA ARG D 465 -23.84 -15.87 -9.85
C ARG D 465 -22.54 -16.36 -9.21
N GLU D 466 -22.30 -15.88 -7.98
CA GLU D 466 -21.03 -16.15 -7.32
C GLU D 466 -21.17 -17.23 -6.28
N THR D 467 -22.19 -17.15 -5.43
CA THR D 467 -22.36 -18.10 -4.33
C THR D 467 -23.21 -19.29 -4.79
N VAL D 468 -22.67 -19.99 -5.79
CA VAL D 468 -23.32 -21.17 -6.34
C VAL D 468 -22.34 -22.33 -6.27
N VAL D 469 -22.81 -23.48 -5.76
CA VAL D 469 -22.02 -24.69 -5.64
C VAL D 469 -22.86 -25.85 -6.14
N GLU D 470 -22.19 -26.91 -6.58
CA GLU D 470 -22.89 -28.11 -7.00
C GLU D 470 -23.23 -28.97 -5.79
N VAL D 471 -24.49 -29.40 -5.71
CA VAL D 471 -24.98 -30.14 -4.54
C VAL D 471 -25.44 -31.52 -5.01
N PRO D 472 -25.15 -32.59 -4.26
CA PRO D 472 -25.35 -33.95 -4.79
C PRO D 472 -26.81 -34.38 -4.93
N GLN D 473 -27.78 -33.48 -4.79
CA GLN D 473 -29.18 -33.77 -5.08
C GLN D 473 -29.76 -34.81 -4.11
N VAL D 474 -29.67 -34.53 -2.82
CA VAL D 474 -30.25 -35.41 -1.81
C VAL D 474 -31.71 -35.06 -1.59
N THR D 475 -32.54 -36.08 -1.43
CA THR D 475 -33.97 -35.92 -1.20
C THR D 475 -34.30 -36.29 0.24
N TRP D 476 -35.53 -35.98 0.66
CA TRP D 476 -35.94 -36.30 2.02
C TRP D 476 -35.97 -37.81 2.26
N GLU D 477 -36.16 -38.59 1.19
CA GLU D 477 -36.16 -40.04 1.34
C GLU D 477 -34.74 -40.57 1.51
N ASP D 478 -33.74 -39.85 1.00
CA ASP D 478 -32.36 -40.27 1.18
C ASP D 478 -31.96 -40.23 2.65
N ILE D 479 -32.49 -39.27 3.40
CA ILE D 479 -32.20 -39.18 4.82
C ILE D 479 -33.11 -40.15 5.58
N GLY D 480 -32.49 -41.04 6.35
CA GLY D 480 -33.24 -42.00 7.13
C GLY D 480 -33.37 -41.57 8.57
N GLY D 481 -34.49 -41.89 9.20
CA GLY D 481 -34.74 -41.42 10.54
C GLY D 481 -34.99 -39.92 10.55
N LEU D 482 -34.84 -39.33 11.72
CA LEU D 482 -35.03 -37.88 11.91
C LEU D 482 -36.38 -37.43 11.40
N GLU D 483 -37.42 -38.23 11.70
CA GLU D 483 -38.75 -37.90 11.20
C GLU D 483 -39.27 -36.60 11.79
N ASP D 484 -39.03 -36.37 13.08
CA ASP D 484 -39.45 -35.12 13.70
C ASP D 484 -38.66 -33.94 13.16
N VAL D 485 -37.34 -34.11 12.97
CA VAL D 485 -36.51 -33.00 12.53
C VAL D 485 -36.88 -32.56 11.13
N LYS D 486 -37.22 -33.51 10.25
CA LYS D 486 -37.63 -33.17 8.89
C LYS D 486 -38.88 -32.30 8.90
N ARG D 487 -39.84 -32.61 9.79
CA ARG D 487 -41.08 -31.85 9.83
C ARG D 487 -40.82 -30.42 10.28
N GLU D 488 -39.90 -30.24 11.24
CA GLU D 488 -39.54 -28.89 11.67
C GLU D 488 -38.81 -28.15 10.56
N LEU D 489 -38.02 -28.85 9.76
CA LEU D 489 -37.28 -28.20 8.68
C LEU D 489 -38.21 -27.84 7.51
N GLN D 490 -39.11 -28.75 7.14
CA GLN D 490 -40.02 -28.46 6.04
C GLN D 490 -40.93 -27.28 6.37
N GLU D 491 -41.49 -27.28 7.58
CA GLU D 491 -42.41 -26.20 7.94
C GLU D 491 -41.66 -24.93 8.33
N LEU D 492 -40.35 -25.04 8.56
CA LEU D 492 -39.55 -23.86 8.86
C LEU D 492 -39.59 -22.86 7.72
N VAL D 493 -39.36 -23.32 6.50
CA VAL D 493 -39.19 -22.42 5.38
C VAL D 493 -40.49 -22.29 4.59
N GLN D 494 -41.34 -23.31 4.65
CA GLN D 494 -42.56 -23.29 3.85
C GLN D 494 -43.58 -22.32 4.43
N TYR D 495 -43.79 -22.34 5.74
CA TYR D 495 -44.86 -21.54 6.34
C TYR D 495 -44.68 -20.05 6.12
N PRO D 496 -43.53 -19.43 6.40
CA PRO D 496 -43.44 -17.98 6.21
C PRO D 496 -43.61 -17.54 4.77
N VAL D 497 -43.32 -18.40 3.79
CA VAL D 497 -43.39 -17.99 2.40
C VAL D 497 -44.71 -18.42 1.76
N GLU D 498 -45.15 -19.64 2.03
CA GLU D 498 -46.40 -20.12 1.43
C GLU D 498 -47.61 -19.53 2.13
N HIS D 499 -47.53 -19.34 3.45
CA HIS D 499 -48.63 -18.80 4.24
C HIS D 499 -48.14 -17.63 5.09
N PRO D 500 -47.78 -16.50 4.46
CA PRO D 500 -47.43 -15.32 5.27
C PRO D 500 -48.65 -14.70 5.92
N ASP D 501 -49.83 -14.91 5.35
CA ASP D 501 -51.04 -14.33 5.92
C ASP D 501 -51.38 -14.96 7.26
N LYS D 502 -51.12 -16.26 7.41
CA LYS D 502 -51.47 -16.96 8.64
C LYS D 502 -50.70 -16.39 9.83
N PHE D 503 -49.41 -16.08 9.64
CA PHE D 503 -48.64 -15.45 10.70
C PHE D 503 -49.20 -14.08 11.04
N LEU D 504 -49.55 -13.30 10.02
CA LEU D 504 -50.09 -11.96 10.27
C LEU D 504 -51.46 -12.03 10.93
N LYS D 505 -52.28 -13.03 10.56
CA LYS D 505 -53.56 -13.21 11.22
C LYS D 505 -53.38 -13.50 12.70
N PHE D 506 -52.42 -14.36 13.04
CA PHE D 506 -52.03 -14.57 14.42
C PHE D 506 -51.10 -13.49 14.94
N GLY D 507 -50.54 -12.67 14.04
CA GLY D 507 -49.78 -11.49 14.44
C GLY D 507 -48.48 -11.76 15.16
N MET D 508 -47.67 -12.71 14.70
CA MET D 508 -46.36 -12.93 15.29
C MET D 508 -45.32 -13.23 14.20
N THR D 509 -44.08 -12.86 14.48
CA THR D 509 -43.00 -13.05 13.52
C THR D 509 -42.58 -14.51 13.45
N PRO D 510 -42.32 -15.03 12.25
CA PRO D 510 -41.82 -16.41 12.12
C PRO D 510 -40.43 -16.57 12.70
N SER D 511 -40.11 -17.80 13.11
CA SER D 511 -38.76 -18.11 13.55
C SER D 511 -37.86 -18.40 12.35
N LYS D 512 -36.67 -17.81 12.36
CA LYS D 512 -35.79 -17.85 11.19
C LYS D 512 -34.38 -18.34 11.52
N GLY D 513 -34.18 -19.09 12.59
CA GLY D 513 -32.85 -19.58 12.93
C GLY D 513 -32.84 -20.99 13.47
N VAL D 514 -31.91 -21.82 12.99
CA VAL D 514 -31.76 -23.19 13.46
C VAL D 514 -30.29 -23.49 13.62
N LEU D 515 -29.93 -24.16 14.70
CA LEU D 515 -28.59 -24.69 14.89
C LEU D 515 -28.66 -26.20 14.98
N PHE D 516 -27.85 -26.88 14.17
CA PHE D 516 -27.70 -28.33 14.25
C PHE D 516 -26.44 -28.62 15.03
N TYR D 517 -26.56 -29.40 16.10
CA TYR D 517 -25.39 -29.87 16.84
C TYR D 517 -25.57 -31.34 17.16
N GLY D 518 -24.52 -32.12 17.00
CA GLY D 518 -24.55 -33.53 17.26
C GLY D 518 -23.23 -34.19 16.94
N PRO D 519 -23.11 -35.48 17.21
CA PRO D 519 -21.88 -36.19 16.89
C PRO D 519 -21.69 -36.25 15.39
N PRO D 520 -20.43 -36.30 14.93
CA PRO D 520 -20.19 -36.39 13.48
C PRO D 520 -20.81 -37.64 12.87
N GLY D 521 -21.33 -37.49 11.66
CA GLY D 521 -21.89 -38.62 10.95
C GLY D 521 -23.35 -38.89 11.23
N CYS D 522 -24.10 -37.91 11.74
CA CYS D 522 -25.49 -38.10 12.10
C CYS D 522 -26.45 -37.32 11.22
N GLY D 523 -25.97 -36.65 10.18
CA GLY D 523 -26.86 -36.06 9.22
C GLY D 523 -27.08 -34.57 9.33
N LYS D 524 -26.14 -33.82 9.89
CA LYS D 524 -26.30 -32.37 9.96
C LYS D 524 -26.11 -31.73 8.59
N THR D 525 -25.05 -32.12 7.88
CA THR D 525 -24.82 -31.59 6.54
C THR D 525 -25.79 -32.21 5.53
N LEU D 526 -26.18 -33.47 5.77
CA LEU D 526 -27.14 -34.11 4.88
C LEU D 526 -28.48 -33.40 4.88
N LEU D 527 -28.95 -32.98 6.06
CA LEU D 527 -30.21 -32.26 6.12
C LEU D 527 -30.15 -30.97 5.32
N ALA D 528 -28.99 -30.31 5.34
CA ALA D 528 -28.82 -29.10 4.55
C ALA D 528 -28.84 -29.40 3.05
N LYS D 529 -28.29 -30.54 2.64
CA LYS D 529 -28.34 -30.92 1.24
C LYS D 529 -29.78 -31.13 0.79
N ALA D 530 -30.60 -31.77 1.63
CA ALA D 530 -31.99 -31.99 1.27
C ALA D 530 -32.76 -30.68 1.19
N ILE D 531 -32.44 -29.74 2.08
CA ILE D 531 -33.09 -28.43 2.04
C ILE D 531 -32.77 -27.72 0.75
N ALA D 532 -31.52 -27.84 0.27
CA ALA D 532 -31.11 -27.17 -0.96
C ALA D 532 -31.90 -27.68 -2.15
N ASN D 533 -32.34 -28.93 -2.11
CA ASN D 533 -33.05 -29.49 -3.26
C ASN D 533 -34.56 -29.40 -3.09
N GLU D 534 -35.10 -29.93 -2.00
CA GLU D 534 -36.55 -30.05 -1.87
C GLU D 534 -37.20 -28.72 -1.56
N CYS D 535 -36.62 -27.92 -0.68
CA CYS D 535 -37.28 -26.70 -0.22
C CYS D 535 -37.31 -25.65 -1.33
N GLN D 536 -38.38 -24.85 -1.35
CA GLN D 536 -38.56 -23.82 -2.37
C GLN D 536 -38.10 -22.47 -1.82
N ALA D 537 -36.78 -22.30 -1.81
CA ALA D 537 -36.17 -21.04 -1.42
C ALA D 537 -34.74 -21.03 -1.95
N ASN D 538 -34.17 -19.84 -2.08
CA ASN D 538 -32.78 -19.73 -2.48
C ASN D 538 -31.89 -20.30 -1.39
N PHE D 539 -30.76 -20.86 -1.81
CA PHE D 539 -29.84 -21.52 -0.89
C PHE D 539 -28.43 -20.99 -1.10
N ILE D 540 -27.90 -20.35 -0.07
CA ILE D 540 -26.51 -19.91 -0.06
C ILE D 540 -25.77 -20.80 0.92
N SER D 541 -24.84 -21.60 0.42
CA SER D 541 -24.03 -22.48 1.25
C SER D 541 -22.62 -21.90 1.29
N ILE D 542 -22.17 -21.54 2.48
CA ILE D 542 -20.82 -21.03 2.66
C ILE D 542 -20.18 -21.74 3.84
N LYS D 543 -18.98 -22.28 3.64
CA LYS D 543 -18.20 -22.81 4.73
C LYS D 543 -17.74 -21.66 5.61
N GLY D 544 -17.32 -21.99 6.84
CA GLY D 544 -16.93 -20.98 7.78
C GLY D 544 -15.78 -20.10 7.35
N PRO D 545 -14.56 -20.60 7.23
CA PRO D 545 -13.40 -19.72 7.08
C PRO D 545 -13.31 -18.98 5.76
N GLU D 546 -14.15 -19.32 4.77
CA GLU D 546 -13.99 -18.68 3.45
C GLU D 546 -14.25 -17.19 3.51
N LEU D 547 -14.99 -16.73 4.53
CA LEU D 547 -15.28 -15.31 4.66
C LEU D 547 -14.04 -14.52 5.07
N LEU D 548 -13.17 -15.13 5.88
CA LEU D 548 -12.07 -14.40 6.48
C LEU D 548 -11.00 -14.06 5.44
N THR D 549 -10.40 -12.88 5.61
CA THR D 549 -9.46 -12.34 4.63
C THR D 549 -8.32 -11.65 5.37
N MET D 550 -7.17 -11.55 4.69
CA MET D 550 -5.98 -10.96 5.27
C MET D 550 -6.22 -9.54 5.76
N TRP D 551 -7.00 -8.76 5.00
CA TRP D 551 -7.03 -7.32 5.19
C TRP D 551 -7.91 -6.94 6.37
N PHE D 552 -7.74 -5.69 6.83
CA PHE D 552 -8.28 -5.28 8.11
C PHE D 552 -9.81 -5.22 8.10
N GLY D 553 -10.38 -4.64 7.06
CA GLY D 553 -11.82 -4.47 7.02
C GLY D 553 -12.54 -5.42 6.09
N GLU D 554 -11.78 -6.22 5.33
CA GLU D 554 -12.38 -7.11 4.35
C GLU D 554 -13.16 -8.24 5.02
N SER D 555 -12.63 -8.78 6.12
CA SER D 555 -13.24 -9.94 6.75
C SER D 555 -14.63 -9.63 7.29
N GLU D 556 -14.85 -8.39 7.73
CA GLU D 556 -16.20 -8.00 8.15
C GLU D 556 -17.06 -7.64 6.95
N ALA D 557 -16.48 -6.93 5.97
CA ALA D 557 -17.25 -6.54 4.80
C ALA D 557 -17.73 -7.76 4.02
N ASN D 558 -16.96 -8.85 4.05
CA ASN D 558 -17.40 -10.09 3.44
C ASN D 558 -18.64 -10.63 4.13
N VAL D 559 -18.68 -10.57 5.46
CA VAL D 559 -19.86 -11.02 6.20
C VAL D 559 -21.06 -10.15 5.84
N ARG D 560 -20.85 -8.85 5.73
CA ARG D 560 -21.95 -7.93 5.43
C ARG D 560 -22.55 -8.22 4.07
N GLU D 561 -21.72 -8.47 3.05
CA GLU D 561 -22.25 -8.62 1.70
C GLU D 561 -22.94 -9.95 1.51
N ILE D 562 -22.53 -10.99 2.24
CA ILE D 562 -23.27 -12.25 2.22
C ILE D 562 -24.67 -12.06 2.79
N PHE D 563 -24.78 -11.36 3.91
CA PHE D 563 -26.10 -11.12 4.49
C PHE D 563 -26.91 -10.17 3.62
N ASP D 564 -26.26 -9.15 3.06
CA ASP D 564 -26.94 -8.27 2.12
C ASP D 564 -27.39 -9.03 0.88
N LYS D 565 -26.56 -9.96 0.40
CA LYS D 565 -26.94 -10.77 -0.75
C LYS D 565 -28.11 -11.69 -0.42
N ALA D 566 -28.13 -12.25 0.79
CA ALA D 566 -29.23 -13.10 1.19
C ALA D 566 -30.53 -12.31 1.33
N ARG D 567 -30.44 -11.07 1.81
CA ARG D 567 -31.63 -10.22 1.88
C ARG D 567 -32.18 -9.94 0.51
N GLN D 568 -31.31 -9.68 -0.47
CA GLN D 568 -31.78 -9.38 -1.82
C GLN D 568 -32.43 -10.59 -2.47
N ALA D 569 -32.09 -11.79 -2.01
CA ALA D 569 -32.63 -13.01 -2.58
C ALA D 569 -33.67 -13.68 -1.70
N ALA D 570 -34.24 -12.96 -0.73
CA ALA D 570 -35.21 -13.57 0.16
C ALA D 570 -36.45 -14.00 -0.62
N PRO D 571 -37.03 -15.17 -0.31
CA PRO D 571 -36.65 -16.09 0.77
C PRO D 571 -35.40 -16.91 0.46
N CYS D 572 -34.39 -16.77 1.31
CA CYS D 572 -33.13 -17.46 1.12
C CYS D 572 -32.74 -18.18 2.39
N VAL D 573 -32.08 -19.32 2.24
CA VAL D 573 -31.55 -20.09 3.35
C VAL D 573 -30.04 -19.92 3.34
N LEU D 574 -29.49 -19.44 4.45
CA LEU D 574 -28.07 -19.16 4.57
C LEU D 574 -27.47 -20.18 5.53
N PHE D 575 -26.73 -21.14 4.98
CA PHE D 575 -26.24 -22.28 5.76
C PHE D 575 -24.75 -22.14 6.04
N PHE D 576 -24.39 -22.27 7.31
CA PHE D 576 -23.00 -22.24 7.78
C PHE D 576 -22.58 -23.67 8.08
N ASP D 577 -21.64 -24.20 7.30
CA ASP D 577 -21.30 -25.61 7.40
C ASP D 577 -20.62 -25.93 8.73
N GLN D 578 -19.62 -25.14 9.11
CA GLN D 578 -18.92 -25.29 10.38
C GLN D 578 -19.05 -23.96 11.11
N LEU D 579 -20.12 -23.80 11.88
CA LEU D 579 -20.42 -22.50 12.46
C LEU D 579 -19.49 -22.18 13.62
N ASP D 580 -18.88 -23.19 14.22
CA ASP D 580 -17.96 -22.94 15.33
C ASP D 580 -16.69 -22.25 14.85
N SER D 581 -16.41 -22.33 13.56
CA SER D 581 -15.27 -21.62 12.98
C SER D 581 -15.48 -20.12 12.98
N ILE D 582 -16.56 -19.68 12.35
CA ILE D 582 -16.76 -18.26 12.12
C ILE D 582 -17.41 -17.60 13.32
N ALA D 583 -18.09 -18.39 14.16
CA ALA D 583 -18.78 -17.89 15.34
C ALA D 583 -18.28 -18.64 16.57
N LYS D 584 -17.28 -18.08 17.23
CA LYS D 584 -16.68 -18.68 18.42
C LYS D 584 -16.85 -17.72 19.58
N ALA D 585 -16.53 -18.18 20.78
CA ALA D 585 -16.68 -17.34 21.96
C ALA D 585 -15.65 -16.22 21.95
N ARG D 586 -16.11 -14.99 22.18
CA ARG D 586 -15.20 -13.85 22.27
C ARG D 586 -14.48 -13.84 23.62
N GLY D 587 -13.25 -13.34 23.60
CA GLY D 587 -12.44 -13.28 24.79
C GLY D 587 -11.70 -14.55 25.14
N GLY D 588 -11.89 -15.63 24.37
CA GLY D 588 -11.17 -16.86 24.65
C GLY D 588 -9.68 -16.73 24.41
N ASN D 589 -9.31 -16.06 23.33
CA ASN D 589 -7.91 -15.82 22.99
C ASN D 589 -7.67 -14.32 22.90
N ILE D 590 -6.85 -13.80 23.81
CA ILE D 590 -6.53 -12.38 23.87
C ILE D 590 -5.37 -12.12 22.92
N GLY D 591 -5.57 -11.22 21.96
CA GLY D 591 -4.63 -11.04 20.89
C GLY D 591 -4.80 -12.02 19.74
N ASP D 592 -5.97 -12.63 19.62
CA ASP D 592 -6.21 -13.59 18.55
C ASP D 592 -6.10 -12.91 17.19
N GLY D 593 -5.03 -13.22 16.46
CA GLY D 593 -4.77 -12.52 15.22
C GLY D 593 -4.67 -11.03 15.46
N GLY D 594 -5.39 -10.26 14.64
CA GLY D 594 -5.56 -8.85 14.88
C GLY D 594 -6.83 -8.50 15.62
N GLY D 595 -7.46 -9.46 16.29
CA GLY D 595 -8.79 -9.27 16.84
C GLY D 595 -9.90 -9.40 15.83
N ALA D 596 -9.57 -9.76 14.58
CA ALA D 596 -10.57 -9.79 13.52
C ALA D 596 -11.60 -10.88 13.77
N ALA D 597 -11.20 -12.00 14.37
CA ALA D 597 -12.14 -13.08 14.63
C ALA D 597 -13.27 -12.63 15.53
N ASP D 598 -12.96 -11.84 16.56
CA ASP D 598 -13.99 -11.33 17.44
C ASP D 598 -14.88 -10.31 16.75
N ARG D 599 -14.31 -9.51 15.83
CA ARG D 599 -15.11 -8.50 15.16
C ARG D 599 -16.04 -9.12 14.13
N VAL D 600 -15.65 -10.25 13.55
CA VAL D 600 -16.54 -10.94 12.62
C VAL D 600 -17.76 -11.48 13.35
N ILE D 601 -17.57 -11.95 14.59
CA ILE D 601 -18.70 -12.37 15.40
C ILE D 601 -19.64 -11.21 15.65
N ASN D 602 -19.09 -10.03 15.91
CA ASN D 602 -19.92 -8.83 16.08
C ASN D 602 -20.67 -8.50 14.80
N GLN D 603 -20.01 -8.66 13.64
CA GLN D 603 -20.67 -8.39 12.38
C GLN D 603 -21.82 -9.36 12.15
N ILE D 604 -21.62 -10.64 12.46
CA ILE D 604 -22.70 -11.62 12.33
C ILE D 604 -23.81 -11.31 13.32
N LEU D 605 -23.44 -10.83 14.50
CA LEU D 605 -24.44 -10.52 15.53
C LEU D 605 -25.41 -9.45 15.08
N THR D 606 -24.90 -8.37 14.49
CA THR D 606 -25.77 -7.28 14.07
C THR D 606 -26.59 -7.66 12.86
N GLU D 607 -25.99 -8.39 11.91
CA GLU D 607 -26.69 -8.75 10.69
C GLU D 607 -27.87 -9.68 10.97
N MET D 608 -27.68 -10.67 11.84
CA MET D 608 -28.75 -11.61 12.13
C MET D 608 -29.91 -10.92 12.84
N ASP D 609 -29.61 -10.19 13.90
CA ASP D 609 -30.62 -9.51 14.70
C ASP D 609 -30.08 -8.15 15.09
N GLY D 610 -30.59 -7.10 14.46
CA GLY D 610 -30.10 -5.76 14.71
C GLY D 610 -31.24 -4.76 14.56
N MET D 611 -30.86 -3.50 14.37
CA MET D 611 -31.85 -2.45 14.24
C MET D 611 -32.58 -2.45 12.92
N SER D 612 -32.09 -3.18 11.92
CA SER D 612 -32.76 -3.26 10.64
C SER D 612 -33.97 -4.19 10.72
N THR D 613 -34.89 -4.03 9.77
CA THR D 613 -36.01 -4.96 9.64
C THR D 613 -35.51 -6.29 9.10
N LYS D 614 -36.13 -7.38 9.57
CA LYS D 614 -35.68 -8.73 9.21
C LYS D 614 -36.53 -9.29 8.08
N LYS D 615 -35.87 -9.74 7.02
CA LYS D 615 -36.53 -10.35 5.88
C LYS D 615 -36.74 -11.85 6.12
N ASN D 616 -37.09 -12.57 5.05
CA ASN D 616 -37.28 -14.02 5.13
C ASN D 616 -35.95 -14.73 4.87
N VAL D 617 -34.95 -14.39 5.68
CA VAL D 617 -33.64 -14.99 5.59
C VAL D 617 -33.47 -15.92 6.78
N PHE D 618 -33.46 -17.22 6.52
CA PHE D 618 -33.34 -18.25 7.54
C PHE D 618 -31.88 -18.64 7.67
N ILE D 619 -31.32 -18.48 8.86
CA ILE D 619 -29.92 -18.76 9.11
C ILE D 619 -29.86 -20.12 9.80
N ILE D 620 -29.20 -21.08 9.15
CA ILE D 620 -29.07 -22.44 9.66
C ILE D 620 -27.58 -22.76 9.74
N GLY D 621 -27.16 -23.27 10.88
CA GLY D 621 -25.77 -23.61 11.08
C GLY D 621 -25.61 -24.97 11.72
N ALA D 622 -24.53 -25.65 11.36
CA ALA D 622 -24.17 -26.94 11.92
C ALA D 622 -22.80 -26.85 12.56
N THR D 623 -22.65 -27.45 13.73
CA THR D 623 -21.38 -27.45 14.45
C THR D 623 -21.18 -28.79 15.13
N ASN D 624 -19.96 -29.32 15.06
CA ASN D 624 -19.63 -30.54 15.79
C ASN D 624 -19.69 -30.29 17.29
N ARG D 625 -18.99 -29.27 17.77
CA ARG D 625 -18.90 -28.98 19.19
C ARG D 625 -19.58 -27.66 19.46
N PRO D 626 -20.81 -27.65 19.99
CA PRO D 626 -21.52 -26.40 20.24
C PRO D 626 -21.16 -25.70 21.53
N ASP D 627 -20.24 -26.24 22.33
CA ASP D 627 -19.88 -25.61 23.59
C ASP D 627 -19.01 -24.38 23.37
N ILE D 628 -18.27 -24.33 22.27
CA ILE D 628 -17.44 -23.16 21.99
C ILE D 628 -18.24 -22.06 21.29
N ILE D 629 -19.51 -22.31 20.97
CA ILE D 629 -20.32 -21.31 20.28
C ILE D 629 -20.55 -20.11 21.19
N ASP D 630 -20.45 -18.92 20.61
CA ASP D 630 -20.72 -17.70 21.37
C ASP D 630 -22.17 -17.71 21.86
N PRO D 631 -22.40 -17.51 23.16
CA PRO D 631 -23.78 -17.52 23.67
C PRO D 631 -24.68 -16.48 23.03
N ALA D 632 -24.11 -15.39 22.51
CA ALA D 632 -24.92 -14.40 21.80
C ALA D 632 -25.56 -15.01 20.55
N ILE D 633 -24.78 -15.80 19.80
CA ILE D 633 -25.30 -16.44 18.60
C ILE D 633 -26.46 -17.37 18.94
N LEU D 634 -26.44 -17.94 20.14
CA LEU D 634 -27.47 -18.91 20.50
C LEU D 634 -28.74 -18.23 21.04
N ARG D 635 -28.70 -16.91 21.19
CA ARG D 635 -29.83 -16.21 21.79
C ARG D 635 -31.04 -16.26 20.85
N PRO D 636 -32.24 -16.47 21.37
CA PRO D 636 -33.42 -16.52 20.49
C PRO D 636 -33.58 -15.25 19.68
N GLY D 637 -33.96 -15.41 18.42
CA GLY D 637 -33.78 -14.41 17.40
C GLY D 637 -32.53 -14.62 16.58
N ARG D 638 -31.58 -15.41 17.08
CA ARG D 638 -30.43 -15.88 16.32
C ARG D 638 -30.30 -17.37 16.61
N LEU D 639 -30.56 -18.21 15.61
CA LEU D 639 -30.53 -19.66 15.78
C LEU D 639 -31.33 -20.06 17.04
N ASP D 640 -32.56 -19.56 17.10
CA ASP D 640 -33.36 -19.72 18.31
C ASP D 640 -33.62 -21.19 18.61
N GLN D 641 -33.87 -22.00 17.59
CA GLN D 641 -34.04 -23.43 17.78
C GLN D 641 -32.68 -24.11 17.78
N LEU D 642 -32.38 -24.81 18.87
CA LEU D 642 -31.17 -25.62 18.99
C LEU D 642 -31.58 -27.08 18.88
N ILE D 643 -31.42 -27.66 17.68
CA ILE D 643 -31.86 -29.02 17.40
C ILE D 643 -30.71 -29.96 17.70
N TYR D 644 -30.96 -30.93 18.57
CA TYR D 644 -29.97 -31.96 18.85
C TYR D 644 -30.23 -33.17 17.97
N ILE D 645 -29.23 -33.53 17.16
CA ILE D 645 -29.34 -34.66 16.24
C ILE D 645 -28.49 -35.79 16.80
N PRO D 646 -29.03 -36.67 17.64
CA PRO D 646 -28.20 -37.66 18.33
C PRO D 646 -27.95 -38.89 17.47
N LEU D 647 -27.21 -39.82 18.05
CA LEU D 647 -26.93 -41.06 17.35
C LEU D 647 -28.22 -41.85 17.15
N PRO D 648 -28.39 -42.50 16.00
CA PRO D 648 -29.68 -43.15 15.70
C PRO D 648 -30.00 -44.27 16.67
N ASP D 649 -31.28 -44.40 16.99
CA ASP D 649 -31.76 -45.56 17.72
C ASP D 649 -31.92 -46.75 16.78
N GLU D 650 -32.48 -47.83 17.29
CA GLU D 650 -32.63 -49.03 16.46
C GLU D 650 -33.56 -48.78 15.29
N LYS D 651 -34.66 -48.06 15.52
CA LYS D 651 -35.61 -47.80 14.43
C LYS D 651 -34.96 -46.97 13.33
N SER D 652 -34.17 -45.97 13.70
CA SER D 652 -33.49 -45.16 12.68
C SER D 652 -32.42 -45.97 11.95
N ARG D 653 -31.70 -46.83 12.68
CA ARG D 653 -30.64 -47.61 12.05
C ARG D 653 -31.19 -48.52 10.96
N VAL D 654 -32.43 -48.98 11.11
CA VAL D 654 -33.08 -49.71 10.02
C VAL D 654 -33.33 -48.78 8.85
N ALA D 655 -33.82 -47.57 9.11
CA ALA D 655 -34.11 -46.62 8.04
C ALA D 655 -32.84 -46.18 7.34
N ILE D 656 -31.76 -45.97 8.09
CA ILE D 656 -30.51 -45.52 7.49
C ILE D 656 -29.95 -46.59 6.55
N LEU D 657 -30.01 -47.85 6.96
CA LEU D 657 -29.55 -48.94 6.09
C LEU D 657 -30.42 -49.05 4.85
N LYS D 658 -31.74 -48.91 5.01
CA LYS D 658 -32.64 -48.98 3.86
C LYS D 658 -32.43 -47.79 2.93
N ALA D 659 -32.21 -46.60 3.49
CA ALA D 659 -32.04 -45.41 2.68
C ALA D 659 -30.79 -45.50 1.81
N ASN D 660 -29.69 -46.02 2.36
CA ASN D 660 -28.47 -46.16 1.60
C ASN D 660 -28.65 -47.15 0.44
N LEU D 661 -29.34 -48.26 0.70
CA LEU D 661 -29.46 -49.35 -0.26
C LEU D 661 -30.72 -49.26 -1.10
N ARG D 662 -31.44 -48.14 -1.04
CA ARG D 662 -32.69 -48.02 -1.78
C ARG D 662 -32.46 -48.14 -3.29
N LYS D 663 -31.29 -47.73 -3.77
CA LYS D 663 -30.93 -47.85 -5.17
C LYS D 663 -29.96 -48.99 -5.42
N SER D 664 -29.63 -49.77 -4.39
CA SER D 664 -28.62 -50.81 -4.48
C SER D 664 -29.28 -52.18 -4.55
N PRO D 665 -29.01 -52.97 -5.58
CA PRO D 665 -29.57 -54.34 -5.63
C PRO D 665 -28.91 -55.22 -4.58
N VAL D 666 -29.73 -55.72 -3.65
CA VAL D 666 -29.26 -56.59 -2.58
C VAL D 666 -30.08 -57.88 -2.60
N ALA D 667 -29.50 -58.92 -2.04
CA ALA D 667 -30.18 -60.21 -1.95
C ALA D 667 -31.37 -60.11 -1.00
N LYS D 668 -32.38 -60.95 -1.24
CA LYS D 668 -33.54 -60.98 -0.36
C LYS D 668 -33.19 -61.60 0.99
N ASP D 669 -32.24 -62.54 1.00
CA ASP D 669 -31.97 -63.32 2.20
C ASP D 669 -31.35 -62.47 3.31
N VAL D 670 -30.58 -61.45 2.94
CA VAL D 670 -29.97 -60.61 3.96
C VAL D 670 -31.06 -59.77 4.65
N ASP D 671 -31.01 -59.74 5.98
CA ASP D 671 -31.98 -59.02 6.79
C ASP D 671 -31.36 -57.75 7.35
N LEU D 672 -31.83 -56.60 6.87
CA LEU D 672 -31.32 -55.34 7.38
C LEU D 672 -31.79 -55.09 8.81
N GLU D 673 -32.86 -55.77 9.23
CA GLU D 673 -33.37 -55.58 10.59
C GLU D 673 -32.36 -56.06 11.63
N PHE D 674 -31.66 -57.15 11.32
CA PHE D 674 -30.67 -57.68 12.27
C PHE D 674 -29.48 -56.74 12.41
N LEU D 675 -29.04 -56.14 11.29
CA LEU D 675 -27.86 -55.29 11.33
C LEU D 675 -28.05 -54.11 12.26
N ALA D 676 -29.28 -53.60 12.34
CA ALA D 676 -29.54 -52.46 13.22
C ALA D 676 -29.37 -52.83 14.68
N LYS D 677 -29.70 -54.08 15.04
CA LYS D 677 -29.64 -54.49 16.43
C LYS D 677 -28.21 -54.75 16.89
N MET D 678 -27.36 -55.26 15.99
CA MET D 678 -25.97 -55.49 16.35
C MET D 678 -25.22 -54.19 16.59
N THR D 679 -25.38 -53.22 15.69
CA THR D 679 -24.76 -51.92 15.88
C THR D 679 -25.54 -51.13 16.92
N ASN D 680 -24.83 -50.57 17.90
CA ASN D 680 -25.47 -49.81 18.96
C ASN D 680 -25.11 -48.33 18.93
N GLY D 681 -23.83 -48.01 18.97
CA GLY D 681 -23.37 -46.63 18.88
C GLY D 681 -22.93 -46.19 17.51
N PHE D 682 -23.32 -46.90 16.45
CA PHE D 682 -22.87 -46.58 15.11
C PHE D 682 -23.54 -45.30 14.61
N SER D 683 -22.77 -44.46 13.93
CA SER D 683 -23.31 -43.26 13.31
C SER D 683 -23.92 -43.60 11.96
N GLY D 684 -24.63 -42.63 11.40
CA GLY D 684 -25.12 -42.80 10.05
C GLY D 684 -24.00 -42.94 9.04
N ALA D 685 -22.90 -42.23 9.26
CA ALA D 685 -21.73 -42.40 8.42
C ALA D 685 -21.11 -43.78 8.60
N ASP D 686 -21.13 -44.28 9.84
CA ASP D 686 -20.60 -45.62 10.10
C ASP D 686 -21.44 -46.69 9.42
N LEU D 687 -22.77 -46.52 9.44
CA LEU D 687 -23.64 -47.48 8.78
C LEU D 687 -23.41 -47.48 7.27
N THR D 688 -23.21 -46.31 6.68
CA THR D 688 -22.90 -46.25 5.25
C THR D 688 -21.57 -46.94 4.96
N GLU D 689 -20.62 -46.87 5.90
CA GLU D 689 -19.33 -47.53 5.70
C GLU D 689 -19.49 -49.04 5.58
N ILE D 690 -20.36 -49.63 6.41
CA ILE D 690 -20.63 -51.07 6.29
C ILE D 690 -21.21 -51.39 4.93
N CYS D 691 -22.18 -50.58 4.49
CA CYS D 691 -22.79 -50.81 3.18
C CYS D 691 -21.78 -50.59 2.06
N GLN D 692 -20.97 -49.53 2.16
CA GLN D 692 -19.96 -49.28 1.13
C GLN D 692 -18.91 -50.37 1.09
N ARG D 693 -18.45 -50.81 2.26
CA ARG D 693 -17.48 -51.90 2.31
C ARG D 693 -18.07 -53.19 1.76
N ALA D 694 -19.37 -53.42 1.99
CA ALA D 694 -20.02 -54.57 1.39
C ALA D 694 -19.98 -54.50 -0.12
N CYS D 695 -20.19 -53.30 -0.68
CA CYS D 695 -20.13 -53.12 -2.12
C CYS D 695 -18.73 -53.41 -2.66
N LYS D 696 -17.70 -52.94 -1.96
CA LYS D 696 -16.33 -53.12 -2.46
C LYS D 696 -15.93 -54.59 -2.44
N LEU D 697 -16.38 -55.35 -1.44
CA LEU D 697 -16.11 -56.78 -1.41
C LEU D 697 -16.75 -57.47 -2.60
N ALA D 698 -17.99 -57.09 -2.93
CA ALA D 698 -18.66 -57.68 -4.09
C ALA D 698 -17.95 -57.32 -5.39
N ILE D 699 -17.49 -56.08 -5.50
CA ILE D 699 -16.77 -55.66 -6.70
C ILE D 699 -15.45 -56.42 -6.82
N ARG D 700 -14.81 -56.72 -5.69
CA ARG D 700 -13.58 -57.50 -5.73
C ARG D 700 -13.82 -58.89 -6.29
N GLU D 701 -14.91 -59.54 -5.88
CA GLU D 701 -15.24 -60.85 -6.43
C GLU D 701 -15.59 -60.77 -7.91
N SER D 702 -16.34 -59.73 -8.29
CA SER D 702 -16.74 -59.60 -9.69
C SER D 702 -15.53 -59.42 -10.60
N ILE D 703 -14.56 -58.61 -10.18
CA ILE D 703 -13.36 -58.43 -10.99
C ILE D 703 -12.58 -59.73 -11.08
N GLU D 704 -12.40 -60.41 -9.94
CA GLU D 704 -11.67 -61.67 -9.96
C GLU D 704 -12.40 -62.72 -10.78
N SER D 705 -13.73 -62.76 -10.67
CA SER D 705 -14.50 -63.71 -11.47
C SER D 705 -14.34 -63.45 -12.96
N GLU D 706 -14.38 -62.19 -13.38
CA GLU D 706 -14.28 -61.89 -14.80
C GLU D 706 -12.86 -62.09 -15.31
N ILE D 707 -11.87 -62.03 -14.40
CA ILE D 707 -10.51 -62.39 -14.78
C ILE D 707 -10.41 -63.89 -15.03
N ARG D 708 -11.04 -64.69 -14.18
CA ARG D 708 -11.01 -66.14 -14.36
C ARG D 708 -11.64 -66.56 -15.67
N ARG D 709 -12.75 -65.91 -16.05
CA ARG D 709 -13.41 -66.23 -17.31
C ARG D 709 -12.49 -65.96 -18.50
N GLU D 710 -11.71 -64.88 -18.43
CA GLU D 710 -10.80 -64.57 -19.52
C GLU D 710 -9.70 -65.61 -19.65
N ARG D 711 -9.25 -66.18 -18.52
CA ARG D 711 -8.20 -67.18 -18.58
C ARG D 711 -8.70 -68.47 -19.23
N GLU D 712 -9.91 -68.90 -18.88
CA GLU D 712 -10.44 -70.13 -19.45
C GLU D 712 -10.92 -69.91 -20.89
N ARG D 713 -11.48 -68.73 -21.18
CA ARG D 713 -11.94 -68.45 -22.54
C ARG D 713 -10.77 -68.46 -23.52
N GLN D 714 -9.66 -67.84 -23.14
CA GLN D 714 -8.49 -67.77 -24.00
C GLN D 714 -7.68 -69.07 -23.93
N PRO D 727 -22.20 -62.68 -12.81
CA PRO D 727 -21.29 -63.20 -11.78
C PRO D 727 -21.78 -62.92 -10.38
N VAL D 728 -21.85 -61.65 -10.02
CA VAL D 728 -22.41 -61.21 -8.74
C VAL D 728 -23.50 -60.20 -9.00
N PRO D 729 -24.71 -60.63 -9.38
CA PRO D 729 -25.78 -59.65 -9.67
C PRO D 729 -26.15 -58.79 -8.48
N GLU D 730 -26.14 -59.33 -7.27
CA GLU D 730 -26.64 -58.61 -6.10
C GLU D 730 -25.70 -58.84 -4.92
N ILE D 731 -25.79 -57.94 -3.94
CA ILE D 731 -24.94 -58.04 -2.76
C ILE D 731 -25.43 -59.18 -1.86
N ARG D 732 -24.51 -60.06 -1.50
CA ARG D 732 -24.84 -61.27 -0.75
C ARG D 732 -24.60 -61.07 0.73
N ARG D 733 -25.08 -62.04 1.51
CA ARG D 733 -25.01 -61.93 2.97
C ARG D 733 -23.58 -62.06 3.47
N ASP D 734 -22.77 -62.90 2.83
CA ASP D 734 -21.38 -63.06 3.27
C ASP D 734 -20.58 -61.80 3.02
N HIS D 735 -20.99 -60.99 2.03
CA HIS D 735 -20.33 -59.71 1.80
C HIS D 735 -20.53 -58.77 2.99
N PHE D 736 -21.75 -58.72 3.52
CA PHE D 736 -22.00 -57.91 4.72
C PHE D 736 -21.28 -58.50 5.93
N GLU D 737 -21.17 -59.82 6.00
CA GLU D 737 -20.52 -60.46 7.14
C GLU D 737 -19.04 -60.10 7.20
N GLU D 738 -18.36 -60.14 6.06
CA GLU D 738 -16.94 -59.78 6.04
C GLU D 738 -16.74 -58.28 6.21
N ALA D 739 -17.74 -57.49 5.80
CA ALA D 739 -17.64 -56.04 5.96
C ALA D 739 -17.74 -55.63 7.41
N MET D 740 -18.59 -56.32 8.18
CA MET D 740 -18.86 -55.90 9.56
C MET D 740 -17.66 -56.07 10.46
N ARG D 741 -16.83 -57.09 10.21
CA ARG D 741 -15.71 -57.35 11.09
C ARG D 741 -14.68 -56.22 11.03
N PHE D 742 -14.66 -55.47 9.92
CA PHE D 742 -13.81 -54.28 9.86
C PHE D 742 -14.51 -53.06 10.45
N ALA D 743 -15.83 -53.13 10.65
CA ALA D 743 -16.58 -51.97 11.10
C ALA D 743 -16.27 -51.63 12.55
N ARG D 744 -16.43 -50.36 12.89
CA ARG D 744 -16.19 -49.85 14.24
C ARG D 744 -16.95 -48.56 14.43
N ARG D 745 -17.45 -48.36 15.65
CA ARG D 745 -18.22 -47.15 15.96
C ARG D 745 -17.28 -45.96 16.06
N SER D 746 -17.63 -44.88 15.35
CA SER D 746 -16.72 -43.74 15.25
C SER D 746 -16.83 -42.82 16.46
N VAL D 747 -18.02 -42.69 17.04
CA VAL D 747 -18.25 -41.80 18.18
C VAL D 747 -18.09 -42.62 19.46
N SER D 748 -17.19 -42.18 20.33
CA SER D 748 -16.98 -42.87 21.59
C SER D 748 -18.06 -42.48 22.59
N ASP D 749 -18.21 -43.31 23.62
CA ASP D 749 -19.18 -43.02 24.67
C ASP D 749 -18.85 -41.72 25.40
N ASN D 750 -17.55 -41.45 25.57
CA ASN D 750 -17.14 -40.15 26.11
C ASN D 750 -17.54 -39.02 25.16
N ASP D 751 -17.38 -39.24 23.86
CA ASP D 751 -17.74 -38.21 22.89
C ASP D 751 -19.25 -37.99 22.87
N ILE D 752 -20.03 -39.03 23.22
CA ILE D 752 -21.48 -38.86 23.34
C ILE D 752 -21.81 -37.98 24.53
N ARG D 753 -21.13 -38.21 25.66
CA ARG D 753 -21.54 -37.56 26.91
C ARG D 753 -21.29 -36.06 26.87
N LYS D 754 -20.32 -35.61 26.07
CA LYS D 754 -20.13 -34.18 25.90
C LYS D 754 -21.34 -33.54 25.23
N TYR D 755 -22.17 -34.35 24.57
CA TYR D 755 -23.33 -33.82 23.88
C TYR D 755 -24.58 -33.92 24.75
N GLU D 756 -24.73 -35.05 25.46
CA GLU D 756 -25.79 -35.17 26.45
C GLU D 756 -25.64 -34.12 27.54
N MET D 757 -24.41 -33.83 27.95
CA MET D 757 -24.19 -32.80 28.94
C MET D 757 -24.66 -31.43 28.44
N PHE D 758 -24.35 -31.10 27.18
CA PHE D 758 -24.83 -29.86 26.62
C PHE D 758 -26.34 -29.88 26.43
N ALA D 759 -26.87 -31.02 25.98
CA ALA D 759 -28.32 -31.15 25.80
C ALA D 759 -29.04 -31.06 27.14
N GLN D 760 -28.50 -31.70 28.18
CA GLN D 760 -29.18 -31.74 29.46
C GLN D 760 -29.28 -30.36 30.09
N THR D 761 -28.24 -29.54 29.96
CA THR D 761 -28.26 -28.20 30.54
C THR D 761 -29.43 -27.39 29.98
N LEU D 762 -29.75 -27.58 28.70
CA LEU D 762 -30.95 -26.97 28.14
C LEU D 762 -32.19 -27.50 28.83
N GLN D 763 -32.27 -28.83 29.01
CA GLN D 763 -33.45 -29.43 29.61
C GLN D 763 -33.49 -29.21 31.12
N GLN D 764 -32.32 -29.12 31.75
CA GLN D 764 -32.27 -28.87 33.20
C GLN D 764 -32.88 -27.52 33.54
N SER D 765 -32.56 -26.49 32.76
CA SER D 765 -33.11 -25.16 32.96
C SER D 765 -34.37 -24.92 32.12
N ARG D 766 -34.85 -25.93 31.41
CA ARG D 766 -36.01 -25.76 30.54
C ARG D 766 -37.25 -25.40 31.35
N GLY D 767 -37.32 -25.83 32.60
CA GLY D 767 -38.45 -25.53 33.45
C GLY D 767 -38.74 -26.70 34.36
N PHE D 768 -40.01 -26.81 34.76
CA PHE D 768 -40.46 -27.90 35.63
C PHE D 768 -40.88 -29.10 34.76
N GLY D 769 -39.98 -29.49 33.86
CA GLY D 769 -40.24 -30.64 33.01
C GLY D 769 -41.51 -30.48 32.20
N SER D 770 -42.40 -31.46 32.33
CA SER D 770 -43.71 -31.38 31.71
C SER D 770 -44.51 -30.22 32.32
N PHE D 771 -45.28 -29.54 31.47
CA PHE D 771 -45.99 -28.33 31.85
C PHE D 771 -47.48 -28.51 31.59
N ARG D 772 -48.29 -28.28 32.62
CA ARG D 772 -49.74 -28.31 32.52
C ARG D 772 -50.31 -27.08 33.21
N PHE D 773 -51.19 -26.35 32.51
CA PHE D 773 -51.85 -25.21 33.12
C PHE D 773 -52.79 -25.69 34.23
N PRO D 774 -52.97 -24.91 35.29
CA PRO D 774 -53.87 -25.33 36.37
C PRO D 774 -55.30 -25.49 35.86
N SER D 775 -56.02 -26.42 36.48
CA SER D 775 -57.39 -26.75 36.08
C SER D 775 -57.45 -27.21 34.63
N LEU E 12 -25.36 42.77 20.04
CA LEU E 12 -25.63 43.97 19.24
C LEU E 12 -24.81 43.94 17.96
N SER E 13 -24.32 42.76 17.60
CA SER E 13 -23.60 42.59 16.35
C SER E 13 -24.52 42.67 15.13
N THR E 14 -25.84 42.70 15.35
CA THR E 14 -26.82 42.79 14.28
C THR E 14 -27.38 44.19 14.11
N ALA E 15 -26.71 45.21 14.65
CA ALA E 15 -27.21 46.58 14.53
C ALA E 15 -27.27 47.03 13.09
N ILE E 16 -26.39 46.50 12.25
CA ILE E 16 -26.40 46.86 10.83
C ILE E 16 -27.66 46.34 10.15
N LEU E 17 -28.16 45.18 10.57
CA LEU E 17 -29.39 44.64 9.99
C LEU E 17 -30.59 45.50 10.35
N LYS E 18 -30.60 46.07 11.55
CA LYS E 18 -31.74 46.89 11.97
C LYS E 18 -31.95 48.04 10.99
N GLN E 19 -33.20 48.21 10.56
CA GLN E 19 -33.47 49.06 9.41
C GLN E 19 -33.40 50.54 9.78
N LYS E 20 -33.36 50.85 11.07
CA LYS E 20 -33.19 52.21 11.57
C LYS E 20 -34.41 53.07 11.26
N ASN E 21 -34.47 54.26 11.82
CA ASN E 21 -35.58 55.18 11.62
C ASN E 21 -35.15 56.26 10.64
N ARG E 22 -35.86 56.35 9.52
CA ARG E 22 -35.66 57.44 8.57
C ARG E 22 -37.01 58.07 8.24
N PRO E 23 -37.10 59.39 8.16
CA PRO E 23 -38.38 60.03 7.82
C PRO E 23 -38.89 59.62 6.46
N ASN E 24 -37.97 59.29 5.56
CA ASN E 24 -38.32 58.84 4.21
C ASN E 24 -39.02 57.49 4.23
N ARG E 25 -38.89 56.74 5.33
CA ARG E 25 -39.46 55.41 5.39
C ARG E 25 -40.99 55.47 5.52
N LEU E 26 -41.66 54.59 4.78
CA LEU E 26 -43.12 54.55 4.74
C LEU E 26 -43.57 53.10 4.60
N ILE E 27 -44.80 52.81 5.02
CA ILE E 27 -45.35 51.46 4.88
C ILE E 27 -46.18 51.39 3.61
N VAL E 28 -46.02 50.31 2.84
CA VAL E 28 -46.75 50.14 1.60
C VAL E 28 -48.18 49.72 1.91
N ASP E 29 -49.15 50.41 1.30
CA ASP E 29 -50.56 50.13 1.52
C ASP E 29 -51.31 50.20 0.19
N GLU E 30 -52.53 49.67 0.21
CA GLU E 30 -53.39 49.70 -0.97
C GLU E 30 -53.77 51.13 -1.33
N ALA E 31 -53.96 51.35 -2.63
CA ALA E 31 -54.27 52.68 -3.13
C ALA E 31 -55.78 52.92 -3.12
N ILE E 32 -56.16 54.20 -3.02
CA ILE E 32 -57.56 54.61 -3.05
C ILE E 32 -57.91 55.02 -4.48
N ASN E 33 -57.19 56.01 -5.00
CA ASN E 33 -57.35 56.47 -6.38
C ASN E 33 -56.03 56.57 -7.12
N GLU E 34 -54.93 56.16 -6.49
CA GLU E 34 -53.61 56.32 -7.09
C GLU E 34 -53.49 55.48 -8.35
N ASP E 35 -53.08 56.12 -9.44
CA ASP E 35 -52.85 55.42 -10.70
C ASP E 35 -51.37 55.03 -10.78
N ASN E 36 -50.93 54.60 -11.97
CA ASN E 36 -49.61 54.01 -12.09
C ASN E 36 -48.48 55.04 -12.00
N SER E 37 -48.80 56.33 -11.98
CA SER E 37 -47.77 57.36 -11.96
C SER E 37 -47.92 58.38 -10.83
N VAL E 38 -48.87 58.19 -9.92
CA VAL E 38 -49.10 59.12 -8.82
C VAL E 38 -49.21 58.35 -7.51
N VAL E 39 -48.57 58.89 -6.47
CA VAL E 39 -48.68 58.36 -5.11
C VAL E 39 -49.11 59.49 -4.20
N SER E 40 -49.57 59.13 -3.00
CA SER E 40 -50.07 60.10 -2.03
C SER E 40 -49.45 59.87 -0.67
N LEU E 41 -49.08 60.97 -0.01
CA LEU E 41 -48.61 60.96 1.37
C LEU E 41 -49.51 61.86 2.21
N SER E 42 -49.51 61.61 3.52
CA SER E 42 -50.27 62.45 4.41
C SER E 42 -49.71 63.87 4.45
N GLN E 43 -50.60 64.84 4.62
CA GLN E 43 -50.18 66.24 4.66
C GLN E 43 -49.13 66.54 5.74
N PRO E 44 -49.24 66.06 7.00
CA PRO E 44 -48.13 66.30 7.93
C PRO E 44 -46.82 65.66 7.48
N LYS E 45 -46.89 64.49 6.84
CA LYS E 45 -45.68 63.88 6.31
C LYS E 45 -45.15 64.64 5.11
N MET E 46 -46.03 65.18 4.28
CA MET E 46 -45.59 66.04 3.17
C MET E 46 -44.88 67.28 3.69
N ASP E 47 -45.39 67.89 4.74
CA ASP E 47 -44.76 69.08 5.31
C ASP E 47 -43.46 68.71 6.01
N GLU E 48 -43.41 67.53 6.63
CA GLU E 48 -42.19 67.07 7.28
C GLU E 48 -41.07 66.87 6.27
N LEU E 49 -41.38 66.26 5.14
CA LEU E 49 -40.39 65.96 4.11
C LEU E 49 -40.19 67.11 3.13
N GLN E 50 -40.90 68.22 3.31
CA GLN E 50 -40.88 69.34 2.37
C GLN E 50 -41.27 68.88 0.97
N LEU E 51 -42.27 68.00 0.90
CA LEU E 51 -42.79 67.50 -0.36
C LEU E 51 -44.00 68.32 -0.79
N PHE E 52 -43.97 68.79 -2.03
CA PHE E 52 -45.06 69.60 -2.58
C PHE E 52 -45.91 68.75 -3.52
N ARG E 53 -47.19 69.08 -3.59
CA ARG E 53 -48.09 68.42 -4.51
C ARG E 53 -47.69 68.72 -5.95
N GLY E 54 -47.67 67.68 -6.78
CA GLY E 54 -47.23 67.79 -8.15
C GLY E 54 -45.75 67.51 -8.36
N ASP E 55 -44.98 67.41 -7.28
CA ASP E 55 -43.58 67.07 -7.39
C ASP E 55 -43.41 65.60 -7.77
N THR E 56 -42.32 65.29 -8.48
CA THR E 56 -41.96 63.91 -8.73
C THR E 56 -41.12 63.38 -7.58
N VAL E 57 -41.40 62.16 -7.15
CA VAL E 57 -40.71 61.55 -6.04
C VAL E 57 -40.22 60.16 -6.46
N LEU E 58 -39.18 59.70 -5.78
CA LEU E 58 -38.54 58.43 -6.08
C LEU E 58 -38.76 57.47 -4.91
N LEU E 59 -39.06 56.22 -5.23
CA LEU E 59 -39.27 55.18 -4.24
C LEU E 59 -38.19 54.12 -4.38
N LYS E 60 -37.53 53.80 -3.28
CA LYS E 60 -36.46 52.81 -3.26
C LYS E 60 -36.95 51.57 -2.52
N GLY E 61 -36.98 50.44 -3.24
CA GLY E 61 -37.43 49.19 -2.69
C GLY E 61 -36.31 48.16 -2.67
N LYS E 62 -36.72 46.90 -2.52
CA LYS E 62 -35.76 45.81 -2.44
C LYS E 62 -35.19 45.50 -3.82
N LYS E 63 -34.03 44.82 -3.82
CA LYS E 63 -33.41 44.32 -5.05
C LYS E 63 -33.04 45.46 -6.00
N ARG E 64 -32.68 46.62 -5.44
CA ARG E 64 -32.27 47.79 -6.21
C ARG E 64 -33.32 48.17 -7.24
N ARG E 65 -34.60 48.06 -6.87
CA ARG E 65 -35.70 48.38 -7.76
C ARG E 65 -36.29 49.73 -7.37
N GLU E 66 -36.40 50.62 -8.35
CA GLU E 66 -36.73 52.01 -8.12
C GLU E 66 -37.76 52.47 -9.14
N ALA E 67 -38.60 53.42 -8.75
CA ALA E 67 -39.70 53.87 -9.59
C ALA E 67 -39.99 55.34 -9.33
N VAL E 68 -40.63 55.99 -10.30
CA VAL E 68 -40.93 57.41 -10.26
C VAL E 68 -42.44 57.59 -10.25
N CYS E 69 -42.93 58.44 -9.34
CA CYS E 69 -44.34 58.76 -9.24
C CYS E 69 -44.50 60.18 -8.72
N ILE E 70 -45.70 60.72 -8.90
CA ILE E 70 -46.03 62.05 -8.43
C ILE E 70 -46.67 61.93 -7.05
N VAL E 71 -46.29 62.82 -6.14
CA VAL E 71 -46.72 62.78 -4.75
C VAL E 71 -47.94 63.68 -4.58
N LEU E 72 -48.95 63.18 -3.86
CA LEU E 72 -50.15 63.95 -3.55
C LEU E 72 -50.45 63.84 -2.05
N SER E 73 -51.53 64.51 -1.64
CA SER E 73 -51.94 64.54 -0.25
C SER E 73 -53.25 63.79 -0.07
N ASP E 74 -53.33 63.01 1.00
CA ASP E 74 -54.54 62.27 1.35
C ASP E 74 -54.74 62.38 2.85
N ASP E 75 -55.93 62.83 3.25
CA ASP E 75 -56.23 62.99 4.66
C ASP E 75 -56.54 61.67 5.35
N THR E 76 -56.83 60.61 4.60
CA THR E 76 -57.07 59.29 5.17
C THR E 76 -55.80 58.47 5.31
N CYS E 77 -54.68 58.97 4.77
CA CYS E 77 -53.42 58.22 4.80
C CYS E 77 -52.70 58.43 6.13
N SER E 78 -52.23 57.34 6.72
CA SER E 78 -51.47 57.42 7.95
C SER E 78 -50.11 58.07 7.69
N ASP E 79 -49.55 58.65 8.76
CA ASP E 79 -48.27 59.35 8.63
C ASP E 79 -47.17 58.41 8.16
N GLU E 80 -47.04 57.26 8.80
CA GLU E 80 -45.96 56.31 8.49
C GLU E 80 -46.26 55.46 7.27
N LYS E 81 -47.38 55.71 6.58
CA LYS E 81 -47.86 54.84 5.53
C LYS E 81 -48.06 55.64 4.25
N ILE E 82 -48.04 54.94 3.12
CA ILE E 82 -48.19 55.55 1.80
C ILE E 82 -49.30 54.83 1.05
N ARG E 83 -50.04 55.56 0.23
CA ARG E 83 -51.01 54.97 -0.68
C ARG E 83 -50.37 54.82 -2.04
N MET E 84 -50.29 53.58 -2.53
CA MET E 84 -49.43 53.25 -3.65
C MET E 84 -49.94 51.96 -4.28
N ASN E 85 -50.26 52.02 -5.57
CA ASN E 85 -51.03 50.98 -6.22
C ASN E 85 -50.13 49.80 -6.64
N ARG E 86 -50.78 48.75 -7.13
CA ARG E 86 -50.13 47.44 -7.23
C ARG E 86 -49.11 47.39 -8.37
N VAL E 87 -49.31 48.18 -9.42
CA VAL E 87 -48.39 48.15 -10.55
C VAL E 87 -46.99 48.55 -10.10
N VAL E 88 -46.87 49.65 -9.36
CA VAL E 88 -45.57 50.07 -8.85
C VAL E 88 -45.18 49.25 -7.63
N ARG E 89 -46.13 48.50 -7.06
CA ARG E 89 -45.75 47.48 -6.08
C ARG E 89 -44.91 46.39 -6.74
N ASN E 90 -45.39 45.85 -7.86
CA ASN E 90 -44.62 44.87 -8.60
C ASN E 90 -43.36 45.49 -9.18
N ASN E 91 -43.42 46.78 -9.54
CA ASN E 91 -42.22 47.47 -10.01
C ASN E 91 -41.18 47.59 -8.92
N LEU E 92 -41.59 47.95 -7.70
CA LEU E 92 -40.66 48.07 -6.58
C LEU E 92 -40.29 46.74 -5.96
N ARG E 93 -40.92 45.65 -6.40
CA ARG E 93 -40.67 44.31 -5.87
C ARG E 93 -40.93 44.26 -4.36
N VAL E 94 -42.05 44.84 -3.94
CA VAL E 94 -42.43 44.87 -2.53
C VAL E 94 -43.86 44.36 -2.40
N ARG E 95 -44.20 43.94 -1.19
CA ARG E 95 -45.55 43.56 -0.84
C ARG E 95 -46.05 44.46 0.28
N LEU E 96 -47.32 44.27 0.64
CA LEU E 96 -47.93 45.11 1.67
C LEU E 96 -47.21 44.94 3.01
N GLY E 97 -46.99 46.06 3.70
CA GLY E 97 -46.28 46.09 4.95
C GLY E 97 -44.81 46.42 4.83
N ASP E 98 -44.30 46.54 3.61
CA ASP E 98 -42.89 46.78 3.40
C ASP E 98 -42.54 48.25 3.59
N VAL E 99 -41.25 48.51 3.80
CA VAL E 99 -40.75 49.85 4.10
C VAL E 99 -39.92 50.35 2.93
N ILE E 100 -40.26 51.52 2.42
CA ILE E 100 -39.63 52.10 1.24
C ILE E 100 -39.12 53.50 1.59
N SER E 101 -38.20 53.98 0.76
CA SER E 101 -37.58 55.29 0.95
C SER E 101 -37.98 56.25 -0.16
N ILE E 102 -38.32 57.48 0.23
CA ILE E 102 -38.80 58.49 -0.71
C ILE E 102 -37.96 59.76 -0.55
N GLN E 103 -37.49 60.28 -1.67
CA GLN E 103 -36.78 61.55 -1.73
C GLN E 103 -37.19 62.30 -2.99
N PRO E 104 -37.15 63.63 -2.95
CA PRO E 104 -37.39 64.40 -4.18
C PRO E 104 -36.25 64.21 -5.17
N CYS E 105 -36.58 64.29 -6.47
CA CYS E 105 -35.60 64.21 -7.55
C CYS E 105 -35.77 65.41 -8.47
N PRO E 106 -34.87 66.39 -8.38
CA PRO E 106 -34.95 67.54 -9.26
C PRO E 106 -34.37 67.24 -10.64
N ASP E 107 -34.52 68.23 -11.54
CA ASP E 107 -33.92 68.22 -12.87
C ASP E 107 -34.46 67.08 -13.73
N VAL E 108 -35.72 66.69 -13.52
CA VAL E 108 -36.33 65.69 -14.38
C VAL E 108 -36.86 66.37 -15.63
N LYS E 109 -36.19 66.16 -16.75
CA LYS E 109 -36.46 66.87 -17.99
C LYS E 109 -37.51 66.14 -18.82
N TYR E 110 -37.99 66.82 -19.86
CA TYR E 110 -38.95 66.22 -20.77
C TYR E 110 -38.28 65.10 -21.56
N GLY E 111 -39.03 64.04 -21.83
CA GLY E 111 -38.48 62.92 -22.57
C GLY E 111 -38.35 63.22 -24.05
N LYS E 112 -37.35 62.59 -24.68
CA LYS E 112 -37.18 62.70 -26.11
C LYS E 112 -37.72 61.48 -26.86
N ARG E 113 -37.19 60.30 -26.55
CA ARG E 113 -37.60 59.07 -27.23
C ARG E 113 -37.59 57.93 -26.23
N ILE E 114 -38.65 57.13 -26.24
CA ILE E 114 -38.73 55.95 -25.38
C ILE E 114 -39.16 54.75 -26.21
N HIS E 115 -38.55 53.61 -25.92
CA HIS E 115 -38.88 52.34 -26.57
C HIS E 115 -39.54 51.43 -25.55
N VAL E 116 -40.82 51.16 -25.73
CA VAL E 116 -41.57 50.29 -24.83
C VAL E 116 -42.12 49.13 -25.64
N LEU E 117 -42.07 47.95 -25.04
CA LEU E 117 -42.50 46.73 -25.70
C LEU E 117 -43.47 45.97 -24.81
N PRO E 118 -44.49 45.36 -25.39
CA PRO E 118 -45.50 44.66 -24.58
C PRO E 118 -44.98 43.32 -24.07
N ILE E 119 -45.77 42.74 -23.18
CA ILE E 119 -45.51 41.40 -22.67
C ILE E 119 -46.16 40.40 -23.62
N ASP E 120 -45.45 39.30 -23.92
CA ASP E 120 -45.88 38.40 -24.97
C ASP E 120 -47.23 37.77 -24.68
N ASP E 121 -47.45 37.35 -23.43
CA ASP E 121 -48.71 36.69 -23.10
C ASP E 121 -49.87 37.67 -22.89
N THR E 122 -49.58 38.96 -22.70
CA THR E 122 -50.64 39.95 -22.61
C THR E 122 -51.10 40.46 -23.97
N VAL E 123 -50.50 39.97 -25.05
CA VAL E 123 -50.86 40.38 -26.41
C VAL E 123 -51.17 39.19 -27.30
N GLU E 124 -51.29 37.98 -26.74
CA GLU E 124 -51.55 36.80 -27.56
C GLU E 124 -52.95 36.86 -28.16
N GLY E 125 -53.02 36.80 -29.47
CA GLY E 125 -54.28 36.95 -30.18
C GLY E 125 -54.70 38.38 -30.43
N ILE E 126 -53.89 39.36 -30.02
CA ILE E 126 -54.20 40.77 -30.19
C ILE E 126 -53.52 41.25 -31.46
N THR E 127 -54.28 41.86 -32.37
CA THR E 127 -53.75 42.36 -33.63
C THR E 127 -54.09 43.81 -33.90
N GLY E 128 -54.62 44.54 -32.91
CA GLY E 128 -54.93 45.93 -33.10
C GLY E 128 -53.69 46.81 -33.11
N ASN E 129 -53.87 48.03 -33.61
CA ASN E 129 -52.79 49.02 -33.63
C ASN E 129 -52.44 49.38 -32.19
N LEU E 130 -51.28 48.92 -31.73
CA LEU E 130 -50.91 49.07 -30.34
C LEU E 130 -50.81 50.54 -29.93
N PHE E 131 -50.24 51.38 -30.79
CA PHE E 131 -50.03 52.77 -30.44
C PHE E 131 -51.35 53.46 -30.11
N GLU E 132 -52.23 53.61 -31.10
CA GLU E 132 -53.43 54.42 -30.91
C GLU E 132 -54.36 53.82 -29.85
N VAL E 133 -54.45 52.50 -29.79
CA VAL E 133 -55.35 51.87 -28.82
C VAL E 133 -54.80 52.01 -27.40
N TYR E 134 -53.48 51.88 -27.22
CA TYR E 134 -52.91 51.71 -25.90
C TYR E 134 -52.02 52.85 -25.43
N LEU E 135 -50.99 53.21 -26.21
CA LEU E 135 -49.98 54.15 -25.74
C LEU E 135 -50.43 55.60 -25.86
N LYS E 136 -51.08 55.96 -26.96
CA LYS E 136 -51.50 57.34 -27.14
C LYS E 136 -52.52 57.81 -26.11
N PRO E 137 -53.63 57.11 -25.86
CA PRO E 137 -54.58 57.62 -24.86
C PRO E 137 -54.02 57.65 -23.46
N TYR E 138 -53.16 56.71 -23.11
CA TYR E 138 -52.66 56.61 -21.74
C TYR E 138 -51.72 57.75 -21.40
N PHE E 139 -50.85 58.12 -22.34
CA PHE E 139 -49.88 59.19 -22.12
C PHE E 139 -50.30 60.52 -22.74
N LEU E 140 -51.52 60.62 -23.27
CA LEU E 140 -51.99 61.87 -23.86
C LEU E 140 -52.19 62.93 -22.79
N GLU E 141 -51.31 63.94 -22.78
CA GLU E 141 -51.42 65.11 -21.91
C GLU E 141 -51.46 64.72 -20.43
N ALA E 142 -50.81 63.62 -20.07
CA ALA E 142 -50.78 63.16 -18.69
C ALA E 142 -49.46 63.45 -17.99
N TYR E 143 -48.36 63.56 -18.75
CA TYR E 143 -47.04 63.86 -18.20
C TYR E 143 -46.64 62.84 -17.13
N ARG E 144 -46.95 61.57 -17.40
CA ARG E 144 -46.61 60.52 -16.46
C ARG E 144 -45.10 60.29 -16.41
N PRO E 145 -44.50 60.23 -15.23
CA PRO E 145 -43.08 59.92 -15.14
C PRO E 145 -42.81 58.43 -15.28
N ILE E 146 -41.70 58.11 -15.96
CA ILE E 146 -41.34 56.72 -16.27
C ILE E 146 -39.88 56.48 -15.90
N ARG E 147 -39.51 55.21 -15.82
CA ARG E 147 -38.13 54.79 -15.61
C ARG E 147 -37.79 53.69 -16.60
N LYS E 148 -36.51 53.64 -16.98
CA LYS E 148 -35.99 52.58 -17.83
C LYS E 148 -36.20 51.22 -17.18
N GLY E 149 -37.01 50.38 -17.81
CA GLY E 149 -37.34 49.07 -17.29
C GLY E 149 -38.64 49.01 -16.51
N ASP E 150 -39.40 50.10 -16.46
CA ASP E 150 -40.67 50.10 -15.74
C ASP E 150 -41.69 49.20 -16.42
N ILE E 151 -42.57 48.61 -15.60
CA ILE E 151 -43.72 47.84 -16.08
C ILE E 151 -44.98 48.61 -15.72
N PHE E 152 -45.86 48.79 -16.69
CA PHE E 152 -47.11 49.50 -16.48
C PHE E 152 -48.24 48.81 -17.24
N LEU E 153 -49.41 48.77 -16.62
CA LEU E 153 -50.59 48.10 -17.17
C LEU E 153 -51.53 49.14 -17.75
N VAL E 154 -51.90 48.96 -19.03
CA VAL E 154 -52.74 49.90 -19.75
C VAL E 154 -54.02 49.21 -20.16
N ARG E 155 -55.16 49.79 -19.78
CA ARG E 155 -56.45 49.30 -20.24
C ARG E 155 -56.72 49.79 -21.66
N GLY E 156 -57.33 48.91 -22.44
CA GLY E 156 -57.66 49.23 -23.81
C GLY E 156 -57.84 47.98 -24.63
N GLY E 157 -58.47 48.16 -25.79
CA GLY E 157 -58.77 47.02 -26.64
C GLY E 157 -59.70 46.05 -25.98
N MET E 158 -59.47 44.76 -26.22
CA MET E 158 -60.31 43.71 -25.67
C MET E 158 -59.71 43.06 -24.43
N ARG E 159 -58.51 43.46 -24.02
CA ARG E 159 -57.84 42.90 -22.87
C ARG E 159 -56.74 43.86 -22.43
N ALA E 160 -56.52 43.94 -21.12
CA ALA E 160 -55.49 44.82 -20.59
C ALA E 160 -54.11 44.35 -21.00
N VAL E 161 -53.19 45.29 -21.21
CA VAL E 161 -51.86 45.01 -21.72
C VAL E 161 -50.82 45.65 -20.82
N GLU E 162 -49.77 44.89 -20.49
CA GLU E 162 -48.62 45.41 -19.78
C GLU E 162 -47.45 45.58 -20.75
N PHE E 163 -46.70 46.67 -20.55
CA PHE E 163 -45.55 46.99 -21.38
C PHE E 163 -44.30 47.02 -20.52
N LYS E 164 -43.15 46.83 -21.17
CA LYS E 164 -41.85 47.01 -20.54
C LYS E 164 -41.08 48.09 -21.29
N VAL E 165 -40.57 49.08 -20.56
CA VAL E 165 -39.75 50.13 -21.14
C VAL E 165 -38.38 49.53 -21.46
N VAL E 166 -37.90 49.72 -22.68
CA VAL E 166 -36.62 49.16 -23.08
C VAL E 166 -35.55 50.23 -23.25
N GLU E 167 -35.90 51.37 -23.84
CA GLU E 167 -34.96 52.47 -24.02
C GLU E 167 -35.65 53.77 -23.64
N THR E 168 -34.88 54.72 -23.10
CA THR E 168 -35.38 56.05 -22.81
C THR E 168 -34.36 57.09 -23.27
N ASP E 169 -34.87 58.26 -23.64
CA ASP E 169 -34.02 59.39 -24.02
C ASP E 169 -34.54 60.64 -23.32
N PRO E 170 -33.84 61.13 -22.29
CA PRO E 170 -32.62 60.54 -21.75
C PRO E 170 -32.91 59.34 -20.85
N SER E 171 -31.86 58.78 -20.24
CA SER E 171 -31.99 57.61 -19.39
C SER E 171 -31.32 57.87 -18.06
N PRO E 172 -31.86 57.30 -16.96
CA PRO E 172 -33.07 56.48 -16.91
C PRO E 172 -34.35 57.26 -16.61
N TYR E 173 -34.25 58.57 -16.43
CA TYR E 173 -35.40 59.39 -16.03
C TYR E 173 -35.72 60.40 -17.12
N CYS E 174 -37.02 60.54 -17.38
CA CYS E 174 -37.52 61.54 -18.33
C CYS E 174 -39.02 61.70 -18.09
N ILE E 175 -39.58 62.73 -18.73
CA ILE E 175 -41.00 63.05 -18.62
C ILE E 175 -41.66 62.72 -19.95
N VAL E 176 -42.75 61.96 -19.90
CA VAL E 176 -43.49 61.59 -21.11
C VAL E 176 -44.34 62.80 -21.49
N ALA E 177 -43.82 63.63 -22.36
CA ALA E 177 -44.49 64.81 -22.87
C ALA E 177 -45.28 64.46 -24.12
N PRO E 178 -46.27 65.28 -24.48
CA PRO E 178 -47.03 65.00 -25.71
C PRO E 178 -46.19 64.97 -26.98
N ASP E 179 -45.04 65.65 -26.98
CA ASP E 179 -44.12 65.61 -28.11
C ASP E 179 -43.01 64.58 -27.95
N THR E 180 -42.99 63.84 -26.84
CA THR E 180 -42.01 62.78 -26.68
C THR E 180 -42.34 61.60 -27.59
N VAL E 181 -41.33 61.10 -28.30
CA VAL E 181 -41.54 60.05 -29.29
C VAL E 181 -41.72 58.72 -28.56
N ILE E 182 -42.88 58.09 -28.76
CA ILE E 182 -43.19 56.81 -28.15
C ILE E 182 -43.52 55.82 -29.26
N HIS E 183 -42.73 54.74 -29.35
CA HIS E 183 -42.90 53.73 -30.37
C HIS E 183 -42.94 52.35 -29.73
N CYS E 184 -43.60 51.41 -30.42
CA CYS E 184 -43.84 50.08 -29.86
C CYS E 184 -43.35 48.94 -30.74
N GLU E 185 -42.70 49.22 -31.86
CA GLU E 185 -42.19 48.14 -32.72
C GLU E 185 -41.00 47.45 -32.05
N GLY E 186 -40.90 46.16 -32.27
CA GLY E 186 -39.82 45.38 -31.70
C GLY E 186 -40.25 43.96 -31.41
N GLU E 187 -39.30 43.16 -30.95
CA GLU E 187 -39.57 41.76 -30.65
C GLU E 187 -40.33 41.64 -29.32
N PRO E 188 -41.38 40.82 -29.25
CA PRO E 188 -42.14 40.69 -28.01
C PRO E 188 -41.32 40.09 -26.87
N ILE E 189 -41.40 40.72 -25.69
CA ILE E 189 -40.60 40.27 -24.55
C ILE E 189 -41.22 39.03 -23.94
N LYS E 190 -40.40 38.02 -23.69
CA LYS E 190 -40.88 36.76 -23.14
C LYS E 190 -41.23 36.90 -21.65
N ARG E 191 -42.27 36.17 -21.24
CA ARG E 191 -42.69 36.20 -19.84
C ARG E 191 -41.62 35.63 -18.92
N GLU E 192 -40.82 34.69 -19.42
CA GLU E 192 -39.86 34.00 -18.57
C GLU E 192 -38.84 34.97 -17.98
N ASP E 193 -38.37 35.92 -18.78
CA ASP E 193 -37.42 36.91 -18.27
C ASP E 193 -38.04 37.74 -17.15
N GLU E 194 -39.27 38.19 -17.34
CA GLU E 194 -39.93 39.00 -16.31
C GLU E 194 -40.14 38.19 -15.03
N GLU E 195 -40.57 36.93 -15.15
CA GLU E 195 -40.77 36.11 -13.97
C GLU E 195 -39.46 35.84 -13.24
N GLU E 196 -38.39 35.56 -14.00
CA GLU E 196 -37.10 35.33 -13.38
C GLU E 196 -36.60 36.58 -12.66
N SER E 197 -36.81 37.75 -13.26
CA SER E 197 -36.43 39.00 -12.61
C SER E 197 -37.27 39.22 -11.36
N LEU E 198 -38.55 38.83 -11.39
CA LEU E 198 -39.42 39.03 -10.23
C LEU E 198 -39.05 38.11 -9.08
N ASN E 199 -38.74 36.85 -9.35
CA ASN E 199 -38.38 35.89 -8.32
C ASN E 199 -36.89 35.94 -7.96
N GLU E 200 -36.24 37.08 -8.25
CA GLU E 200 -34.84 37.25 -7.90
C GLU E 200 -34.67 37.26 -6.39
N VAL E 201 -33.55 36.70 -5.94
CA VAL E 201 -33.32 36.49 -4.51
C VAL E 201 -32.74 37.76 -3.89
N GLY E 202 -33.10 38.01 -2.64
CA GLY E 202 -32.54 39.10 -1.88
C GLY E 202 -32.14 38.63 -0.49
N TYR E 203 -31.78 39.61 0.35
CA TYR E 203 -31.42 39.26 1.73
C TYR E 203 -32.59 38.66 2.47
N ASP E 204 -33.80 39.19 2.25
CA ASP E 204 -34.96 38.74 3.01
C ASP E 204 -35.27 37.27 2.75
N ASP E 205 -34.81 36.74 1.60
CA ASP E 205 -34.96 35.31 1.35
C ASP E 205 -34.19 34.48 2.36
N ILE E 206 -33.09 35.03 2.88
CA ILE E 206 -32.21 34.27 3.76
C ILE E 206 -32.76 34.29 5.16
N GLY E 207 -32.84 33.11 5.78
CA GLY E 207 -33.32 33.00 7.14
C GLY E 207 -32.48 32.05 7.98
N GLY E 208 -32.46 32.27 9.29
CA GLY E 208 -31.68 31.45 10.19
C GLY E 208 -30.22 31.81 10.27
N CYS E 209 -29.79 32.84 9.54
CA CYS E 209 -28.40 33.26 9.51
C CYS E 209 -28.27 34.77 9.64
N ARG E 210 -29.07 35.37 10.54
CA ARG E 210 -29.05 36.82 10.68
C ARG E 210 -27.69 37.30 11.16
N LYS E 211 -27.07 36.59 12.10
CA LYS E 211 -25.73 36.95 12.54
C LYS E 211 -24.73 36.84 11.39
N GLN E 212 -24.82 35.76 10.62
CA GLN E 212 -23.94 35.59 9.47
C GLN E 212 -24.23 36.63 8.39
N LEU E 213 -25.51 36.98 8.21
CA LEU E 213 -25.85 38.03 7.27
C LEU E 213 -25.24 39.36 7.68
N ALA E 214 -25.31 39.69 8.97
CA ALA E 214 -24.70 40.92 9.46
C ALA E 214 -23.20 40.90 9.25
N GLN E 215 -22.56 39.77 9.54
CA GLN E 215 -21.13 39.65 9.31
C GLN E 215 -20.79 39.89 7.85
N ILE E 216 -21.52 39.24 6.94
CA ILE E 216 -21.24 39.39 5.51
C ILE E 216 -21.47 40.83 5.07
N LYS E 217 -22.55 41.46 5.54
CA LYS E 217 -22.82 42.84 5.16
C LYS E 217 -21.70 43.77 5.62
N GLU E 218 -21.32 43.67 6.90
CA GLU E 218 -20.29 44.57 7.42
C GLU E 218 -18.91 44.23 6.86
N MET E 219 -18.76 43.04 6.27
CA MET E 219 -17.47 42.69 5.68
C MET E 219 -17.38 43.07 4.22
N VAL E 220 -18.53 43.16 3.53
CA VAL E 220 -18.56 43.35 2.07
C VAL E 220 -19.21 44.67 1.68
N GLU E 221 -20.46 44.88 2.08
CA GLU E 221 -21.22 46.02 1.57
C GLU E 221 -20.73 47.34 2.17
N LEU E 222 -20.50 47.36 3.48
CA LEU E 222 -20.08 48.59 4.14
C LEU E 222 -18.74 49.12 3.62
N PRO E 223 -17.68 48.31 3.45
CA PRO E 223 -16.44 48.86 2.88
C PRO E 223 -16.63 49.38 1.46
N LEU E 224 -17.33 48.64 0.61
CA LEU E 224 -17.52 49.08 -0.77
C LEU E 224 -18.37 50.34 -0.83
N ARG E 225 -19.38 50.45 0.04
CA ARG E 225 -20.24 51.62 0.00
C ARG E 225 -19.53 52.86 0.55
N HIS E 226 -18.82 52.72 1.67
CA HIS E 226 -18.22 53.85 2.37
C HIS E 226 -16.78 53.53 2.73
N PRO E 227 -15.87 53.57 1.74
CA PRO E 227 -14.46 53.29 2.05
C PRO E 227 -13.83 54.36 2.92
N ALA E 228 -14.29 55.61 2.81
CA ALA E 228 -13.74 56.69 3.63
C ALA E 228 -14.01 56.45 5.11
N LEU E 229 -15.17 55.86 5.42
CA LEU E 229 -15.53 55.62 6.82
C LEU E 229 -14.49 54.72 7.48
N PHE E 230 -13.98 53.75 6.73
CA PHE E 230 -12.85 52.98 7.22
C PHE E 230 -11.56 53.80 7.15
N LYS E 231 -11.42 54.63 6.12
CA LYS E 231 -10.14 55.29 5.88
C LYS E 231 -9.77 56.22 7.03
N GLU E 232 -10.75 56.98 7.55
CA GLU E 232 -10.44 57.95 8.59
C GLU E 232 -9.97 57.28 9.88
N ILE E 233 -10.63 56.19 10.29
CA ILE E 233 -10.20 55.46 11.47
C ILE E 233 -8.90 54.69 11.24
N GLY E 234 -8.59 54.35 10.00
CA GLY E 234 -7.29 53.76 9.69
C GLY E 234 -7.24 52.25 9.82
N VAL E 235 -8.21 51.54 9.23
CA VAL E 235 -8.19 50.09 9.15
C VAL E 235 -8.58 49.68 7.74
N LYS E 236 -7.83 48.73 7.18
CA LYS E 236 -8.10 48.26 5.84
C LYS E 236 -9.32 47.33 5.83
N PRO E 237 -10.12 47.33 4.78
CA PRO E 237 -11.26 46.41 4.68
C PRO E 237 -10.79 44.98 4.58
N PRO E 238 -11.64 44.00 4.90
CA PRO E 238 -11.24 42.60 4.78
C PRO E 238 -11.28 42.13 3.34
N ARG E 239 -10.16 41.59 2.86
CA ARG E 239 -9.99 41.34 1.45
C ARG E 239 -10.49 39.97 1.02
N GLY E 240 -10.53 39.00 1.92
CA GLY E 240 -11.03 37.69 1.59
C GLY E 240 -11.95 37.13 2.64
N ILE E 241 -13.15 36.73 2.25
CA ILE E 241 -14.12 36.10 3.15
C ILE E 241 -14.37 34.69 2.66
N LEU E 242 -14.23 33.72 3.56
CA LEU E 242 -14.51 32.33 3.25
C LEU E 242 -15.81 31.93 3.92
N LEU E 243 -16.77 31.45 3.13
CA LEU E 243 -18.04 30.92 3.63
C LEU E 243 -17.94 29.40 3.60
N TYR E 244 -17.97 28.77 4.76
CA TYR E 244 -17.84 27.32 4.83
C TYR E 244 -18.97 26.75 5.69
N GLY E 245 -19.42 25.56 5.35
CA GLY E 245 -20.46 24.89 6.08
C GLY E 245 -20.92 23.62 5.40
N PRO E 246 -21.78 22.86 6.07
CA PRO E 246 -22.33 21.64 5.46
C PRO E 246 -23.21 21.98 4.27
N PRO E 247 -23.43 21.03 3.36
CA PRO E 247 -24.28 21.30 2.20
C PRO E 247 -25.70 21.69 2.58
N GLY E 248 -26.27 22.67 1.87
CA GLY E 248 -27.64 23.09 2.08
C GLY E 248 -27.81 24.30 2.98
N THR E 249 -26.75 24.79 3.62
CA THR E 249 -26.93 25.84 4.63
C THR E 249 -27.26 27.19 4.00
N GLY E 250 -26.87 27.40 2.75
CA GLY E 250 -27.25 28.64 2.09
C GLY E 250 -26.09 29.55 1.76
N LYS E 251 -24.93 28.97 1.49
CA LYS E 251 -23.76 29.78 1.14
C LYS E 251 -23.93 30.45 -0.22
N THR E 252 -24.17 29.66 -1.26
CA THR E 252 -24.36 30.26 -2.57
C THR E 252 -25.67 31.03 -2.64
N LEU E 253 -26.59 30.77 -1.70
CA LEU E 253 -27.76 31.63 -1.59
C LEU E 253 -27.37 33.02 -1.09
N ILE E 254 -26.44 33.08 -0.13
CA ILE E 254 -25.88 34.38 0.27
C ILE E 254 -25.19 35.04 -0.91
N ALA E 255 -24.46 34.25 -1.71
CA ALA E 255 -23.81 34.81 -2.88
C ALA E 255 -24.82 35.38 -3.87
N ARG E 256 -25.91 34.65 -4.11
CA ARG E 256 -26.95 35.16 -5.00
C ARG E 256 -27.57 36.43 -4.47
N ALA E 257 -27.86 36.47 -3.17
CA ALA E 257 -28.45 37.67 -2.58
C ALA E 257 -27.50 38.87 -2.71
N VAL E 258 -26.21 38.66 -2.45
CA VAL E 258 -25.25 39.75 -2.59
C VAL E 258 -25.17 40.21 -4.04
N ALA E 259 -25.05 39.27 -4.97
CA ALA E 259 -24.96 39.63 -6.38
C ALA E 259 -26.20 40.37 -6.85
N ASN E 260 -27.35 40.07 -6.24
CA ASN E 260 -28.59 40.69 -6.67
C ASN E 260 -28.79 42.07 -6.04
N GLU E 261 -28.26 42.29 -4.84
CA GLU E 261 -28.49 43.55 -4.14
C GLU E 261 -27.23 44.30 -3.72
N THR E 262 -26.09 44.08 -4.38
CA THR E 262 -24.93 44.91 -4.12
C THR E 262 -24.84 46.02 -5.16
N GLY E 263 -24.16 47.11 -4.79
CA GLY E 263 -23.92 48.18 -5.75
C GLY E 263 -22.71 47.90 -6.64
N ALA E 264 -21.70 47.24 -6.10
CA ALA E 264 -20.47 47.01 -6.84
C ALA E 264 -20.67 45.92 -7.89
N PHE E 265 -19.86 45.99 -8.94
CA PHE E 265 -19.91 45.00 -10.01
C PHE E 265 -19.55 43.62 -9.47
N PHE E 266 -20.28 42.60 -9.91
CA PHE E 266 -20.15 41.25 -9.38
C PHE E 266 -19.56 40.34 -10.45
N PHE E 267 -18.48 39.65 -10.11
CA PHE E 267 -17.86 38.67 -10.98
C PHE E 267 -17.95 37.30 -10.32
N LEU E 268 -18.40 36.30 -11.08
CA LEU E 268 -18.60 34.96 -10.57
C LEU E 268 -17.56 34.02 -11.16
N ILE E 269 -16.91 33.24 -10.30
CA ILE E 269 -15.94 32.25 -10.72
C ILE E 269 -16.38 30.89 -10.18
N ASN E 270 -16.51 29.91 -11.08
CA ASN E 270 -16.70 28.52 -10.70
C ASN E 270 -15.36 27.82 -10.87
N GLY E 271 -14.90 27.13 -9.80
CA GLY E 271 -13.59 26.53 -9.78
C GLY E 271 -13.23 25.69 -10.98
N PRO E 272 -13.97 24.62 -11.27
CA PRO E 272 -13.62 23.78 -12.44
C PRO E 272 -13.70 24.51 -13.76
N GLU E 273 -14.47 25.60 -13.84
CA GLU E 273 -14.57 26.35 -15.09
C GLU E 273 -13.25 26.99 -15.48
N ILE E 274 -12.35 27.17 -14.51
CA ILE E 274 -11.05 27.79 -14.78
C ILE E 274 -10.23 26.92 -15.72
N MET E 275 -10.39 25.60 -15.64
CA MET E 275 -9.57 24.68 -16.41
C MET E 275 -9.67 24.97 -17.91
N SER E 276 -8.53 24.86 -18.59
CA SER E 276 -8.48 25.00 -20.04
C SER E 276 -7.45 24.04 -20.61
N LYS E 277 -7.68 23.62 -21.86
CA LYS E 277 -6.79 22.65 -22.49
C LYS E 277 -5.44 23.24 -22.85
N LEU E 278 -5.44 24.48 -23.35
CA LEU E 278 -4.20 25.11 -23.78
C LEU E 278 -3.24 25.26 -22.61
N ALA E 279 -1.95 25.11 -22.89
CA ALA E 279 -0.96 25.14 -21.83
C ALA E 279 -0.93 26.49 -21.14
N GLY E 280 -1.20 26.49 -19.83
CA GLY E 280 -1.11 27.69 -19.03
C GLY E 280 -2.30 28.62 -19.10
N GLU E 281 -3.36 28.26 -19.83
CA GLU E 281 -4.46 29.19 -20.03
C GLU E 281 -5.36 29.28 -18.81
N SER E 282 -5.29 28.31 -17.90
CA SER E 282 -6.15 28.35 -16.72
C SER E 282 -5.68 29.39 -15.70
N GLU E 283 -4.36 29.45 -15.46
CA GLU E 283 -3.83 30.52 -14.64
C GLU E 283 -4.11 31.87 -15.27
N SER E 284 -4.00 31.96 -16.59
CA SER E 284 -4.33 33.20 -17.27
C SER E 284 -5.81 33.52 -17.13
N ASN E 285 -6.66 32.50 -17.00
CA ASN E 285 -8.09 32.75 -16.81
C ASN E 285 -8.35 33.34 -15.42
N LEU E 286 -7.71 32.77 -14.39
CA LEU E 286 -7.80 33.38 -13.06
C LEU E 286 -7.29 34.81 -13.10
N ARG E 287 -6.14 35.02 -13.74
CA ARG E 287 -5.55 36.34 -13.84
C ARG E 287 -6.49 37.32 -14.54
N LYS E 288 -7.06 36.92 -15.68
CA LYS E 288 -7.95 37.78 -16.45
C LYS E 288 -9.22 38.08 -15.68
N ALA E 289 -9.72 37.11 -14.91
CA ALA E 289 -10.86 37.40 -14.05
C ALA E 289 -10.51 38.48 -13.04
N PHE E 290 -9.33 38.39 -12.45
CA PHE E 290 -8.94 39.40 -11.47
C PHE E 290 -8.77 40.78 -12.11
N GLU E 291 -8.17 40.85 -13.31
CA GLU E 291 -8.06 42.17 -13.95
C GLU E 291 -9.39 42.67 -14.48
N GLU E 292 -10.32 41.78 -14.80
CA GLU E 292 -11.67 42.23 -15.11
C GLU E 292 -12.33 42.84 -13.89
N ALA E 293 -12.07 42.27 -12.71
CA ALA E 293 -12.47 42.93 -11.47
C ALA E 293 -11.73 44.25 -11.28
N GLU E 294 -10.49 44.33 -11.77
CA GLU E 294 -9.72 45.55 -11.57
C GLU E 294 -10.34 46.71 -12.33
N LYS E 295 -10.64 46.48 -13.61
CA LYS E 295 -11.16 47.55 -14.45
C LYS E 295 -12.49 48.06 -13.93
N ASN E 296 -13.36 47.14 -13.49
CA ASN E 296 -14.66 47.51 -12.92
C ASN E 296 -14.57 47.53 -11.39
N ALA E 297 -13.74 48.43 -10.89
CA ALA E 297 -13.59 48.59 -9.45
C ALA E 297 -14.56 49.65 -8.95
N PRO E 298 -15.17 49.46 -7.76
CA PRO E 298 -15.03 48.31 -6.89
C PRO E 298 -15.75 47.08 -7.42
N ALA E 299 -15.32 45.89 -7.02
CA ALA E 299 -15.88 44.66 -7.56
C ALA E 299 -15.89 43.59 -6.47
N ILE E 300 -16.72 42.57 -6.70
CA ILE E 300 -16.79 41.40 -5.84
C ILE E 300 -16.55 40.18 -6.70
N ILE E 301 -15.66 39.30 -6.25
CA ILE E 301 -15.38 38.04 -6.91
C ILE E 301 -15.87 36.91 -6.02
N PHE E 302 -16.70 36.03 -6.58
CA PHE E 302 -17.18 34.85 -5.86
C PHE E 302 -16.57 33.61 -6.49
N ILE E 303 -15.86 32.83 -5.70
CA ILE E 303 -15.18 31.62 -6.17
C ILE E 303 -15.93 30.44 -5.56
N ASP E 304 -16.91 29.92 -6.28
CA ASP E 304 -17.68 28.79 -5.79
C ASP E 304 -16.85 27.51 -5.84
N GLU E 305 -17.08 26.63 -4.87
CA GLU E 305 -16.34 25.38 -4.74
C GLU E 305 -14.83 25.64 -4.75
N LEU E 306 -14.37 26.36 -3.73
CA LEU E 306 -12.96 26.73 -3.69
C LEU E 306 -12.07 25.50 -3.58
N ASP E 307 -12.55 24.43 -2.95
CA ASP E 307 -11.74 23.23 -2.81
C ASP E 307 -11.48 22.55 -4.15
N ALA E 308 -12.26 22.92 -5.18
CA ALA E 308 -12.02 22.34 -6.50
C ALA E 308 -10.67 22.77 -7.05
N ILE E 309 -10.29 24.03 -6.84
CA ILE E 309 -9.05 24.56 -7.41
C ILE E 309 -7.99 24.88 -6.37
N ALA E 310 -8.28 24.72 -5.08
CA ALA E 310 -7.35 25.08 -4.02
C ALA E 310 -7.15 23.91 -3.07
N PRO E 311 -6.52 22.83 -3.54
CA PRO E 311 -6.16 21.73 -2.63
C PRO E 311 -4.81 21.98 -1.99
N LYS E 312 -4.41 21.06 -1.14
CA LYS E 312 -3.10 21.15 -0.51
C LYS E 312 -2.01 20.87 -1.54
N ARG E 313 -1.12 21.84 -1.75
CA ARG E 313 -0.04 21.65 -2.71
C ARG E 313 0.94 20.57 -2.24
N GLU E 314 0.96 20.29 -0.94
CA GLU E 314 1.76 19.17 -0.46
C GLU E 314 1.18 17.84 -0.91
N LYS E 315 -0.11 17.82 -1.24
CA LYS E 315 -0.80 16.59 -1.62
C LYS E 315 -1.23 16.55 -3.07
N THR E 316 -0.87 17.56 -3.87
CA THR E 316 -1.26 17.62 -5.27
C THR E 316 -0.22 16.93 -6.13
N HIS E 317 -0.69 16.05 -7.02
CA HIS E 317 0.18 15.32 -7.94
C HIS E 317 0.17 15.89 -9.34
N GLY E 318 -0.42 17.06 -9.55
CA GLY E 318 -0.49 17.65 -10.88
C GLY E 318 0.16 19.01 -10.98
N GLU E 319 0.89 19.25 -12.07
CA GLU E 319 1.64 20.51 -12.19
C GLU E 319 0.72 21.70 -12.40
N VAL E 320 -0.31 21.55 -13.25
CA VAL E 320 -1.17 22.68 -13.57
C VAL E 320 -1.98 23.11 -12.36
N GLU E 321 -2.50 22.16 -11.59
CA GLU E 321 -3.23 22.50 -10.38
C GLU E 321 -2.36 23.22 -9.37
N ARG E 322 -1.12 22.77 -9.20
CA ARG E 322 -0.21 23.45 -8.29
C ARG E 322 0.09 24.87 -8.76
N ARG E 323 0.30 25.04 -10.06
CA ARG E 323 0.50 26.38 -10.61
C ARG E 323 -0.72 27.24 -10.36
N ILE E 324 -1.92 26.67 -10.47
CA ILE E 324 -3.14 27.44 -10.26
C ILE E 324 -3.25 27.89 -8.80
N VAL E 325 -2.95 26.99 -7.87
CA VAL E 325 -2.99 27.38 -6.46
C VAL E 325 -2.00 28.50 -6.17
N SER E 326 -0.77 28.37 -6.70
CA SER E 326 0.22 29.41 -6.47
C SER E 326 -0.18 30.73 -7.11
N GLN E 327 -0.79 30.67 -8.30
CA GLN E 327 -1.25 31.88 -8.97
C GLN E 327 -2.35 32.55 -8.16
N LEU E 328 -3.26 31.76 -7.58
CA LEU E 328 -4.29 32.31 -6.72
C LEU E 328 -3.68 32.94 -5.48
N LEU E 329 -2.65 32.32 -4.91
CA LEU E 329 -1.97 32.91 -3.75
C LEU E 329 -1.34 34.25 -4.11
N THR E 330 -0.70 34.34 -5.28
CA THR E 330 -0.12 35.60 -5.70
C THR E 330 -1.18 36.68 -5.89
N LEU E 331 -2.30 36.31 -6.51
CA LEU E 331 -3.39 37.27 -6.68
C LEU E 331 -3.93 37.74 -5.33
N MET E 332 -4.07 36.82 -4.38
CA MET E 332 -4.59 37.20 -3.08
C MET E 332 -3.62 38.11 -2.35
N ASP E 333 -2.32 37.85 -2.48
CA ASP E 333 -1.32 38.74 -1.91
C ASP E 333 -1.36 40.12 -2.54
N GLY E 334 -1.54 40.21 -3.86
CA GLY E 334 -1.67 41.51 -4.49
C GLY E 334 -3.01 42.20 -4.26
N LEU E 335 -3.99 41.46 -3.74
CA LEU E 335 -5.32 42.05 -3.52
C LEU E 335 -5.23 43.28 -2.63
N LYS E 336 -4.21 43.34 -1.78
CA LYS E 336 -3.94 44.58 -1.05
C LYS E 336 -3.55 45.71 -2.00
N GLN E 337 -2.75 45.39 -3.02
CA GLN E 337 -2.42 46.40 -4.03
C GLN E 337 -3.66 46.87 -4.77
N ARG E 338 -4.64 45.96 -4.92
CA ARG E 338 -5.87 46.34 -5.63
C ARG E 338 -6.65 47.45 -4.93
N ALA E 339 -6.83 47.33 -3.62
CA ALA E 339 -7.40 48.33 -2.72
C ALA E 339 -8.91 48.50 -2.86
N HIS E 340 -9.57 47.85 -3.83
CA HIS E 340 -11.01 48.01 -3.99
C HIS E 340 -11.71 46.72 -4.42
N VAL E 341 -11.11 45.56 -4.25
CA VAL E 341 -11.68 44.30 -4.67
C VAL E 341 -11.81 43.39 -3.46
N ILE E 342 -12.97 42.77 -3.31
CA ILE E 342 -13.24 41.83 -2.23
C ILE E 342 -13.63 40.49 -2.86
N VAL E 343 -13.02 39.41 -2.37
CA VAL E 343 -13.24 38.08 -2.91
C VAL E 343 -13.92 37.22 -1.85
N MET E 344 -14.95 36.50 -2.25
CA MET E 344 -15.61 35.52 -1.39
C MET E 344 -15.39 34.12 -1.96
N ALA E 345 -15.55 33.12 -1.09
CA ALA E 345 -15.42 31.73 -1.49
C ALA E 345 -16.35 30.88 -0.64
N ALA E 346 -16.93 29.86 -1.28
CA ALA E 346 -17.82 28.92 -0.62
C ALA E 346 -17.27 27.52 -0.82
N THR E 347 -17.19 26.75 0.27
CA THR E 347 -16.63 25.41 0.22
C THR E 347 -17.34 24.51 1.23
N ASN E 348 -17.62 23.28 0.82
CA ASN E 348 -18.23 22.32 1.73
C ASN E 348 -17.21 21.74 2.70
N ARG E 349 -15.97 21.63 2.27
CA ARG E 349 -14.88 21.12 3.11
C ARG E 349 -13.80 22.18 3.22
N PRO E 350 -13.86 23.06 4.22
CA PRO E 350 -12.79 24.06 4.38
C PRO E 350 -11.45 23.44 4.75
N ASN E 351 -11.46 22.22 5.28
CA ASN E 351 -10.22 21.60 5.75
C ASN E 351 -9.32 21.20 4.59
N SER E 352 -9.91 20.96 3.42
CA SER E 352 -9.10 20.51 2.28
C SER E 352 -8.36 21.68 1.64
N ILE E 353 -8.80 22.91 1.88
CA ILE E 353 -8.14 24.07 1.29
C ILE E 353 -6.73 24.17 1.84
N ASP E 354 -5.80 24.62 0.99
CA ASP E 354 -4.41 24.76 1.41
C ASP E 354 -4.32 25.81 2.51
N PRO E 355 -3.62 25.52 3.61
CA PRO E 355 -3.60 26.48 4.74
C PRO E 355 -2.99 27.82 4.36
N ALA E 356 -2.14 27.86 3.34
CA ALA E 356 -1.57 29.13 2.91
C ALA E 356 -2.66 30.10 2.47
N LEU E 357 -3.77 29.58 1.95
CA LEU E 357 -4.87 30.44 1.54
C LEU E 357 -5.72 30.88 2.73
N ARG E 358 -5.45 30.34 3.91
CA ARG E 358 -6.14 30.74 5.13
C ARG E 358 -5.27 31.58 6.05
N ARG E 359 -4.09 31.97 5.60
CA ARG E 359 -3.21 32.84 6.38
C ARG E 359 -3.78 34.26 6.41
N PHE E 360 -3.43 34.98 7.48
CA PHE E 360 -3.88 36.37 7.63
C PHE E 360 -3.45 37.20 6.42
N GLY E 361 -4.44 37.82 5.78
CA GLY E 361 -4.25 38.49 4.52
C GLY E 361 -4.79 37.74 3.32
N ARG E 362 -5.09 36.45 3.49
CA ARG E 362 -5.72 35.63 2.45
C ARG E 362 -6.87 34.88 3.08
N PHE E 363 -8.10 35.23 2.71
CA PHE E 363 -9.29 34.66 3.34
C PHE E 363 -9.18 34.72 4.86
N ASP E 364 -8.71 35.87 5.35
CA ASP E 364 -8.36 35.98 6.75
C ASP E 364 -9.57 35.84 7.66
N ARG E 365 -10.70 36.43 7.29
CA ARG E 365 -11.92 36.35 8.09
C ARG E 365 -12.84 35.29 7.50
N GLU E 366 -13.15 34.28 8.29
CA GLU E 366 -13.95 33.14 7.86
C GLU E 366 -15.33 33.23 8.50
N VAL E 367 -16.38 33.11 7.68
CA VAL E 367 -17.76 33.12 8.14
C VAL E 367 -18.28 31.70 8.08
N ASP E 368 -18.83 31.22 9.19
CA ASP E 368 -19.37 29.86 9.29
C ASP E 368 -20.89 29.93 9.19
N ILE E 369 -21.42 29.42 8.08
CA ILE E 369 -22.86 29.31 7.90
C ILE E 369 -23.29 27.96 8.48
N GLY E 370 -24.07 28.01 9.55
CA GLY E 370 -24.37 26.83 10.34
C GLY E 370 -25.81 26.38 10.22
N ILE E 371 -26.12 25.30 10.93
CA ILE E 371 -27.47 24.72 10.93
C ILE E 371 -28.42 25.64 11.68
N PRO E 372 -29.56 26.01 11.11
CA PRO E 372 -30.48 26.91 11.82
C PRO E 372 -31.07 26.26 13.07
N ASP E 373 -31.42 27.09 14.04
CA ASP E 373 -32.13 26.65 15.23
C ASP E 373 -33.63 26.63 14.96
N ALA E 374 -34.41 26.49 16.04
CA ALA E 374 -35.86 26.41 15.89
C ALA E 374 -36.44 27.69 15.30
N THR E 375 -36.00 28.84 15.79
CA THR E 375 -36.48 30.10 15.24
C THR E 375 -35.93 30.34 13.83
N GLY E 376 -34.70 29.91 13.57
CA GLY E 376 -34.18 29.98 12.23
C GLY E 376 -34.96 29.12 11.25
N ARG E 377 -35.30 27.90 11.67
CA ARG E 377 -36.09 27.03 10.81
C ARG E 377 -37.49 27.59 10.60
N LEU E 378 -38.05 28.23 11.62
CA LEU E 378 -39.34 28.90 11.43
C LEU E 378 -39.23 30.01 10.39
N GLU E 379 -38.16 30.81 10.46
CA GLU E 379 -37.96 31.86 9.48
C GLU E 379 -37.84 31.29 8.08
N ILE E 380 -37.05 30.22 7.93
CA ILE E 380 -36.85 29.62 6.61
C ILE E 380 -38.15 29.07 6.06
N LEU E 381 -38.93 28.40 6.91
CA LEU E 381 -40.21 27.87 6.46
C LEU E 381 -41.17 28.98 6.04
N GLN E 382 -41.22 30.07 6.82
CA GLN E 382 -42.06 31.19 6.44
C GLN E 382 -41.62 31.79 5.11
N ILE E 383 -40.31 31.87 4.88
CA ILE E 383 -39.80 32.40 3.62
C ILE E 383 -40.21 31.52 2.46
N HIS E 384 -40.07 30.20 2.60
CA HIS E 384 -40.42 29.31 1.49
C HIS E 384 -41.94 29.18 1.31
N THR E 385 -42.71 29.57 2.31
CA THR E 385 -44.17 29.52 2.17
C THR E 385 -44.78 30.87 1.82
N LYS E 386 -43.97 31.87 1.45
CA LYS E 386 -44.54 33.17 1.12
C LYS E 386 -45.31 33.13 -0.19
N ASN E 387 -44.84 32.34 -1.17
CA ASN E 387 -45.59 32.18 -2.42
C ASN E 387 -46.59 31.04 -2.30
N MET E 388 -46.36 30.12 -1.37
CA MET E 388 -47.28 29.01 -1.17
C MET E 388 -48.61 29.53 -0.63
N LYS E 389 -49.69 28.83 -1.00
CA LYS E 389 -50.99 29.15 -0.43
C LYS E 389 -51.30 28.16 0.69
N LEU E 390 -51.75 28.68 1.82
CA LEU E 390 -51.94 27.88 3.03
C LEU E 390 -53.36 28.06 3.56
N ALA E 391 -53.84 27.04 4.26
CA ALA E 391 -55.11 27.14 4.95
C ALA E 391 -54.95 27.85 6.29
N ASP E 392 -55.97 27.74 7.14
CA ASP E 392 -55.91 28.38 8.45
C ASP E 392 -55.37 27.42 9.50
N ASP E 393 -55.47 26.12 9.25
CA ASP E 393 -55.04 25.14 10.26
C ASP E 393 -53.52 25.07 10.36
N VAL E 394 -52.81 25.56 9.33
CA VAL E 394 -51.35 25.42 9.31
C VAL E 394 -50.72 26.32 10.37
N ASP E 395 -49.76 25.75 11.10
CA ASP E 395 -48.98 26.48 12.10
C ASP E 395 -47.52 26.10 11.89
N LEU E 396 -46.73 27.03 11.36
CA LEU E 396 -45.37 26.69 10.94
C LEU E 396 -44.43 26.57 12.12
N GLU E 397 -44.83 27.10 13.29
CA GLU E 397 -43.98 26.97 14.47
C GLU E 397 -43.82 25.53 14.89
N GLN E 398 -44.92 24.76 14.87
CA GLN E 398 -44.83 23.33 15.18
C GLN E 398 -43.97 22.61 14.15
N VAL E 399 -44.12 22.96 12.87
CA VAL E 399 -43.32 22.33 11.83
C VAL E 399 -41.84 22.59 12.05
N ALA E 400 -41.49 23.83 12.38
CA ALA E 400 -40.09 24.14 12.67
C ALA E 400 -39.60 23.41 13.91
N ASN E 401 -40.49 23.19 14.87
CA ASN E 401 -40.09 22.42 16.05
C ASN E 401 -39.82 20.96 15.70
N GLU E 402 -40.62 20.37 14.81
CA GLU E 402 -40.47 18.95 14.51
C GLU E 402 -39.23 18.68 13.67
N THR E 403 -38.81 19.64 12.84
CA THR E 403 -37.59 19.52 12.06
C THR E 403 -36.42 19.85 12.97
N HIS E 404 -35.77 18.79 13.49
CA HIS E 404 -34.73 18.99 14.50
C HIS E 404 -33.36 19.23 13.87
N GLY E 405 -32.98 18.44 12.88
CA GLY E 405 -31.67 18.58 12.30
C GLY E 405 -31.67 19.09 10.88
N HIS E 406 -32.84 19.48 10.39
CA HIS E 406 -32.99 19.85 8.99
C HIS E 406 -32.32 21.19 8.70
N VAL E 407 -31.57 21.21 7.60
CA VAL E 407 -30.92 22.41 7.09
C VAL E 407 -31.90 23.05 6.11
N GLY E 408 -31.69 24.32 5.75
CA GLY E 408 -32.67 25.05 4.94
C GLY E 408 -33.06 24.34 3.66
N ALA E 409 -32.10 23.67 3.01
CA ALA E 409 -32.42 22.90 1.82
C ALA E 409 -33.40 21.77 2.14
N ASP E 410 -33.22 21.12 3.29
CA ASP E 410 -34.15 20.08 3.71
C ASP E 410 -35.54 20.64 3.96
N LEU E 411 -35.61 21.85 4.52
CA LEU E 411 -36.91 22.50 4.74
C LEU E 411 -37.60 22.82 3.42
N ALA E 412 -36.84 23.28 2.44
CA ALA E 412 -37.42 23.52 1.12
C ALA E 412 -37.92 22.22 0.51
N ALA E 413 -37.15 21.13 0.67
CA ALA E 413 -37.61 19.83 0.20
C ALA E 413 -38.90 19.41 0.90
N LEU E 414 -39.01 19.70 2.19
CA LEU E 414 -40.22 19.38 2.93
C LEU E 414 -41.42 20.15 2.38
N CYS E 415 -41.25 21.44 2.10
CA CYS E 415 -42.35 22.22 1.54
C CYS E 415 -42.76 21.70 0.17
N SER E 416 -41.78 21.36 -0.67
CA SER E 416 -42.12 20.82 -1.99
C SER E 416 -42.85 19.49 -1.88
N GLU E 417 -42.40 18.63 -0.97
CA GLU E 417 -43.08 17.34 -0.79
C GLU E 417 -44.51 17.53 -0.30
N ALA E 418 -44.72 18.49 0.60
CA ALA E 418 -46.07 18.74 1.09
C ALA E 418 -46.98 19.27 -0.02
N ALA E 419 -46.46 20.17 -0.85
CA ALA E 419 -47.25 20.64 -1.98
C ALA E 419 -47.57 19.50 -2.94
N LEU E 420 -46.61 18.62 -3.20
CA LEU E 420 -46.88 17.48 -4.05
C LEU E 420 -47.89 16.53 -3.42
N GLN E 421 -47.91 16.46 -2.09
CA GLN E 421 -48.91 15.64 -1.41
C GLN E 421 -50.31 16.21 -1.58
N ALA E 422 -50.43 17.54 -1.51
CA ALA E 422 -51.73 18.16 -1.79
C ALA E 422 -52.15 17.91 -3.24
N ILE E 423 -51.18 17.98 -4.16
CA ILE E 423 -51.46 17.65 -5.55
C ILE E 423 -51.93 16.20 -5.68
N ARG E 424 -51.32 15.29 -4.92
CA ARG E 424 -51.78 13.91 -4.90
C ARG E 424 -53.21 13.81 -4.40
N LYS E 425 -53.54 14.57 -3.36
CA LYS E 425 -54.90 14.55 -2.83
C LYS E 425 -55.90 15.00 -3.88
N LYS E 426 -55.53 15.97 -4.71
CA LYS E 426 -56.39 16.42 -5.79
C LYS E 426 -56.28 15.56 -7.05
N MET E 427 -55.33 14.63 -7.10
CA MET E 427 -55.13 13.82 -8.29
C MET E 427 -56.30 12.88 -8.54
N ASP E 428 -57.15 12.65 -7.54
CA ASP E 428 -58.35 11.87 -7.77
C ASP E 428 -59.29 12.59 -8.73
N LEU E 429 -59.36 13.91 -8.63
CA LEU E 429 -60.21 14.68 -9.54
C LEU E 429 -59.46 15.07 -10.80
N ILE E 430 -58.18 15.38 -10.69
CA ILE E 430 -57.40 15.79 -11.85
C ILE E 430 -56.98 14.57 -12.66
N ASP E 431 -56.89 14.75 -13.97
CA ASP E 431 -56.51 13.68 -14.89
C ASP E 431 -55.26 14.09 -15.67
N LEU E 432 -54.24 13.22 -15.63
CA LEU E 432 -52.99 13.52 -16.31
C LEU E 432 -53.19 13.60 -17.83
N GLU E 433 -53.99 12.69 -18.38
CA GLU E 433 -54.17 12.65 -19.84
C GLU E 433 -55.00 13.81 -20.36
N ASP E 434 -55.65 14.57 -19.49
CA ASP E 434 -56.53 15.65 -19.94
C ASP E 434 -55.73 16.75 -20.61
N GLU E 435 -56.34 17.35 -21.64
CA GLU E 435 -55.69 18.45 -22.34
C GLU E 435 -55.76 19.75 -21.54
N THR E 436 -56.80 19.89 -20.73
CA THR E 436 -57.01 21.10 -19.94
C THR E 436 -57.37 20.71 -18.50
N ILE E 437 -57.24 21.68 -17.60
CA ILE E 437 -57.55 21.50 -16.19
C ILE E 437 -58.72 22.39 -15.82
N ASP E 438 -59.66 21.85 -15.05
CA ASP E 438 -60.81 22.62 -14.62
C ASP E 438 -60.39 23.74 -13.66
N ALA E 439 -61.11 24.86 -13.72
CA ALA E 439 -60.77 25.99 -12.87
C ALA E 439 -61.19 25.76 -11.42
N GLU E 440 -62.36 25.16 -11.21
CA GLU E 440 -62.85 24.96 -9.85
C GLU E 440 -61.96 24.01 -9.06
N VAL E 441 -61.50 22.94 -9.70
CA VAL E 441 -60.60 22.01 -9.03
C VAL E 441 -59.28 22.69 -8.71
N MET E 442 -58.80 23.55 -9.61
CA MET E 442 -57.56 24.28 -9.36
C MET E 442 -57.72 25.24 -8.19
N ASN E 443 -58.87 25.92 -8.10
CA ASN E 443 -59.07 26.90 -7.04
C ASN E 443 -59.28 26.21 -5.70
N SER E 444 -59.93 25.04 -5.70
CA SER E 444 -60.17 24.33 -4.45
C SER E 444 -58.89 23.71 -3.90
N LEU E 445 -57.83 23.68 -4.70
CA LEU E 445 -56.56 23.12 -4.28
C LEU E 445 -55.89 24.03 -3.26
N ALA E 446 -55.44 23.46 -2.14
CA ALA E 446 -54.73 24.24 -1.13
C ALA E 446 -53.93 23.31 -0.25
N VAL E 447 -52.94 23.87 0.44
CA VAL E 447 -52.09 23.08 1.34
C VAL E 447 -52.62 23.17 2.76
N THR E 448 -52.57 22.05 3.48
CA THR E 448 -53.13 21.95 4.81
C THR E 448 -52.06 21.45 5.80
N MET E 449 -52.48 21.33 7.07
CA MET E 449 -51.60 20.74 8.06
C MET E 449 -51.29 19.29 7.75
N ASP E 450 -52.25 18.55 7.17
CA ASP E 450 -52.02 17.13 6.93
C ASP E 450 -50.88 16.91 5.95
N ASP E 451 -50.76 17.78 4.95
CA ASP E 451 -49.66 17.67 3.99
C ASP E 451 -48.31 17.92 4.66
N PHE E 452 -48.23 18.94 5.52
CA PHE E 452 -46.99 19.16 6.26
C PHE E 452 -46.68 18.00 7.18
N ARG E 453 -47.70 17.40 7.78
CA ARG E 453 -47.48 16.25 8.65
C ARG E 453 -46.97 15.05 7.87
N TRP E 454 -47.52 14.83 6.68
CA TRP E 454 -47.03 13.76 5.82
C TRP E 454 -45.58 14.01 5.41
N ALA E 455 -45.27 15.25 5.04
CA ALA E 455 -43.89 15.58 4.66
C ALA E 455 -42.95 15.38 5.84
N LEU E 456 -43.36 15.80 7.04
CA LEU E 456 -42.55 15.59 8.23
C LEU E 456 -42.36 14.10 8.51
N SER E 457 -43.36 13.29 8.20
CA SER E 457 -43.19 11.85 8.28
C SER E 457 -42.10 11.38 7.33
N GLN E 458 -42.13 11.86 6.09
CA GLN E 458 -41.13 11.42 5.11
C GLN E 458 -39.87 12.27 5.13
N SER E 459 -39.81 13.31 5.96
CA SER E 459 -38.66 14.20 5.96
C SER E 459 -37.48 13.55 6.66
N ASN E 460 -36.29 13.75 6.11
CA ASN E 460 -35.03 13.29 6.68
C ASN E 460 -33.93 14.26 6.26
N PRO E 461 -33.05 14.64 7.17
CA PRO E 461 -31.91 15.47 6.78
C PRO E 461 -31.07 14.77 5.73
N SER E 462 -30.57 15.55 4.77
CA SER E 462 -29.77 14.98 3.70
C SER E 462 -28.42 14.48 4.21
N ALA E 463 -27.97 15.01 5.35
CA ALA E 463 -26.65 14.66 5.86
C ALA E 463 -26.63 13.25 6.43
N LEU E 464 -27.66 12.89 7.21
CA LEU E 464 -27.68 11.59 7.90
C LEU E 464 -27.60 10.42 6.95
N ARG E 465 -28.96 10.78 4.43
CA ARG E 465 -29.52 9.73 3.59
C ARG E 465 -28.60 8.52 3.51
N GLU E 466 -27.40 8.64 4.09
CA GLU E 466 -26.42 7.57 3.95
C GLU E 466 -26.31 6.74 5.22
N THR E 467 -26.74 7.28 6.36
CA THR E 467 -26.75 6.53 7.60
C THR E 467 -28.14 6.04 8.00
N VAL E 468 -29.15 6.28 7.16
CA VAL E 468 -30.51 5.88 7.52
C VAL E 468 -30.67 4.38 7.37
N VAL E 469 -31.44 3.79 8.28
CA VAL E 469 -31.76 2.37 8.24
C VAL E 469 -33.25 2.21 8.54
N GLU E 470 -33.89 1.26 7.86
CA GLU E 470 -35.29 0.98 8.11
C GLU E 470 -35.42 0.18 9.40
N VAL E 471 -36.00 0.79 10.43
CA VAL E 471 -36.11 0.19 11.75
C VAL E 471 -37.53 -0.32 11.92
N PRO E 472 -37.74 -1.48 12.54
CA PRO E 472 -39.11 -1.95 12.78
C PRO E 472 -39.85 -1.03 13.74
N GLN E 473 -41.17 -0.97 13.59
CA GLN E 473 -41.99 -0.11 14.42
C GLN E 473 -42.02 -0.64 15.85
N VAL E 474 -41.40 0.11 16.77
CA VAL E 474 -41.36 -0.26 18.18
C VAL E 474 -41.70 0.97 19.00
N THR E 475 -42.66 0.82 19.91
CA THR E 475 -43.09 1.87 20.81
C THR E 475 -42.86 1.38 22.24
N TRP E 476 -42.86 2.30 23.21
CA TRP E 476 -42.55 1.91 24.58
C TRP E 476 -43.50 0.85 25.10
N GLU E 477 -44.76 0.87 24.68
CA GLU E 477 -45.71 -0.15 25.10
C GLU E 477 -45.34 -1.52 24.52
N ASP E 478 -44.60 -1.54 23.42
CA ASP E 478 -44.10 -2.80 22.90
C ASP E 478 -43.06 -3.40 23.82
N ILE E 479 -42.28 -2.55 24.49
CA ILE E 479 -41.29 -3.04 25.45
C ILE E 479 -41.95 -3.31 26.78
N GLY E 480 -41.69 -4.49 27.35
CA GLY E 480 -42.26 -4.86 28.63
C GLY E 480 -41.25 -4.85 29.75
N GLY E 481 -41.68 -4.40 30.92
CA GLY E 481 -40.74 -4.29 32.02
C GLY E 481 -39.80 -3.11 31.84
N LEU E 482 -38.79 -3.06 32.69
CA LEU E 482 -37.79 -2.00 32.66
C LEU E 482 -38.44 -0.62 32.76
N GLU E 483 -39.46 -0.52 33.63
CA GLU E 483 -40.19 0.74 33.77
C GLU E 483 -39.28 1.86 34.26
N ASP E 484 -38.42 1.57 35.23
CA ASP E 484 -37.47 2.57 35.71
C ASP E 484 -36.47 2.94 34.61
N VAL E 485 -36.01 1.94 33.85
CA VAL E 485 -35.06 2.20 32.77
C VAL E 485 -35.68 3.08 31.69
N LYS E 486 -36.94 2.82 31.36
CA LYS E 486 -37.63 3.64 30.37
C LYS E 486 -37.69 5.09 30.79
N ARG E 487 -38.00 5.33 32.08
CA ARG E 487 -38.08 6.71 32.56
C ARG E 487 -36.74 7.42 32.47
N GLU E 488 -35.65 6.73 32.83
CA GLU E 488 -34.32 7.32 32.74
C GLU E 488 -33.98 7.67 31.29
N LEU E 489 -34.28 6.77 30.35
CA LEU E 489 -33.97 7.02 28.95
C LEU E 489 -34.74 8.23 28.43
N GLN E 490 -35.97 8.42 28.90
CA GLN E 490 -36.71 9.62 28.57
C GLN E 490 -36.19 10.82 29.35
N GLU E 491 -35.64 10.57 30.54
CA GLU E 491 -35.09 11.64 31.36
C GLU E 491 -33.77 12.17 30.83
N LEU E 492 -33.03 11.37 30.06
CA LEU E 492 -31.79 11.82 29.44
C LEU E 492 -32.00 12.40 28.04
N VAL E 493 -32.97 11.88 27.30
CA VAL E 493 -33.17 12.26 25.91
C VAL E 493 -34.29 13.28 25.76
N GLN E 494 -35.45 13.02 26.37
CA GLN E 494 -36.63 13.84 26.10
C GLN E 494 -36.57 15.19 26.81
N TYR E 495 -36.04 15.24 28.04
CA TYR E 495 -35.99 16.51 28.76
C TYR E 495 -35.16 17.57 28.04
N PRO E 496 -33.89 17.34 27.67
CA PRO E 496 -33.17 18.40 26.94
C PRO E 496 -33.79 18.70 25.58
N VAL E 497 -34.44 17.72 24.96
CA VAL E 497 -35.11 17.97 23.67
C VAL E 497 -36.35 18.82 23.87
N GLU E 498 -37.17 18.49 24.87
CA GLU E 498 -38.42 19.21 25.10
C GLU E 498 -38.28 20.41 26.01
N HIS E 499 -37.28 20.41 26.89
CA HIS E 499 -37.07 21.49 27.86
C HIS E 499 -35.61 21.95 27.79
N PRO E 500 -35.21 22.55 26.66
CA PRO E 500 -33.81 23.00 26.54
C PRO E 500 -33.43 24.07 27.55
N ASP E 501 -34.37 24.94 27.91
CA ASP E 501 -34.06 26.08 28.77
C ASP E 501 -33.62 25.62 30.16
N LYS E 502 -34.24 24.57 30.68
CA LYS E 502 -33.92 24.12 32.03
C LYS E 502 -32.46 23.69 32.15
N PHE E 503 -32.01 22.81 31.24
CA PHE E 503 -30.67 22.27 31.34
C PHE E 503 -29.60 23.34 31.15
N LEU E 504 -29.79 24.22 30.16
CA LEU E 504 -28.78 25.23 29.85
C LEU E 504 -28.63 26.25 30.98
N LYS E 505 -29.75 26.61 31.62
CA LYS E 505 -29.69 27.59 32.71
C LYS E 505 -28.90 27.05 33.89
N PHE E 506 -29.11 25.78 34.24
CA PHE E 506 -28.42 25.20 35.39
C PHE E 506 -26.92 25.15 35.15
N GLY E 507 -26.49 24.76 33.96
CA GLY E 507 -25.09 24.78 33.60
C GLY E 507 -24.31 23.53 33.95
N MET E 508 -24.94 22.55 34.59
CA MET E 508 -24.24 21.32 34.95
C MET E 508 -23.86 20.53 33.70
N THR E 509 -22.66 19.95 33.73
CA THR E 509 -22.18 19.16 32.60
C THR E 509 -23.00 17.88 32.47
N PRO E 510 -23.42 17.50 31.27
CA PRO E 510 -24.25 16.31 31.13
C PRO E 510 -23.45 15.04 30.91
N SER E 511 -24.11 13.90 31.10
CA SER E 511 -23.54 12.64 30.67
C SER E 511 -23.76 12.47 29.17
N LYS E 512 -22.67 12.22 28.45
CA LYS E 512 -22.71 12.07 27.01
C LYS E 512 -22.85 10.62 26.57
N GLY E 513 -23.20 9.72 27.48
CA GLY E 513 -23.35 8.32 27.14
C GLY E 513 -24.24 7.59 28.11
N VAL E 514 -24.85 6.52 27.60
CA VAL E 514 -25.50 5.52 28.44
C VAL E 514 -25.15 4.12 27.92
N LEU E 515 -24.18 3.48 28.57
CA LEU E 515 -23.81 2.13 28.18
C LEU E 515 -24.85 1.14 28.67
N PHE E 516 -25.35 0.32 27.76
CA PHE E 516 -26.27 -0.76 28.10
C PHE E 516 -25.49 -2.07 28.17
N TYR E 517 -25.33 -2.61 29.37
CA TYR E 517 -24.70 -3.90 29.56
C TYR E 517 -25.72 -4.84 30.19
N GLY E 518 -25.96 -5.98 29.55
CA GLY E 518 -26.91 -6.94 30.05
C GLY E 518 -26.87 -8.25 29.30
N PRO E 519 -27.51 -9.27 29.86
CA PRO E 519 -27.59 -10.56 29.17
C PRO E 519 -28.32 -10.41 27.85
N PRO E 520 -27.94 -11.20 26.85
CA PRO E 520 -28.58 -11.06 25.52
C PRO E 520 -30.08 -11.29 25.59
N GLY E 521 -30.80 -10.50 24.80
CA GLY E 521 -32.24 -10.64 24.70
C GLY E 521 -33.04 -10.04 25.83
N CYS E 522 -32.50 -9.05 26.54
CA CYS E 522 -33.19 -8.43 27.66
C CYS E 522 -33.68 -7.03 27.35
N GLY E 523 -33.58 -6.58 26.11
CA GLY E 523 -34.16 -5.31 25.70
C GLY E 523 -33.18 -4.21 25.39
N LYS E 524 -31.88 -4.49 25.29
CA LYS E 524 -30.91 -3.44 25.00
C LYS E 524 -31.16 -2.81 23.64
N THR E 525 -31.40 -3.63 22.62
CA THR E 525 -31.61 -3.11 21.28
C THR E 525 -33.02 -2.54 21.13
N LEU E 526 -34.00 -3.13 21.81
CA LEU E 526 -35.37 -2.60 21.74
C LEU E 526 -35.45 -1.19 22.29
N LEU E 527 -34.75 -0.92 23.39
CA LEU E 527 -34.73 0.44 23.92
C LEU E 527 -34.20 1.41 22.88
N ALA E 528 -33.19 0.99 22.12
CA ALA E 528 -32.69 1.83 21.03
C ALA E 528 -33.75 2.03 19.96
N LYS E 529 -34.47 0.97 19.58
CA LYS E 529 -35.53 1.10 18.60
C LYS E 529 -36.63 2.02 19.11
N ALA E 530 -36.92 1.95 20.41
CA ALA E 530 -37.88 2.87 21.00
C ALA E 530 -37.40 4.31 20.90
N ILE E 531 -36.10 4.53 21.08
CA ILE E 531 -35.54 5.87 20.93
C ILE E 531 -35.72 6.36 19.49
N ALA E 532 -35.46 5.48 18.53
CA ALA E 532 -35.55 5.87 17.12
C ALA E 532 -36.98 6.24 16.72
N ASN E 533 -37.97 5.48 17.20
CA ASN E 533 -39.33 5.65 16.72
C ASN E 533 -40.09 6.73 17.49
N GLU E 534 -39.78 6.92 18.77
CA GLU E 534 -40.54 7.84 19.59
C GLU E 534 -39.83 9.16 19.83
N CYS E 535 -38.59 9.12 20.31
CA CYS E 535 -37.88 10.36 20.66
C CYS E 535 -37.71 11.25 19.45
N GLN E 536 -38.01 12.53 19.62
CA GLN E 536 -37.93 13.50 18.53
C GLN E 536 -36.50 14.05 18.41
N ALA E 537 -35.60 13.14 18.07
CA ALA E 537 -34.20 13.47 17.83
C ALA E 537 -33.69 12.60 16.70
N ASN E 538 -32.84 13.17 15.85
CA ASN E 538 -32.26 12.40 14.77
C ASN E 538 -31.47 11.23 15.33
N PHE E 539 -31.69 10.05 14.74
CA PHE E 539 -31.09 8.81 15.23
C PHE E 539 -30.09 8.30 14.21
N ILE E 540 -28.90 7.95 14.66
CA ILE E 540 -27.88 7.32 13.83
C ILE E 540 -27.50 6.00 14.45
N SER E 541 -27.78 4.91 13.76
CA SER E 541 -27.43 3.56 14.20
C SER E 541 -26.14 3.13 13.51
N ILE E 542 -25.13 2.81 14.31
CA ILE E 542 -23.83 2.40 13.80
C ILE E 542 -23.61 0.95 14.18
N LYS E 543 -23.80 0.04 13.22
CA LYS E 543 -23.27 -1.30 13.38
C LYS E 543 -21.75 -1.20 13.51
N GLY E 544 -21.19 -1.90 14.48
CA GLY E 544 -19.83 -1.69 14.90
C GLY E 544 -18.80 -1.71 13.79
N PRO E 545 -18.57 -2.88 13.18
CA PRO E 545 -17.46 -3.00 12.24
C PRO E 545 -17.71 -2.39 10.88
N GLU E 546 -18.75 -1.57 10.71
CA GLU E 546 -18.91 -0.83 9.47
C GLU E 546 -17.78 0.18 9.27
N LEU E 547 -17.38 0.87 10.34
CA LEU E 547 -16.47 1.99 10.22
C LEU E 547 -15.07 1.54 9.83
N LEU E 548 -14.76 0.26 10.03
CA LEU E 548 -13.43 -0.24 9.75
C LEU E 548 -13.21 -0.38 8.25
N THR E 549 -12.01 -0.04 7.81
CA THR E 549 -11.62 -0.13 6.41
C THR E 549 -10.19 -0.64 6.33
N MET E 550 -9.94 -1.55 5.38
CA MET E 550 -8.60 -2.13 5.26
C MET E 550 -7.59 -1.09 4.82
N TRP E 551 -8.05 -0.04 4.15
CA TRP E 551 -7.14 0.97 3.64
C TRP E 551 -6.69 1.91 4.75
N PHE E 552 -5.43 2.32 4.69
CA PHE E 552 -4.84 3.10 5.77
C PHE E 552 -5.47 4.48 5.86
N GLY E 553 -5.76 4.92 7.08
CA GLY E 553 -6.28 6.24 7.33
C GLY E 553 -7.78 6.36 7.23
N GLU E 554 -8.42 5.63 6.33
CA GLU E 554 -9.86 5.80 6.12
C GLU E 554 -10.67 5.18 7.25
N SER E 555 -10.11 4.18 7.93
CA SER E 555 -10.84 3.53 9.02
C SER E 555 -11.15 4.54 10.13
N GLU E 556 -10.18 5.37 10.49
CA GLU E 556 -10.42 6.42 11.48
C GLU E 556 -11.22 7.57 10.86
N ALA E 557 -11.07 7.78 9.55
CA ALA E 557 -11.81 8.85 8.88
C ALA E 557 -13.31 8.60 8.94
N ASN E 558 -13.73 7.35 8.75
CA ASN E 558 -15.15 7.02 8.84
C ASN E 558 -15.67 7.28 10.24
N VAL E 559 -14.85 7.04 11.27
CA VAL E 559 -15.23 7.39 12.63
C VAL E 559 -15.36 8.91 12.76
N ARG E 560 -14.41 9.64 12.18
CA ARG E 560 -14.47 11.11 12.26
C ARG E 560 -15.70 11.66 11.57
N GLU E 561 -16.00 11.17 10.37
CA GLU E 561 -17.14 11.69 9.63
C GLU E 561 -18.46 11.36 10.32
N ILE E 562 -18.59 10.15 10.87
CA ILE E 562 -19.82 9.78 11.55
C ILE E 562 -20.04 10.65 12.77
N PHE E 563 -19.00 10.86 13.57
CA PHE E 563 -19.12 11.76 14.72
C PHE E 563 -19.37 13.18 14.29
N ASP E 564 -18.76 13.61 13.18
CA ASP E 564 -19.10 14.91 12.62
C ASP E 564 -20.52 14.90 12.06
N LYS E 565 -20.96 13.78 11.49
CA LYS E 565 -22.28 13.71 10.89
C LYS E 565 -23.38 13.92 11.93
N ALA E 566 -23.22 13.35 13.11
CA ALA E 566 -24.18 13.60 14.18
C ALA E 566 -24.05 15.01 14.73
N ARG E 567 -22.89 15.63 14.52
CA ARG E 567 -22.66 16.97 15.06
C ARG E 567 -23.60 18.00 14.44
N GLN E 568 -23.78 17.95 13.12
CA GLN E 568 -24.68 18.92 12.48
C GLN E 568 -26.11 18.72 12.94
N ALA E 569 -26.55 17.47 13.05
CA ALA E 569 -27.95 17.17 13.27
C ALA E 569 -28.34 17.12 14.74
N ALA E 570 -27.61 17.81 15.61
CA ALA E 570 -28.00 17.87 17.00
C ALA E 570 -29.33 18.61 17.14
N PRO E 571 -30.30 18.08 17.91
CA PRO E 571 -30.26 16.89 18.76
C PRO E 571 -30.14 15.57 17.99
N CYS E 572 -29.22 14.72 18.43
CA CYS E 572 -28.95 13.47 17.73
C CYS E 572 -28.65 12.39 18.76
N VAL E 573 -28.83 11.14 18.33
CA VAL E 573 -28.50 9.98 19.15
C VAL E 573 -27.60 9.07 18.32
N LEU E 574 -26.36 8.91 18.74
CA LEU E 574 -25.38 8.08 18.04
C LEU E 574 -25.33 6.73 18.74
N PHE E 575 -26.03 5.75 18.19
CA PHE E 575 -26.13 4.42 18.78
C PHE E 575 -25.00 3.54 18.26
N PHE E 576 -24.00 3.31 19.10
CA PHE E 576 -22.93 2.36 18.79
C PHE E 576 -23.35 0.98 19.28
N ASP E 577 -24.07 0.26 18.43
CA ASP E 577 -24.43 -1.11 18.76
C ASP E 577 -23.19 -1.99 18.79
N GLN E 578 -23.10 -2.81 19.84
CA GLN E 578 -22.03 -3.80 20.00
C GLN E 578 -20.65 -3.12 20.00
N LEU E 579 -20.41 -2.33 21.05
CA LEU E 579 -19.13 -1.67 21.25
C LEU E 579 -17.96 -2.64 21.40
N ASP E 580 -18.22 -3.94 21.48
CA ASP E 580 -17.13 -4.91 21.67
C ASP E 580 -16.16 -4.88 20.51
N SER E 581 -16.64 -4.54 19.31
CA SER E 581 -15.79 -4.60 18.13
C SER E 581 -14.96 -3.34 17.98
N ILE E 582 -15.60 -2.18 17.89
CA ILE E 582 -14.89 -0.93 17.63
C ILE E 582 -14.04 -0.54 18.84
N ALA E 583 -14.53 -0.77 20.05
CA ALA E 583 -13.85 -0.37 21.27
C ALA E 583 -13.62 -1.59 22.14
N LYS E 584 -12.48 -2.24 21.96
CA LYS E 584 -12.03 -3.33 22.81
C LYS E 584 -10.90 -2.83 23.70
N ALA E 585 -10.52 -3.64 24.68
CA ALA E 585 -9.52 -3.21 25.65
C ALA E 585 -8.19 -2.92 24.98
N ARG E 586 -7.59 -1.80 25.36
CA ARG E 586 -6.24 -1.50 24.88
C ARG E 586 -5.28 -2.58 25.35
N GLY E 587 -4.49 -3.08 24.41
CA GLY E 587 -3.70 -4.27 24.67
C GLY E 587 -4.48 -5.56 24.56
N GLY E 588 -5.77 -5.50 24.22
CA GLY E 588 -6.51 -6.71 23.92
C GLY E 588 -5.91 -7.44 22.74
N ASN E 589 -5.51 -6.71 21.71
CA ASN E 589 -4.60 -7.22 20.69
C ASN E 589 -3.20 -6.89 21.20
N ILE E 590 -2.59 -7.84 21.91
CA ILE E 590 -1.32 -7.58 22.58
C ILE E 590 -0.25 -7.20 21.57
N GLY E 591 -0.25 -7.85 20.41
CA GLY E 591 0.67 -7.44 19.35
C GLY E 591 0.32 -6.07 18.79
N ASP E 592 -0.81 -5.99 18.08
CA ASP E 592 -1.31 -4.73 17.51
C ASP E 592 -0.24 -4.04 16.68
N GLY E 593 0.47 -4.82 15.86
CA GLY E 593 1.52 -4.23 15.04
C GLY E 593 0.99 -3.19 14.08
N GLY E 594 -0.09 -3.52 13.37
CA GLY E 594 -0.70 -2.54 12.48
C GLY E 594 -1.31 -1.38 13.24
N GLY E 595 -1.98 -1.66 14.35
CA GLY E 595 -2.57 -0.62 15.15
C GLY E 595 -3.83 -0.01 14.58
N ALA E 596 -4.38 -0.59 13.51
CA ALA E 596 -5.56 -0.01 12.89
C ALA E 596 -6.75 -0.04 13.83
N ALA E 597 -6.93 -1.14 14.55
CA ALA E 597 -7.96 -1.19 15.57
C ALA E 597 -7.66 -0.22 16.70
N ASP E 598 -6.39 -0.13 17.11
CA ASP E 598 -6.01 0.77 18.20
C ASP E 598 -6.25 2.23 17.82
N ARG E 599 -5.92 2.62 16.59
CA ARG E 599 -6.15 4.00 16.17
C ARG E 599 -7.63 4.30 16.02
N VAL E 600 -8.45 3.29 15.75
CA VAL E 600 -9.89 3.50 15.72
C VAL E 600 -10.43 3.74 17.12
N ILE E 601 -9.94 3.00 18.11
CA ILE E 601 -10.35 3.23 19.49
C ILE E 601 -9.92 4.62 19.96
N ASN E 602 -8.69 5.02 19.62
CA ASN E 602 -8.21 6.34 19.98
C ASN E 602 -9.06 7.43 19.34
N GLN E 603 -9.43 7.25 18.06
CA GLN E 603 -10.20 8.26 17.37
C GLN E 603 -11.58 8.45 18.02
N ILE E 604 -12.22 7.36 18.41
CA ILE E 604 -13.50 7.46 19.11
C ILE E 604 -13.34 8.22 20.41
N LEU E 605 -12.21 8.01 21.09
CA LEU E 605 -11.91 8.79 22.29
C LEU E 605 -11.74 10.26 21.98
N THR E 606 -11.07 10.58 20.87
CA THR E 606 -10.84 11.97 20.52
C THR E 606 -12.16 12.72 20.28
N GLU E 607 -13.08 12.10 19.54
CA GLU E 607 -14.31 12.79 19.17
C GLU E 607 -15.22 13.00 20.37
N MET E 608 -15.35 11.98 21.22
CA MET E 608 -16.27 12.09 22.35
C MET E 608 -15.78 13.12 23.36
N ASP E 609 -14.46 13.19 23.56
CA ASP E 609 -13.90 14.28 24.36
C ASP E 609 -13.84 15.57 23.57
N GLY E 610 -13.78 15.47 22.24
CA GLY E 610 -13.52 16.65 21.42
C GLY E 610 -14.65 17.66 21.46
N MET E 611 -15.89 17.19 21.51
CA MET E 611 -17.06 18.07 21.44
C MET E 611 -17.72 18.17 22.82
N SER E 612 -17.96 19.40 23.26
CA SER E 612 -18.69 19.69 24.48
C SER E 612 -19.34 21.06 24.31
N THR E 613 -20.65 21.07 24.10
CA THR E 613 -21.37 22.30 23.85
C THR E 613 -22.84 22.10 24.19
N LYS E 614 -23.62 23.17 24.01
CA LYS E 614 -25.02 23.15 24.43
C LYS E 614 -25.82 22.10 23.68
N LYS E 615 -25.64 22.01 22.37
CA LYS E 615 -26.44 21.07 21.58
C LYS E 615 -26.13 19.65 22.01
N ASN E 616 -27.18 18.88 22.27
CA ASN E 616 -27.05 17.57 22.86
C ASN E 616 -26.89 16.49 21.80
N VAL E 617 -25.77 15.76 21.88
CA VAL E 617 -25.52 14.58 21.06
C VAL E 617 -25.32 13.41 22.01
N PHE E 618 -26.26 12.48 22.02
CA PHE E 618 -26.23 11.34 22.92
C PHE E 618 -25.58 10.15 22.21
N ILE E 619 -24.64 9.51 22.89
CA ILE E 619 -23.96 8.33 22.38
C ILE E 619 -24.40 7.15 23.25
N ILE E 620 -24.95 6.12 22.62
CA ILE E 620 -25.43 4.94 23.34
C ILE E 620 -24.71 3.72 22.80
N GLY E 621 -24.20 2.90 23.72
CA GLY E 621 -23.60 1.63 23.34
C GLY E 621 -24.27 0.46 24.01
N ALA E 622 -24.77 -0.48 23.22
CA ALA E 622 -25.42 -1.68 23.75
C ALA E 622 -24.44 -2.85 23.74
N THR E 623 -23.49 -2.79 24.67
CA THR E 623 -22.48 -3.83 24.74
C THR E 623 -23.07 -5.14 25.22
N ASN E 624 -22.56 -6.25 24.69
CA ASN E 624 -23.05 -7.56 25.10
C ASN E 624 -22.32 -8.04 26.35
N ARG E 625 -20.99 -8.12 26.29
CA ARG E 625 -20.17 -8.41 27.45
C ARG E 625 -19.23 -7.24 27.67
N PRO E 626 -19.45 -6.41 28.69
CA PRO E 626 -18.76 -5.11 28.75
C PRO E 626 -17.33 -5.19 29.25
N ASP E 627 -16.86 -6.35 29.71
CA ASP E 627 -15.55 -6.41 30.34
C ASP E 627 -14.42 -6.20 29.34
N ILE E 628 -14.61 -6.64 28.10
CA ILE E 628 -13.54 -6.48 27.11
C ILE E 628 -13.41 -5.05 26.66
N ILE E 629 -14.40 -4.20 26.94
CA ILE E 629 -14.32 -2.81 26.51
C ILE E 629 -13.15 -2.11 27.19
N ASP E 630 -12.49 -1.23 26.45
CA ASP E 630 -11.46 -0.39 27.05
C ASP E 630 -12.10 0.46 28.15
N PRO E 631 -11.59 0.41 29.38
CA PRO E 631 -12.17 1.23 30.45
C PRO E 631 -12.08 2.71 30.19
N ALA E 632 -11.18 3.15 29.31
CA ALA E 632 -11.09 4.57 28.96
C ALA E 632 -12.42 5.08 28.41
N ILE E 633 -13.18 4.20 27.74
CA ILE E 633 -14.53 4.56 27.33
C ILE E 633 -15.42 4.77 28.55
N LEU E 634 -15.29 3.92 29.56
CA LEU E 634 -16.21 3.96 30.69
C LEU E 634 -15.81 5.04 31.70
N ARG E 635 -14.57 5.53 31.63
CA ARG E 635 -14.10 6.51 32.59
C ARG E 635 -14.85 7.84 32.38
N PRO E 636 -14.94 8.67 33.43
CA PRO E 636 -15.83 9.84 33.34
C PRO E 636 -15.43 10.79 32.22
N GLY E 637 -16.42 11.49 31.69
CA GLY E 637 -16.30 12.24 30.46
C GLY E 637 -16.69 11.47 29.23
N ARG E 638 -16.79 10.14 29.34
CA ARG E 638 -17.26 9.28 28.27
C ARG E 638 -18.14 8.19 28.88
N LEU E 639 -19.32 7.99 28.28
CA LEU E 639 -20.30 7.01 28.76
C LEU E 639 -20.47 7.11 30.28
N ASP E 640 -20.78 8.32 30.74
CA ASP E 640 -20.76 8.59 32.18
C ASP E 640 -21.79 7.75 32.92
N GLN E 641 -23.00 7.63 32.38
CA GLN E 641 -24.08 6.89 33.01
C GLN E 641 -24.15 5.49 32.42
N LEU E 642 -24.36 4.49 33.28
CA LEU E 642 -24.48 3.10 32.86
C LEU E 642 -25.78 2.53 33.40
N ILE E 643 -26.51 1.81 32.54
CA ILE E 643 -27.75 1.15 32.92
C ILE E 643 -27.56 -0.34 32.77
N TYR E 644 -27.76 -1.09 33.85
CA TYR E 644 -27.76 -2.54 33.78
C TYR E 644 -29.12 -3.03 33.31
N ILE E 645 -29.15 -3.68 32.17
CA ILE E 645 -30.39 -4.23 31.62
C ILE E 645 -30.56 -5.64 32.17
N PRO E 646 -31.38 -5.83 33.21
CA PRO E 646 -31.41 -7.12 33.88
C PRO E 646 -32.40 -8.07 33.24
N LEU E 647 -32.29 -9.33 33.65
CA LEU E 647 -33.32 -10.29 33.30
C LEU E 647 -34.63 -9.90 33.97
N PRO E 648 -35.75 -9.96 33.27
CA PRO E 648 -37.02 -9.58 33.90
C PRO E 648 -37.36 -10.51 35.07
N ASP E 649 -37.94 -9.92 36.12
CA ASP E 649 -38.44 -10.70 37.23
C ASP E 649 -39.89 -11.13 36.95
N GLU E 650 -40.53 -11.70 37.97
CA GLU E 650 -41.85 -12.29 37.78
C GLU E 650 -42.88 -11.23 37.35
N LYS E 651 -42.76 -10.02 37.88
CA LYS E 651 -43.69 -8.96 37.50
C LYS E 651 -43.40 -8.44 36.11
N SER E 652 -42.12 -8.28 35.77
CA SER E 652 -41.76 -7.76 34.46
C SER E 652 -42.08 -8.76 33.36
N ARG E 653 -41.93 -10.05 33.65
CA ARG E 653 -42.16 -11.07 32.63
C ARG E 653 -43.61 -11.11 32.18
N VAL E 654 -44.55 -10.86 33.11
CA VAL E 654 -45.95 -10.77 32.73
C VAL E 654 -46.17 -9.64 31.73
N ALA E 655 -45.51 -8.50 31.96
CA ALA E 655 -45.59 -7.40 31.02
C ALA E 655 -45.00 -7.78 29.67
N ILE E 656 -43.88 -8.51 29.67
CA ILE E 656 -43.26 -8.93 28.42
C ILE E 656 -44.19 -9.84 27.64
N LEU E 657 -44.85 -10.78 28.33
CA LEU E 657 -45.80 -11.66 27.67
C LEU E 657 -46.99 -10.88 27.11
N LYS E 658 -47.49 -9.91 27.87
CA LYS E 658 -48.61 -9.10 27.40
C LYS E 658 -48.21 -8.26 26.20
N ALA E 659 -47.02 -7.66 26.24
CA ALA E 659 -46.59 -6.77 25.17
C ALA E 659 -46.41 -7.52 23.86
N ASN E 660 -45.91 -8.75 23.92
CA ASN E 660 -45.74 -9.55 22.70
C ASN E 660 -47.09 -10.02 22.18
N LEU E 661 -48.02 -10.35 23.07
CA LEU E 661 -49.29 -10.95 22.70
C LEU E 661 -50.41 -9.93 22.54
N ARG E 662 -50.10 -8.64 22.66
CA ARG E 662 -51.14 -7.62 22.58
C ARG E 662 -51.75 -7.54 21.18
N LYS E 663 -50.95 -7.81 20.14
CA LYS E 663 -51.44 -7.82 18.78
C LYS E 663 -51.88 -9.21 18.32
N SER E 664 -51.71 -10.23 19.17
CA SER E 664 -52.00 -11.60 18.81
C SER E 664 -53.24 -12.08 19.52
N PRO E 665 -54.24 -12.58 18.79
CA PRO E 665 -55.45 -13.10 19.45
C PRO E 665 -55.12 -14.37 20.23
N VAL E 666 -55.39 -14.34 21.53
CA VAL E 666 -55.08 -15.45 22.42
C VAL E 666 -56.32 -15.82 23.22
N ALA E 667 -56.32 -17.05 23.74
CA ALA E 667 -57.44 -17.51 24.54
C ALA E 667 -57.48 -16.79 25.89
N LYS E 668 -58.70 -16.56 26.38
CA LYS E 668 -58.85 -15.99 27.71
C LYS E 668 -58.40 -16.99 28.78
N ASP E 669 -58.42 -18.29 28.45
CA ASP E 669 -58.04 -19.31 29.42
C ASP E 669 -56.56 -19.24 29.76
N VAL E 670 -55.74 -18.76 28.82
CA VAL E 670 -54.30 -18.69 29.05
C VAL E 670 -54.01 -17.69 30.15
N ASP E 671 -53.26 -18.11 31.16
CA ASP E 671 -52.86 -17.26 32.27
C ASP E 671 -51.43 -16.79 32.03
N LEU E 672 -51.27 -15.51 31.73
CA LEU E 672 -49.92 -14.98 31.50
C LEU E 672 -49.15 -14.85 32.80
N GLU E 673 -49.86 -14.82 33.93
CA GLU E 673 -49.18 -14.80 35.23
C GLU E 673 -48.55 -16.15 35.54
N PHE E 674 -49.20 -17.24 35.12
CA PHE E 674 -48.67 -18.57 35.40
C PHE E 674 -47.40 -18.84 34.61
N LEU E 675 -47.34 -18.38 33.36
CA LEU E 675 -46.17 -18.65 32.52
C LEU E 675 -44.93 -17.95 33.06
N ALA E 676 -45.10 -16.79 33.70
CA ALA E 676 -43.96 -16.03 34.18
C ALA E 676 -43.21 -16.79 35.28
N LYS E 677 -43.94 -17.35 36.25
CA LYS E 677 -43.28 -17.96 37.39
C LYS E 677 -42.57 -19.25 37.00
N MET E 678 -43.10 -19.96 36.00
CA MET E 678 -42.38 -21.13 35.48
C MET E 678 -41.08 -20.72 34.80
N THR E 679 -41.10 -19.59 34.09
CA THR E 679 -39.91 -19.06 33.41
C THR E 679 -39.10 -18.22 34.40
N ASN E 680 -38.50 -18.92 35.36
CA ASN E 680 -37.78 -18.22 36.44
C ASN E 680 -36.58 -17.45 35.92
N GLY E 681 -35.83 -18.04 34.97
CA GLY E 681 -34.63 -17.42 34.47
C GLY E 681 -34.62 -17.06 33.00
N PHE E 682 -35.74 -17.22 32.30
CA PHE E 682 -35.73 -16.97 30.86
C PHE E 682 -35.59 -15.48 30.56
N SER E 683 -34.93 -15.17 29.46
CA SER E 683 -34.77 -13.80 29.01
C SER E 683 -36.01 -13.33 28.27
N GLY E 684 -35.98 -12.08 27.82
CA GLY E 684 -37.09 -11.54 27.06
C GLY E 684 -37.25 -12.23 25.70
N ALA E 685 -36.12 -12.58 25.07
CA ALA E 685 -36.19 -13.26 23.78
C ALA E 685 -36.75 -14.66 23.93
N ASP E 686 -36.41 -15.34 25.03
CA ASP E 686 -36.93 -16.69 25.26
C ASP E 686 -38.45 -16.67 25.41
N LEU E 687 -38.99 -15.66 26.10
CA LEU E 687 -40.44 -15.54 26.21
C LEU E 687 -41.07 -15.30 24.85
N THR E 688 -40.38 -14.58 23.97
CA THR E 688 -40.88 -14.40 22.61
C THR E 688 -40.93 -15.71 21.85
N GLU E 689 -39.92 -16.57 22.06
CA GLU E 689 -39.89 -17.85 21.36
C GLU E 689 -41.02 -18.76 21.81
N ILE E 690 -41.41 -18.68 23.08
CA ILE E 690 -42.56 -19.45 23.55
C ILE E 690 -43.80 -19.05 22.79
N CYS E 691 -43.98 -17.75 22.56
CA CYS E 691 -45.15 -17.27 21.82
C CYS E 691 -45.06 -17.63 20.34
N GLN E 692 -43.88 -17.48 19.74
CA GLN E 692 -43.74 -17.84 18.33
C GLN E 692 -43.91 -19.34 18.12
N ARG E 693 -43.38 -20.15 19.03
CA ARG E 693 -43.57 -21.59 18.92
C ARG E 693 -45.04 -21.96 19.04
N ALA E 694 -45.76 -21.33 19.97
CA ALA E 694 -47.19 -21.58 20.10
C ALA E 694 -47.94 -21.08 18.86
N CYS E 695 -47.55 -19.93 18.32
CA CYS E 695 -48.19 -19.43 17.11
C CYS E 695 -47.98 -20.39 15.94
N LYS E 696 -46.78 -20.92 15.79
CA LYS E 696 -46.49 -21.83 14.69
C LYS E 696 -47.32 -23.10 14.79
N LEU E 697 -47.49 -23.61 16.02
CA LEU E 697 -48.32 -24.79 16.22
C LEU E 697 -49.77 -24.52 15.84
N ALA E 698 -50.28 -23.34 16.18
CA ALA E 698 -51.63 -22.97 15.77
C ALA E 698 -51.74 -22.89 14.25
N ILE E 699 -50.72 -22.35 13.60
CA ILE E 699 -50.72 -22.31 12.13
C ILE E 699 -50.69 -23.71 11.56
N ARG E 700 -49.87 -24.59 12.13
CA ARG E 700 -49.81 -25.96 11.64
C ARG E 700 -51.15 -26.65 11.72
N GLU E 701 -51.89 -26.42 12.82
CA GLU E 701 -53.23 -26.95 12.94
C GLU E 701 -54.16 -26.35 11.88
N SER E 702 -54.07 -25.03 11.66
CA SER E 702 -54.92 -24.39 10.68
C SER E 702 -54.63 -24.89 9.28
N ILE E 703 -53.36 -25.09 8.95
CA ILE E 703 -53.00 -25.64 7.64
C ILE E 703 -53.53 -27.06 7.50
N GLU E 704 -53.39 -27.87 8.56
CA GLU E 704 -53.95 -29.20 8.55
C GLU E 704 -55.48 -29.17 8.50
N SER E 705 -56.09 -28.22 9.22
CA SER E 705 -57.54 -28.12 9.23
C SER E 705 -58.08 -27.75 7.85
N GLU E 706 -57.46 -26.77 7.19
CA GLU E 706 -57.95 -26.35 5.89
C GLU E 706 -57.72 -27.41 4.83
N ILE E 707 -56.62 -28.15 4.94
CA ILE E 707 -56.41 -29.29 4.05
C ILE E 707 -57.44 -30.37 4.33
N ARG E 708 -57.75 -30.60 5.61
CA ARG E 708 -58.75 -31.61 5.97
C ARG E 708 -60.12 -31.26 5.42
N ARG E 709 -60.52 -30.00 5.55
CA ARG E 709 -61.85 -29.59 5.08
C ARG E 709 -61.94 -29.68 3.57
N GLU E 710 -60.92 -29.18 2.86
CA GLU E 710 -60.96 -29.17 1.41
C GLU E 710 -60.89 -30.59 0.85
N ARG E 711 -60.20 -31.49 1.56
CA ARG E 711 -60.06 -32.86 1.08
C ARG E 711 -61.40 -33.59 1.06
N GLU E 712 -62.18 -33.45 2.14
CA GLU E 712 -63.47 -34.13 2.20
C GLU E 712 -64.49 -33.44 1.30
N ARG E 713 -64.43 -32.10 1.21
CA ARG E 713 -65.35 -31.38 0.35
C ARG E 713 -65.16 -31.76 -1.12
N GLN E 714 -63.91 -31.90 -1.55
CA GLN E 714 -63.62 -32.28 -2.93
C GLN E 714 -63.91 -33.75 -3.16
N PRO E 727 -61.42 -22.42 11.37
CA PRO E 727 -60.28 -23.20 11.87
C PRO E 727 -59.90 -22.80 13.29
N VAL E 728 -58.70 -22.24 13.45
CA VAL E 728 -58.18 -21.81 14.75
C VAL E 728 -58.32 -20.30 14.83
N PRO E 729 -59.24 -19.76 15.63
CA PRO E 729 -59.36 -18.30 15.72
C PRO E 729 -58.27 -17.67 16.57
N GLU E 730 -57.83 -18.35 17.63
CA GLU E 730 -56.85 -17.78 18.53
C GLU E 730 -56.01 -18.90 19.12
N ILE E 731 -54.84 -18.52 19.64
CA ILE E 731 -53.98 -19.47 20.34
C ILE E 731 -54.67 -19.92 21.60
N ARG E 732 -54.73 -21.25 21.80
CA ARG E 732 -55.43 -21.83 22.92
C ARG E 732 -54.46 -22.21 24.04
N ARG E 733 -55.02 -22.75 25.12
CA ARG E 733 -54.21 -23.18 26.25
C ARG E 733 -53.32 -24.35 25.87
N ASP E 734 -53.81 -25.26 25.04
CA ASP E 734 -53.01 -26.43 24.65
C ASP E 734 -51.85 -26.03 23.76
N HIS E 735 -52.02 -24.97 22.96
CA HIS E 735 -50.94 -24.52 22.09
C HIS E 735 -49.75 -24.03 22.91
N PHE E 736 -50.00 -23.24 23.95
CA PHE E 736 -48.91 -22.81 24.82
C PHE E 736 -48.35 -23.98 25.61
N GLU E 737 -49.18 -24.97 25.93
CA GLU E 737 -48.69 -26.16 26.62
C GLU E 737 -47.72 -26.93 25.75
N GLU E 738 -48.04 -27.09 24.46
CA GLU E 738 -47.15 -27.81 23.56
C GLU E 738 -45.88 -27.02 23.28
N ALA E 739 -45.98 -25.69 23.27
CA ALA E 739 -44.82 -24.87 22.97
C ALA E 739 -43.91 -24.69 24.19
N MET E 740 -44.42 -24.99 25.38
CA MET E 740 -43.63 -24.75 26.59
C MET E 740 -42.51 -25.77 26.74
N ARG E 741 -42.75 -27.01 26.30
CA ARG E 741 -41.74 -28.05 26.46
C ARG E 741 -40.50 -27.76 25.61
N PHE E 742 -40.69 -27.17 24.43
CA PHE E 742 -39.55 -26.85 23.57
C PHE E 742 -38.74 -25.67 24.12
N ALA E 743 -39.30 -24.94 25.09
CA ALA E 743 -38.63 -23.75 25.59
C ALA E 743 -37.34 -24.09 26.32
N ARG E 744 -36.36 -23.21 26.19
CA ARG E 744 -35.06 -23.36 26.84
C ARG E 744 -34.64 -22.02 27.42
N ARG E 745 -33.74 -22.08 28.39
CA ARG E 745 -33.21 -20.89 29.03
C ARG E 745 -31.90 -20.51 28.32
N SER E 746 -31.92 -19.39 27.60
CA SER E 746 -30.79 -19.06 26.75
C SER E 746 -29.55 -18.70 27.58
N VAL E 747 -29.71 -17.82 28.56
CA VAL E 747 -28.59 -17.28 29.31
C VAL E 747 -28.52 -17.98 30.65
N SER E 748 -27.43 -18.71 30.89
CA SER E 748 -27.31 -19.54 32.08
C SER E 748 -26.93 -18.70 33.29
N ASP E 749 -26.94 -19.34 34.46
CA ASP E 749 -26.62 -18.64 35.70
C ASP E 749 -25.18 -18.15 35.72
N ASN E 750 -24.25 -18.96 35.19
CA ASN E 750 -22.84 -18.57 35.21
C ASN E 750 -22.60 -17.31 34.39
N ASP E 751 -23.32 -17.15 33.27
CA ASP E 751 -23.19 -15.93 32.49
C ASP E 751 -23.65 -14.71 33.27
N ILE E 752 -24.61 -14.90 34.18
CA ILE E 752 -25.16 -13.78 34.94
C ILE E 752 -24.12 -13.22 35.90
N ARG E 753 -23.31 -14.11 36.50
CA ARG E 753 -22.37 -13.68 37.52
C ARG E 753 -21.33 -12.71 36.97
N LYS E 754 -20.83 -12.97 35.75
CA LYS E 754 -19.88 -12.06 35.14
C LYS E 754 -20.47 -10.68 34.93
N TYR E 755 -21.77 -10.63 34.60
CA TYR E 755 -22.43 -9.35 34.40
C TYR E 755 -22.52 -8.58 35.71
N GLU E 756 -22.79 -9.29 36.81
CA GLU E 756 -22.69 -8.67 38.13
C GLU E 756 -21.24 -8.34 38.46
N MET E 757 -20.30 -9.20 38.05
CA MET E 757 -18.90 -9.00 38.39
C MET E 757 -18.36 -7.71 37.79
N PHE E 758 -18.77 -7.38 36.57
CA PHE E 758 -18.37 -6.11 35.98
C PHE E 758 -18.91 -4.94 36.79
N ALA E 759 -20.17 -5.04 37.24
CA ALA E 759 -20.72 -3.99 38.08
C ALA E 759 -19.95 -3.87 39.40
N GLN E 760 -19.58 -5.00 39.99
CA GLN E 760 -18.86 -4.98 41.26
C GLN E 760 -17.50 -4.31 41.12
N THR E 761 -16.77 -4.61 40.05
CA THR E 761 -15.47 -3.97 39.84
C THR E 761 -15.62 -2.48 39.61
N LEU E 762 -16.61 -2.07 38.82
CA LEU E 762 -16.84 -0.64 38.60
C LEU E 762 -17.30 0.03 39.88
N GLN E 763 -18.16 -0.64 40.67
CA GLN E 763 -18.64 -0.05 41.91
C GLN E 763 -17.50 0.17 42.90
N GLN E 764 -16.56 -0.79 42.98
CA GLN E 764 -15.42 -0.61 43.85
C GLN E 764 -14.58 0.59 43.43
N SER E 765 -14.37 0.77 42.13
CA SER E 765 -13.64 1.93 41.64
C SER E 765 -14.43 3.21 41.84
N ARG E 766 -15.75 3.13 41.71
CA ARG E 766 -16.61 4.30 41.86
C ARG E 766 -16.62 4.80 43.29
N ASN F 21 26.90 56.83 18.93
CA ASN F 21 26.92 58.23 19.35
C ASN F 21 28.06 58.98 18.69
N ARG F 22 27.72 59.92 17.81
CA ARG F 22 28.70 60.65 17.03
C ARG F 22 28.30 62.12 16.98
N PRO F 23 29.26 63.03 16.77
CA PRO F 23 28.88 64.44 16.59
C PRO F 23 27.99 64.66 15.38
N ASN F 24 28.15 63.84 14.33
CA ASN F 24 27.28 63.95 13.17
C ASN F 24 25.84 63.59 13.52
N ARG F 25 25.65 62.74 14.53
CA ARG F 25 24.30 62.41 14.97
C ARG F 25 23.69 63.59 15.73
N LEU F 26 22.49 63.98 15.35
CA LEU F 26 21.81 65.11 15.96
C LEU F 26 20.36 64.73 16.21
N ILE F 27 19.89 64.92 17.44
CA ILE F 27 18.50 64.62 17.77
C ILE F 27 17.60 65.67 17.14
N VAL F 28 16.47 65.23 16.60
CA VAL F 28 15.54 66.15 15.93
C VAL F 28 14.90 67.08 16.95
N ASP F 29 14.85 68.37 16.62
CA ASP F 29 14.19 69.37 17.45
C ASP F 29 13.33 70.27 16.57
N GLU F 30 12.39 70.96 17.22
CA GLU F 30 11.50 71.88 16.54
C GLU F 30 12.27 73.11 16.04
N ALA F 31 11.75 73.71 14.98
CA ALA F 31 12.32 74.94 14.46
C ALA F 31 11.52 76.15 14.93
N ILE F 32 12.21 77.28 15.09
CA ILE F 32 11.56 78.50 15.55
C ILE F 32 11.34 79.45 14.37
N ASN F 33 12.42 79.87 13.72
CA ASN F 33 12.34 80.72 12.54
C ASN F 33 12.95 80.07 11.32
N GLU F 34 13.26 78.77 11.38
CA GLU F 34 13.86 78.09 10.25
C GLU F 34 12.80 77.73 9.23
N ASP F 35 12.99 78.22 8.00
CA ASP F 35 12.12 77.84 6.90
C ASP F 35 12.66 76.57 6.24
N ASN F 36 12.17 76.24 5.04
CA ASN F 36 12.57 75.00 4.40
C ASN F 36 14.03 75.00 3.97
N SER F 37 14.70 76.16 3.99
CA SER F 37 16.04 76.29 3.44
C SER F 37 17.14 76.35 4.49
N VAL F 38 16.81 76.64 5.76
CA VAL F 38 17.84 76.85 6.77
C VAL F 38 17.64 75.88 7.93
N VAL F 39 18.76 75.48 8.54
CA VAL F 39 18.78 74.65 9.74
C VAL F 39 19.73 75.28 10.73
N SER F 40 19.48 75.04 12.02
CA SER F 40 20.22 75.66 13.10
C SER F 40 20.99 74.62 13.90
N LEU F 41 22.28 74.88 14.11
CA LEU F 41 23.15 74.04 14.92
C LEU F 41 23.85 74.89 15.98
N SER F 42 24.11 74.28 17.13
CA SER F 42 24.71 75.00 18.24
C SER F 42 26.15 75.41 17.91
N GLN F 43 26.59 76.52 18.50
CA GLN F 43 27.94 77.02 18.22
C GLN F 43 29.03 76.04 18.62
N PRO F 44 29.03 75.42 19.80
CA PRO F 44 30.09 74.45 20.10
C PRO F 44 30.14 73.29 19.12
N LYS F 45 28.98 72.79 18.69
CA LYS F 45 28.97 71.73 17.69
C LYS F 45 29.26 72.28 16.31
N MET F 46 28.96 73.56 16.08
CA MET F 46 29.34 74.19 14.83
C MET F 46 30.86 74.23 14.67
N ASP F 47 31.57 74.52 15.76
CA ASP F 47 33.04 74.50 15.72
C ASP F 47 33.59 73.08 15.76
N GLU F 48 32.88 72.17 16.44
CA GLU F 48 33.36 70.79 16.57
C GLU F 48 33.44 70.12 15.20
N LEU F 49 32.45 70.35 14.34
CA LEU F 49 32.42 69.80 12.99
C LEU F 49 33.34 70.56 12.04
N GLN F 50 33.96 71.64 12.51
CA GLN F 50 34.74 72.54 11.66
C GLN F 50 33.88 73.07 10.52
N LEU F 51 32.64 73.44 10.86
CA LEU F 51 31.65 73.92 9.92
C LEU F 51 31.53 75.43 10.04
N PHE F 52 30.90 76.06 9.05
CA PHE F 52 30.64 77.48 9.07
C PHE F 52 29.20 77.77 8.64
N ARG F 53 28.63 78.82 9.23
CA ARG F 53 27.26 79.20 8.91
C ARG F 53 27.16 79.66 7.46
N GLY F 54 26.10 79.21 6.78
CA GLY F 54 25.89 79.50 5.38
C GLY F 54 26.40 78.43 4.45
N ASP F 55 27.16 77.46 4.96
CA ASP F 55 27.66 76.38 4.12
C ASP F 55 26.52 75.44 3.72
N THR F 56 26.74 74.71 2.63
CA THR F 56 25.78 73.71 2.20
C THR F 56 26.18 72.33 2.73
N VAL F 57 25.21 71.63 3.32
CA VAL F 57 25.46 70.37 4.00
C VAL F 57 24.47 69.33 3.50
N LEU F 58 24.83 68.05 3.68
CA LEU F 58 24.00 66.93 3.31
C LEU F 58 23.34 66.36 4.56
N LEU F 59 22.02 66.18 4.48
CA LEU F 59 21.23 65.68 5.59
C LEU F 59 20.75 64.27 5.28
N LYS F 60 20.97 63.34 6.21
CA LYS F 60 20.57 61.95 6.04
C LYS F 60 19.72 61.52 7.23
N GLY F 61 18.64 60.78 6.95
CA GLY F 61 17.76 60.28 7.97
C GLY F 61 17.41 58.82 7.74
N LYS F 62 16.20 58.47 8.17
CA LYS F 62 15.72 57.09 8.03
C LYS F 62 15.29 56.83 6.59
N LYS F 63 15.19 55.54 6.25
CA LYS F 63 14.64 55.07 4.97
C LYS F 63 15.42 55.63 3.78
N ARG F 64 16.70 55.93 4.00
CA ARG F 64 17.60 56.41 2.95
C ARG F 64 17.05 57.66 2.27
N ARG F 65 16.55 58.60 3.07
CA ARG F 65 16.04 59.87 2.57
C ARG F 65 17.03 60.97 2.91
N GLU F 66 17.41 61.74 1.89
CA GLU F 66 18.40 62.80 2.04
C GLU F 66 17.75 64.16 1.80
N ALA F 67 18.43 65.21 2.26
CA ALA F 67 18.02 66.58 2.01
C ALA F 67 19.25 67.47 2.00
N VAL F 68 19.12 68.63 1.37
CA VAL F 68 20.15 69.66 1.36
C VAL F 68 19.51 70.98 1.80
N CYS F 69 20.16 71.65 2.75
CA CYS F 69 19.67 72.91 3.29
C CYS F 69 20.85 73.78 3.69
N ILE F 70 20.59 75.07 3.82
CA ILE F 70 21.57 76.02 4.32
C ILE F 70 21.68 75.82 5.82
N VAL F 71 22.89 75.86 6.36
CA VAL F 71 23.14 75.65 7.77
C VAL F 71 23.33 77.00 8.45
N LEU F 72 22.63 77.20 9.56
CA LEU F 72 22.78 78.38 10.40
C LEU F 72 22.95 77.93 11.83
N SER F 73 22.96 78.89 12.76
CA SER F 73 23.13 78.60 14.17
C SER F 73 22.09 79.35 15.00
N ASP F 74 21.74 78.77 16.15
CA ASP F 74 20.80 79.37 17.08
C ASP F 74 21.34 79.19 18.49
N ASP F 75 21.50 80.30 19.22
CA ASP F 75 22.01 80.23 20.58
C ASP F 75 21.02 79.63 21.56
N THR F 76 19.74 79.57 21.22
CA THR F 76 18.73 78.94 22.07
C THR F 76 18.59 77.45 21.76
N CYS F 77 19.37 76.93 20.83
CA CYS F 77 19.30 75.52 20.47
C CYS F 77 20.19 74.69 21.40
N SER F 78 19.65 73.56 21.85
CA SER F 78 20.45 72.63 22.63
C SER F 78 21.50 71.97 21.74
N ASP F 79 22.63 71.62 22.35
CA ASP F 79 23.75 71.08 21.58
C ASP F 79 23.36 69.82 20.83
N GLU F 80 22.76 68.85 21.53
CA GLU F 80 22.44 67.57 20.94
C GLU F 80 21.22 67.62 20.02
N LYS F 81 20.68 68.81 19.75
CA LYS F 81 19.48 68.96 18.94
C LYS F 81 19.81 69.70 17.65
N ILE F 82 18.93 69.49 16.65
CA ILE F 82 19.03 70.17 15.36
C ILE F 82 17.66 70.75 15.03
N ARG F 83 17.65 71.96 14.49
CA ARG F 83 16.40 72.65 14.18
C ARG F 83 16.07 72.51 12.70
N MET F 84 14.85 72.05 12.42
CA MET F 84 14.34 71.92 11.07
C MET F 84 12.82 71.84 11.16
N ASN F 85 12.14 72.50 10.24
CA ASN F 85 10.69 72.63 10.35
C ASN F 85 10.00 71.31 10.00
N ARG F 86 8.67 71.33 10.06
CA ARG F 86 7.88 70.13 9.85
C ARG F 86 8.05 69.57 8.45
N VAL F 87 8.19 70.45 7.45
CA VAL F 87 8.36 69.99 6.07
C VAL F 87 9.68 69.24 5.92
N VAL F 88 10.77 69.79 6.49
CA VAL F 88 12.04 69.09 6.45
C VAL F 88 11.95 67.80 7.25
N ARG F 89 11.18 67.80 8.35
CA ARG F 89 10.97 66.57 9.10
C ARG F 89 10.32 65.51 8.24
N ASN F 90 9.30 65.89 7.45
CA ASN F 90 8.66 64.96 6.54
C ASN F 90 9.65 64.46 5.48
N ASN F 91 10.46 65.36 4.94
CA ASN F 91 11.39 64.96 3.89
C ASN F 91 12.43 63.98 4.39
N LEU F 92 12.73 64.00 5.69
CA LEU F 92 13.62 63.02 6.30
C LEU F 92 12.87 61.84 6.90
N ARG F 93 11.54 61.80 6.77
CA ARG F 93 10.72 60.66 7.18
C ARG F 93 10.91 60.32 8.66
N VAL F 94 11.07 61.37 9.47
CA VAL F 94 11.29 61.21 10.90
C VAL F 94 10.37 62.16 11.66
N ARG F 95 10.42 62.03 12.99
CA ARG F 95 9.65 62.87 13.90
C ARG F 95 10.58 63.52 14.90
N LEU F 96 9.99 64.29 15.83
CA LEU F 96 10.76 64.94 16.87
C LEU F 96 11.39 63.90 17.80
N GLY F 97 12.67 64.08 18.10
CA GLY F 97 13.42 63.17 18.93
C GLY F 97 14.18 62.11 18.17
N ASP F 98 13.94 61.98 16.87
CA ASP F 98 14.66 61.02 16.05
C ASP F 98 16.08 61.52 15.79
N VAL F 99 16.91 60.62 15.25
CA VAL F 99 18.34 60.89 15.08
C VAL F 99 18.67 60.94 13.60
N ILE F 100 19.35 62.01 13.19
CA ILE F 100 19.80 62.18 11.81
C ILE F 100 21.30 62.48 11.82
N SER F 101 21.92 62.31 10.65
CA SER F 101 23.34 62.56 10.47
C SER F 101 23.55 63.83 9.66
N ILE F 102 24.57 64.60 10.06
CA ILE F 102 24.92 65.85 9.39
C ILE F 102 26.34 65.74 8.86
N GLN F 103 26.51 66.08 7.59
CA GLN F 103 27.80 66.07 6.92
C GLN F 103 27.83 67.20 5.91
N PRO F 104 29.01 67.73 5.61
CA PRO F 104 29.11 68.73 4.53
C PRO F 104 28.77 68.12 3.19
N CYS F 105 28.27 68.98 2.28
CA CYS F 105 27.88 68.58 0.93
C CYS F 105 28.58 69.49 -0.06
N PRO F 106 29.88 69.31 -0.26
CA PRO F 106 30.64 70.23 -1.10
C PRO F 106 30.33 70.08 -2.58
N ASP F 107 30.65 71.14 -3.32
CA ASP F 107 30.49 71.17 -4.79
C ASP F 107 29.04 70.98 -5.22
N VAL F 108 28.13 71.80 -4.69
CA VAL F 108 26.77 71.85 -5.22
C VAL F 108 26.66 73.04 -6.17
N LYS F 109 26.46 72.77 -7.45
CA LYS F 109 26.53 73.77 -8.49
C LYS F 109 25.20 74.51 -8.63
N TYR F 110 25.27 75.65 -9.31
CA TYR F 110 24.07 76.45 -9.57
C TYR F 110 23.14 75.71 -10.52
N GLY F 111 21.84 75.83 -10.27
CA GLY F 111 20.87 75.12 -11.09
C GLY F 111 20.79 75.68 -12.50
N LYS F 112 20.55 74.79 -13.45
CA LYS F 112 20.30 75.17 -14.83
C LYS F 112 18.82 75.01 -15.18
N ARG F 113 18.22 73.88 -14.83
CA ARG F 113 16.83 73.61 -15.11
C ARG F 113 16.35 72.52 -14.18
N ILE F 114 15.42 72.86 -13.29
CA ILE F 114 14.86 71.91 -12.34
C ILE F 114 13.36 71.84 -12.54
N HIS F 115 12.81 70.63 -12.40
CA HIS F 115 11.40 70.38 -12.63
C HIS F 115 10.73 70.03 -11.32
N VAL F 116 9.67 70.74 -10.99
CA VAL F 116 8.86 70.47 -9.80
C VAL F 116 7.45 70.14 -10.24
N LEU F 117 6.79 69.29 -9.47
CA LEU F 117 5.43 68.89 -9.80
C LEU F 117 4.55 68.96 -8.56
N PRO F 118 3.31 69.42 -8.70
CA PRO F 118 2.46 69.65 -7.52
C PRO F 118 1.77 68.37 -7.06
N ILE F 119 1.05 68.50 -5.95
CA ILE F 119 0.21 67.44 -5.42
C ILE F 119 -1.22 67.70 -5.85
N ASP F 120 -1.94 66.63 -6.20
CA ASP F 120 -3.23 66.78 -6.89
C ASP F 120 -4.26 67.53 -6.05
N ASP F 121 -4.50 67.05 -4.82
CA ASP F 121 -5.57 67.66 -4.02
C ASP F 121 -5.18 69.02 -3.46
N THR F 122 -3.89 69.30 -3.31
CA THR F 122 -3.42 70.63 -2.93
C THR F 122 -3.64 71.67 -4.02
N VAL F 123 -3.74 71.25 -5.28
CA VAL F 123 -3.93 72.17 -6.40
C VAL F 123 -5.32 72.06 -6.99
N GLU F 124 -6.10 71.05 -6.61
CA GLU F 124 -7.48 70.92 -7.08
C GLU F 124 -8.27 72.17 -6.75
N GLY F 125 -8.96 72.72 -7.76
CA GLY F 125 -9.69 73.95 -7.60
C GLY F 125 -8.88 75.21 -7.79
N ILE F 126 -7.58 75.11 -8.02
CA ILE F 126 -6.72 76.24 -8.32
C ILE F 126 -6.50 76.28 -9.82
N THR F 127 -6.79 77.43 -10.43
CA THR F 127 -6.71 77.58 -11.88
C THR F 127 -5.68 78.60 -12.33
N GLY F 128 -4.93 79.19 -11.40
CA GLY F 128 -3.94 80.19 -11.75
C GLY F 128 -2.67 79.58 -12.30
N ASN F 129 -1.75 80.46 -12.68
CA ASN F 129 -0.43 80.04 -13.15
C ASN F 129 0.41 79.67 -11.94
N LEU F 130 0.82 78.40 -11.86
CA LEU F 130 1.56 77.93 -10.70
C LEU F 130 2.88 78.67 -10.54
N PHE F 131 3.61 78.88 -11.63
CA PHE F 131 4.92 79.52 -11.55
C PHE F 131 4.83 80.89 -10.90
N GLU F 132 4.13 81.83 -11.55
CA GLU F 132 4.10 83.21 -11.07
C GLU F 132 3.56 83.32 -9.65
N VAL F 133 2.47 82.59 -9.36
CA VAL F 133 1.84 82.74 -8.05
C VAL F 133 2.69 82.15 -6.95
N TYR F 134 3.29 80.97 -7.17
CA TYR F 134 3.95 80.26 -6.08
C TYR F 134 5.46 80.16 -6.21
N LEU F 135 5.99 79.71 -7.34
CA LEU F 135 7.37 79.25 -7.39
C LEU F 135 8.38 80.40 -7.49
N LYS F 136 8.17 81.34 -8.40
CA LYS F 136 9.14 82.42 -8.58
C LYS F 136 9.32 83.28 -7.33
N PRO F 137 8.27 83.78 -6.68
CA PRO F 137 8.51 84.54 -5.44
C PRO F 137 9.16 83.70 -4.35
N TYR F 138 8.83 82.41 -4.26
CA TYR F 138 9.43 81.55 -3.25
C TYR F 138 10.87 81.21 -3.60
N PHE F 139 11.18 81.14 -4.89
CA PHE F 139 12.56 80.97 -5.35
C PHE F 139 13.25 82.28 -5.70
N LEU F 140 12.61 83.42 -5.43
CA LEU F 140 13.20 84.70 -5.80
C LEU F 140 14.40 85.02 -4.94
N GLU F 141 15.60 84.95 -5.53
CA GLU F 141 16.84 85.40 -4.90
C GLU F 141 17.10 84.71 -3.57
N ALA F 142 16.59 83.48 -3.42
CA ALA F 142 16.78 82.71 -2.20
C ALA F 142 17.96 81.77 -2.24
N TYR F 143 18.38 81.35 -3.44
CA TYR F 143 19.48 80.40 -3.61
C TYR F 143 19.21 79.12 -2.81
N ARG F 144 18.00 78.60 -2.98
CA ARG F 144 17.56 77.46 -2.17
C ARG F 144 18.20 76.17 -2.68
N PRO F 145 18.88 75.42 -1.81
CA PRO F 145 19.38 74.10 -2.21
C PRO F 145 18.28 73.06 -2.11
N ILE F 146 18.08 72.32 -3.20
CA ILE F 146 17.04 71.30 -3.28
C ILE F 146 17.59 70.05 -3.94
N ARG F 147 17.22 68.91 -3.38
CA ARG F 147 17.57 67.60 -3.90
C ARG F 147 16.35 66.99 -4.58
N LYS F 148 16.59 66.18 -5.60
CA LYS F 148 15.51 65.49 -6.30
C LYS F 148 14.67 64.66 -5.33
N GLY F 149 13.35 64.74 -5.48
CA GLY F 149 12.42 64.03 -4.64
C GLY F 149 12.01 64.78 -3.38
N ASP F 150 12.65 65.91 -3.08
CA ASP F 150 12.29 66.68 -1.89
C ASP F 150 10.90 67.27 -2.04
N ILE F 151 10.16 67.28 -0.93
CA ILE F 151 8.83 67.88 -0.87
C ILE F 151 8.92 69.16 -0.07
N PHE F 152 8.43 70.25 -0.66
CA PHE F 152 8.45 71.56 -0.03
C PHE F 152 7.07 72.20 -0.16
N LEU F 153 6.66 72.90 0.90
CA LEU F 153 5.36 73.55 0.97
C LEU F 153 5.54 75.06 0.83
N VAL F 154 4.74 75.67 -0.05
CA VAL F 154 4.83 77.09 -0.35
C VAL F 154 3.49 77.74 -0.01
N ARG F 155 3.54 78.78 0.81
CA ARG F 155 2.33 79.55 1.10
C ARG F 155 2.04 80.52 -0.04
N GLY F 156 0.76 80.82 -0.21
CA GLY F 156 0.33 81.77 -1.22
C GLY F 156 -0.97 81.35 -1.85
N GLY F 157 -1.43 82.18 -2.78
CA GLY F 157 -2.65 81.88 -3.51
C GLY F 157 -3.85 81.81 -2.59
N MET F 158 -4.80 80.94 -2.93
CA MET F 158 -5.97 80.71 -2.09
C MET F 158 -5.72 79.67 -1.01
N ARG F 159 -4.78 78.76 -1.22
CA ARG F 159 -4.49 77.69 -0.27
C ARG F 159 -3.08 77.18 -0.55
N ALA F 160 -2.38 76.81 0.52
CA ALA F 160 -1.02 76.31 0.37
C ALA F 160 -1.00 75.06 -0.51
N VAL F 161 0.00 74.99 -1.40
CA VAL F 161 0.12 73.92 -2.37
C VAL F 161 1.47 73.24 -2.20
N GLU F 162 1.45 71.92 -2.18
CA GLU F 162 2.67 71.12 -2.07
C GLU F 162 3.21 70.79 -3.46
N PHE F 163 4.53 70.66 -3.55
CA PHE F 163 5.21 70.35 -4.80
C PHE F 163 6.26 69.27 -4.58
N LYS F 164 6.55 68.53 -5.64
CA LYS F 164 7.53 67.45 -5.62
C LYS F 164 8.61 67.72 -6.66
N VAL F 165 9.86 67.53 -6.27
CA VAL F 165 10.99 67.77 -7.16
C VAL F 165 11.29 66.47 -7.91
N VAL F 166 10.94 66.44 -9.19
CA VAL F 166 11.10 65.21 -9.97
C VAL F 166 12.41 65.19 -10.75
N GLU F 167 12.90 66.34 -11.20
CA GLU F 167 14.08 66.38 -12.05
C GLU F 167 14.86 67.65 -11.78
N THR F 168 16.19 67.52 -11.74
CA THR F 168 17.10 68.65 -11.60
C THR F 168 18.25 68.48 -12.58
N ASP F 169 18.87 69.60 -12.95
CA ASP F 169 20.08 69.56 -13.76
C ASP F 169 20.99 70.69 -13.32
N PRO F 170 22.12 70.38 -12.66
CA PRO F 170 22.61 69.02 -12.38
C PRO F 170 21.83 68.32 -11.26
N SER F 171 22.08 67.03 -11.10
CA SER F 171 21.39 66.19 -10.14
C SER F 171 22.42 65.44 -9.30
N PRO F 172 22.10 65.12 -8.03
CA PRO F 172 20.83 65.40 -7.34
C PRO F 172 20.80 66.77 -6.65
N TYR F 173 21.97 67.35 -6.41
CA TYR F 173 22.09 68.56 -5.62
C TYR F 173 22.33 69.75 -6.54
N CYS F 174 21.60 70.83 -6.27
CA CYS F 174 21.65 72.02 -7.12
C CYS F 174 21.27 73.23 -6.29
N ILE F 175 21.62 74.41 -6.81
CA ILE F 175 21.29 75.69 -6.20
C ILE F 175 20.40 76.46 -7.15
N VAL F 176 19.27 76.97 -6.65
CA VAL F 176 18.32 77.72 -7.45
C VAL F 176 18.82 79.16 -7.51
N ALA F 177 19.66 79.45 -8.50
CA ALA F 177 20.19 80.77 -8.76
C ALA F 177 19.18 81.60 -9.56
N PRO F 178 19.37 82.92 -9.62
CA PRO F 178 18.44 83.74 -10.43
C PRO F 178 18.37 83.33 -11.88
N ASP F 179 19.44 82.76 -12.44
CA ASP F 179 19.44 82.29 -13.82
C ASP F 179 18.93 80.85 -13.95
N THR F 180 18.61 80.20 -12.84
CA THR F 180 18.08 78.85 -12.90
C THR F 180 16.69 78.86 -13.50
N VAL F 181 16.44 77.97 -14.45
CA VAL F 181 15.14 77.87 -15.10
C VAL F 181 14.23 77.01 -14.24
N ILE F 182 13.04 77.52 -13.93
CA ILE F 182 12.07 76.81 -13.11
C ILE F 182 10.82 76.55 -13.94
N HIS F 183 10.40 75.29 -14.03
CA HIS F 183 9.22 74.90 -14.78
C HIS F 183 8.47 73.80 -14.04
N CYS F 184 7.15 73.80 -14.20
CA CYS F 184 6.29 72.87 -13.47
C CYS F 184 5.22 72.19 -14.32
N GLU F 185 5.29 72.31 -15.65
CA GLU F 185 4.29 71.66 -16.49
C GLU F 185 4.43 70.14 -16.40
N GLY F 186 3.31 69.44 -16.49
CA GLY F 186 3.32 68.00 -16.43
C GLY F 186 2.18 67.39 -15.63
N GLU F 187 2.48 66.32 -14.89
CA GLU F 187 1.48 65.57 -14.14
C GLU F 187 1.66 65.79 -12.65
N PRO F 188 0.59 66.14 -11.92
CA PRO F 188 0.70 66.24 -10.46
C PRO F 188 0.87 64.88 -9.82
N ILE F 189 1.40 64.88 -8.60
CA ILE F 189 1.58 63.65 -7.85
C ILE F 189 0.31 63.31 -7.08
N LYS F 190 -0.05 62.03 -7.06
CA LYS F 190 -1.24 61.55 -6.37
C LYS F 190 -1.00 61.51 -4.86
N ARG F 191 -2.11 61.49 -4.10
CA ARG F 191 -2.01 61.35 -2.66
C ARG F 191 -1.67 59.92 -2.25
N GLU F 192 -2.14 58.94 -3.02
CA GLU F 192 -1.86 57.55 -2.67
C GLU F 192 -0.38 57.24 -2.75
N ASP F 193 0.30 57.73 -3.79
CA ASP F 193 1.74 57.48 -3.95
C ASP F 193 2.52 58.12 -2.82
N GLU F 194 2.24 59.40 -2.54
CA GLU F 194 2.94 60.10 -1.47
C GLU F 194 2.66 59.47 -0.12
N GLU F 195 1.43 59.03 0.11
CA GLU F 195 1.08 58.37 1.36
C GLU F 195 1.82 57.04 1.51
N GLU F 196 1.90 56.27 0.41
CA GLU F 196 2.62 55.01 0.46
C GLU F 196 4.10 55.22 0.73
N SER F 197 4.67 56.27 0.14
CA SER F 197 6.07 56.59 0.44
C SER F 197 6.23 57.06 1.89
N LEU F 198 5.22 57.77 2.41
CA LEU F 198 5.34 58.35 3.75
C LEU F 198 5.24 57.28 4.83
N ASN F 199 4.11 56.59 4.92
CA ASN F 199 3.96 55.54 5.92
C ASN F 199 4.98 54.43 5.68
N GLU F 200 4.83 53.71 4.57
CA GLU F 200 5.77 52.70 4.05
C GLU F 200 6.15 51.79 5.23
N VAL F 201 7.40 51.34 5.35
CA VAL F 201 7.78 50.50 6.48
C VAL F 201 9.27 50.66 6.81
N GLY F 202 9.58 50.91 8.08
CA GLY F 202 10.96 51.01 8.52
C GLY F 202 11.33 50.02 9.61
N TYR F 203 12.56 50.16 10.10
CA TYR F 203 13.03 49.29 11.18
C TYR F 203 12.26 49.55 12.47
N ASP F 204 11.93 50.82 12.73
CA ASP F 204 11.21 51.16 13.95
C ASP F 204 9.82 50.52 13.97
N ASP F 205 9.24 50.29 12.79
CA ASP F 205 7.90 49.72 12.71
C ASP F 205 7.86 48.31 13.26
N ILE F 206 8.89 47.51 12.99
CA ILE F 206 8.95 46.16 13.51
C ILE F 206 9.29 46.19 14.99
N GLY F 207 8.44 45.59 15.80
CA GLY F 207 8.65 45.56 17.24
C GLY F 207 8.61 44.13 17.75
N GLY F 208 9.20 43.95 18.93
CA GLY F 208 9.22 42.65 19.58
C GLY F 208 10.30 41.71 19.10
N CYS F 209 11.16 42.13 18.17
CA CYS F 209 12.24 41.29 17.67
C CYS F 209 13.55 42.05 17.55
N ARG F 210 13.79 43.02 18.45
CA ARG F 210 14.99 43.85 18.37
C ARG F 210 16.27 43.01 18.42
N LYS F 211 16.25 41.91 19.16
CA LYS F 211 17.39 41.00 19.17
C LYS F 211 17.62 40.38 17.79
N GLN F 212 16.55 39.83 17.20
CA GLN F 212 16.67 39.23 15.88
C GLN F 212 17.00 40.27 14.81
N LEU F 213 16.41 41.46 14.90
CA LEU F 213 16.74 42.51 13.94
C LEU F 213 18.20 42.93 14.05
N ALA F 214 18.72 43.05 15.27
CA ALA F 214 20.14 43.39 15.43
C ALA F 214 21.02 42.30 14.84
N GLN F 215 20.68 41.03 15.11
CA GLN F 215 21.46 39.93 14.54
C GLN F 215 21.42 39.96 13.02
N ILE F 216 20.24 40.20 12.45
CA ILE F 216 20.11 40.23 10.99
C ILE F 216 20.94 41.37 10.42
N LYS F 217 20.85 42.55 11.02
CA LYS F 217 21.58 43.70 10.48
C LYS F 217 23.08 43.46 10.54
N GLU F 218 23.58 42.93 11.66
CA GLU F 218 25.03 42.71 11.75
C GLU F 218 25.46 41.58 10.83
N MET F 219 24.56 40.64 10.53
CA MET F 219 24.93 39.53 9.67
C MET F 219 24.94 39.93 8.19
N VAL F 220 24.07 40.85 7.79
CA VAL F 220 23.88 41.16 6.37
C VAL F 220 24.56 42.47 5.96
N GLU F 221 24.47 43.52 6.77
CA GLU F 221 24.97 44.83 6.33
C GLU F 221 26.49 44.90 6.43
N LEU F 222 27.09 44.22 7.40
CA LEU F 222 28.54 44.26 7.55
C LEU F 222 29.27 43.71 6.34
N PRO F 223 28.92 42.54 5.77
CA PRO F 223 29.51 42.17 4.48
C PRO F 223 29.21 43.17 3.38
N LEU F 224 28.05 43.81 3.41
CA LEU F 224 27.74 44.85 2.42
C LEU F 224 28.57 46.10 2.66
N ARG F 225 28.75 46.48 3.93
CA ARG F 225 29.44 47.74 4.23
C ARG F 225 30.95 47.55 4.27
N HIS F 226 31.44 46.45 4.84
CA HIS F 226 32.86 46.22 5.02
C HIS F 226 33.25 44.83 4.52
N PRO F 227 33.22 44.61 3.20
CA PRO F 227 33.84 43.38 2.69
C PRO F 227 35.33 43.32 2.97
N ALA F 228 35.99 44.47 2.99
CA ALA F 228 37.43 44.51 3.25
C ALA F 228 37.74 43.97 4.63
N LEU F 229 36.89 44.27 5.62
CA LEU F 229 37.12 43.76 6.97
C LEU F 229 37.14 42.24 6.98
N PHE F 230 36.20 41.61 6.27
CA PHE F 230 36.21 40.16 6.18
C PHE F 230 37.40 39.67 5.39
N LYS F 231 37.87 40.47 4.43
CA LYS F 231 39.07 40.08 3.69
C LYS F 231 40.30 40.04 4.59
N GLU F 232 40.45 41.05 5.46
CA GLU F 232 41.63 41.10 6.32
C GLU F 232 41.69 39.91 7.27
N ILE F 233 40.58 39.65 7.97
CA ILE F 233 40.51 38.47 8.83
C ILE F 233 40.57 37.21 7.98
N GLY F 234 40.21 37.32 6.70
CA GLY F 234 40.27 36.21 5.78
C GLY F 234 39.08 35.30 5.79
N VAL F 235 38.02 35.64 6.51
CA VAL F 235 36.86 34.78 6.69
C VAL F 235 35.76 35.25 5.76
N LYS F 236 35.26 34.33 4.93
CA LYS F 236 34.19 34.68 4.01
C LYS F 236 32.91 34.95 4.78
N PRO F 237 32.08 35.89 4.32
CA PRO F 237 30.82 36.18 5.00
C PRO F 237 29.83 35.05 4.80
N PRO F 238 28.82 34.94 5.66
CA PRO F 238 27.77 33.93 5.43
C PRO F 238 27.06 34.19 4.11
N ARG F 239 26.74 33.11 3.40
CA ARG F 239 26.14 33.25 2.07
C ARG F 239 24.63 33.46 2.17
N GLY F 240 23.95 32.70 3.01
CA GLY F 240 22.50 32.75 3.07
C GLY F 240 22.02 32.79 4.50
N ILE F 241 20.94 33.54 4.70
CA ILE F 241 20.28 33.68 6.00
C ILE F 241 18.88 33.14 5.87
N LEU F 242 18.50 32.22 6.76
CA LEU F 242 17.20 31.56 6.72
C LEU F 242 16.37 32.02 7.91
N LEU F 243 15.16 32.48 7.64
CA LEU F 243 14.23 32.92 8.66
C LEU F 243 13.17 31.84 8.84
N TYR F 244 13.02 31.34 10.06
CA TYR F 244 12.00 30.34 10.37
C TYR F 244 11.23 30.80 11.59
N GLY F 245 9.90 30.77 11.49
CA GLY F 245 9.04 31.14 12.57
C GLY F 245 7.60 30.73 12.29
N PRO F 246 6.76 30.72 13.32
CA PRO F 246 5.35 30.44 13.09
C PRO F 246 4.73 31.52 12.23
N PRO F 247 3.71 31.18 11.45
CA PRO F 247 3.08 32.19 10.59
C PRO F 247 2.52 33.33 11.42
N GLY F 248 2.70 34.55 10.93
CA GLY F 248 2.22 35.73 11.60
C GLY F 248 3.26 36.52 12.37
N THR F 249 4.47 36.00 12.53
CA THR F 249 5.49 36.72 13.31
C THR F 249 5.93 37.99 12.60
N GLY F 250 6.00 37.96 11.27
CA GLY F 250 6.38 39.13 10.51
C GLY F 250 7.66 39.01 9.72
N LYS F 251 7.99 37.80 9.23
CA LYS F 251 9.21 37.62 8.45
C LYS F 251 9.16 38.43 7.16
N THR F 252 7.99 38.48 6.50
CA THR F 252 7.86 39.28 5.29
C THR F 252 8.05 40.75 5.61
N LEU F 253 7.56 41.19 6.77
CA LEU F 253 7.77 42.57 7.19
C LEU F 253 9.24 42.87 7.40
N ILE F 254 9.98 41.95 8.02
CA ILE F 254 11.41 42.13 8.21
C ILE F 254 12.12 42.17 6.86
N ALA F 255 11.68 41.34 5.92
CA ALA F 255 12.25 41.38 4.57
C ALA F 255 12.03 42.75 3.93
N ARG F 256 10.83 43.29 4.04
CA ARG F 256 10.57 44.60 3.46
C ARG F 256 11.42 45.67 4.12
N ALA F 257 11.53 45.65 5.45
CA ALA F 257 12.32 46.64 6.15
C ALA F 257 13.79 46.57 5.76
N VAL F 258 14.32 45.35 5.64
CA VAL F 258 15.69 45.20 5.14
C VAL F 258 15.79 45.75 3.73
N ALA F 259 14.77 45.52 2.90
CA ALA F 259 14.77 46.05 1.55
C ALA F 259 14.82 47.57 1.55
N ASN F 260 14.32 48.21 2.61
CA ASN F 260 14.26 49.67 2.62
C ASN F 260 15.61 50.30 2.96
N GLU F 261 16.10 50.09 4.18
CA GLU F 261 17.20 50.89 4.72
C GLU F 261 18.57 50.24 4.50
N THR F 262 18.77 49.57 3.37
CA THR F 262 20.07 49.04 3.01
C THR F 262 20.54 49.66 1.70
N GLY F 263 21.81 50.05 1.64
CA GLY F 263 22.34 50.66 0.44
C GLY F 263 22.36 49.72 -0.74
N ALA F 264 22.60 48.43 -0.49
CA ALA F 264 22.70 47.46 -1.57
C ALA F 264 21.35 47.30 -2.26
N PHE F 265 21.40 46.99 -3.55
CA PHE F 265 20.17 46.76 -4.31
C PHE F 265 19.48 45.51 -3.79
N PHE F 266 18.16 45.57 -3.66
CA PHE F 266 17.37 44.48 -3.09
C PHE F 266 16.45 43.92 -4.17
N PHE F 267 16.51 42.61 -4.37
CA PHE F 267 15.65 41.91 -5.31
C PHE F 267 14.83 40.88 -4.54
N LEU F 268 13.51 41.00 -4.63
CA LEU F 268 12.60 40.16 -3.87
C LEU F 268 11.99 39.11 -4.79
N ILE F 269 12.10 37.85 -4.38
CA ILE F 269 11.49 36.73 -5.08
C ILE F 269 10.45 36.11 -4.17
N ASN F 270 9.22 35.97 -4.67
CA ASN F 270 8.16 35.28 -3.98
C ASN F 270 8.06 33.87 -4.52
N GLY F 271 8.02 32.88 -3.62
CA GLY F 271 7.84 31.50 -4.00
C GLY F 271 6.56 31.23 -4.79
N PRO F 272 5.40 31.72 -4.35
CA PRO F 272 4.20 31.57 -5.17
C PRO F 272 4.31 32.21 -6.55
N GLU F 273 4.99 33.34 -6.66
CA GLU F 273 5.12 33.98 -7.96
C GLU F 273 5.99 33.16 -8.90
N ILE F 274 7.01 32.49 -8.36
CA ILE F 274 7.86 31.64 -9.18
C ILE F 274 7.11 30.36 -9.57
N MET F 275 6.37 29.77 -8.62
CA MET F 275 5.58 28.58 -8.94
C MET F 275 4.51 28.88 -9.99
N SER F 276 3.87 30.04 -9.90
CA SER F 276 2.78 30.36 -10.81
C SER F 276 3.29 30.50 -12.25
N LYS F 277 4.56 30.88 -12.40
CA LYS F 277 5.13 30.97 -13.74
C LYS F 277 5.27 29.57 -14.34
N LEU F 278 5.12 29.49 -15.66
CA LEU F 278 5.15 28.22 -16.35
C LEU F 278 6.54 27.58 -16.24
N ALA F 279 6.58 26.27 -16.47
CA ALA F 279 7.84 25.54 -16.37
C ALA F 279 8.84 26.06 -17.39
N GLY F 280 10.06 26.34 -16.93
CA GLY F 280 11.08 26.95 -17.73
C GLY F 280 11.08 28.46 -17.68
N GLU F 281 9.96 29.08 -17.27
CA GLU F 281 9.93 30.52 -17.12
C GLU F 281 10.26 30.91 -15.68
N SER F 282 10.11 29.97 -14.75
CA SER F 282 10.64 30.16 -13.40
C SER F 282 12.16 30.04 -13.40
N GLU F 283 12.70 29.11 -14.20
CA GLU F 283 14.14 28.97 -14.35
C GLU F 283 14.76 30.27 -14.85
N SER F 284 14.16 30.85 -15.89
CA SER F 284 14.67 32.11 -16.43
C SER F 284 14.58 33.22 -15.41
N ASN F 285 13.50 33.25 -14.61
CA ASN F 285 13.35 34.28 -13.59
C ASN F 285 14.42 34.16 -12.52
N LEU F 286 14.71 32.94 -12.05
CA LEU F 286 15.77 32.76 -11.06
C LEU F 286 17.12 33.18 -11.63
N ARG F 287 17.41 32.76 -12.87
CA ARG F 287 18.65 33.16 -13.51
C ARG F 287 18.76 34.67 -13.61
N LYS F 288 17.68 35.33 -14.02
CA LYS F 288 17.70 36.79 -14.18
C LYS F 288 17.88 37.49 -12.84
N ALA F 289 17.27 36.96 -11.79
CA ALA F 289 17.46 37.55 -10.47
C ALA F 289 18.91 37.47 -10.03
N PHE F 290 19.54 36.29 -10.18
CA PHE F 290 20.94 36.18 -9.81
C PHE F 290 21.84 37.05 -10.68
N GLU F 291 21.52 37.13 -11.98
CA GLU F 291 22.32 37.96 -12.88
C GLU F 291 22.22 39.42 -12.52
N GLU F 292 21.02 39.91 -12.19
CA GLU F 292 20.88 41.30 -11.79
C GLU F 292 21.59 41.55 -10.47
N ALA F 293 21.51 40.59 -9.54
CA ALA F 293 22.18 40.76 -8.26
C ALA F 293 23.69 40.89 -8.44
N GLU F 294 24.29 40.05 -9.28
CA GLU F 294 25.73 40.16 -9.51
C GLU F 294 26.06 41.41 -10.32
N LYS F 295 25.15 41.83 -11.20
CA LYS F 295 25.42 43.00 -12.03
C LYS F 295 25.49 44.28 -11.20
N ASN F 296 24.58 44.43 -10.24
CA ASN F 296 24.48 45.63 -9.42
C ASN F 296 25.05 45.45 -8.03
N ALA F 297 26.14 44.72 -7.88
CA ALA F 297 26.71 44.48 -6.57
C ALA F 297 27.14 45.80 -5.93
N PRO F 298 27.00 45.95 -4.60
CA PRO F 298 26.47 44.94 -3.66
C PRO F 298 24.97 44.76 -3.79
N ALA F 299 24.47 43.57 -3.47
CA ALA F 299 23.06 43.26 -3.69
C ALA F 299 22.60 42.22 -2.67
N ILE F 300 21.28 42.11 -2.55
CA ILE F 300 20.63 41.14 -1.69
C ILE F 300 19.54 40.45 -2.50
N ILE F 301 19.43 39.13 -2.34
CA ILE F 301 18.35 38.37 -2.93
C ILE F 301 17.51 37.78 -1.81
N PHE F 302 16.20 38.00 -1.88
CA PHE F 302 15.28 37.42 -0.91
C PHE F 302 14.34 36.47 -1.63
N ILE F 303 14.23 35.26 -1.10
CA ILE F 303 13.29 34.26 -1.60
C ILE F 303 12.28 34.01 -0.49
N ASP F 304 11.11 34.62 -0.61
CA ASP F 304 10.10 34.50 0.43
C ASP F 304 9.32 33.20 0.26
N GLU F 305 8.99 32.59 1.40
CA GLU F 305 8.35 31.28 1.43
C GLU F 305 9.19 30.26 0.66
N LEU F 306 10.39 30.03 1.19
CA LEU F 306 11.34 29.12 0.55
C LEU F 306 10.78 27.70 0.48
N ASP F 307 9.90 27.35 1.41
CA ASP F 307 9.26 26.03 1.37
C ASP F 307 8.40 25.87 0.12
N ALA F 308 7.72 26.95 -0.28
CA ALA F 308 6.87 26.88 -1.47
C ALA F 308 7.71 26.63 -2.73
N ILE F 309 8.86 27.30 -2.84
CA ILE F 309 9.68 27.18 -4.04
C ILE F 309 10.60 25.97 -4.00
N ALA F 310 10.90 25.44 -2.83
CA ALA F 310 11.87 24.36 -2.66
C ALA F 310 11.31 23.26 -1.78
N PRO F 311 10.52 22.34 -2.34
CA PRO F 311 10.03 21.21 -1.56
C PRO F 311 11.11 20.17 -1.36
N LYS F 312 10.86 19.24 -0.43
CA LYS F 312 11.76 18.14 -0.13
C LYS F 312 12.05 17.33 -1.39
N ARG F 313 13.33 17.26 -1.77
CA ARG F 313 13.70 16.54 -2.99
C ARG F 313 13.40 15.05 -2.89
N GLU F 314 13.45 14.51 -1.67
CA GLU F 314 13.14 13.09 -1.49
C GLU F 314 11.68 12.81 -1.77
N LYS F 315 10.79 13.72 -1.36
CA LYS F 315 9.35 13.56 -1.53
C LYS F 315 8.79 14.76 -2.30
N THR F 316 8.72 14.63 -3.62
CA THR F 316 8.12 15.64 -4.48
C THR F 316 7.47 14.94 -5.67
N HIS F 317 6.19 15.25 -5.91
CA HIS F 317 5.43 14.60 -6.96
C HIS F 317 5.62 15.26 -8.32
N GLY F 318 6.29 16.42 -8.38
CA GLY F 318 6.47 17.12 -9.63
C GLY F 318 7.93 17.33 -10.01
N GLU F 319 8.27 17.00 -11.25
CA GLU F 319 9.65 17.14 -11.72
C GLU F 319 10.07 18.60 -11.79
N VAL F 320 9.13 19.49 -12.07
CA VAL F 320 9.45 20.91 -12.20
C VAL F 320 9.99 21.47 -10.89
N GLU F 321 9.36 21.09 -9.78
CA GLU F 321 9.83 21.55 -8.48
C GLU F 321 11.26 21.09 -8.21
N ARG F 322 11.57 19.83 -8.54
CA ARG F 322 12.92 19.33 -8.35
C ARG F 322 13.91 20.10 -9.23
N ARG F 323 13.53 20.40 -10.47
CA ARG F 323 14.40 21.18 -11.33
C ARG F 323 14.67 22.55 -10.74
N ILE F 324 13.64 23.21 -10.21
CA ILE F 324 13.83 24.55 -9.65
C ILE F 324 14.73 24.48 -8.41
N VAL F 325 14.53 23.48 -7.56
CA VAL F 325 15.38 23.32 -6.39
C VAL F 325 16.83 23.13 -6.81
N SER F 326 17.07 22.25 -7.78
CA SER F 326 18.44 21.98 -8.20
C SER F 326 19.08 23.19 -8.86
N GLN F 327 18.29 23.96 -9.63
CA GLN F 327 18.81 25.18 -10.21
C GLN F 327 19.21 26.18 -9.14
N LEU F 328 18.38 26.31 -8.10
CA LEU F 328 18.74 27.19 -6.99
C LEU F 328 20.02 26.71 -6.31
N LEU F 329 20.16 25.40 -6.13
CA LEU F 329 21.37 24.84 -5.56
C LEU F 329 22.60 25.23 -6.37
N THR F 330 22.54 25.02 -7.69
CA THR F 330 23.68 25.33 -8.55
C THR F 330 24.00 26.81 -8.54
N LEU F 331 22.97 27.67 -8.60
CA LEU F 331 23.23 29.11 -8.61
C LEU F 331 23.86 29.57 -7.30
N MET F 332 23.38 29.04 -6.16
CA MET F 332 23.97 29.47 -4.90
C MET F 332 25.38 28.96 -4.74
N ASP F 333 25.66 27.74 -5.22
CA ASP F 333 27.04 27.25 -5.20
C ASP F 333 27.93 28.07 -6.11
N GLY F 334 27.39 28.60 -7.21
CA GLY F 334 28.21 29.34 -8.15
C GLY F 334 28.57 30.73 -7.67
N LEU F 335 27.99 31.18 -6.56
CA LEU F 335 28.30 32.50 -6.04
C LEU F 335 29.73 32.54 -5.51
N LYS F 336 30.51 33.52 -5.96
CA LYS F 336 31.92 33.61 -5.62
C LYS F 336 32.22 34.67 -4.57
N GLN F 337 31.22 35.38 -4.08
CA GLN F 337 31.28 36.36 -3.00
C GLN F 337 32.11 37.58 -3.36
N ARG F 338 32.69 37.65 -4.55
CA ARG F 338 33.32 38.89 -5.00
C ARG F 338 32.27 39.97 -5.21
N ALA F 339 31.10 39.60 -5.72
CA ALA F 339 29.98 40.53 -5.79
C ALA F 339 29.39 40.76 -4.40
N HIS F 340 29.68 39.87 -3.46
CA HIS F 340 29.27 39.96 -2.06
C HIS F 340 27.76 39.98 -1.90
N VAL F 341 27.03 39.32 -2.79
CA VAL F 341 25.58 39.28 -2.69
C VAL F 341 25.18 38.26 -1.63
N ILE F 342 24.15 38.59 -0.85
CA ILE F 342 23.62 37.72 0.19
C ILE F 342 22.22 37.29 -0.20
N VAL F 343 22.00 35.98 -0.26
CA VAL F 343 20.67 35.41 -0.45
C VAL F 343 20.03 35.27 0.92
N MET F 344 18.73 35.53 1.01
CA MET F 344 18.01 35.53 2.27
C MET F 344 16.66 34.85 2.07
N ALA F 345 16.29 34.01 3.03
CA ALA F 345 15.09 33.20 2.88
C ALA F 345 14.26 33.26 4.15
N ALA F 346 12.95 33.07 3.99
CA ALA F 346 12.00 33.01 5.09
C ALA F 346 11.07 31.84 4.86
N THR F 347 10.60 31.23 5.94
CA THR F 347 9.74 30.06 5.83
C THR F 347 8.84 29.96 7.05
N ASN F 348 7.76 29.19 6.92
CA ASN F 348 6.91 28.90 8.07
C ASN F 348 7.26 27.54 8.66
N ARG F 349 7.69 26.60 7.83
CA ARG F 349 8.13 25.28 8.27
C ARG F 349 9.60 25.10 7.90
N PRO F 350 10.54 25.28 8.83
CA PRO F 350 11.95 25.09 8.49
C PRO F 350 12.26 23.68 8.02
N ASN F 351 11.57 22.67 8.56
CA ASN F 351 11.85 21.29 8.15
C ASN F 351 11.35 21.00 6.74
N SER F 352 10.37 21.78 6.27
CA SER F 352 9.86 21.57 4.91
C SER F 352 10.91 21.96 3.88
N ILE F 353 11.86 22.83 4.24
CA ILE F 353 12.92 23.22 3.33
C ILE F 353 13.81 22.02 3.05
N ASP F 354 14.31 21.95 1.82
CA ASP F 354 15.10 20.81 1.38
C ASP F 354 16.37 20.68 2.22
N PRO F 355 16.78 19.45 2.57
CA PRO F 355 18.01 19.30 3.36
C PRO F 355 19.24 19.86 2.70
N ALA F 356 19.33 19.79 1.37
CA ALA F 356 20.48 20.35 0.67
C ALA F 356 20.57 21.85 0.88
N LEU F 357 19.43 22.54 0.93
CA LEU F 357 19.42 23.97 1.18
C LEU F 357 19.96 24.29 2.57
N ARG F 358 19.67 23.42 3.56
CA ARG F 358 20.06 23.72 4.93
C ARG F 358 21.49 23.27 5.25
N ARG F 359 22.18 22.65 4.31
CA ARG F 359 23.54 22.17 4.58
C ARG F 359 24.49 23.36 4.63
N PHE F 360 25.69 23.13 5.18
CA PHE F 360 26.71 24.16 5.24
C PHE F 360 27.06 24.65 3.83
N GLY F 361 27.25 25.96 3.71
CA GLY F 361 27.53 26.59 2.44
C GLY F 361 26.32 27.21 1.77
N ARG F 362 25.13 26.69 2.05
CA ARG F 362 23.88 27.26 1.56
C ARG F 362 22.99 27.56 2.75
N PHE F 363 22.54 28.81 2.87
CA PHE F 363 21.70 29.24 3.99
C PHE F 363 22.26 28.75 5.31
N ASP F 364 23.55 29.00 5.52
CA ASP F 364 24.26 28.44 6.66
C ASP F 364 23.67 28.92 7.98
N ARG F 365 23.32 30.20 8.08
CA ARG F 365 22.79 30.77 9.31
C ARG F 365 21.27 30.80 9.24
N GLU F 366 20.62 30.33 10.31
CA GLU F 366 19.18 30.31 10.43
C GLU F 366 18.77 31.11 11.66
N VAL F 367 17.87 32.06 11.47
CA VAL F 367 17.45 32.98 12.53
C VAL F 367 16.02 32.64 12.92
N ASP F 368 15.79 32.50 14.22
CA ASP F 368 14.48 32.13 14.75
C ASP F 368 13.72 33.40 15.13
N ILE F 369 12.52 33.56 14.57
CA ILE F 369 11.64 34.66 14.92
C ILE F 369 10.51 34.08 15.74
N GLY F 370 10.60 34.24 17.07
CA GLY F 370 9.60 33.67 17.94
C GLY F 370 8.41 34.58 18.18
N ILE F 371 7.55 34.13 19.08
CA ILE F 371 6.38 34.91 19.51
C ILE F 371 6.85 36.10 20.34
N PRO F 372 6.32 37.29 20.11
CA PRO F 372 6.77 38.46 20.88
C PRO F 372 6.41 38.34 22.36
N ASP F 373 7.22 39.00 23.19
CA ASP F 373 7.00 39.04 24.62
C ASP F 373 6.09 40.22 24.97
N ALA F 374 5.76 40.35 26.26
CA ALA F 374 4.81 41.36 26.71
C ALA F 374 5.26 42.76 26.31
N THR F 375 6.51 43.11 26.61
CA THR F 375 7.04 44.41 26.18
C THR F 375 7.08 44.48 24.66
N GLY F 376 7.49 43.39 24.01
CA GLY F 376 7.53 43.39 22.55
C GLY F 376 6.16 43.55 21.92
N ARG F 377 5.16 42.86 22.47
CA ARG F 377 3.82 42.97 21.89
C ARG F 377 3.19 44.33 22.21
N LEU F 378 3.55 44.92 23.36
CA LEU F 378 3.16 46.31 23.60
C LEU F 378 3.75 47.23 22.56
N GLU F 379 5.03 47.04 22.23
CA GLU F 379 5.64 47.81 21.17
C GLU F 379 4.90 47.63 19.85
N ILE F 380 4.59 46.37 19.51
CA ILE F 380 3.88 46.09 18.26
C ILE F 380 2.55 46.82 18.23
N LEU F 381 1.80 46.74 19.33
CA LEU F 381 0.51 47.43 19.41
C LEU F 381 0.68 48.93 19.26
N GLN F 382 1.79 49.48 19.75
CA GLN F 382 2.01 50.92 19.60
C GLN F 382 2.04 51.32 18.13
N ILE F 383 2.85 50.63 17.32
CA ILE F 383 2.92 50.96 15.89
C ILE F 383 1.59 50.65 15.20
N HIS F 384 0.95 49.55 15.55
CA HIS F 384 -0.32 49.21 14.90
C HIS F 384 -1.39 50.27 15.17
N THR F 385 -1.46 50.78 16.40
CA THR F 385 -2.53 51.67 16.79
C THR F 385 -2.18 53.15 16.61
N LYS F 386 -0.93 53.49 16.31
CA LYS F 386 -0.57 54.90 16.21
C LYS F 386 -1.19 55.54 14.97
N ASN F 387 -1.42 54.76 13.91
CA ASN F 387 -2.21 55.25 12.79
C ASN F 387 -3.66 55.47 13.19
N MET F 388 -4.20 54.58 14.03
CA MET F 388 -5.59 54.63 14.42
C MET F 388 -5.89 55.84 15.30
N LYS F 389 -7.03 56.48 15.04
CA LYS F 389 -7.53 57.50 15.95
C LYS F 389 -7.86 56.87 17.30
N LEU F 390 -7.30 57.43 18.36
CA LEU F 390 -7.35 56.82 19.68
C LEU F 390 -7.96 57.78 20.69
N ALA F 391 -8.68 57.22 21.66
CA ALA F 391 -9.19 57.99 22.78
C ALA F 391 -8.21 57.90 23.96
N ASP F 392 -8.44 58.75 24.97
CA ASP F 392 -7.54 58.78 26.11
C ASP F 392 -7.73 57.56 27.01
N ASP F 393 -8.96 57.05 27.10
CA ASP F 393 -9.28 56.03 28.10
C ASP F 393 -8.55 54.72 27.82
N VAL F 394 -8.42 54.36 26.55
CA VAL F 394 -7.90 53.02 26.21
C VAL F 394 -6.42 52.93 26.57
N ASP F 395 -6.06 51.85 27.25
CA ASP F 395 -4.70 51.61 27.71
C ASP F 395 -4.13 50.43 26.93
N LEU F 396 -2.97 50.63 26.30
CA LEU F 396 -2.39 49.58 25.46
C LEU F 396 -1.72 48.51 26.30
N GLU F 397 -1.22 48.86 27.48
CA GLU F 397 -0.49 47.89 28.29
C GLU F 397 -1.41 46.77 28.78
N GLN F 398 -2.65 47.10 29.16
CA GLN F 398 -3.58 46.08 29.60
C GLN F 398 -3.93 45.13 28.45
N VAL F 399 -4.14 45.67 27.26
CA VAL F 399 -4.42 44.84 26.09
C VAL F 399 -3.23 43.93 25.79
N ALA F 400 -2.01 44.48 25.87
CA ALA F 400 -0.82 43.67 25.64
C ALA F 400 -0.73 42.53 26.66
N ASN F 401 -1.04 42.82 27.92
CA ASN F 401 -1.02 41.76 28.93
C ASN F 401 -2.07 40.70 28.63
N GLU F 402 -3.25 41.11 28.18
CA GLU F 402 -4.33 40.16 27.97
C GLU F 402 -4.11 39.32 26.70
N THR F 403 -3.20 39.77 25.82
CA THR F 403 -2.82 38.97 24.65
C THR F 403 -1.55 38.16 24.94
N HIS F 404 -1.73 37.07 25.67
CA HIS F 404 -0.58 36.26 26.07
C HIS F 404 0.05 35.54 24.88
N GLY F 405 -0.76 34.86 24.08
CA GLY F 405 -0.27 34.08 22.97
C GLY F 405 -0.49 34.66 21.59
N HIS F 406 -0.85 35.94 21.50
CA HIS F 406 -1.19 36.53 20.21
C HIS F 406 0.07 36.99 19.49
N VAL F 407 0.24 36.54 18.25
CA VAL F 407 1.37 36.93 17.41
C VAL F 407 0.94 38.14 16.59
N GLY F 408 1.91 38.85 16.01
CA GLY F 408 1.65 40.18 15.45
C GLY F 408 0.49 40.22 14.47
N ALA F 409 0.34 39.17 13.66
CA ALA F 409 -0.80 39.11 12.75
C ALA F 409 -2.12 39.07 13.51
N ASP F 410 -2.16 38.30 14.60
CA ASP F 410 -3.34 38.30 15.45
C ASP F 410 -3.55 39.67 16.08
N LEU F 411 -2.47 40.39 16.38
CA LEU F 411 -2.62 41.74 16.90
C LEU F 411 -3.25 42.68 15.88
N ALA F 412 -2.84 42.58 14.61
CA ALA F 412 -3.45 43.40 13.58
C ALA F 412 -4.92 43.05 13.38
N ALA F 413 -5.24 41.75 13.39
CA ALA F 413 -6.64 41.35 13.27
C ALA F 413 -7.45 41.84 14.46
N LEU F 414 -6.87 41.81 15.65
CA LEU F 414 -7.54 42.31 16.85
C LEU F 414 -7.78 43.82 16.75
N CYS F 415 -6.81 44.55 16.20
CA CYS F 415 -7.01 45.98 15.99
C CYS F 415 -8.16 46.22 15.03
N SER F 416 -8.24 45.42 13.96
CA SER F 416 -9.36 45.55 13.02
C SER F 416 -10.69 45.25 13.71
N GLU F 417 -10.72 44.23 14.57
CA GLU F 417 -11.96 43.90 15.26
C GLU F 417 -12.38 45.00 16.25
N ALA F 418 -11.41 45.60 16.94
CA ALA F 418 -11.74 46.73 17.82
C ALA F 418 -12.29 47.90 17.02
N ALA F 419 -11.66 48.21 15.87
CA ALA F 419 -12.20 49.24 15.01
C ALA F 419 -13.60 48.89 14.55
N LEU F 420 -13.86 47.61 14.30
CA LEU F 420 -15.19 47.20 13.85
C LEU F 420 -16.23 47.38 14.94
N GLN F 421 -15.87 47.10 16.20
CA GLN F 421 -16.78 47.42 17.29
C GLN F 421 -17.03 48.91 17.40
N ALA F 422 -16.00 49.74 17.17
CA ALA F 422 -16.25 51.17 17.13
C ALA F 422 -17.24 51.53 16.02
N ILE F 423 -17.06 50.91 14.85
CA ILE F 423 -17.99 51.10 13.74
C ILE F 423 -19.41 50.72 14.15
N ARG F 424 -19.56 49.56 14.79
CA ARG F 424 -20.88 49.09 15.19
C ARG F 424 -21.52 50.02 16.22
N LYS F 425 -20.71 50.55 17.15
CA LYS F 425 -21.23 51.48 18.14
C LYS F 425 -21.74 52.76 17.47
N LYS F 426 -21.03 53.23 16.44
CA LYS F 426 -21.50 54.37 15.66
C LYS F 426 -22.43 53.96 14.51
N MET F 427 -22.86 52.70 14.45
CA MET F 427 -23.66 52.24 13.32
C MET F 427 -25.09 52.74 13.39
N ASP F 428 -25.65 52.84 14.59
CA ASP F 428 -27.05 53.20 14.73
C ASP F 428 -27.34 54.60 14.17
N LEU F 429 -26.45 55.55 14.44
CA LEU F 429 -26.69 56.92 14.01
C LEU F 429 -26.51 57.07 12.50
N ILE F 430 -25.68 56.22 11.89
CA ILE F 430 -25.41 56.33 10.46
C ILE F 430 -26.35 55.43 9.67
N ASP F 431 -26.41 55.70 8.37
CA ASP F 431 -27.25 54.96 7.44
C ASP F 431 -26.40 54.34 6.34
N LEU F 432 -26.57 53.04 6.11
CA LEU F 432 -25.79 52.37 5.08
C LEU F 432 -26.19 52.81 3.68
N GLU F 433 -27.48 53.09 3.48
CA GLU F 433 -27.97 53.37 2.13
C GLU F 433 -27.45 54.70 1.61
N ASP F 434 -26.96 55.56 2.49
CA ASP F 434 -26.47 56.87 2.07
C ASP F 434 -25.25 56.72 1.16
N GLU F 435 -25.13 57.66 0.21
CA GLU F 435 -23.95 57.68 -0.65
C GLU F 435 -22.72 58.16 0.09
N THR F 436 -22.90 59.03 1.07
CA THR F 436 -21.82 59.56 1.89
C THR F 436 -22.20 59.50 3.36
N ILE F 437 -21.21 59.48 4.24
CA ILE F 437 -21.49 59.45 5.67
C ILE F 437 -21.32 60.84 6.25
N ASP F 438 -21.92 61.08 7.41
CA ASP F 438 -21.95 62.40 8.02
C ASP F 438 -20.62 62.71 8.71
N ALA F 439 -20.18 63.97 8.63
CA ALA F 439 -18.90 64.35 9.23
C ALA F 439 -18.97 64.37 10.74
N GLU F 440 -20.10 64.81 11.30
CA GLU F 440 -20.23 64.89 12.75
C GLU F 440 -20.12 63.51 13.37
N VAL F 441 -20.58 62.48 12.66
CA VAL F 441 -20.43 61.11 13.17
C VAL F 441 -18.97 60.73 13.23
N MET F 442 -18.23 60.96 12.14
CA MET F 442 -16.85 60.48 12.09
C MET F 442 -15.96 61.22 13.07
N ASN F 443 -16.20 62.52 13.29
CA ASN F 443 -15.46 63.19 14.35
C ASN F 443 -15.99 62.79 15.73
N SER F 444 -17.24 62.31 15.80
CA SER F 444 -17.74 61.73 17.04
C SER F 444 -17.18 60.32 17.25
N LEU F 445 -16.85 59.63 16.15
CA LEU F 445 -16.39 58.25 16.24
C LEU F 445 -15.02 58.18 16.89
N ALA F 446 -14.83 57.20 17.78
CA ALA F 446 -13.56 56.98 18.44
C ALA F 446 -13.57 55.60 19.09
N VAL F 447 -12.40 54.98 19.12
CA VAL F 447 -12.26 53.65 19.71
C VAL F 447 -11.90 53.79 21.18
N THR F 448 -12.51 52.97 22.03
CA THR F 448 -12.30 53.03 23.47
C THR F 448 -11.71 51.71 23.95
N MET F 449 -11.59 51.59 25.27
CA MET F 449 -11.07 50.36 25.86
C MET F 449 -12.09 49.23 25.72
N ASP F 450 -13.37 49.56 25.72
CA ASP F 450 -14.41 48.53 25.63
C ASP F 450 -14.38 47.82 24.28
N ASP F 451 -14.07 48.56 23.20
CA ASP F 451 -13.97 47.92 21.89
C ASP F 451 -12.85 46.89 21.89
N PHE F 452 -11.69 47.26 22.42
CA PHE F 452 -10.58 46.32 22.52
C PHE F 452 -10.94 45.15 23.43
N ARG F 453 -11.73 45.41 24.47
CA ARG F 453 -12.17 44.33 25.36
C ARG F 453 -13.06 43.33 24.64
N TRP F 454 -13.98 43.82 23.81
CA TRP F 454 -14.83 42.88 23.07
C TRP F 454 -13.98 42.11 22.06
N ALA F 455 -13.04 42.80 21.40
CA ALA F 455 -12.16 42.12 20.46
C ALA F 455 -11.37 41.03 21.15
N LEU F 456 -10.89 41.30 22.37
CA LEU F 456 -10.24 40.28 23.18
C LEU F 456 -11.21 39.15 23.50
N SER F 457 -12.48 39.47 23.71
CA SER F 457 -13.48 38.44 23.99
C SER F 457 -13.60 37.48 22.81
N GLN F 458 -13.74 38.02 21.60
CA GLN F 458 -13.85 37.14 20.43
C GLN F 458 -12.50 36.56 20.03
N SER F 459 -11.41 37.28 20.26
CA SER F 459 -10.11 36.81 19.80
C SER F 459 -9.74 35.49 20.49
N ASN F 460 -9.10 34.61 19.73
CA ASN F 460 -8.67 33.31 20.22
C ASN F 460 -7.16 33.20 20.08
N PRO F 461 -6.41 32.96 21.16
CA PRO F 461 -4.96 32.80 21.03
C PRO F 461 -4.61 31.67 20.08
N SER F 462 -3.57 31.88 19.30
CA SER F 462 -3.16 30.96 18.23
C SER F 462 -2.97 29.53 18.73
N PRO F 472 -2.68 15.58 46.22
CA PRO F 472 -3.74 14.64 46.58
C PRO F 472 -4.80 15.25 47.48
N GLN F 473 -5.69 14.41 48.03
CA GLN F 473 -6.81 14.93 48.81
C GLN F 473 -6.73 14.54 50.27
N VAL F 474 -6.17 13.36 50.57
CA VAL F 474 -6.16 12.86 51.94
C VAL F 474 -5.11 13.61 52.77
N THR F 475 -5.45 13.88 54.02
CA THR F 475 -4.59 14.60 54.96
C THR F 475 -4.24 13.72 56.15
N TRP F 476 -3.44 14.28 57.04
CA TRP F 476 -3.02 13.54 58.23
C TRP F 476 -4.14 13.45 59.27
N GLU F 477 -5.01 14.46 59.30
CA GLU F 477 -6.08 14.48 60.30
C GLU F 477 -7.01 13.28 60.15
N ASP F 478 -7.10 12.72 58.94
CA ASP F 478 -7.97 11.56 58.74
C ASP F 478 -7.53 10.37 59.56
N ILE F 479 -6.21 10.15 59.66
CA ILE F 479 -5.69 9.06 60.48
C ILE F 479 -5.45 9.57 61.89
N GLY F 480 -6.06 8.91 62.87
CA GLY F 480 -5.88 9.28 64.25
C GLY F 480 -4.72 8.53 64.89
N GLY F 481 -3.78 9.26 65.46
CA GLY F 481 -2.62 8.65 66.07
C GLY F 481 -1.43 8.58 65.14
N LEU F 482 -0.42 7.85 65.59
CA LEU F 482 0.82 7.63 64.84
C LEU F 482 1.53 8.93 64.49
N GLU F 483 1.46 9.92 65.39
CA GLU F 483 2.11 11.20 65.12
C GLU F 483 3.62 11.04 65.00
N ASP F 484 4.22 10.21 65.85
CA ASP F 484 5.65 9.95 65.75
C ASP F 484 5.99 9.27 64.43
N VAL F 485 5.13 8.36 63.97
CA VAL F 485 5.34 7.73 62.67
C VAL F 485 5.26 8.77 61.56
N LYS F 486 4.35 9.75 61.70
CA LYS F 486 4.28 10.82 60.71
C LYS F 486 5.53 11.68 60.71
N ARG F 487 6.08 11.99 61.90
CA ARG F 487 7.35 12.69 61.96
C ARG F 487 8.45 11.91 61.28
N GLU F 488 8.47 10.59 61.50
CA GLU F 488 9.42 9.72 60.80
C GLU F 488 9.21 9.81 59.29
N LEU F 489 7.96 9.91 58.86
CA LEU F 489 7.67 10.03 57.43
C LEU F 489 8.23 11.33 56.86
N GLN F 490 8.08 12.44 57.60
CA GLN F 490 8.71 13.68 57.14
C GLN F 490 10.22 13.52 57.08
N GLU F 491 10.82 12.88 58.09
CA GLU F 491 12.25 12.59 58.03
C GLU F 491 12.61 11.83 56.76
N LEU F 492 11.74 10.90 56.34
CA LEU F 492 12.02 10.11 55.16
C LEU F 492 11.95 10.93 53.89
N VAL F 493 10.91 11.75 53.73
CA VAL F 493 10.56 12.32 52.44
C VAL F 493 10.95 13.79 52.32
N GLN F 494 10.66 14.59 53.36
CA GLN F 494 10.78 16.04 53.22
C GLN F 494 12.19 16.53 53.47
N TYR F 495 12.95 15.81 54.31
CA TYR F 495 14.30 16.25 54.66
C TYR F 495 15.19 16.51 53.45
N PRO F 496 15.19 15.69 52.39
CA PRO F 496 15.98 16.06 51.20
C PRO F 496 15.59 17.41 50.63
N VAL F 497 14.29 17.73 50.61
CA VAL F 497 13.85 19.04 50.14
C VAL F 497 14.00 20.09 51.24
N GLU F 498 13.80 19.68 52.50
CA GLU F 498 13.83 20.63 53.61
C GLU F 498 15.19 21.31 53.74
N HIS F 499 16.27 20.56 53.55
CA HIS F 499 17.63 21.08 53.71
C HIS F 499 18.57 20.38 52.73
N PRO F 500 18.41 20.64 51.43
CA PRO F 500 19.29 19.97 50.45
C PRO F 500 20.76 20.31 50.63
N ASP F 501 21.07 21.52 51.09
CA ASP F 501 22.46 21.90 51.27
C ASP F 501 23.15 21.03 52.33
N LYS F 502 22.46 20.76 53.44
CA LYS F 502 23.03 19.88 54.47
C LYS F 502 23.25 18.48 53.92
N PHE F 503 22.32 17.98 53.11
CA PHE F 503 22.49 16.69 52.47
C PHE F 503 23.72 16.69 51.56
N LEU F 504 23.93 17.80 50.84
CA LEU F 504 25.09 17.90 49.97
C LEU F 504 26.39 17.85 50.78
N LYS F 505 26.45 18.61 51.87
CA LYS F 505 27.68 18.64 52.67
C LYS F 505 27.94 17.29 53.33
N PHE F 506 26.89 16.61 53.79
CA PHE F 506 27.04 15.39 54.58
C PHE F 506 26.53 14.21 53.77
N GLY F 507 27.44 13.28 53.45
CA GLY F 507 27.12 12.11 52.64
C GLY F 507 25.86 11.38 53.05
N MET F 508 24.86 11.37 52.18
CA MET F 508 23.52 10.96 52.55
C MET F 508 22.71 10.52 51.34
N THR F 509 22.30 9.25 51.35
CA THR F 509 21.30 8.76 50.42
C THR F 509 20.08 8.27 51.20
N PRO F 510 18.98 9.02 51.22
CA PRO F 510 17.85 8.65 52.09
C PRO F 510 17.24 7.30 51.69
N SER F 511 16.72 6.60 52.69
CA SER F 511 16.10 5.31 52.45
C SER F 511 14.93 5.45 51.48
N LYS F 512 14.90 4.59 50.48
CA LYS F 512 13.88 4.64 49.44
C LYS F 512 12.72 3.68 49.69
N GLY F 513 12.84 2.78 50.66
CA GLY F 513 11.79 1.82 50.92
C GLY F 513 11.54 1.58 52.40
N VAL F 514 10.26 1.53 52.78
CA VAL F 514 9.86 1.34 54.17
C VAL F 514 8.79 0.25 54.23
N LEU F 515 8.91 -0.64 55.20
CA LEU F 515 7.97 -1.75 55.38
C LEU F 515 7.03 -1.45 56.54
N PHE F 516 5.73 -1.53 56.29
CA PHE F 516 4.71 -1.44 57.33
C PHE F 516 4.18 -2.84 57.61
N TYR F 517 4.51 -3.38 58.79
CA TYR F 517 4.11 -4.73 59.17
C TYR F 517 3.15 -4.65 60.34
N GLY F 518 2.05 -5.41 60.25
CA GLY F 518 1.05 -5.42 61.28
C GLY F 518 -0.31 -5.78 60.72
N PRO F 519 -1.35 -5.65 61.53
CA PRO F 519 -2.70 -6.00 61.09
C PRO F 519 -3.21 -4.99 60.09
N PRO F 520 -4.16 -5.37 59.23
CA PRO F 520 -4.77 -4.40 58.30
C PRO F 520 -5.74 -3.47 59.02
N GLY F 521 -5.26 -2.85 60.09
CA GLY F 521 -6.09 -1.98 60.89
C GLY F 521 -5.39 -0.73 61.39
N CYS F 522 -4.41 -0.23 60.63
CA CYS F 522 -3.64 0.93 61.04
C CYS F 522 -3.69 2.10 60.06
N GLY F 523 -4.41 1.97 58.95
CA GLY F 523 -4.55 3.07 58.02
C GLY F 523 -3.31 3.42 57.23
N LYS F 524 -2.39 2.46 57.05
CA LYS F 524 -1.16 2.72 56.30
C LYS F 524 -1.47 3.18 54.87
N THR F 525 -2.58 2.70 54.31
CA THR F 525 -2.98 3.12 52.98
C THR F 525 -3.16 4.63 52.92
N LEU F 526 -3.79 5.21 53.94
CA LEU F 526 -3.98 6.65 53.96
C LEU F 526 -2.73 7.39 54.45
N LEU F 527 -1.86 6.71 55.20
CA LEU F 527 -0.57 7.32 55.53
C LEU F 527 0.24 7.56 54.27
N ALA F 528 0.20 6.60 53.32
CA ALA F 528 0.90 6.81 52.06
C ALA F 528 0.34 8.00 51.29
N LYS F 529 -1.00 8.11 51.22
CA LYS F 529 -1.59 9.25 50.53
C LYS F 529 -1.23 10.56 51.23
N ALA F 530 -1.21 10.57 52.56
CA ALA F 530 -0.88 11.78 53.30
C ALA F 530 0.57 12.20 53.07
N ILE F 531 1.49 11.24 53.11
CA ILE F 531 2.91 11.58 52.88
C ILE F 531 3.11 12.06 51.45
N ALA F 532 2.37 11.50 50.49
CA ALA F 532 2.47 11.98 49.12
C ALA F 532 1.88 13.38 48.98
N ASN F 533 0.78 13.65 49.68
CA ASN F 533 0.11 14.94 49.58
C ASN F 533 0.92 16.05 50.24
N GLU F 534 1.62 15.72 51.33
CA GLU F 534 2.35 16.74 52.07
C GLU F 534 3.44 17.37 51.22
N CYS F 535 4.00 16.59 50.29
CA CYS F 535 4.96 17.11 49.33
C CYS F 535 4.32 17.42 47.98
N GLN F 536 3.00 17.34 47.88
CA GLN F 536 2.27 17.57 46.63
C GLN F 536 2.80 16.68 45.49
N ALA F 537 3.06 15.42 45.83
CA ALA F 537 3.55 14.44 44.86
C ALA F 537 2.47 13.39 44.62
N ASN F 538 2.34 12.97 43.37
CA ASN F 538 1.37 11.94 43.02
C ASN F 538 1.73 10.61 43.67
N PHE F 539 0.71 9.81 43.96
CA PHE F 539 0.86 8.58 44.73
C PHE F 539 0.26 7.42 43.95
N ILE F 540 0.98 6.32 43.88
CA ILE F 540 0.58 5.13 43.12
C ILE F 540 0.46 3.95 44.07
N SER F 541 -0.67 3.26 44.01
CA SER F 541 -0.96 2.11 44.86
C SER F 541 -1.31 0.91 43.97
N ILE F 542 -0.68 -0.22 44.26
CA ILE F 542 -0.86 -1.44 43.48
C ILE F 542 -1.13 -2.60 44.42
N LYS F 543 -2.15 -3.39 44.12
CA LYS F 543 -2.45 -4.58 44.91
C LYS F 543 -1.56 -5.74 44.49
N GLY F 544 -1.35 -6.69 45.42
CA GLY F 544 -0.48 -7.82 45.21
C GLY F 544 -0.87 -8.76 44.10
N PRO F 545 -2.07 -9.32 44.11
CA PRO F 545 -2.47 -10.20 42.99
C PRO F 545 -2.58 -9.47 41.66
N GLU F 546 -2.64 -8.15 41.67
CA GLU F 546 -2.69 -7.40 40.41
C GLU F 546 -1.40 -7.54 39.62
N LEU F 547 -0.28 -7.75 40.31
CA LEU F 547 1.00 -7.93 39.62
C LEU F 547 1.01 -9.20 38.78
N LEU F 548 0.45 -10.29 39.30
CA LEU F 548 0.42 -11.55 38.58
C LEU F 548 -0.44 -11.43 37.32
N THR F 549 -0.07 -12.17 36.29
CA THR F 549 -0.78 -12.12 35.02
C THR F 549 -1.02 -13.48 34.38
N MET F 550 -0.55 -14.57 35.00
CA MET F 550 -0.67 -15.92 34.45
C MET F 550 -0.06 -16.00 33.05
N TRP F 551 1.05 -15.28 32.86
CA TRP F 551 1.77 -15.28 31.60
C TRP F 551 3.26 -15.39 31.93
N PHE F 552 4.02 -15.88 30.95
CA PHE F 552 5.42 -16.23 31.19
C PHE F 552 6.23 -15.00 31.60
N GLY F 553 6.01 -13.88 30.93
CA GLY F 553 6.80 -12.69 31.22
C GLY F 553 6.00 -11.43 31.44
N GLU F 554 4.67 -11.53 31.34
CA GLU F 554 3.84 -10.35 31.54
C GLU F 554 3.89 -9.87 32.99
N SER F 555 3.86 -10.80 33.94
CA SER F 555 3.87 -10.41 35.35
C SER F 555 5.15 -9.67 35.72
N GLU F 556 6.29 -10.16 35.24
CA GLU F 556 7.55 -9.46 35.47
C GLU F 556 7.56 -8.10 34.77
N ALA F 557 7.04 -8.04 33.54
CA ALA F 557 6.99 -6.77 32.83
C ALA F 557 6.07 -5.77 33.52
N ASN F 558 5.07 -6.28 34.24
CA ASN F 558 4.21 -5.39 35.04
C ASN F 558 5.03 -4.67 36.11
N VAL F 559 5.89 -5.40 36.81
CA VAL F 559 6.73 -4.80 37.85
C VAL F 559 7.67 -3.78 37.24
N ARG F 560 8.31 -4.12 36.12
CA ARG F 560 9.21 -3.20 35.45
C ARG F 560 8.47 -1.97 34.97
N GLU F 561 7.25 -2.14 34.45
CA GLU F 561 6.45 -1.00 34.02
C GLU F 561 6.06 -0.13 35.21
N ILE F 562 5.76 -0.73 36.36
CA ILE F 562 5.43 0.05 37.54
C ILE F 562 6.64 0.86 38.01
N PHE F 563 7.81 0.24 38.01
CA PHE F 563 9.02 0.97 38.39
C PHE F 563 9.33 2.09 37.42
N ASP F 564 9.09 1.87 36.12
CA ASP F 564 9.27 2.94 35.14
C ASP F 564 8.27 4.07 35.38
N LYS F 565 7.03 3.73 35.72
CA LYS F 565 6.05 4.76 36.04
C LYS F 565 6.49 5.58 37.24
N ALA F 566 7.00 4.92 38.28
CA ALA F 566 7.51 5.65 39.44
C ALA F 566 8.69 6.54 39.06
N ARG F 567 9.60 6.03 38.23
CA ARG F 567 10.76 6.83 37.83
C ARG F 567 10.35 8.06 37.05
N GLN F 568 9.44 7.90 36.09
CA GLN F 568 9.07 9.01 35.23
C GLN F 568 8.14 9.99 35.95
N ALA F 569 7.26 9.49 36.81
CA ALA F 569 6.35 10.32 37.58
C ALA F 569 7.01 10.88 38.83
N ALA F 570 8.34 10.93 38.88
CA ALA F 570 9.02 11.51 40.02
C ALA F 570 8.73 13.01 40.10
N PRO F 571 8.56 13.56 41.30
CA PRO F 571 8.57 12.84 42.58
C PRO F 571 7.29 12.06 42.82
N CYS F 572 7.41 10.87 43.41
CA CYS F 572 6.26 10.00 43.64
C CYS F 572 6.59 8.99 44.71
N VAL F 573 5.55 8.34 45.23
CA VAL F 573 5.68 7.27 46.22
C VAL F 573 4.97 6.04 45.67
N LEU F 574 5.61 4.89 45.81
CA LEU F 574 5.06 3.62 45.33
C LEU F 574 4.56 2.81 46.51
N PHE F 575 3.32 2.36 46.41
CA PHE F 575 2.69 1.52 47.44
C PHE F 575 2.29 0.19 46.81
N PHE F 576 2.69 -0.90 47.45
CA PHE F 576 2.37 -2.25 46.97
C PHE F 576 1.51 -2.93 48.01
N ASP F 577 0.19 -2.77 47.87
CA ASP F 577 -0.74 -3.46 48.75
C ASP F 577 -0.62 -4.97 48.56
N GLN F 578 -0.67 -5.71 49.67
CA GLN F 578 -0.44 -7.15 49.66
C GLN F 578 0.89 -7.48 48.99
N LEU F 579 1.94 -6.76 49.40
CA LEU F 579 3.26 -7.01 48.86
C LEU F 579 3.73 -8.43 49.16
N ASP F 580 3.29 -8.98 50.29
CA ASP F 580 3.66 -10.34 50.64
C ASP F 580 3.03 -11.33 49.66
N SER F 581 1.82 -11.02 49.19
CA SER F 581 1.12 -11.89 48.25
C SER F 581 1.91 -12.06 46.96
N ILE F 582 2.71 -11.06 46.59
CA ILE F 582 3.61 -11.19 45.45
C ILE F 582 4.65 -12.26 45.72
N ALA F 583 5.22 -12.27 46.94
CA ALA F 583 6.20 -13.28 47.32
C ALA F 583 5.53 -14.49 47.94
N ALA F 597 10.95 -20.63 40.15
CA ALA F 597 9.52 -20.61 40.46
C ALA F 597 8.93 -19.23 40.18
N ASP F 598 9.01 -18.34 41.18
CA ASP F 598 8.46 -16.99 41.06
C ASP F 598 9.62 -16.01 40.90
N ARG F 599 9.74 -15.45 39.69
CA ARG F 599 10.77 -14.48 39.37
C ARG F 599 10.29 -13.04 39.50
N VAL F 600 9.01 -12.83 39.82
CA VAL F 600 8.48 -11.48 39.95
C VAL F 600 9.18 -10.75 41.09
N ILE F 601 9.35 -11.41 42.23
CA ILE F 601 10.02 -10.78 43.36
C ILE F 601 11.45 -10.42 42.99
N ASN F 602 12.11 -11.30 42.21
CA ASN F 602 13.48 -11.05 41.81
C ASN F 602 13.56 -9.85 40.88
N GLN F 603 12.55 -9.69 40.01
CA GLN F 603 12.46 -8.46 39.23
C GLN F 603 12.29 -7.25 40.12
N ILE F 604 11.55 -7.40 41.22
CA ILE F 604 11.39 -6.30 42.16
C ILE F 604 12.73 -5.91 42.75
N LEU F 605 13.53 -6.90 43.21
CA LEU F 605 14.87 -6.59 43.72
C LEU F 605 15.71 -5.92 42.65
N THR F 606 15.65 -6.41 41.41
CA THR F 606 16.44 -5.83 40.33
C THR F 606 16.11 -4.37 40.12
N GLU F 607 14.83 -4.04 39.96
CA GLU F 607 14.45 -2.67 39.68
C GLU F 607 14.62 -1.78 40.90
N MET F 608 14.59 -2.36 42.11
CA MET F 608 14.87 -1.59 43.31
C MET F 608 16.35 -1.26 43.42
N ASP F 609 17.21 -2.13 42.91
CA ASP F 609 18.61 -1.75 42.75
C ASP F 609 18.78 -0.68 41.69
N GLY F 610 18.05 -0.82 40.57
CA GLY F 610 18.20 0.14 39.48
C GLY F 610 17.70 1.53 39.81
N MET F 611 16.65 1.61 40.62
CA MET F 611 16.01 2.89 40.90
C MET F 611 16.86 3.84 41.73
N SER F 612 18.04 3.40 42.19
CA SER F 612 18.85 4.23 43.07
C SER F 612 19.36 5.48 42.37
N THR F 613 19.38 5.49 41.03
CA THR F 613 19.89 6.66 40.30
C THR F 613 19.04 7.90 40.58
N LYS F 614 17.71 7.74 40.58
CA LYS F 614 16.82 8.84 40.88
C LYS F 614 16.53 8.87 42.37
N LYS F 615 16.75 10.02 43.00
CA LYS F 615 16.75 10.12 44.45
C LYS F 615 15.43 10.61 45.04
N ASN F 616 14.42 10.90 44.21
CA ASN F 616 13.17 11.43 44.70
C ASN F 616 11.98 10.52 44.40
N VAL F 617 12.18 9.21 44.43
CA VAL F 617 11.11 8.23 44.34
C VAL F 617 11.12 7.39 45.60
N PHE F 618 9.95 7.09 46.14
CA PHE F 618 9.82 6.45 47.44
C PHE F 618 8.97 5.19 47.33
N ILE F 619 9.28 4.21 48.18
CA ILE F 619 8.61 2.92 48.20
C ILE F 619 8.08 2.66 49.61
N ILE F 620 6.85 2.17 49.69
CA ILE F 620 6.24 1.79 50.97
C ILE F 620 5.62 0.40 50.82
N GLY F 621 5.80 -0.43 51.84
CA GLY F 621 5.36 -1.81 51.75
C GLY F 621 4.30 -2.20 52.77
N ALA F 622 3.34 -3.01 52.34
CA ALA F 622 2.27 -3.49 53.19
C ALA F 622 2.26 -5.01 53.19
N THR F 623 2.26 -5.60 54.38
CA THR F 623 2.27 -7.05 54.53
C THR F 623 1.16 -7.48 55.48
N ASN F 624 0.54 -8.61 55.19
CA ASN F 624 -0.51 -9.13 56.05
C ASN F 624 0.05 -10.09 57.08
N ARG F 625 1.06 -10.87 56.70
CA ARG F 625 1.81 -11.74 57.61
C ARG F 625 3.29 -11.49 57.38
N PRO F 626 4.06 -11.20 58.43
CA PRO F 626 5.46 -10.80 58.22
C PRO F 626 6.40 -11.95 57.94
N ASP F 627 6.03 -13.16 58.33
CA ASP F 627 6.96 -14.29 58.23
C ASP F 627 7.19 -14.70 56.79
N ILE F 628 6.17 -14.58 55.95
CA ILE F 628 6.23 -15.14 54.59
C ILE F 628 7.22 -14.37 53.73
N ILE F 629 7.28 -13.05 53.88
CA ILE F 629 8.10 -12.23 52.99
C ILE F 629 9.57 -12.61 53.13
N ASP F 630 10.26 -12.69 52.00
CA ASP F 630 11.63 -13.15 51.98
C ASP F 630 12.59 -12.08 52.50
N PRO F 631 13.68 -12.48 53.16
CA PRO F 631 14.64 -11.48 53.65
C PRO F 631 15.26 -10.63 52.57
N ALA F 632 15.40 -11.17 51.35
CA ALA F 632 15.99 -10.39 50.27
C ALA F 632 15.14 -9.17 49.95
N ILE F 633 13.84 -9.23 50.27
CA ILE F 633 12.99 -8.05 50.14
C ILE F 633 13.34 -7.02 51.20
N LEU F 634 13.64 -7.48 52.41
CA LEU F 634 13.77 -6.61 53.58
C LEU F 634 15.20 -6.19 53.86
N ARG F 635 16.14 -6.47 52.96
CA ARG F 635 17.50 -6.03 53.16
C ARG F 635 17.60 -4.52 53.02
N PRO F 636 18.64 -3.92 53.58
CA PRO F 636 18.90 -2.49 53.32
C PRO F 636 19.16 -2.24 51.85
N GLY F 637 18.78 -1.05 51.39
CA GLY F 637 18.82 -0.71 49.99
C GLY F 637 17.54 -1.03 49.25
N ARG F 638 16.73 -1.94 49.78
CA ARG F 638 15.39 -2.21 49.23
C ARG F 638 14.32 -1.83 50.24
N LEU F 639 14.34 -2.42 51.43
CA LEU F 639 13.42 -2.08 52.51
C LEU F 639 14.22 -2.08 53.81
N ASP F 640 14.79 -0.93 54.15
CA ASP F 640 15.71 -0.87 55.27
C ASP F 640 15.03 -0.33 56.53
N GLN F 641 13.86 0.29 56.37
CA GLN F 641 13.12 0.83 57.51
C GLN F 641 11.91 -0.05 57.80
N LEU F 642 11.90 -0.68 58.96
CA LEU F 642 10.76 -1.48 59.42
C LEU F 642 10.03 -0.69 60.50
N ILE F 643 8.80 -0.30 60.19
CA ILE F 643 7.97 0.46 61.12
C ILE F 643 6.77 -0.40 61.48
N TYR F 644 6.59 -0.66 62.76
CA TYR F 644 5.44 -1.42 63.22
C TYR F 644 4.20 -0.56 63.14
N ILE F 645 3.13 -1.11 62.57
CA ILE F 645 1.85 -0.41 62.54
C ILE F 645 0.94 -1.05 63.59
N PRO F 646 0.68 -0.36 64.69
CA PRO F 646 -0.13 -0.94 65.77
C PRO F 646 -1.61 -0.66 65.58
N LEU F 647 -2.42 -1.50 66.22
CA LEU F 647 -3.85 -1.26 66.26
C LEU F 647 -4.12 0.05 67.00
N PRO F 648 -5.19 0.77 66.64
CA PRO F 648 -5.38 2.12 67.18
C PRO F 648 -5.52 2.12 68.70
N ASP F 649 -4.97 3.15 69.31
CA ASP F 649 -5.11 3.36 70.74
C ASP F 649 -6.52 3.86 71.06
N GLU F 650 -6.96 3.65 72.30
CA GLU F 650 -8.25 4.16 72.73
C GLU F 650 -8.31 5.67 72.61
N LYS F 651 -7.24 6.36 73.03
CA LYS F 651 -7.14 7.80 72.77
C LYS F 651 -7.07 8.08 71.27
N SER F 652 -6.32 7.27 70.54
CA SER F 652 -6.31 7.37 69.09
C SER F 652 -7.68 7.09 68.51
N ARG F 653 -8.44 6.19 69.14
CA ARG F 653 -9.81 5.95 68.71
C ARG F 653 -10.68 7.18 68.94
N VAL F 654 -10.46 7.90 70.04
CA VAL F 654 -11.16 9.15 70.26
C VAL F 654 -10.79 10.17 69.20
N ALA F 655 -9.52 10.17 68.78
CA ALA F 655 -9.10 11.06 67.70
C ALA F 655 -9.82 10.73 66.41
N ILE F 656 -9.93 9.43 66.08
CA ILE F 656 -10.71 9.03 64.91
C ILE F 656 -12.16 9.47 65.05
N LEU F 657 -12.70 9.39 66.27
CA LEU F 657 -14.07 9.82 66.51
C LEU F 657 -14.22 11.32 66.28
N LYS F 658 -13.22 12.10 66.68
CA LYS F 658 -13.24 13.55 66.39
C LYS F 658 -13.20 13.80 64.89
N ALA F 659 -12.39 13.02 64.16
CA ALA F 659 -12.36 13.16 62.70
C ALA F 659 -13.72 12.83 62.09
N ASN F 660 -14.37 11.78 62.59
CA ASN F 660 -15.68 11.39 62.07
C ASN F 660 -16.74 12.42 62.43
N LEU F 661 -16.61 13.05 63.59
CA LEU F 661 -17.49 14.16 63.94
C LEU F 661 -17.25 15.34 63.00
N ARG F 662 -16.01 15.53 62.56
CA ARG F 662 -15.75 16.55 61.54
C ARG F 662 -16.43 16.20 60.22
N LYS F 663 -16.36 14.93 59.81
CA LYS F 663 -16.95 14.56 58.52
C LYS F 663 -18.47 14.57 58.58
N SER F 664 -19.05 14.21 59.73
CA SER F 664 -20.49 14.14 59.88
C SER F 664 -20.90 14.78 61.20
N PRO F 665 -21.86 15.70 61.20
CA PRO F 665 -22.32 16.29 62.47
C PRO F 665 -22.88 15.22 63.40
N VAL F 666 -22.47 15.27 64.66
CA VAL F 666 -22.87 14.28 65.66
C VAL F 666 -23.24 15.02 66.94
N ALA F 667 -24.33 14.59 67.56
CA ALA F 667 -24.76 15.17 68.81
C ALA F 667 -23.83 14.71 69.95
N LYS F 668 -23.80 15.50 71.02
CA LYS F 668 -22.91 15.25 72.14
C LYS F 668 -23.49 14.29 73.16
N ASP F 669 -24.69 13.76 72.92
CA ASP F 669 -25.29 12.83 73.88
C ASP F 669 -24.49 11.55 73.99
N VAL F 670 -23.95 11.06 72.87
CA VAL F 670 -23.09 9.89 72.91
C VAL F 670 -21.74 10.26 73.50
N ASP F 671 -21.08 9.29 74.11
CA ASP F 671 -19.77 9.49 74.73
C ASP F 671 -18.69 8.92 73.83
N LEU F 672 -17.73 9.77 73.44
CA LEU F 672 -16.64 9.31 72.59
C LEU F 672 -15.77 8.28 73.32
N GLU F 673 -15.57 8.50 74.62
CA GLU F 673 -14.78 7.55 75.42
C GLU F 673 -15.44 6.19 75.45
N PHE F 674 -16.77 6.14 75.56
CA PHE F 674 -17.48 4.87 75.58
C PHE F 674 -17.30 4.12 74.26
N LEU F 675 -17.43 4.83 73.13
CA LEU F 675 -17.23 4.20 71.83
C LEU F 675 -15.80 3.70 71.69
N ALA F 676 -14.82 4.49 72.13
CA ALA F 676 -13.43 4.07 72.06
C ALA F 676 -13.18 2.83 72.92
N LYS F 677 -13.77 2.80 74.11
CA LYS F 677 -13.63 1.64 75.00
C LYS F 677 -14.25 0.39 74.38
N MET F 678 -15.43 0.52 73.78
CA MET F 678 -16.09 -0.63 73.19
C MET F 678 -15.43 -1.09 71.90
N THR F 679 -14.53 -0.28 71.34
CA THR F 679 -13.83 -0.62 70.10
C THR F 679 -12.39 -1.03 70.35
N ASN F 680 -12.10 -1.68 71.49
CA ASN F 680 -10.74 -2.12 71.77
C ASN F 680 -10.25 -3.12 70.74
N GLY F 681 -11.06 -4.13 70.44
CA GLY F 681 -10.72 -5.14 69.45
C GLY F 681 -11.03 -4.76 68.03
N PHE F 682 -11.50 -3.54 67.80
CA PHE F 682 -11.89 -3.08 66.47
C PHE F 682 -10.86 -2.09 65.95
N SER F 683 -10.58 -2.18 64.66
CA SER F 683 -9.59 -1.31 64.04
C SER F 683 -10.17 0.09 63.85
N GLY F 684 -9.30 1.01 63.42
CA GLY F 684 -9.77 2.35 63.09
C GLY F 684 -10.78 2.35 61.97
N ALA F 685 -10.60 1.45 60.99
CA ALA F 685 -11.57 1.33 59.91
C ALA F 685 -12.93 0.88 60.44
N ASP F 686 -12.94 -0.10 61.34
CA ASP F 686 -14.23 -0.58 61.86
C ASP F 686 -14.89 0.45 62.75
N LEU F 687 -14.09 1.24 63.48
CA LEU F 687 -14.67 2.34 64.26
C LEU F 687 -15.28 3.39 63.33
N THR F 688 -14.59 3.71 62.23
CA THR F 688 -15.15 4.64 61.25
C THR F 688 -16.43 4.08 60.65
N GLU F 689 -16.48 2.76 60.43
CA GLU F 689 -17.68 2.14 59.88
C GLU F 689 -18.82 2.16 60.90
N ILE F 690 -18.49 2.02 62.19
CA ILE F 690 -19.47 2.21 63.25
C ILE F 690 -20.04 3.62 63.19
N CYS F 691 -19.17 4.62 63.02
CA CYS F 691 -19.65 5.99 62.89
C CYS F 691 -20.53 6.15 61.66
N GLN F 692 -20.16 5.52 60.54
CA GLN F 692 -20.96 5.61 59.32
C GLN F 692 -22.34 4.99 59.51
N ARG F 693 -22.41 3.82 60.16
CA ARG F 693 -23.69 3.16 60.36
C ARG F 693 -24.57 3.95 61.33
N ALA F 694 -23.96 4.49 62.39
CA ALA F 694 -24.72 5.35 63.30
C ALA F 694 -25.24 6.58 62.57
N CYS F 695 -24.41 7.16 61.69
CA CYS F 695 -24.85 8.29 60.88
C CYS F 695 -26.03 7.90 59.99
N LYS F 696 -25.96 6.71 59.39
CA LYS F 696 -27.05 6.26 58.54
C LYS F 696 -28.35 6.10 59.34
N LEU F 697 -28.27 5.49 60.52
CA LEU F 697 -29.46 5.29 61.34
C LEU F 697 -30.06 6.61 61.81
N ALA F 698 -29.21 7.53 62.29
CA ALA F 698 -29.71 8.82 62.76
C ALA F 698 -30.25 9.65 61.61
N ILE F 699 -29.62 9.58 60.44
CA ILE F 699 -30.10 10.28 59.27
C ILE F 699 -31.46 9.74 58.85
N ARG F 700 -31.63 8.41 58.91
CA ARG F 700 -32.93 7.83 58.63
C ARG F 700 -33.98 8.33 59.63
N GLU F 701 -33.62 8.41 60.91
CA GLU F 701 -34.58 8.91 61.90
C GLU F 701 -34.97 10.36 61.62
N SER F 702 -33.98 11.21 61.34
CA SER F 702 -34.26 12.61 61.07
C SER F 702 -35.12 12.77 59.83
N ILE F 703 -34.80 12.04 58.76
CA ILE F 703 -35.58 12.12 57.53
C ILE F 703 -37.00 11.61 57.76
N GLU F 704 -37.16 10.53 58.53
CA GLU F 704 -38.51 10.01 58.77
C GLU F 704 -39.34 11.00 59.57
N SER F 705 -38.75 11.64 60.59
CA SER F 705 -39.50 12.62 61.36
C SER F 705 -39.86 13.83 60.51
N GLU F 706 -38.92 14.33 59.71
CA GLU F 706 -39.20 15.53 58.92
C GLU F 706 -40.18 15.23 57.79
N ILE F 707 -40.13 14.01 57.23
CA ILE F 707 -41.09 13.63 56.20
C ILE F 707 -42.47 13.45 56.81
N ARG F 708 -42.56 12.92 58.03
CA ARG F 708 -43.85 12.84 58.70
C ARG F 708 -44.43 14.23 58.94
N ARG F 709 -43.58 15.18 59.37
CA ARG F 709 -44.06 16.55 59.54
C ARG F 709 -44.50 17.15 58.22
N GLU F 710 -43.72 16.93 57.15
CA GLU F 710 -44.04 17.53 55.86
C GLU F 710 -45.32 16.93 55.29
N ARG F 711 -45.57 15.64 55.52
CA ARG F 711 -46.78 15.01 55.00
C ARG F 711 -48.00 15.40 55.81
N GLU F 712 -47.83 15.62 57.12
CA GLU F 712 -48.96 16.10 57.92
C GLU F 712 -49.26 17.56 57.61
N ARG F 713 -48.26 18.33 57.18
CA ARG F 713 -48.53 19.67 56.68
C ARG F 713 -49.41 19.62 55.43
N GLN F 714 -49.15 18.68 54.55
CA GLN F 714 -49.92 18.54 53.31
C GLN F 714 -51.28 17.89 53.60
N PRO F 727 -33.93 17.49 61.09
CA PRO F 727 -34.12 17.72 62.52
C PRO F 727 -32.88 17.36 63.33
N VAL F 728 -32.52 16.09 63.31
CA VAL F 728 -31.35 15.61 64.05
C VAL F 728 -30.46 14.76 63.15
N PRO F 729 -29.81 15.34 62.14
CA PRO F 729 -28.77 14.58 61.43
C PRO F 729 -27.63 14.20 62.35
N GLU F 730 -27.41 14.99 63.40
CA GLU F 730 -26.51 14.59 64.48
C GLU F 730 -26.99 13.30 65.12
N ILE F 731 -26.05 12.42 65.42
CA ILE F 731 -26.40 11.06 65.80
C ILE F 731 -26.72 10.98 67.29
N ARG F 732 -27.59 10.06 67.66
CA ARG F 732 -27.90 9.78 69.05
C ARG F 732 -27.11 8.58 69.56
N ARG F 733 -27.11 8.42 70.88
CA ARG F 733 -26.37 7.31 71.49
C ARG F 733 -26.99 5.96 71.11
N ASP F 734 -28.31 5.96 70.85
CA ASP F 734 -28.98 4.73 70.45
C ASP F 734 -28.37 4.16 69.18
N HIS F 735 -28.18 5.02 68.16
CA HIS F 735 -27.62 4.55 66.90
C HIS F 735 -26.19 4.06 67.07
N PHE F 736 -25.44 4.69 67.97
CA PHE F 736 -24.08 4.22 68.23
C PHE F 736 -24.07 2.85 68.88
N GLU F 737 -25.01 2.60 69.80
CA GLU F 737 -25.12 1.25 70.36
C GLU F 737 -25.52 0.24 69.29
N GLU F 738 -26.45 0.62 68.39
CA GLU F 738 -26.78 -0.25 67.27
C GLU F 738 -25.54 -0.58 66.45
N ALA F 739 -24.79 0.43 66.04
CA ALA F 739 -23.61 0.20 65.20
C ALA F 739 -22.55 -0.60 65.93
N MET F 740 -22.50 -0.46 67.27
CA MET F 740 -21.57 -1.27 68.05
C MET F 740 -21.96 -2.74 68.00
N ARG F 741 -23.24 -3.04 68.17
CA ARG F 741 -23.66 -4.44 68.21
C ARG F 741 -23.71 -5.05 66.80
N PHE F 742 -23.86 -4.23 65.77
CA PHE F 742 -23.75 -4.74 64.40
C PHE F 742 -22.32 -5.16 64.08
N ALA F 743 -21.33 -4.45 64.60
CA ALA F 743 -19.95 -4.67 64.23
C ALA F 743 -19.44 -6.02 64.77
N ARG F 744 -18.46 -6.56 64.07
CA ARG F 744 -17.77 -7.77 64.48
C ARG F 744 -16.26 -7.51 64.46
N ARG F 745 -15.54 -8.32 65.24
CA ARG F 745 -14.13 -8.04 65.48
C ARG F 745 -13.31 -8.14 64.19
N SER F 746 -12.32 -7.27 64.06
CA SER F 746 -11.47 -7.27 62.87
C SER F 746 -10.31 -8.26 63.01
N VAL F 747 -9.47 -8.08 64.02
CA VAL F 747 -8.25 -8.85 64.20
C VAL F 747 -8.27 -9.50 65.57
N SER F 748 -8.13 -10.82 65.60
CA SER F 748 -8.08 -11.54 66.87
C SER F 748 -6.70 -11.40 67.51
N ASP F 749 -6.57 -12.00 68.70
CA ASP F 749 -5.32 -11.89 69.44
C ASP F 749 -4.17 -12.59 68.73
N ASN F 750 -4.47 -13.67 68.00
CA ASN F 750 -3.40 -14.49 67.42
C ASN F 750 -2.56 -13.71 66.41
N ASP F 751 -3.22 -12.89 65.58
CA ASP F 751 -2.46 -12.08 64.63
C ASP F 751 -1.52 -11.12 65.36
N ILE F 752 -2.00 -10.52 66.45
CA ILE F 752 -1.15 -9.64 67.25
C ILE F 752 0.01 -10.42 67.84
N ARG F 753 -0.22 -11.68 68.23
CA ARG F 753 0.87 -12.52 68.70
C ARG F 753 1.92 -12.73 67.61
N LYS F 754 1.47 -12.99 66.38
CA LYS F 754 2.41 -13.17 65.28
C LYS F 754 3.24 -11.90 65.03
N TYR F 755 2.56 -10.75 64.97
CA TYR F 755 3.28 -9.50 64.73
C TYR F 755 4.22 -9.15 65.88
N GLU F 756 3.80 -9.46 67.11
CA GLU F 756 4.67 -9.23 68.25
C GLU F 756 5.89 -10.13 68.20
N MET F 757 5.71 -11.40 67.81
CA MET F 757 6.85 -12.30 67.67
C MET F 757 7.82 -11.77 66.61
N PHE F 758 7.28 -11.32 65.48
CA PHE F 758 8.13 -10.69 64.47
C PHE F 758 8.86 -9.49 65.03
N ALA F 759 8.21 -8.73 65.90
CA ALA F 759 8.88 -7.61 66.56
C ALA F 759 10.02 -8.08 67.46
N GLN F 760 9.80 -9.15 68.23
CA GLN F 760 10.84 -9.65 69.13
C GLN F 760 12.02 -10.19 68.34
N THR F 761 11.77 -10.71 67.13
CA THR F 761 12.88 -11.12 66.27
C THR F 761 13.78 -9.94 65.95
N LEU F 762 13.26 -8.72 66.01
CA LEU F 762 14.05 -7.51 65.79
C LEU F 762 14.77 -7.10 67.06
N SER F 770 20.88 -1.23 72.31
CA SER F 770 21.54 -1.30 73.61
C SER F 770 23.06 -1.35 73.46
N PHE F 771 23.68 -0.19 73.32
CA PHE F 771 25.12 -0.04 73.15
C PHE F 771 25.63 1.07 74.05
N ARG F 772 26.78 0.86 74.67
CA ARG F 772 27.59 1.93 75.22
C ARG F 772 29.01 1.76 74.74
N PHE F 773 29.58 2.82 74.16
CA PHE F 773 30.92 2.73 73.61
C PHE F 773 31.94 2.43 74.71
N PRO F 774 32.99 1.67 74.40
CA PRO F 774 33.94 1.28 75.44
C PRO F 774 34.65 2.48 76.04
N SER F 775 35.00 2.36 77.32
CA SER F 775 35.69 3.40 78.08
C SER F 775 34.91 4.71 78.07
N UNK G 1 1.02 -20.36 33.50
CA UNK G 1 1.97 -19.81 32.54
C UNK G 1 1.92 -20.58 31.23
N UNK G 2 1.73 -19.87 30.12
CA UNK G 2 1.69 -20.46 28.80
C UNK G 2 2.12 -19.41 27.78
N UNK G 3 3.09 -19.77 26.94
CA UNK G 3 3.49 -18.89 25.85
C UNK G 3 2.47 -18.97 24.72
N UNK G 4 2.36 -17.87 23.98
CA UNK G 4 1.34 -17.76 22.94
C UNK G 4 1.97 -17.24 21.64
N UNK G 5 1.35 -17.63 20.53
CA UNK G 5 1.74 -17.19 19.20
C UNK G 5 0.63 -16.32 18.63
N UNK G 6 0.98 -15.48 17.66
CA UNK G 6 0.05 -14.49 17.12
C UNK G 6 0.04 -14.54 15.60
N UNK G 7 -1.11 -14.19 15.04
CA UNK G 7 -1.27 -14.01 13.61
C UNK G 7 -1.30 -12.52 13.29
N UNK G 8 -1.33 -12.19 12.00
CA UNK G 8 -1.27 -10.81 11.56
C UNK G 8 -2.32 -10.54 10.50
N UNK G 9 -2.84 -9.32 10.52
CA UNK G 9 -3.73 -8.81 9.49
C UNK G 9 -3.13 -7.52 8.94
N UNK G 10 -3.06 -7.41 7.62
CA UNK G 10 -2.39 -6.30 6.97
C UNK G 10 -3.37 -5.19 6.65
N UNK G 11 -2.95 -3.95 6.88
CA UNK G 11 -3.70 -2.76 6.48
C UNK G 11 -2.93 -2.12 5.33
N UNK G 12 -3.51 -2.17 4.13
CA UNK G 12 -2.80 -1.75 2.94
C UNK G 12 -2.96 -0.25 2.70
N UNK G 13 -2.25 0.25 1.69
CA UNK G 13 -2.36 1.62 1.23
C UNK G 13 -2.26 1.64 -0.28
N UNK G 14 -3.15 2.37 -0.93
CA UNK G 14 -3.18 2.46 -2.39
C UNK G 14 -2.93 3.90 -2.82
N UNK G 15 -1.92 4.09 -3.66
CA UNK G 15 -1.62 5.39 -4.25
C UNK G 15 -1.54 5.22 -5.76
N UNK G 16 -2.34 6.00 -6.49
CA UNK G 16 -2.42 5.89 -7.94
C UNK G 16 -2.29 7.26 -8.57
N UNK G 17 -1.76 7.29 -9.79
CA UNK G 17 -1.60 8.52 -10.55
C UNK G 17 -1.98 8.28 -12.00
N UNK G 18 -2.85 9.13 -12.53
CA UNK G 18 -3.18 9.17 -13.95
C UNK G 18 -3.02 10.59 -14.45
N UNK G 19 -2.41 10.74 -15.62
CA UNK G 19 -1.98 12.06 -16.10
C UNK G 19 -2.78 12.44 -17.35
N UNK G 20 -3.39 13.61 -17.30
CA UNK G 20 -3.99 14.21 -18.49
C UNK G 20 -2.98 15.12 -19.18
N UNK G 21 -3.07 15.19 -20.51
CA UNK G 21 -2.08 15.90 -21.32
C UNK G 21 -2.70 17.17 -21.89
N UNK G 22 -2.04 18.30 -21.64
CA UNK G 22 -2.49 19.57 -22.18
C UNK G 22 -1.66 19.97 -23.40
N UNK G 23 -2.32 20.62 -24.34
CA UNK G 23 -1.67 21.05 -25.58
C UNK G 23 -0.67 22.16 -25.32
PB ADP H . 27.87 16.36 0.56
O1B ADP H . 27.92 16.48 -0.94
O2B ADP H . 28.39 15.05 1.10
O3B ADP H . 26.55 16.78 1.19
PA ADP H . 30.43 17.11 1.47
O1A ADP H . 31.15 16.83 0.17
O2A ADP H . 30.46 16.08 2.57
O3A ADP H . 28.91 17.47 1.10
O5' ADP H . 30.98 18.51 2.05
C5' ADP H . 32.38 18.77 2.09
C4' ADP H . 32.68 20.19 2.54
O4' ADP H . 33.23 20.17 3.86
C3' ADP H . 33.71 20.82 1.62
O3' ADP H . 33.23 22.08 1.14
C2' ADP H . 34.95 21.04 2.47
O2' ADP H . 35.43 22.38 2.33
C1' ADP H . 34.53 20.78 3.90
N9 ADP H . 35.49 19.84 4.54
C8 ADP H . 35.15 18.68 5.14
N7 ADP H . 36.25 18.04 5.63
C5 ADP H . 37.31 18.80 5.34
C6 ADP H . 38.77 18.71 5.56
N6 ADP H . 39.32 17.66 6.21
N1 ADP H . 39.54 19.72 5.10
C2 ADP H . 39.01 20.77 4.45
N3 ADP H . 37.69 20.92 4.22
C4 ADP H . 36.80 19.99 4.63
PB ADP I . 23.93 -7.54 46.25
O1B ADP I . 22.73 -7.30 45.38
O2B ADP I . 23.69 -8.47 47.41
O3B ADP I . 25.20 -7.83 45.47
PA ADP I . 24.39 -4.78 46.07
O1A ADP I . 23.22 -4.67 45.11
O2A ADP I . 25.80 -4.70 45.55
O3A ADP I . 24.25 -6.12 46.94
O5' ADP I . 24.19 -3.61 47.17
C5' ADP I . 25.06 -3.57 48.30
C4' ADP I . 24.89 -2.22 48.99
O4' ADP I . 25.81 -2.12 50.07
C3' ADP I . 25.21 -1.08 48.03
O3' ADP I . 24.01 -0.39 47.65
C2' ADP I . 26.14 -0.15 48.79
O2' ADP I . 25.47 1.08 49.07
C1' ADP I . 26.48 -0.87 50.09
N9 ADP I . 27.94 -1.08 50.13
C8 ADP I . 28.87 -0.14 49.89
N7 ADP I . 30.13 -0.65 50.02
C5 ADP I . 30.01 -1.94 50.36
C6 ADP I . 30.94 -3.06 50.65
N6 ADP I . 32.28 -2.89 50.60
N1 ADP I . 30.40 -4.26 50.97
C2 ADP I . 29.07 -4.44 51.02
N3 ADP I . 28.17 -3.46 50.77
C4 ADP I . 28.57 -2.22 50.43
PG ATP J . 28.18 -28.38 25.94
O1G ATP J . 27.84 -27.62 24.71
O2G ATP J . 27.29 -29.61 26.17
O3G ATP J . 28.19 -27.55 27.22
PB ATP J . 30.58 -29.68 24.78
O1B ATP J . 30.07 -29.50 23.42
O2B ATP J . 30.77 -31.13 25.26
O3B ATP J . 29.65 -28.98 25.83
PA ATP J . 33.03 -28.20 24.08
O1A ATP J . 32.47 -26.97 23.49
O2A ATP J . 33.51 -29.21 23.06
O3A ATP J . 31.97 -28.93 25.00
O5' ATP J . 34.22 -27.87 25.05
C5' ATP J . 34.84 -26.55 25.05
C4' ATP J . 36.20 -26.60 25.68
O4' ATP J . 36.50 -27.95 26.13
C3' ATP J . 37.35 -26.20 24.74
O3' ATP J . 38.31 -25.41 25.44
C2' ATP J . 37.93 -27.55 24.31
O2' ATP J . 39.32 -27.44 23.99
C1' ATP J . 37.74 -28.36 25.58
N9 ATP J . 37.67 -29.81 25.37
C8 ATP J . 36.65 -30.64 25.74
N7 ATP J . 36.84 -31.90 25.42
C5 ATP J . 38.09 -31.89 24.81
C6 ATP J . 38.87 -32.91 24.24
N6 ATP J . 38.50 -34.20 24.21
N1 ATP J . 40.06 -32.56 23.71
C2 ATP J . 40.44 -31.29 23.75
N3 ATP J . 39.78 -30.24 24.25
C4 ATP J . 38.60 -30.61 24.77
PB ADP K . 22.23 -13.88 -12.45
O1B ADP K . 21.41 -12.99 -13.35
O2B ADP K . 22.22 -15.34 -12.84
O3B ADP K . 21.99 -13.65 -10.98
PA ADP K . 24.78 -14.04 -13.71
O1A ADP K . 24.55 -13.46 -15.07
O2A ADP K . 24.73 -15.54 -13.54
O3A ADP K . 23.74 -13.36 -12.67
O5' ADP K . 26.23 -13.54 -13.24
C5' ADP K . 27.15 -13.20 -14.27
C4' ADP K . 28.59 -13.43 -13.85
O4' ADP K . 28.73 -14.73 -13.27
C3' ADP K . 29.48 -13.37 -15.07
O3' ADP K . 30.57 -12.48 -14.84
C2' ADP K . 30.01 -14.79 -15.25
O2' ADP K . 31.40 -14.76 -15.56
C1' ADP K . 29.77 -15.47 -13.92
N9 ADP K . 29.31 -16.87 -14.13
C8 ADP K . 28.19 -17.39 -13.61
N7 ADP K . 28.06 -18.69 -13.98
C5 ADP K . 29.11 -19.01 -14.75
C6 ADP K . 29.58 -20.21 -15.47
N6 ADP K . 28.87 -21.36 -15.43
N1 ADP K . 30.73 -20.13 -16.16
C2 ADP K . 31.44 -18.98 -16.20
N3 ADP K . 31.08 -17.85 -15.57
C4 ADP K . 29.94 -17.80 -14.84
PG ATP L . 8.81 -41.80 10.46
O1G ATP L . 8.19 -40.44 10.40
O2G ATP L . 8.31 -42.58 11.68
O3G ATP L . 10.35 -41.80 10.38
PB ATP L . 7.48 -43.95 8.91
O1B ATP L . 6.34 -43.62 8.05
O2B ATP L . 7.18 -44.64 10.23
O3B ATP L . 8.35 -42.67 9.22
PA ATP L . 9.13 -44.94 6.68
O1A ATP L . 9.49 -43.59 6.20
O2A ATP L . 8.14 -45.69 5.82
O3A ATP L . 8.53 -44.86 8.13
O5' ATP L . 10.42 -45.83 6.84
C5' ATP L . 11.72 -45.30 6.54
C4' ATP L . 12.75 -46.40 6.46
O4' ATP L . 12.20 -47.64 6.95
C3' ATP L . 13.28 -46.68 5.05
O3' ATP L . 14.68 -46.96 5.09
C2' ATP L . 12.51 -47.93 4.64
O2' ATP L . 13.25 -48.71 3.71
C1' ATP L . 12.38 -48.66 5.97
N9 ATP L . 11.26 -49.58 6.08
C8 ATP L . 10.31 -49.60 7.06
N7 ATP L . 9.41 -50.54 6.92
C5 ATP L . 9.79 -51.18 5.76
C6 ATP L . 9.23 -52.26 5.06
N6 ATP L . 8.14 -52.93 5.44
N1 ATP L . 9.86 -52.67 3.92
C2 ATP L . 10.95 -52.03 3.53
N3 ATP L . 11.57 -50.99 4.11
C4 ATP L . 10.93 -50.61 5.22
MG MG M . 28.11 -26.92 22.77
PB ADP N . -6.21 -20.38 -22.24
O1B ADP N . -6.58 -19.20 -23.12
O2B ADP N . -7.35 -21.35 -22.00
O3B ADP N . -5.44 -20.01 -21.00
PA ADP N . -5.55 -21.82 -24.55
O1A ADP N . -5.42 -20.74 -25.60
O2A ADP N . -6.83 -22.58 -24.41
O3A ADP N . -5.17 -21.22 -23.10
O5' ADP N . -4.40 -22.90 -24.84
C5' ADP N . -4.83 -24.22 -25.13
C4' ADP N . -3.84 -24.94 -26.02
O4' ADP N . -3.99 -26.34 -25.80
C3' ADP N . -4.13 -24.67 -27.48
O3' ADP N . -2.96 -24.20 -28.12
C2' ADP N . -4.55 -26.00 -28.08
O2' ADP N . -3.57 -26.38 -29.04
C1' ADP N . -4.54 -27.00 -26.93
N9 ADP N . -5.93 -27.37 -26.59
C8 ADP N . -6.56 -27.01 -25.45
N7 ADP N . -7.83 -27.49 -25.40
C5 ADP N . -8.02 -28.17 -26.53
C6 ADP N . -9.15 -28.92 -27.12
N6 ADP N . -10.32 -29.04 -26.46
N1 ADP N . -8.97 -29.49 -28.32
C2 ADP N . -7.79 -29.38 -28.98
N3 ADP N . -6.73 -28.70 -28.50
C4 ADP N . -6.79 -28.09 -27.30
MG MG O . 6.78 -40.41 7.95
PG ATP P . -27.64 -1.99 -14.02
O1G ATP P . -26.69 -3.14 -14.03
O2G ATP P . -27.74 -1.28 -12.68
O3G ATP P . -27.33 -0.95 -15.11
PB ATP P . -30.58 -1.90 -14.40
O1B ATP P . -31.29 -2.05 -13.13
O2B ATP P . -30.47 -0.48 -14.93
O3B ATP P . -29.11 -2.47 -14.34
PA ATP P . -31.60 -2.56 -17.07
O1A ATP P . -30.45 -2.06 -17.84
O2A ATP P . -32.83 -1.67 -17.10
O3A ATP P . -31.22 -2.77 -15.57
O5' ATP P . -32.07 -3.98 -17.56
C5' ATP P . -33.40 -4.19 -18.06
C4' ATP P . -33.53 -5.56 -18.66
O4' ATP P . -34.26 -6.41 -17.74
C3' ATP P . -34.37 -5.62 -19.92
O3' ATP P . -34.14 -6.83 -20.63
C2' ATP P . -35.79 -5.56 -19.36
O2' ATP P . -36.73 -6.20 -20.22
C1' ATP P . -35.64 -6.33 -18.05
N9 ATP P . -36.33 -5.72 -16.90
C8 ATP P . -35.76 -5.33 -15.72
N7 ATP P . -36.59 -4.81 -14.87
C5 ATP P . -37.82 -4.85 -15.54
C6 ATP P . -39.10 -4.45 -15.17
N6 ATP P . -39.41 -3.89 -14.00
N1 ATP P . -40.09 -4.62 -16.08
C2 ATP P . -39.80 -5.18 -17.25
N3 ATP P . -38.61 -5.60 -17.70
C4 ATP P . -37.65 -5.41 -16.80
PG ATP Q . -20.03 -33.38 10.29
O1G ATP Q . -19.55 -32.62 9.09
O2G ATP Q . -20.75 -32.51 11.31
O3G ATP Q . -18.92 -34.17 10.99
PB ATP Q . -22.64 -34.60 9.64
O1B ATP Q . -23.21 -33.36 9.11
O2B ATP Q . -23.27 -35.12 10.93
O3B ATP Q . -21.09 -34.47 9.88
PA ATP Q . -23.17 -35.95 7.08
O1A ATP Q . -22.30 -35.16 6.18
O2A ATP Q . -24.64 -35.60 7.01
O3A ATP Q . -22.72 -35.78 8.58
O5' ATP Q . -23.01 -37.49 6.82
C5' ATP Q . -22.11 -37.98 5.81
C4' ATP Q . -22.44 -39.41 5.50
O4' ATP Q . -23.30 -39.94 6.54
C3' ATP Q . -23.15 -39.65 4.17
O3' ATP Q . -22.67 -40.81 3.52
C2' ATP Q . -24.61 -39.82 4.60
O2' ATP Q . -25.31 -40.67 3.70
C1' ATP Q . -24.45 -40.51 5.95
N9 ATP Q . -25.57 -40.32 6.86
C8 ATP Q . -25.52 -39.74 8.10
N7 ATP Q . -26.68 -39.68 8.71
C5 ATP Q . -27.55 -40.26 7.81
C6 ATP Q . -28.94 -40.51 7.84
N6 ATP Q . -29.73 -40.18 8.88
N1 ATP Q . -29.50 -41.10 6.77
C2 ATP Q . -28.73 -41.43 5.74
N3 ATP Q . -27.42 -41.25 5.58
C4 ATP Q . -26.89 -40.65 6.66
MG MG R . -20.51 -31.49 7.72
MG MG S . -28.53 -0.14 -16.47
PG ATP T . -23.65 23.85 -1.42
O1G ATP T . -23.98 22.74 -2.37
O2G ATP T . -23.27 23.36 -0.04
O3G ATP T . -22.59 24.81 -1.95
PB ATP T . -25.52 25.73 -0.08
O1B ATP T . -25.39 25.15 1.27
O2B ATP T . -24.88 27.08 -0.28
O3B ATP T . -24.93 24.76 -1.17
PA ATP T . -27.81 26.23 -1.86
O1A ATP T . -27.07 25.75 -3.05
O2A ATP T . -28.09 27.72 -1.77
O3A ATP T . -27.03 25.84 -0.54
O5' ATP T . -29.17 25.44 -1.74
C5' ATP T . -29.93 25.44 -0.53
C4' ATP T . -31.39 25.49 -0.88
O4' ATP T . -32.16 25.80 0.29
C3' ATP T . -31.77 26.58 -1.87
O3' ATP T . -32.99 26.29 -2.52
C2' ATP T . -31.90 27.80 -0.96
O2' ATP T . -32.84 28.75 -1.47
C1' ATP T . -32.44 27.18 0.33
N9 ATP T . -31.86 27.73 1.55
C8 ATP T . -30.71 27.31 2.17
N7 ATP T . -30.42 27.98 3.26
C5 ATP T . -31.44 28.90 3.36
C6 ATP T . -31.72 29.92 4.29
N6 ATP T . -30.95 30.18 5.36
N1 ATP T . -32.82 30.66 4.10
C2 ATP T . -33.60 30.41 3.04
N3 ATP T . -33.43 29.48 2.10
C4 ATP T . -32.33 28.76 2.31
PG ATP U . -27.98 -9.04 22.04
O1G ATP U . -27.66 -7.83 21.24
O2G ATP U . -26.84 -9.52 22.92
O3G ATP U . -28.49 -10.21 21.20
PB ATP U . -30.16 -7.57 23.42
O1B ATP U . -29.68 -6.28 22.86
O2B ATP U . -30.36 -7.61 24.93
O3B ATP U . -29.17 -8.73 23.04
PA ATP U . -32.52 -7.48 21.66
O1A ATP U . -31.85 -7.32 20.35
O2A ATP U . -33.14 -6.22 22.23
O3A ATP U . -31.51 -8.04 22.74
O5' ATP U . -33.63 -8.59 21.60
C5' ATP U . -35.02 -8.24 21.40
C4' ATP U . -35.82 -9.50 21.15
O4' ATP U . -36.28 -10.03 22.41
C3' ATP U . -37.09 -9.30 20.34
O3' ATP U . -37.50 -10.51 19.73
C2' ATP U . -38.08 -8.83 21.41
O2' ATP U . -39.42 -9.17 21.06
C1' ATP U . -37.62 -9.62 22.65
N9 ATP U . -37.64 -8.84 23.88
C8 ATP U . -36.59 -8.61 24.73
N7 ATP U . -36.89 -7.88 25.77
C5 ATP U . -38.24 -7.60 25.60
C6 ATP U . -39.16 -6.85 26.35
N6 ATP U . -38.86 -6.23 27.49
N1 ATP U . -40.43 -6.76 25.90
C2 ATP U . -40.74 -7.39 24.76
N3 ATP U . -39.96 -8.11 23.95
C4 ATP U . -38.72 -8.19 24.43
MG MG V . -28.59 -5.92 19.60
MG MG W . -23.50 26.79 -3.61
PG ATP X . 4.09 34.37 6.47
O1G ATP X . 3.48 33.39 7.42
O2G ATP X . 5.58 34.13 6.20
O3G ATP X . 3.37 34.49 5.14
PB ATP X . 4.71 36.69 8.24
O1B ATP X . 4.66 36.00 9.54
O2B ATP X . 6.10 37.09 7.76
O3B ATP X . 4.05 35.84 7.10
PA ATP X . 3.51 39.18 7.23
O1A ATP X . 3.05 38.67 5.92
O2A ATP X . 4.75 40.06 7.17
O3A ATP X . 3.82 38.01 8.24
O5' ATP X . 2.36 39.99 7.96
C5' ATP X . 2.49 40.36 9.34
C4' ATP X . 1.43 41.40 9.65
O4' ATP X . 1.42 41.66 11.07
C3' ATP X . 1.67 42.76 9.02
O3' ATP X . 0.45 43.49 8.90
C2' ATP X . 2.62 43.42 10.01
O2' ATP X . 2.49 44.83 10.01
C1' ATP X . 2.14 42.85 11.35
N9 ATP X . 3.22 42.51 12.27
C8 ATP X . 3.62 41.26 12.67
N7 ATP X . 4.63 41.26 13.50
C5 ATP X . 4.91 42.60 13.67
C6 ATP X . 5.89 43.28 14.43
N6 ATP X . 6.79 42.67 15.21
N1 ATP X . 5.90 44.63 14.38
C2 ATP X . 5.02 45.25 13.60
N3 ATP X . 4.06 44.72 12.83
C4 ATP X . 4.06 43.39 12.91
PB ADP Y . -4.76 -0.69 57.04
O1B ADP Y . -4.01 0.21 56.09
O2B ADP Y . -5.38 -1.89 56.38
O3B ADP Y . -4.06 -0.98 58.35
PA ADP Y . -7.33 0.20 56.51
O1A ADP Y . -6.85 0.30 55.08
O2A ADP Y . -8.23 -0.94 56.93
O3A ADP Y . -6.04 0.19 57.46
O5' ADP Y . -8.05 1.60 56.90
C5' ADP Y . -9.26 1.99 56.26
C4' ADP Y . -9.64 3.36 56.79
O4' ADP Y . -9.68 3.32 58.22
C3' ADP Y . -8.63 4.41 56.40
O3' ADP Y . -9.29 5.45 55.66
C2' ADP Y . -8.06 4.97 57.68
O2' ADP Y . -8.22 6.39 57.71
C1' ADP Y . -8.87 4.34 58.80
N9 ADP Y . -7.94 3.72 59.77
C8 ADP Y . -7.56 2.43 59.76
N7 ADP Y . -6.70 2.16 60.78
C5 ADP Y . -6.54 3.30 61.47
C6 ADP Y . -5.77 3.72 62.67
N6 ADP Y . -5.00 2.84 63.35
N1 ADP Y . -5.88 5.01 63.06
C2 ADP Y . -6.64 5.88 62.39
N3 ADP Y . -7.38 5.58 61.30
C4 ADP Y . -7.36 4.32 60.80
MG MG Z . 5.13 36.29 5.39
#